data_5FQ8
#
_entry.id   5FQ8
#
_cell.length_a   92.110
_cell.length_b   122.743
_cell.length_c   122.830
_cell.angle_alpha   111.41
_cell.angle_beta   98.33
_cell.angle_gamma   98.51
#
_symmetry.space_group_name_H-M   'P 1'
#
loop_
_entity.id
_entity.type
_entity.pdbx_description
1 polymer 'PUTATIVE LIPOPROTEIN'
2 polymer 'OUTER MEMBRANE PROTEIN OMP121'
3 polymer 'UNCHARACTERIZED PROTEIN'
4 polymer 'BT_2262 (UNCHARACTERISED LIPOPROTEIN)'
5 polymer 'UNCHARACTERISED PROTEIN, BOUND PEPTIDE'
6 polymer 'UNCHARACTERISED PROTEIN, BOUND PEPTIDE'
7 non-polymer 'MAGNESIUM ION'
8 non-polymer '3-decanoyloxypropyl decanoate'
9 non-polymer 'CALCIUM ION'
10 non-polymer (HYDROXYETHYLOXY)TRI(ETHYLOXY)OCTANE
11 water water
#
loop_
_entity_poly.entity_id
_entity_poly.type
_entity_poly.pdbx_seq_one_letter_code
_entity_poly.pdbx_strand_id
1 'polypeptide(L)'
;CDLNINDDPNYPMNDQVTADLIFPSISASIASAVGGEIYNYAGFFAQYYEQKPESNQYNTLCEYTFTESSQQMDYSYRIL
FAGALEDAKQVLEKTTNPADRFATTILRAYAFQIMVDNTSDSPYSEALQGNANATPKWDTGETVYKGILGEIDAAEAALD
GSGMDVPDLIFNKNIAQWKGFANALRLRMYLRFIDANIDAASYTEKVKTLVQNNEFFTGDVKLDCFLDETDKRNPWYNTN
AVGLTGNHCAAYPLVSYLSSTGDPRIAYGISKTDADGKYVGQLPGGKTHMQSILGTDNWKNKNVSAIDYSIGATKPVYFF
TQAELQFLIAEVYARFHNDDANAKSAYEAGVTADFAVRGFAGQENTILEGACAWSAASTQADKLNLIYMQKWVSLFYMDH
MEAWSEIRRTDCPKLSSYSAAQIQASESVYTPGELVAPWTNGLEAGGLMKRMTYPLSARQQNVNTPAGVPGSTPVWWDIK
;
A,C
2 'polypeptide(L)'
;MQTQEVAIKPNLKVVLRSDAQQIDEVVVTAMGIKRSEKALGYAATSVGGEKIAESRTSDVMSSLAGKIAGVQISSTSSDP
GASNSVIIRGVSSLSGTNQPLYVVDGVPLNNSTVYSTDGLNSGYDFGNGANAINPDDVANMTILKGAAATALYGSRAANG
VVMITTKSGRKEKGVGIEYNGGVQWSTVLRLPEFQNEFGMGWNGNHTELENGSWGPRFDGSMQLWGNVYNNSQKLKPYVA
MPDNIKDFFDAGFRYSNSLSFNGATDKSDYYVSFSQISDDGMIPTDADSYDKYTFSARGSHKAGALTFSSSLNYAYQKNN
FATTGQGLSMLNSLYQTPRDISIIGLEDQNDPFNTPGYYYTPYGVMNPYYILNNYLNEYESERFYGKFQLDYEFLKYFKF
TYRMGLDTTTGQSDKGKPNLYALYYEGTPNGEGQGSSSPFSGETGQYSEQITRRREINQDIMVNFNMPVNDFNINALVGF
NGNERKVSYQYSEVNDLTIPTWFNLKNSGKTPIVEQHMELRRLMGVFGQFEGSWKNMLYLTVTARNDWSSTLPKENRSFF
YPGITGSFIFSELLNDNLQDVITFGKIRASWGKTGNDADVYMVNPVYAQSSNRIPFGSLTFPLGGVNAYSAGNVLGSNTL
SPEMTTESEVGLNMAFFKNRLSFDVSYYNRNTDKQIFSLAMDPASGYTAQNMNLGKIRNRGIELLISGTPIRTKDFSWEL
TWNFTKNWSKVISLPEELGGITTIYGLNGGTSMYAITGMPVGVFKAQVAERDPQGRIVVNSSTGLPVEASEFGICGDMNN
KYQMGVSTNLKYKGISLGIDFDIRQGGVMYSRTKDINYFTGNAIQTAYNDRNPLIVPNSVNKIVNGENVTYVENTTPITS
SNIYKYWGDGGSDMGSCFLVDKSYVKLRSVVLGWDLPKRWLAKTPFQAVKVSAYGNNLFVWTPSSNTFIDPEMTSFGNDL
EGNYGEYTANPSSRRFGFNLMVKF
;
B,D
3 'polypeptide(L)'
;CDNDTEPGGTAVEKMAGDWWVTVNAFIDGKEVEDPFGAGHLQMSTYNTASNSETEMWLDDLGNFWEYKLKVNVNYAARTF
STTGFVDNVTYESKVKITDGKVLEKAATTPSGMPADSIVYMVQFDDDEDGLTYKVSGFRRTGFPADDF
;
E,F
4 'polypeptide(L)'
;CDKSTDDTSKVTYFVTLEREGDEKIVLEKGQPFVEPGYYAEMNGEDITESVQIKGSVDVNTPGIYNLVYAAYNEDGFAKT
FTRTVYVADNTASPLKSGIYTVAEGSKRTAPSVVAFSGYEIVIFQMEPGIFYISDFLGGWYDQRAGYGPDYAMVGKFELN
DDNTITPLESYVAGWGDSMDQMTNTLLDPATGTLKWTVAYAGQLSFDIIVKQ
;
G
5 'polypeptide(L)' GGGGGGGGGG P
6 'polypeptide(L)' GGGGGGGGG Q
#
# COMPACT_ATOMS: atom_id res chain seq x y z
N CYS A 1 6.69 -10.40 -32.94
CA CYS A 1 7.57 -9.81 -31.94
C CYS A 1 7.83 -8.36 -32.30
N ASP A 2 7.06 -7.47 -31.69
CA ASP A 2 7.32 -6.05 -31.85
C ASP A 2 8.54 -5.70 -31.02
N LEU A 3 9.66 -5.42 -31.69
CA LEU A 3 10.86 -5.07 -30.95
C LEU A 3 10.88 -3.61 -30.50
N ASN A 4 10.05 -2.76 -31.09
CA ASN A 4 9.97 -1.37 -30.67
C ASN A 4 9.21 -1.23 -29.35
N ILE A 5 9.73 -1.87 -28.31
CA ILE A 5 9.08 -1.83 -27.02
C ILE A 5 10.05 -1.44 -25.93
N ASN A 6 11.08 -0.69 -26.26
CA ASN A 6 12.07 -0.27 -25.28
C ASN A 6 11.78 1.12 -24.71
N ASP A 7 10.52 1.54 -24.66
CA ASP A 7 10.13 2.73 -23.92
C ASP A 7 9.69 2.29 -22.52
N ASP A 8 10.42 2.70 -21.51
CA ASP A 8 10.21 2.25 -20.14
C ASP A 8 8.79 2.59 -19.68
N PRO A 9 7.89 1.61 -19.60
CA PRO A 9 6.50 1.92 -19.27
C PRO A 9 6.33 2.40 -17.85
N ASN A 10 7.36 2.29 -17.04
CA ASN A 10 7.27 2.70 -15.65
C ASN A 10 7.45 4.19 -15.46
N TYR A 11 7.59 4.95 -16.54
CA TYR A 11 7.79 6.39 -16.47
C TYR A 11 7.00 7.06 -17.57
N PRO A 12 6.63 8.32 -17.40
CA PRO A 12 5.84 9.00 -18.41
C PRO A 12 6.64 9.26 -19.67
N MET A 13 5.94 9.60 -20.73
CA MET A 13 6.63 10.07 -21.92
C MET A 13 7.29 11.38 -21.60
N ASN A 14 8.47 11.60 -22.17
CA ASN A 14 9.27 12.76 -21.81
C ASN A 14 8.61 14.08 -22.19
N ASP A 15 7.76 14.09 -23.21
CA ASP A 15 7.01 15.29 -23.54
C ASP A 15 6.06 15.71 -22.43
N GLN A 16 5.41 14.76 -21.78
CA GLN A 16 4.39 15.10 -20.81
C GLN A 16 4.94 15.72 -19.54
N VAL A 17 6.26 15.75 -19.38
CA VAL A 17 6.89 16.24 -18.16
C VAL A 17 7.28 17.69 -18.39
N THR A 18 6.43 18.61 -17.95
CA THR A 18 6.67 20.02 -18.13
C THR A 18 7.31 20.60 -16.87
N ALA A 19 7.69 21.88 -16.94
CA ALA A 19 8.49 22.45 -15.88
C ALA A 19 7.70 22.62 -14.58
N ASP A 20 6.39 22.64 -14.65
CA ASP A 20 5.65 22.70 -13.41
C ASP A 20 5.73 21.38 -12.67
N LEU A 21 6.02 20.31 -13.40
CA LEU A 21 6.12 18.99 -12.78
C LEU A 21 7.49 18.78 -12.13
N ILE A 22 8.52 19.37 -12.70
CA ILE A 22 9.86 19.17 -12.17
C ILE A 22 10.14 20.12 -11.01
N PHE A 23 9.68 21.36 -11.10
CA PHE A 23 10.10 22.40 -10.15
C PHE A 23 9.92 22.05 -8.68
N PRO A 24 8.81 21.46 -8.23
CA PRO A 24 8.68 21.21 -6.79
C PRO A 24 9.74 20.31 -6.23
N SER A 25 10.41 19.54 -7.08
CA SER A 25 11.45 18.63 -6.62
C SER A 25 12.65 19.39 -6.09
N ILE A 26 12.91 20.59 -6.63
CA ILE A 26 14.15 21.30 -6.34
C ILE A 26 14.22 21.73 -4.89
N SER A 27 13.16 22.36 -4.40
CA SER A 27 13.16 22.77 -3.01
C SER A 27 13.26 21.57 -2.09
N ALA A 28 12.65 20.46 -2.48
CA ALA A 28 12.66 19.28 -1.60
C ALA A 28 14.01 18.60 -1.60
N SER A 29 14.60 18.43 -2.79
CA SER A 29 15.95 17.90 -2.87
C SER A 29 16.91 18.67 -1.98
N ILE A 30 16.95 19.99 -2.13
CA ILE A 30 17.83 20.82 -1.31
C ILE A 30 17.55 20.58 0.17
N ALA A 31 16.29 20.64 0.57
CA ALA A 31 15.99 20.54 1.99
C ALA A 31 16.32 19.17 2.55
N SER A 32 16.30 18.13 1.70
CA SER A 32 16.71 16.80 2.13
C SER A 32 18.12 16.78 2.65
N ALA A 33 19.02 17.51 2.01
CA ALA A 33 20.40 17.63 2.44
C ALA A 33 20.57 18.66 3.54
N VAL A 34 20.19 19.90 3.27
CA VAL A 34 20.50 20.99 4.19
C VAL A 34 19.79 20.81 5.52
N GLY A 35 18.62 20.20 5.51
CA GLY A 35 17.99 19.95 6.76
C GLY A 35 18.25 18.57 7.27
N GLY A 36 19.04 17.80 6.53
CA GLY A 36 19.25 16.39 6.81
C GLY A 36 20.60 16.00 7.36
N GLU A 37 21.44 15.37 6.55
CA GLU A 37 22.73 14.99 7.09
C GLU A 37 23.68 16.18 7.18
N ILE A 38 23.56 17.14 6.27
CA ILE A 38 24.37 18.34 6.40
C ILE A 38 23.98 19.08 7.67
N TYR A 39 22.70 19.25 7.90
CA TYR A 39 22.24 19.82 9.15
C TYR A 39 22.77 19.02 10.32
N ASN A 40 22.86 17.70 10.16
CA ASN A 40 23.19 16.83 11.27
C ASN A 40 24.64 16.99 11.70
N TYR A 41 25.58 16.94 10.75
CA TYR A 41 26.97 17.09 11.16
C TYR A 41 27.29 18.53 11.52
N ALA A 42 26.65 19.49 10.85
CA ALA A 42 26.86 20.89 11.21
C ALA A 42 26.45 21.15 12.65
N GLY A 43 25.47 20.44 13.15
CA GLY A 43 25.15 20.56 14.54
C GLY A 43 26.28 20.14 15.44
N PHE A 44 27.08 19.16 15.01
CA PHE A 44 28.22 18.78 15.82
C PHE A 44 29.32 19.81 15.72
N PHE A 45 29.61 20.26 14.50
CA PHE A 45 30.69 21.21 14.34
C PHE A 45 30.39 22.54 15.03
N ALA A 46 29.14 22.97 15.07
CA ALA A 46 28.73 24.17 15.79
C ALA A 46 28.53 23.92 17.27
N GLN A 47 28.73 22.69 17.72
CA GLN A 47 28.74 22.35 19.14
C GLN A 47 27.39 22.58 19.80
N TYR A 48 26.32 22.18 19.11
CA TYR A 48 24.96 22.14 19.66
C TYR A 48 24.63 20.81 20.33
N TYR A 49 24.98 19.69 19.72
CA TYR A 49 24.71 18.39 20.33
C TYR A 49 25.95 17.52 20.21
N GLU A 50 25.91 16.40 20.93
CA GLU A 50 27.05 15.53 21.11
C GLU A 50 26.55 14.10 21.02
N GLN A 51 27.44 13.13 21.16
CA GLN A 51 27.07 11.73 20.99
C GLN A 51 26.57 11.12 22.29
N LYS A 52 25.37 10.54 22.27
CA LYS A 52 24.81 9.95 23.48
C LYS A 52 25.75 8.87 24.00
N PRO A 53 25.86 8.72 25.32
CA PRO A 53 26.82 7.76 25.88
C PRO A 53 26.57 6.32 25.47
N GLU A 54 25.31 5.92 25.33
CA GLU A 54 24.94 4.53 25.22
C GLU A 54 24.73 4.06 23.79
N SER A 55 25.02 4.89 22.80
CA SER A 55 24.99 4.48 21.42
C SER A 55 26.23 5.03 20.74
N ASN A 56 26.38 4.77 19.45
CA ASN A 56 27.70 4.92 18.87
C ASN A 56 27.68 5.39 17.43
N GLN A 57 26.66 6.11 17.00
CA GLN A 57 26.57 6.37 15.56
C GLN A 57 27.55 7.45 15.11
N TYR A 58 27.80 8.44 15.94
CA TYR A 58 28.47 9.63 15.47
C TYR A 58 29.78 9.89 16.20
N ASN A 59 30.39 8.84 16.74
CA ASN A 59 31.68 9.00 17.42
C ASN A 59 32.68 9.74 16.56
N THR A 60 32.75 9.43 15.26
CA THR A 60 33.80 10.00 14.45
C THR A 60 33.53 11.43 14.03
N LEU A 61 32.27 11.87 14.01
CA LEU A 61 32.02 13.29 13.78
C LEU A 61 32.42 14.10 15.00
N CYS A 62 32.04 13.64 16.19
CA CYS A 62 32.35 14.36 17.42
C CYS A 62 33.84 14.38 17.71
N GLU A 63 34.56 13.31 17.40
CA GLU A 63 35.97 13.23 17.70
C GLU A 63 36.81 13.63 16.51
N TYR A 64 36.17 14.10 15.45
CA TYR A 64 36.88 14.57 14.27
C TYR A 64 37.77 13.48 13.70
N THR A 65 37.33 12.23 13.77
CA THR A 65 38.12 11.11 13.27
C THR A 65 37.56 10.50 12.01
N PHE A 66 36.72 11.21 11.29
CA PHE A 66 36.34 10.74 9.97
C PHE A 66 37.42 11.14 8.97
N THR A 67 37.35 10.57 7.77
CA THR A 67 38.29 10.92 6.72
C THR A 67 37.50 11.05 5.42
N GLU A 68 38.21 11.31 4.33
CA GLU A 68 37.54 11.44 3.05
C GLU A 68 36.76 10.19 2.70
N SER A 69 37.29 9.02 3.03
CA SER A 69 36.62 7.80 2.62
C SER A 69 35.44 7.48 3.50
N SER A 70 35.19 8.26 4.54
CA SER A 70 34.01 8.09 5.36
C SER A 70 32.73 8.59 4.69
N GLN A 71 32.85 9.24 3.53
CA GLN A 71 31.70 9.64 2.71
C GLN A 71 30.66 10.41 3.50
N GLN A 72 31.09 11.26 4.43
CA GLN A 72 30.16 11.84 5.40
C GLN A 72 29.17 12.81 4.77
N MET A 73 29.30 13.08 3.48
CA MET A 73 28.26 13.87 2.80
C MET A 73 28.07 13.46 1.35
N ASP A 74 28.34 12.20 0.99
CA ASP A 74 28.09 11.77 -0.38
C ASP A 74 26.61 11.74 -0.70
N TYR A 75 25.79 11.33 0.28
CA TYR A 75 24.36 11.34 0.05
C TYR A 75 23.88 12.73 -0.33
N SER A 76 24.32 13.74 0.43
CA SER A 76 23.89 15.10 0.14
C SER A 76 24.50 15.63 -1.13
N TYR A 77 25.75 15.27 -1.41
CA TYR A 77 26.36 15.70 -2.65
C TYR A 77 25.56 15.23 -3.85
N ARG A 78 25.05 13.98 -3.80
CA ARG A 78 24.29 13.43 -4.92
C ARG A 78 22.92 14.09 -5.03
N ILE A 79 22.26 14.31 -3.90
CA ILE A 79 20.95 14.98 -3.90
C ILE A 79 21.05 16.36 -4.51
N LEU A 80 22.04 17.16 -4.09
CA LEU A 80 22.13 18.56 -4.50
C LEU A 80 22.45 18.71 -5.98
N PHE A 81 23.29 17.85 -6.53
CA PHE A 81 23.76 18.01 -7.90
C PHE A 81 23.02 17.13 -8.89
N ALA A 82 22.81 15.86 -8.58
CA ALA A 82 22.11 14.98 -9.50
C ALA A 82 20.62 14.91 -9.22
N GLY A 83 20.18 15.45 -8.09
CA GLY A 83 18.78 15.70 -7.86
C GLY A 83 18.38 17.12 -8.20
N ALA A 84 18.76 18.08 -7.35
CA ALA A 84 18.24 19.44 -7.46
C ALA A 84 18.83 20.18 -8.64
N LEU A 85 20.15 20.27 -8.71
CA LEU A 85 20.75 21.10 -9.75
C LEU A 85 20.38 20.62 -11.14
N GLU A 86 20.14 19.31 -11.32
CA GLU A 86 19.73 18.85 -12.64
C GLU A 86 18.28 19.23 -12.93
N ASP A 87 17.42 19.06 -11.92
CA ASP A 87 16.02 19.44 -12.11
C ASP A 87 15.92 20.91 -12.45
N ALA A 88 16.71 21.74 -11.76
CA ALA A 88 16.71 23.17 -12.03
C ALA A 88 17.12 23.46 -13.46
N LYS A 89 18.20 22.82 -13.92
CA LYS A 89 18.60 23.00 -15.32
C LYS A 89 17.46 22.66 -16.26
N GLN A 90 16.68 21.63 -15.94
CA GLN A 90 15.57 21.23 -16.80
C GLN A 90 14.45 22.25 -16.76
N VAL A 91 14.17 22.78 -15.57
CA VAL A 91 13.16 23.82 -15.43
C VAL A 91 13.49 25.01 -16.31
N LEU A 92 14.72 25.51 -16.22
CA LEU A 92 15.10 26.67 -17.01
C LEU A 92 15.12 26.37 -18.50
N GLU A 93 15.14 25.10 -18.90
CA GLU A 93 15.01 24.81 -20.31
C GLU A 93 13.56 24.79 -20.76
N LYS A 94 12.65 24.43 -19.86
CA LYS A 94 11.28 24.12 -20.24
C LYS A 94 10.34 25.29 -20.12
N THR A 95 10.58 26.23 -19.21
CA THR A 95 9.72 27.39 -19.06
C THR A 95 10.52 28.64 -19.38
N THR A 96 9.83 29.64 -19.92
CA THR A 96 10.39 30.96 -20.15
C THR A 96 9.84 32.00 -19.21
N ASN A 97 9.02 31.60 -18.25
CA ASN A 97 8.39 32.53 -17.34
C ASN A 97 9.43 33.15 -16.43
N PRO A 98 9.74 34.44 -16.57
CA PRO A 98 10.79 35.04 -15.76
C PRO A 98 10.56 34.88 -14.27
N ALA A 99 9.32 34.86 -13.83
CA ALA A 99 9.09 34.64 -12.41
C ALA A 99 9.52 33.26 -11.98
N ASP A 100 9.23 32.24 -12.79
CA ASP A 100 9.68 30.90 -12.46
C ASP A 100 11.20 30.79 -12.54
N ARG A 101 11.79 31.34 -13.59
CA ARG A 101 13.23 31.34 -13.71
C ARG A 101 13.89 32.06 -12.55
N PHE A 102 13.18 32.99 -11.92
CA PHE A 102 13.75 33.70 -10.78
C PHE A 102 13.77 32.82 -9.54
N ALA A 103 12.68 32.11 -9.27
CA ALA A 103 12.68 31.19 -8.14
C ALA A 103 13.61 30.03 -8.39
N THR A 104 13.67 29.54 -9.61
CA THR A 104 14.60 28.46 -9.91
C THR A 104 16.03 28.91 -9.70
N THR A 105 16.39 30.10 -10.20
CA THR A 105 17.76 30.56 -10.04
C THR A 105 18.11 30.81 -8.58
N ILE A 106 17.18 31.32 -7.78
CA ILE A 106 17.48 31.49 -6.37
C ILE A 106 17.83 30.16 -5.74
N LEU A 107 16.98 29.14 -5.94
CA LEU A 107 17.21 27.83 -5.34
C LEU A 107 18.51 27.19 -5.83
N ARG A 108 18.76 27.25 -7.14
CA ARG A 108 20.06 26.85 -7.66
C ARG A 108 21.19 27.59 -6.99
N ALA A 109 21.05 28.91 -6.82
CA ALA A 109 22.13 29.67 -6.19
C ALA A 109 22.38 29.20 -4.77
N TYR A 110 21.31 28.93 -4.03
CA TYR A 110 21.46 28.49 -2.65
C TYR A 110 22.19 27.17 -2.57
N ALA A 111 21.96 26.28 -3.55
CA ALA A 111 22.61 24.99 -3.51
C ALA A 111 24.12 25.14 -3.59
N PHE A 112 24.61 25.91 -4.56
CA PHE A 112 26.03 26.18 -4.63
C PHE A 112 26.53 26.89 -3.39
N GLN A 113 25.69 27.71 -2.76
CA GLN A 113 26.10 28.37 -1.54
C GLN A 113 26.34 27.37 -0.42
N ILE A 114 25.63 26.24 -0.44
CA ILE A 114 25.78 25.25 0.61
C ILE A 114 27.00 24.38 0.37
N MET A 115 27.25 24.03 -0.90
CA MET A 115 28.37 23.16 -1.23
C MET A 115 29.70 23.88 -1.05
N VAL A 116 29.73 25.17 -1.40
CA VAL A 116 30.93 25.94 -1.19
C VAL A 116 31.18 26.17 0.27
N ASP A 117 30.12 26.28 1.06
CA ASP A 117 30.31 26.49 2.48
C ASP A 117 30.75 25.24 3.19
N ASN A 118 30.85 24.12 2.48
CA ASN A 118 31.29 22.83 3.00
C ASN A 118 32.68 22.46 2.51
N THR A 119 32.92 22.54 1.21
CA THR A 119 34.20 22.13 0.65
C THR A 119 34.86 23.24 -0.15
N SER A 120 34.58 24.50 0.17
CA SER A 120 35.22 25.62 -0.50
C SER A 120 35.06 25.56 -2.01
N ASP A 121 35.81 24.70 -2.68
CA ASP A 121 35.62 24.59 -4.12
C ASP A 121 34.35 23.83 -4.42
N SER A 122 33.89 23.95 -5.66
CA SER A 122 32.71 23.24 -6.09
C SER A 122 32.69 23.20 -7.59
N PRO A 123 32.12 22.18 -8.20
CA PRO A 123 31.90 22.23 -9.63
C PRO A 123 30.79 23.20 -9.92
N TYR A 124 30.93 23.92 -11.03
CA TYR A 124 30.04 25.03 -11.30
C TYR A 124 29.96 25.31 -12.78
N SER A 125 30.96 25.99 -13.32
CA SER A 125 30.85 26.39 -14.72
C SER A 125 30.85 25.21 -15.65
N GLU A 126 31.19 24.04 -15.16
CA GLU A 126 31.20 22.85 -16.00
C GLU A 126 30.31 21.75 -15.47
N ALA A 127 29.64 21.98 -14.34
CA ALA A 127 28.68 21.01 -13.85
C ALA A 127 27.50 20.90 -14.80
N LEU A 128 26.71 19.83 -14.59
CA LEU A 128 25.46 19.58 -15.28
C LEU A 128 25.63 19.57 -16.79
N GLN A 129 26.67 18.88 -17.27
CA GLN A 129 26.86 18.74 -18.70
C GLN A 129 26.63 17.32 -19.21
N GLY A 130 26.52 16.33 -18.34
CA GLY A 130 26.28 14.98 -18.80
C GLY A 130 27.50 14.40 -19.45
N ASN A 131 27.31 13.61 -20.52
CA ASN A 131 28.45 12.99 -21.18
C ASN A 131 29.35 13.99 -21.86
N ALA A 132 28.91 15.23 -22.01
CA ALA A 132 29.78 16.24 -22.58
C ALA A 132 30.96 16.52 -21.69
N ASN A 133 30.82 16.24 -20.39
CA ASN A 133 31.91 16.49 -19.46
C ASN A 133 31.68 15.70 -18.19
N ALA A 134 32.02 14.42 -18.20
CA ALA A 134 31.86 13.58 -17.03
C ALA A 134 32.69 14.04 -15.86
N THR A 135 33.73 14.82 -16.12
CA THR A 135 34.71 15.20 -15.11
C THR A 135 34.83 16.72 -15.11
N PRO A 136 33.87 17.42 -14.50
CA PRO A 136 33.95 18.89 -14.48
C PRO A 136 34.99 19.41 -13.50
N LYS A 137 35.64 20.49 -13.88
CA LYS A 137 36.62 21.10 -12.98
C LYS A 137 35.91 21.74 -11.80
N TRP A 138 36.61 21.84 -10.68
CA TRP A 138 36.04 22.43 -9.47
C TRP A 138 36.48 23.89 -9.37
N ASP A 139 35.54 24.81 -9.55
CA ASP A 139 35.83 26.23 -9.50
C ASP A 139 36.15 26.66 -8.07
N THR A 140 36.89 27.76 -7.95
CA THR A 140 37.20 28.27 -6.62
C THR A 140 35.95 28.85 -5.99
N GLY A 141 35.90 28.81 -4.66
CA GLY A 141 34.70 29.25 -3.97
C GLY A 141 34.36 30.71 -4.21
N GLU A 142 35.36 31.54 -4.49
CA GLU A 142 35.09 32.92 -4.83
C GLU A 142 34.44 33.04 -6.20
N THR A 143 34.92 32.28 -7.18
CA THR A 143 34.30 32.29 -8.48
C THR A 143 32.85 31.83 -8.41
N VAL A 144 32.54 30.92 -7.48
CA VAL A 144 31.20 30.38 -7.41
C VAL A 144 30.25 31.40 -6.77
N TYR A 145 30.62 31.93 -5.60
CA TYR A 145 29.81 32.99 -5.01
C TYR A 145 29.61 34.14 -5.99
N LYS A 146 30.69 34.60 -6.61
CA LYS A 146 30.57 35.74 -7.52
C LYS A 146 29.65 35.42 -8.69
N GLY A 147 29.65 34.18 -9.15
CA GLY A 147 28.84 33.84 -10.30
C GLY A 147 27.37 33.71 -9.98
N ILE A 148 27.05 33.08 -8.85
CA ILE A 148 25.64 32.86 -8.56
C ILE A 148 25.00 34.14 -8.04
N LEU A 149 25.76 35.04 -7.44
CA LEU A 149 25.22 36.34 -7.10
C LEU A 149 24.87 37.11 -8.35
N GLY A 150 25.68 36.96 -9.40
CA GLY A 150 25.34 37.59 -10.67
C GLY A 150 24.17 36.90 -11.33
N GLU A 151 24.02 35.60 -11.12
CA GLU A 151 22.86 34.90 -11.64
C GLU A 151 21.59 35.43 -11.01
N ILE A 152 21.58 35.51 -9.68
CA ILE A 152 20.42 36.08 -9.00
C ILE A 152 20.13 37.46 -9.53
N ASP A 153 21.16 38.30 -9.60
CA ASP A 153 21.00 39.66 -10.13
C ASP A 153 20.37 39.64 -11.52
N ALA A 154 20.91 38.82 -12.42
CA ALA A 154 20.42 38.88 -13.79
C ALA A 154 19.04 38.24 -13.92
N ALA A 155 18.68 37.36 -12.99
CA ALA A 155 17.35 36.78 -13.06
C ALA A 155 16.32 37.72 -12.49
N GLU A 156 16.68 38.49 -11.47
CA GLU A 156 15.78 39.52 -10.95
C GLU A 156 15.52 40.57 -12.01
N ALA A 157 16.58 41.10 -12.63
CA ALA A 157 16.44 42.07 -13.70
C ALA A 157 15.61 41.56 -14.87
N ALA A 158 15.29 40.28 -14.92
CA ALA A 158 14.53 39.75 -16.04
C ALA A 158 13.04 39.77 -15.79
N LEU A 159 12.62 39.96 -14.55
CA LEU A 159 11.21 39.97 -14.21
C LEU A 159 10.49 41.00 -15.05
N ASP A 160 9.29 40.66 -15.50
CA ASP A 160 8.52 41.53 -16.37
C ASP A 160 7.18 41.91 -15.77
N GLY A 161 6.87 41.41 -14.59
CA GLY A 161 5.61 41.68 -13.92
C GLY A 161 4.69 40.49 -13.88
N SER A 162 4.86 39.53 -14.80
CA SER A 162 3.98 38.37 -14.85
C SER A 162 4.15 37.53 -13.61
N GLY A 163 3.26 36.56 -13.45
CA GLY A 163 3.21 35.76 -12.24
C GLY A 163 3.82 34.39 -12.40
N MET A 164 4.05 33.75 -11.25
CA MET A 164 4.54 32.39 -11.24
C MET A 164 3.43 31.41 -11.59
N ASP A 165 3.75 30.41 -12.41
CA ASP A 165 2.84 29.32 -12.74
CA ASP A 165 2.83 29.32 -12.73
C ASP A 165 3.49 27.98 -12.47
N VAL A 166 4.05 27.81 -11.27
CA VAL A 166 4.64 26.55 -10.82
C VAL A 166 4.31 26.35 -9.35
N PRO A 167 4.21 25.10 -8.92
CA PRO A 167 3.85 24.86 -7.51
C PRO A 167 5.01 25.22 -6.59
N ASP A 168 4.74 26.11 -5.65
CA ASP A 168 5.74 26.76 -4.82
C ASP A 168 5.42 26.35 -3.39
N LEU A 169 6.16 25.39 -2.88
CA LEU A 169 5.94 24.94 -1.52
C LEU A 169 6.67 25.80 -0.50
N ILE A 170 7.32 26.87 -0.94
CA ILE A 170 8.08 27.73 -0.07
C ILE A 170 7.31 29.01 0.24
N PHE A 171 6.90 29.72 -0.81
CA PHE A 171 6.18 30.99 -0.67
C PHE A 171 4.84 31.03 -1.38
N ASN A 172 4.48 30.00 -2.15
CA ASN A 172 3.17 29.93 -2.80
C ASN A 172 2.98 31.05 -3.81
N LYS A 173 3.98 31.28 -4.66
CA LYS A 173 3.92 32.18 -5.81
C LYS A 173 4.07 33.66 -5.45
N ASN A 174 4.53 33.98 -4.25
CA ASN A 174 4.66 35.36 -3.78
C ASN A 174 5.99 35.92 -4.22
N ILE A 175 6.03 36.58 -5.37
CA ILE A 175 7.28 37.11 -5.92
C ILE A 175 7.97 38.07 -4.96
N ALA A 176 7.22 38.77 -4.12
CA ALA A 176 7.87 39.70 -3.22
C ALA A 176 8.71 38.96 -2.21
N GLN A 177 8.23 37.82 -1.76
CA GLN A 177 8.96 37.05 -0.79
C GLN A 177 10.18 36.38 -1.42
N TRP A 178 10.13 36.13 -2.74
CA TRP A 178 11.30 35.56 -3.41
C TRP A 178 12.38 36.60 -3.58
N LYS A 179 12.02 37.83 -3.93
CA LYS A 179 13.01 38.89 -3.94
C LYS A 179 13.61 39.09 -2.56
N GLY A 180 12.81 38.92 -1.52
CA GLY A 180 13.33 39.04 -0.18
C GLY A 180 14.25 37.90 0.18
N PHE A 181 13.97 36.70 -0.32
CA PHE A 181 14.89 35.58 -0.14
C PHE A 181 16.23 35.89 -0.79
N ALA A 182 16.22 36.49 -1.98
CA ALA A 182 17.49 36.73 -2.67
C ALA A 182 18.28 37.85 -2.02
N ASN A 183 17.63 38.92 -1.55
CA ASN A 183 18.39 39.99 -0.90
C ASN A 183 18.95 39.52 0.41
N ALA A 184 18.25 38.62 1.10
CA ALA A 184 18.82 38.03 2.29
C ALA A 184 19.97 37.09 1.95
N LEU A 185 19.95 36.51 0.76
CA LEU A 185 21.11 35.72 0.35
C LEU A 185 22.24 36.63 -0.06
N ARG A 186 21.93 37.72 -0.75
CA ARG A 186 22.94 38.73 -1.03
C ARG A 186 23.59 39.23 0.25
N LEU A 187 22.79 39.51 1.28
CA LEU A 187 23.34 40.00 2.54
C LEU A 187 24.28 38.98 3.16
N ARG A 188 23.89 37.71 3.14
CA ARG A 188 24.71 36.64 3.70
C ARG A 188 26.05 36.54 2.99
N MET A 189 26.04 36.56 1.66
CA MET A 189 27.26 36.37 0.94
C MET A 189 28.10 37.65 0.85
N TYR A 190 27.46 38.81 0.96
CA TYR A 190 28.25 40.04 0.98
C TYR A 190 29.10 40.09 2.25
N LEU A 191 28.52 39.74 3.39
CA LEU A 191 29.31 39.70 4.62
C LEU A 191 30.38 38.62 4.58
N ARG A 192 30.22 37.60 3.75
CA ARG A 192 31.29 36.63 3.63
C ARG A 192 32.48 37.23 2.93
N PHE A 193 32.25 37.91 1.81
CA PHE A 193 33.34 38.63 1.15
C PHE A 193 33.99 39.64 2.08
N ILE A 194 33.20 40.37 2.86
CA ILE A 194 33.75 41.46 3.67
C ILE A 194 34.70 40.90 4.71
N ASP A 195 34.23 39.96 5.50
CA ASP A 195 35.09 39.35 6.48
C ASP A 195 36.08 38.36 5.88
N ALA A 196 36.09 38.20 4.57
CA ALA A 196 37.19 37.56 3.88
C ALA A 196 38.17 38.58 3.33
N ASN A 197 37.85 39.86 3.47
CA ASN A 197 38.70 40.93 2.96
C ASN A 197 38.96 40.74 1.48
N ILE A 198 37.88 40.58 0.72
CA ILE A 198 37.95 40.44 -0.73
C ILE A 198 36.94 41.41 -1.33
N ASP A 199 37.43 42.44 -2.01
CA ASP A 199 36.61 43.54 -2.48
C ASP A 199 35.70 44.04 -1.36
N ALA A 200 36.24 44.07 -0.15
CA ALA A 200 35.48 44.44 1.03
C ALA A 200 34.97 45.87 1.00
N ALA A 201 35.45 46.70 0.08
CA ALA A 201 34.93 48.05 -0.03
C ALA A 201 33.56 48.06 -0.69
N SER A 202 33.45 47.44 -1.86
CA SER A 202 32.16 47.35 -2.53
C SER A 202 31.14 46.61 -1.66
N TYR A 203 31.48 45.44 -1.16
CA TYR A 203 30.46 44.66 -0.49
C TYR A 203 30.04 45.31 0.82
N THR A 204 30.90 46.13 1.42
CA THR A 204 30.44 46.93 2.55
C THR A 204 29.39 47.93 2.12
N GLU A 205 29.62 48.61 0.99
CA GLU A 205 28.64 49.57 0.52
C GLU A 205 27.39 48.88 0.01
N LYS A 206 27.56 47.74 -0.67
CA LYS A 206 26.43 46.99 -1.15
C LYS A 206 25.60 46.46 0.00
N VAL A 207 26.24 46.02 1.07
CA VAL A 207 25.50 45.55 2.22
C VAL A 207 24.80 46.71 2.90
N LYS A 208 25.42 47.89 2.87
CA LYS A 208 24.79 49.09 3.39
C LYS A 208 23.54 49.44 2.59
N THR A 209 23.67 49.45 1.27
CA THR A 209 22.52 49.71 0.41
C THR A 209 21.42 48.68 0.65
N LEU A 210 21.79 47.43 0.85
CA LEU A 210 20.82 46.35 0.99
C LEU A 210 19.99 46.53 2.25
N VAL A 211 20.64 46.80 3.38
CA VAL A 211 19.91 46.90 4.63
C VAL A 211 19.07 48.14 4.69
N GLN A 212 19.41 49.17 3.91
CA GLN A 212 18.62 50.40 3.89
C GLN A 212 17.29 50.17 3.20
N ASN A 213 17.28 49.38 2.14
CA ASN A 213 16.04 49.13 1.40
C ASN A 213 15.08 48.22 2.17
N ASN A 214 15.56 47.50 3.18
CA ASN A 214 14.75 46.57 3.96
C ASN A 214 13.86 45.67 3.10
N GLU A 215 14.25 45.42 1.85
CA GLU A 215 13.47 44.58 0.94
C GLU A 215 13.80 43.09 1.18
N PHE A 216 13.60 42.66 2.40
CA PHE A 216 13.88 41.28 2.80
C PHE A 216 12.58 40.52 2.94
N PHE A 217 12.65 39.33 3.51
CA PHE A 217 11.51 38.45 3.55
C PHE A 217 10.80 38.57 4.89
N THR A 218 9.54 38.15 4.90
CA THR A 218 8.77 38.03 6.12
C THR A 218 8.62 36.57 6.50
N GLY A 219 8.43 36.33 7.78
CA GLY A 219 8.41 34.98 8.28
C GLY A 219 9.80 34.37 8.18
N ASP A 220 9.80 33.04 8.14
CA ASP A 220 11.01 32.28 7.89
C ASP A 220 10.94 31.70 6.49
N VAL A 221 12.06 31.75 5.77
CA VAL A 221 12.20 31.04 4.50
C VAL A 221 12.40 29.57 4.80
N LYS A 222 11.38 28.75 4.54
CA LYS A 222 11.39 27.38 4.97
C LYS A 222 10.59 26.53 4.00
N LEU A 223 10.70 25.22 4.19
CA LEU A 223 9.87 24.24 3.49
C LEU A 223 8.98 23.64 4.56
N ASP A 224 7.73 24.07 4.59
CA ASP A 224 6.79 23.68 5.63
C ASP A 224 5.79 22.71 5.00
N CYS A 225 6.17 21.45 4.91
CA CYS A 225 5.32 20.52 4.18
C CYS A 225 5.47 19.08 4.64
N PHE A 226 5.83 18.84 5.89
CA PHE A 226 6.18 17.50 6.32
C PHE A 226 5.09 16.90 7.20
N LEU A 227 4.96 15.59 7.14
CA LEU A 227 3.96 14.85 7.89
C LEU A 227 4.64 13.75 8.71
N ASP A 228 4.12 13.49 9.90
CA ASP A 228 4.64 12.41 10.73
C ASP A 228 4.17 11.08 10.16
N GLU A 229 4.70 10.75 8.99
CA GLU A 229 4.13 9.65 8.22
C GLU A 229 5.17 8.57 7.96
N THR A 230 5.65 8.47 6.72
CA THR A 230 6.70 7.54 6.35
C THR A 230 7.19 8.04 5.01
N ASP A 231 8.49 8.29 4.90
CA ASP A 231 9.08 8.98 3.75
C ASP A 231 8.56 10.40 3.59
N LYS A 232 7.81 10.90 4.57
CA LYS A 232 7.21 12.23 4.50
C LYS A 232 7.63 13.07 5.69
N ARG A 233 8.59 12.62 6.48
CA ARG A 233 8.98 13.35 7.66
C ARG A 233 10.13 14.31 7.36
N ASN A 234 10.34 15.23 8.29
CA ASN A 234 11.54 16.04 8.28
C ASN A 234 12.77 15.14 8.20
N PRO A 235 13.72 15.44 7.31
CA PRO A 235 14.80 14.47 7.08
C PRO A 235 15.57 14.18 8.35
N TRP A 236 15.96 15.21 9.09
CA TRP A 236 16.74 14.98 10.30
C TRP A 236 15.97 14.18 11.32
N TYR A 237 14.66 14.34 11.38
CA TYR A 237 13.93 13.48 12.29
C TYR A 237 13.82 12.08 11.73
N ASN A 238 13.59 11.97 10.44
CA ASN A 238 13.39 10.68 9.82
C ASN A 238 14.61 9.80 9.99
N THR A 239 15.79 10.37 9.78
CA THR A 239 17.04 9.62 9.90
C THR A 239 17.39 9.35 11.35
N ASN A 240 17.24 10.34 12.21
CA ASN A 240 17.81 10.25 13.54
C ASN A 240 16.81 9.83 14.59
N ALA A 241 15.55 9.75 14.25
CA ALA A 241 14.56 9.31 15.20
C ALA A 241 13.79 8.09 14.76
N VAL A 242 13.78 7.78 13.47
CA VAL A 242 13.14 6.59 12.95
C VAL A 242 14.17 5.61 12.42
N GLY A 243 15.08 6.08 11.57
CA GLY A 243 16.10 5.21 11.03
C GLY A 243 17.05 4.67 12.09
N LEU A 244 17.49 5.52 12.99
CA LEU A 244 18.39 5.16 14.08
C LEU A 244 17.67 5.33 15.39
N THR A 245 18.32 4.96 16.48
CA THR A 245 17.76 5.33 17.76
C THR A 245 18.23 6.73 18.10
N GLY A 246 17.93 7.18 19.31
CA GLY A 246 18.39 8.48 19.75
C GLY A 246 19.89 8.47 19.94
N ASN A 247 20.60 9.27 19.17
CA ASN A 247 22.05 9.37 19.29
C ASN A 247 22.53 10.70 19.84
N HIS A 248 21.78 11.77 19.68
CA HIS A 248 22.22 13.09 20.05
C HIS A 248 21.89 13.42 21.49
N CYS A 249 22.85 14.02 22.18
CA CYS A 249 22.66 14.61 23.49
C CYS A 249 23.11 16.05 23.44
N ALA A 250 22.71 16.85 24.42
CA ALA A 250 23.09 18.25 24.41
C ALA A 250 24.60 18.42 24.62
N ALA A 251 25.20 19.36 23.91
CA ALA A 251 26.61 19.64 24.07
C ALA A 251 26.85 20.74 25.11
N TYR A 252 28.04 20.71 25.70
CA TYR A 252 28.36 21.57 26.82
C TYR A 252 28.31 23.06 26.50
N PRO A 253 28.85 23.55 25.39
CA PRO A 253 28.77 25.00 25.16
C PRO A 253 27.35 25.52 25.10
N LEU A 254 26.44 24.82 24.44
CA LEU A 254 25.08 25.30 24.35
C LEU A 254 24.38 25.28 25.70
N VAL A 255 24.65 24.28 26.52
CA VAL A 255 23.93 24.16 27.78
C VAL A 255 24.44 25.18 28.78
N SER A 256 25.75 25.36 28.85
CA SER A 256 26.31 26.31 29.81
C SER A 256 25.88 27.72 29.49
N TYR A 257 25.73 28.04 28.22
CA TYR A 257 25.32 29.37 27.84
C TYR A 257 23.85 29.59 28.12
N LEU A 258 22.99 28.69 27.69
CA LEU A 258 21.57 28.88 27.98
C LEU A 258 21.31 28.89 29.48
N SER A 259 22.18 28.24 30.26
CA SER A 259 22.00 28.27 31.70
C SER A 259 22.47 29.60 32.29
N SER A 260 23.57 30.14 31.76
CA SER A 260 24.11 31.37 32.31
C SER A 260 23.16 32.53 32.09
N THR A 261 22.54 32.59 30.93
CA THR A 261 21.71 33.72 30.58
C THR A 261 20.28 33.60 31.09
N GLY A 262 19.92 32.49 31.72
CA GLY A 262 18.56 32.32 32.20
C GLY A 262 17.54 32.12 31.10
N ASP A 263 17.98 31.67 29.94
CA ASP A 263 17.12 31.58 28.78
C ASP A 263 16.10 30.47 28.95
N PRO A 264 14.81 30.72 28.79
CA PRO A 264 13.84 29.64 28.88
C PRO A 264 13.79 28.78 27.64
N ARG A 265 14.34 29.24 26.52
CA ARG A 265 14.49 28.41 25.33
C ARG A 265 15.33 27.17 25.58
N ILE A 266 15.97 27.07 26.75
CA ILE A 266 16.72 25.89 27.09
C ILE A 266 15.84 24.66 27.17
N ALA A 267 14.52 24.83 27.10
CA ALA A 267 13.61 23.71 27.19
C ALA A 267 13.12 23.24 25.84
N TYR A 268 13.56 23.85 24.76
CA TYR A 268 13.07 23.56 23.42
C TYR A 268 14.08 22.67 22.70
N GLY A 269 13.73 21.41 22.52
CA GLY A 269 14.61 20.47 21.88
C GLY A 269 15.63 19.83 22.79
N ILE A 270 15.71 20.28 24.04
CA ILE A 270 16.61 19.72 25.02
C ILE A 270 15.74 19.23 26.16
N SER A 271 16.18 18.16 26.82
CA SER A 271 15.37 17.55 27.88
C SER A 271 16.20 17.40 29.14
N LYS A 272 15.60 17.71 30.28
CA LYS A 272 16.32 17.56 31.53
C LYS A 272 16.81 16.13 31.69
N THR A 273 17.88 15.95 32.47
CA THR A 273 18.47 14.63 32.64
C THR A 273 17.51 13.73 33.39
N ASP A 274 17.36 12.50 32.90
CA ASP A 274 16.45 11.56 33.50
C ASP A 274 16.88 11.12 34.84
N ALA A 275 17.95 11.69 35.40
CA ALA A 275 18.50 11.24 36.67
C ALA A 275 18.43 12.28 37.76
N ASP A 276 18.69 13.55 37.44
CA ASP A 276 18.59 14.61 38.43
C ASP A 276 17.70 15.76 38.00
N GLY A 277 17.23 15.78 36.76
CA GLY A 277 16.29 16.79 36.33
C GLY A 277 16.90 18.14 36.04
N LYS A 278 18.14 18.16 35.62
CA LYS A 278 18.81 19.40 35.27
C LYS A 278 19.31 19.32 33.83
N TYR A 279 19.92 20.39 33.37
CA TYR A 279 20.43 20.44 32.02
C TYR A 279 21.92 20.24 32.07
N VAL A 280 22.41 19.29 31.29
CA VAL A 280 23.82 18.91 31.26
C VAL A 280 24.23 18.74 29.81
N GLY A 281 25.33 19.35 29.44
CA GLY A 281 25.90 19.16 28.13
C GLY A 281 27.19 18.38 28.23
N GLN A 282 27.54 17.70 27.14
CA GLN A 282 28.70 16.84 27.10
C GLN A 282 29.80 17.58 26.34
N LEU A 283 31.00 17.56 26.87
CA LEU A 283 32.09 18.27 26.22
C LEU A 283 32.40 17.61 24.90
N PRO A 284 32.51 18.37 23.81
CA PRO A 284 32.66 17.76 22.49
C PRO A 284 33.72 16.69 22.47
N GLY A 285 33.40 15.58 21.82
CA GLY A 285 34.33 14.48 21.69
C GLY A 285 34.71 13.84 22.99
N GLY A 286 33.95 14.06 24.05
CA GLY A 286 34.38 13.58 25.33
C GLY A 286 33.53 12.48 25.89
N LYS A 287 32.80 11.77 25.02
CA LYS A 287 31.99 10.67 25.49
C LYS A 287 32.84 9.61 26.18
N THR A 288 33.88 9.11 25.49
CA THR A 288 34.69 8.04 26.07
C THR A 288 35.51 8.52 27.26
N HIS A 289 35.92 9.78 27.25
CA HIS A 289 36.69 10.31 28.38
C HIS A 289 35.81 10.46 29.61
N MET A 290 34.54 10.80 29.43
CA MET A 290 33.67 10.96 30.58
C MET A 290 33.35 9.61 31.21
N GLN A 291 33.19 8.57 30.38
CA GLN A 291 33.05 7.22 30.90
C GLN A 291 34.32 6.75 31.58
N SER A 292 35.48 7.01 30.98
CA SER A 292 36.73 6.70 31.63
C SER A 292 36.81 7.33 33.01
N ILE A 293 36.54 8.63 33.09
CA ILE A 293 36.80 9.36 34.33
C ILE A 293 35.76 9.02 35.39
N LEU A 294 34.49 9.02 35.00
CA LEU A 294 33.43 8.81 35.97
C LEU A 294 33.07 7.35 36.20
N GLY A 295 33.32 6.49 35.22
CA GLY A 295 32.91 5.11 35.33
C GLY A 295 31.70 4.82 34.47
N THR A 296 31.45 3.53 34.27
CA THR A 296 30.48 3.14 33.26
C THR A 296 29.06 3.52 33.66
N ASP A 297 28.69 3.26 34.91
CA ASP A 297 27.31 3.46 35.31
C ASP A 297 27.03 4.89 35.73
N ASN A 298 28.05 5.75 35.73
CA ASN A 298 27.88 7.14 36.10
C ASN A 298 27.96 8.10 34.94
N TRP A 299 28.17 7.60 33.72
CA TRP A 299 28.06 8.44 32.53
C TRP A 299 27.26 7.70 31.48
N LYS A 300 26.03 7.34 31.86
CA LYS A 300 25.09 6.69 30.97
C LYS A 300 24.18 7.76 30.36
N ASN A 301 23.23 7.33 29.54
CA ASN A 301 22.30 8.28 28.94
C ASN A 301 21.54 9.09 29.97
N LYS A 302 21.30 8.51 31.14
CA LYS A 302 20.51 9.22 32.13
C LYS A 302 21.27 10.38 32.74
N ASN A 303 22.59 10.44 32.58
CA ASN A 303 23.39 11.45 33.27
C ASN A 303 23.61 12.69 32.42
N VAL A 304 23.10 12.72 31.20
CA VAL A 304 23.25 13.85 30.32
C VAL A 304 21.90 14.17 29.71
N SER A 305 21.71 15.43 29.33
CA SER A 305 20.43 15.89 28.83
C SER A 305 20.29 15.54 27.35
N ALA A 306 19.17 14.92 27.01
CA ALA A 306 18.98 14.35 25.69
C ALA A 306 18.31 15.32 24.74
N ILE A 307 18.76 15.32 23.49
CA ILE A 307 18.11 16.11 22.46
C ILE A 307 16.72 15.56 22.22
N ASP A 308 15.71 16.42 22.34
CA ASP A 308 14.33 16.00 22.18
C ASP A 308 13.99 15.92 20.70
N TYR A 309 13.44 14.79 20.30
CA TYR A 309 13.08 14.57 18.91
C TYR A 309 11.60 14.75 18.68
N SER A 310 10.82 14.99 19.73
CA SER A 310 9.37 15.02 19.58
C SER A 310 8.89 16.23 18.80
N ILE A 311 9.63 17.32 18.83
CA ILE A 311 9.21 18.50 18.09
C ILE A 311 9.69 18.39 16.66
N GLY A 312 10.07 17.20 16.23
CA GLY A 312 10.77 17.10 14.97
C GLY A 312 10.03 16.49 13.80
N ALA A 313 9.07 15.61 14.07
CA ALA A 313 8.48 14.81 12.99
C ALA A 313 7.99 15.67 11.85
N THR A 314 7.22 16.72 12.15
CA THR A 314 6.66 17.59 11.14
C THR A 314 7.36 18.94 11.07
N LYS A 315 8.44 19.11 11.80
CA LYS A 315 9.15 20.38 11.82
C LYS A 315 9.64 20.73 10.43
N PRO A 316 9.50 21.97 9.98
CA PRO A 316 9.96 22.32 8.65
C PRO A 316 11.46 22.48 8.57
N VAL A 317 11.94 22.52 7.32
CA VAL A 317 13.34 22.75 7.01
C VAL A 317 13.55 24.23 6.72
N TYR A 318 14.48 24.85 7.42
CA TYR A 318 14.68 26.28 7.29
C TYR A 318 15.83 26.58 6.35
N PHE A 319 15.63 27.54 5.45
CA PHE A 319 16.68 28.05 4.60
C PHE A 319 17.25 29.36 5.08
N PHE A 320 16.43 30.19 5.72
CA PHE A 320 16.88 31.48 6.22
C PHE A 320 15.88 31.89 7.28
N THR A 321 16.26 31.79 8.55
CA THR A 321 15.33 32.19 9.60
C THR A 321 15.25 33.71 9.70
N GLN A 322 14.13 34.20 10.22
CA GLN A 322 13.96 35.64 10.35
C GLN A 322 14.87 36.19 11.44
N ALA A 323 15.00 35.48 12.55
CA ALA A 323 15.92 35.91 13.60
C ALA A 323 17.34 36.08 13.07
N GLU A 324 17.78 35.23 12.16
CA GLU A 324 19.13 35.39 11.65
C GLU A 324 19.22 36.59 10.73
N LEU A 325 18.19 36.82 9.93
CA LEU A 325 18.18 38.00 9.07
C LEU A 325 18.22 39.27 9.89
N GLN A 326 17.47 39.31 10.99
CA GLN A 326 17.54 40.47 11.86
C GLN A 326 18.93 40.62 12.45
N PHE A 327 19.56 39.50 12.77
CA PHE A 327 20.87 39.56 13.40
C PHE A 327 21.93 40.02 12.43
N LEU A 328 21.79 39.72 11.15
CA LEU A 328 22.74 40.24 10.18
C LEU A 328 22.59 41.73 10.02
N ILE A 329 21.35 42.20 9.87
CA ILE A 329 21.08 43.63 9.88
C ILE A 329 21.72 44.26 11.11
N ALA A 330 21.36 43.77 12.29
CA ALA A 330 21.93 44.23 13.54
C ALA A 330 23.44 44.40 13.43
N GLU A 331 24.10 43.44 12.79
CA GLU A 331 25.54 43.53 12.59
C GLU A 331 25.88 44.66 11.64
N VAL A 332 25.15 44.76 10.53
CA VAL A 332 25.44 45.80 9.53
C VAL A 332 25.33 47.17 10.15
N TYR A 333 24.31 47.39 10.99
CA TYR A 333 24.19 48.67 11.67
C TYR A 333 25.32 48.85 12.67
N ALA A 334 25.66 47.80 13.40
CA ALA A 334 26.58 47.98 14.50
C ALA A 334 27.99 48.26 14.02
N ARG A 335 28.35 47.83 12.82
CA ARG A 335 29.74 48.01 12.41
C ARG A 335 29.93 48.55 11.01
N PHE A 336 28.87 48.92 10.33
CA PHE A 336 29.07 49.68 9.11
C PHE A 336 28.38 51.03 9.09
N HIS A 337 27.28 51.20 9.79
CA HIS A 337 26.70 52.52 10.03
C HIS A 337 27.10 52.98 11.42
N ASN A 338 26.71 54.20 11.76
CA ASN A 338 26.90 54.65 13.13
C ASN A 338 25.56 54.71 13.85
N ASP A 339 24.88 53.57 13.93
CA ASP A 339 23.47 53.55 14.30
C ASP A 339 23.25 52.53 15.40
N ASP A 340 23.65 52.88 16.61
CA ASP A 340 23.45 51.97 17.71
C ASP A 340 21.98 51.70 18.00
N ALA A 341 21.07 52.58 17.60
CA ALA A 341 19.68 52.38 17.97
C ALA A 341 18.98 51.48 16.98
N ASN A 342 19.42 51.47 15.73
CA ASN A 342 18.92 50.52 14.75
C ASN A 342 19.50 49.15 15.00
N ALA A 343 20.76 49.10 15.42
CA ALA A 343 21.37 47.84 15.82
C ALA A 343 20.61 47.23 16.98
N LYS A 344 20.43 47.99 18.06
CA LYS A 344 19.65 47.46 19.17
C LYS A 344 18.28 46.99 18.70
N SER A 345 17.70 47.66 17.71
CA SER A 345 16.34 47.34 17.29
C SER A 345 16.31 46.01 16.55
N ALA A 346 17.25 45.81 15.64
CA ALA A 346 17.33 44.57 14.89
C ALA A 346 17.79 43.42 15.78
N TYR A 347 18.73 43.66 16.68
CA TYR A 347 19.07 42.66 17.68
C TYR A 347 17.84 42.20 18.42
N GLU A 348 17.14 43.12 19.07
CA GLU A 348 15.96 42.74 19.82
C GLU A 348 14.94 42.06 18.92
N ALA A 349 14.87 42.46 17.66
CA ALA A 349 13.86 41.88 16.77
C ALA A 349 14.15 40.41 16.52
N GLY A 350 15.42 40.06 16.42
CA GLY A 350 15.79 38.67 16.18
C GLY A 350 15.50 37.80 17.39
N VAL A 351 15.87 38.28 18.58
CA VAL A 351 15.61 37.51 19.78
C VAL A 351 14.12 37.33 19.97
N THR A 352 13.36 38.38 19.65
CA THR A 352 11.92 38.31 19.75
C THR A 352 11.36 37.34 18.71
N ALA A 353 11.92 37.33 17.51
CA ALA A 353 11.41 36.45 16.47
C ALA A 353 11.61 35.01 16.85
N ASP A 354 12.73 34.70 17.48
CA ASP A 354 13.04 33.32 17.80
C ASP A 354 12.27 32.85 19.01
N PHE A 355 12.17 33.68 20.05
CA PHE A 355 11.32 33.31 21.17
C PHE A 355 9.91 32.96 20.70
N ALA A 356 9.47 33.54 19.60
CA ALA A 356 8.12 33.28 19.15
C ALA A 356 8.01 31.96 18.41
N VAL A 357 9.00 31.63 17.60
CA VAL A 357 8.98 30.35 16.91
C VAL A 357 9.07 29.20 17.91
N ARG A 358 10.03 29.26 18.80
CA ARG A 358 10.11 28.19 19.79
C ARG A 358 8.99 28.24 20.79
N GLY A 359 7.93 29.02 20.62
CA GLY A 359 6.77 28.91 21.48
C GLY A 359 6.87 29.61 22.81
N PHE A 360 7.87 30.46 23.00
CA PHE A 360 7.99 31.28 24.20
C PHE A 360 7.72 32.75 23.89
N ALA A 361 6.78 33.01 22.97
CA ALA A 361 6.38 34.38 22.67
C ALA A 361 5.99 35.11 23.94
N GLY A 362 6.54 36.31 24.11
CA GLY A 362 6.24 37.11 25.28
C GLY A 362 7.23 36.96 26.43
N GLN A 363 8.28 36.18 26.28
CA GLN A 363 9.26 35.99 27.34
C GLN A 363 10.64 36.50 26.99
N GLU A 364 10.83 37.06 25.79
CA GLU A 364 12.16 37.43 25.35
C GLU A 364 12.85 38.33 26.36
N ASN A 365 12.06 39.08 27.12
CA ASN A 365 12.60 40.01 28.09
C ASN A 365 13.50 39.37 29.11
N THR A 366 13.42 38.06 29.29
CA THR A 366 14.26 37.41 30.30
C THR A 366 15.73 37.47 29.94
N ILE A 367 16.05 37.67 28.67
CA ILE A 367 17.41 37.92 28.26
C ILE A 367 17.60 39.35 27.75
N LEU A 368 16.58 39.94 27.12
CA LEU A 368 16.68 41.30 26.66
C LEU A 368 16.67 42.32 27.79
N GLU A 369 16.29 41.90 29.00
CA GLU A 369 16.41 42.73 30.19
C GLU A 369 17.30 42.11 31.25
N GLY A 370 17.88 40.95 31.00
CA GLY A 370 18.73 40.31 31.97
C GLY A 370 20.18 40.33 31.54
N ALA A 371 20.74 39.15 31.30
CA ALA A 371 22.16 39.08 31.02
C ALA A 371 22.50 39.48 29.59
N CYS A 372 21.60 39.23 28.63
CA CYS A 372 21.87 39.55 27.24
C CYS A 372 21.24 40.85 26.82
N ALA A 373 20.93 41.71 27.79
CA ALA A 373 20.44 43.04 27.52
C ALA A 373 21.47 43.87 26.79
N TRP A 374 21.05 44.52 25.71
CA TRP A 374 21.95 45.40 24.96
C TRP A 374 22.55 46.49 25.84
N SER A 375 21.87 46.84 26.94
CA SER A 375 22.38 47.89 27.83
C SER A 375 23.74 47.52 28.39
N ALA A 376 23.95 46.26 28.72
CA ALA A 376 25.17 45.84 29.39
C ALA A 376 26.25 45.44 28.42
N ALA A 377 26.11 45.80 27.15
CA ALA A 377 27.15 45.53 26.15
C ALA A 377 27.89 46.83 25.95
N SER A 378 28.99 46.99 26.66
CA SER A 378 29.72 48.25 26.67
C SER A 378 30.42 48.52 25.35
N THR A 379 31.45 47.75 25.03
CA THR A 379 32.23 47.96 23.83
C THR A 379 31.38 47.68 22.59
N GLN A 380 31.86 48.16 21.44
CA GLN A 380 31.25 47.69 20.20
C GLN A 380 31.66 46.27 19.87
N ALA A 381 32.61 45.71 20.61
CA ALA A 381 32.91 44.29 20.54
C ALA A 381 32.02 43.48 21.45
N ASP A 382 31.66 44.03 22.60
CA ASP A 382 30.71 43.34 23.46
C ASP A 382 29.33 43.36 22.85
N LYS A 383 29.06 44.30 21.95
CA LYS A 383 27.80 44.27 21.22
C LYS A 383 27.84 43.21 20.14
N LEU A 384 28.94 43.16 19.39
CA LEU A 384 29.05 42.19 18.32
C LEU A 384 29.03 40.77 18.86
N ASN A 385 29.73 40.52 19.96
CA ASN A 385 29.66 39.23 20.64
C ASN A 385 28.23 38.88 20.99
N LEU A 386 27.45 39.86 21.46
CA LEU A 386 26.08 39.61 21.86
C LEU A 386 25.19 39.32 20.67
N ILE A 387 25.43 40.00 19.54
CA ILE A 387 24.66 39.71 18.34
C ILE A 387 25.01 38.33 17.83
N TYR A 388 26.29 37.98 17.86
CA TYR A 388 26.73 36.69 17.35
C TYR A 388 26.33 35.55 18.27
N MET A 389 26.44 35.74 19.59
CA MET A 389 26.08 34.64 20.47
C MET A 389 24.59 34.37 20.43
N GLN A 390 23.79 35.36 20.08
CA GLN A 390 22.37 35.12 20.01
C GLN A 390 21.96 34.61 18.64
N LYS A 391 22.68 35.01 17.62
CA LYS A 391 22.56 34.36 16.33
C LYS A 391 22.80 32.86 16.44
N TRP A 392 23.76 32.47 17.27
CA TRP A 392 24.11 31.07 17.45
C TRP A 392 23.00 30.33 18.17
N VAL A 393 22.52 30.86 19.28
CA VAL A 393 21.38 30.24 19.95
C VAL A 393 20.22 30.15 18.99
N SER A 394 20.02 31.20 18.19
CA SER A 394 18.85 31.27 17.33
C SER A 394 18.83 30.16 16.31
N LEU A 395 19.99 29.72 15.86
CA LEU A 395 20.05 28.74 14.78
C LEU A 395 20.06 27.31 15.29
N PHE A 396 20.01 27.11 16.60
CA PHE A 396 19.88 25.77 17.13
C PHE A 396 18.51 25.19 16.81
N TYR A 397 18.49 23.99 16.27
CA TYR A 397 17.28 23.29 15.87
C TYR A 397 16.53 24.03 14.78
N MET A 398 17.24 24.82 13.97
CA MET A 398 16.63 25.49 12.83
C MET A 398 17.45 25.36 11.56
N ASP A 399 18.70 25.77 11.60
CA ASP A 399 19.53 25.75 10.39
C ASP A 399 20.98 25.62 10.87
N HIS A 400 21.42 24.38 11.03
CA HIS A 400 22.72 24.11 11.63
C HIS A 400 23.86 24.36 10.66
N MET A 401 23.62 24.12 9.37
CA MET A 401 24.65 24.41 8.38
C MET A 401 25.04 25.89 8.39
N GLU A 402 24.06 26.78 8.56
CA GLU A 402 24.38 28.19 8.68
C GLU A 402 25.11 28.49 9.98
N ALA A 403 24.63 27.93 11.09
CA ALA A 403 25.30 28.16 12.37
C ALA A 403 26.78 27.84 12.27
N TRP A 404 27.11 26.68 11.74
CA TRP A 404 28.51 26.32 11.50
C TRP A 404 29.23 27.40 10.69
N SER A 405 28.58 27.91 9.64
CA SER A 405 29.27 28.85 8.77
C SER A 405 29.41 30.23 9.40
N GLU A 406 28.44 30.63 10.21
CA GLU A 406 28.56 31.93 10.85
C GLU A 406 29.55 31.86 12.01
N ILE A 407 29.66 30.70 12.66
CA ILE A 407 30.79 30.51 13.55
C ILE A 407 32.10 30.69 12.79
N ARG A 408 32.15 30.19 11.56
CA ARG A 408 33.42 30.25 10.88
C ARG A 408 33.72 31.66 10.38
N ARG A 409 32.72 32.35 9.85
CA ARG A 409 32.94 33.73 9.41
C ARG A 409 33.31 34.63 10.57
N THR A 410 32.52 34.63 11.62
CA THR A 410 32.70 35.61 12.68
C THR A 410 33.50 35.09 13.84
N ASP A 411 33.83 33.80 13.84
CA ASP A 411 34.67 33.19 14.88
C ASP A 411 34.12 33.48 16.27
N CYS A 412 32.80 33.66 16.33
CA CYS A 412 32.08 33.74 17.58
C CYS A 412 30.91 32.77 17.53
N PRO A 413 30.72 31.94 18.57
CA PRO A 413 31.42 31.78 19.85
C PRO A 413 32.92 31.58 19.70
N LYS A 414 33.69 32.24 20.55
CA LYS A 414 35.13 32.02 20.54
C LYS A 414 35.46 30.59 20.95
N LEU A 415 36.56 30.09 20.39
CA LEU A 415 37.15 28.86 20.90
C LEU A 415 37.82 29.10 22.24
N SER A 416 37.45 28.32 23.24
CA SER A 416 38.05 28.50 24.55
C SER A 416 39.51 28.17 24.49
N SER A 417 40.27 28.77 25.41
CA SER A 417 41.69 28.51 25.56
C SER A 417 41.97 27.28 26.39
N TYR A 418 40.99 26.76 27.08
CA TYR A 418 41.17 25.60 27.92
C TYR A 418 40.80 24.32 27.17
N SER A 419 41.38 23.22 27.60
CA SER A 419 41.09 21.96 26.95
C SER A 419 39.77 21.42 27.45
N ALA A 420 39.27 20.39 26.77
CA ALA A 420 38.14 19.66 27.31
C ALA A 420 38.47 19.10 28.68
N ALA A 421 39.68 18.56 28.86
CA ALA A 421 40.04 17.98 30.14
C ALA A 421 40.23 19.05 31.22
N GLN A 422 40.68 20.24 30.84
CA GLN A 422 40.81 21.29 31.83
C GLN A 422 39.45 21.83 32.24
N ILE A 423 38.49 21.85 31.31
CA ILE A 423 37.15 22.32 31.64
C ILE A 423 36.43 21.31 32.51
N GLN A 424 36.61 20.02 32.22
CA GLN A 424 36.00 18.98 33.04
C GLN A 424 36.56 18.97 34.45
N ALA A 425 37.83 19.35 34.60
CA ALA A 425 38.48 19.28 35.90
C ALA A 425 38.11 20.45 36.79
N SER A 426 38.06 21.66 36.23
CA SER A 426 37.72 22.84 37.02
C SER A 426 36.87 23.79 36.16
N GLU A 427 35.55 23.74 36.37
CA GLU A 427 34.62 24.42 35.48
C GLU A 427 34.82 25.92 35.44
N SER A 428 35.40 26.48 36.49
CA SER A 428 35.46 27.93 36.63
C SER A 428 36.34 28.60 35.59
N VAL A 429 37.20 27.86 34.90
CA VAL A 429 38.00 28.50 33.87
C VAL A 429 37.22 28.70 32.59
N TYR A 430 36.06 28.08 32.46
CA TYR A 430 35.32 28.08 31.21
C TYR A 430 34.38 29.28 31.15
N THR A 431 34.40 29.96 30.02
CA THR A 431 33.43 31.02 29.74
C THR A 431 32.22 30.40 29.08
N PRO A 432 31.08 30.29 29.75
CA PRO A 432 29.94 29.60 29.15
C PRO A 432 29.65 30.16 27.79
N GLY A 433 29.48 29.25 26.83
CA GLY A 433 29.18 29.59 25.48
C GLY A 433 30.33 29.37 24.54
N GLU A 434 31.56 29.39 25.05
CA GLU A 434 32.72 29.20 24.19
C GLU A 434 32.83 27.75 23.74
N LEU A 435 33.28 27.60 22.50
CA LEU A 435 33.48 26.29 21.92
C LEU A 435 34.66 25.59 22.58
N VAL A 436 34.59 24.27 22.60
CA VAL A 436 35.65 23.46 23.18
C VAL A 436 36.19 22.55 22.09
N ALA A 437 37.48 22.63 21.84
CA ALA A 437 38.09 21.70 20.92
C ALA A 437 37.85 20.29 21.41
N PRO A 438 37.54 19.35 20.54
CA PRO A 438 37.09 18.04 21.00
C PRO A 438 38.15 17.34 21.83
N TRP A 439 37.69 16.59 22.83
CA TRP A 439 38.58 15.92 23.76
C TRP A 439 39.46 14.92 23.06
N THR A 440 38.87 14.08 22.21
CA THR A 440 39.59 13.31 21.21
C THR A 440 39.50 14.08 19.91
N ASN A 441 40.64 14.44 19.33
CA ASN A 441 40.61 15.31 18.16
C ASN A 441 41.45 14.70 17.07
N GLY A 442 40.81 14.19 16.04
CA GLY A 442 41.55 13.57 14.96
C GLY A 442 42.27 14.52 14.06
N LEU A 443 42.20 15.81 14.33
CA LEU A 443 42.83 16.78 13.45
C LEU A 443 44.25 16.98 13.95
N GLU A 444 45.21 16.46 13.17
CA GLU A 444 46.62 16.52 13.53
C GLU A 444 46.97 17.93 13.97
N ALA A 445 46.31 18.90 13.36
CA ALA A 445 46.55 20.29 13.68
C ALA A 445 45.73 20.81 14.86
N GLY A 446 44.76 20.04 15.36
CA GLY A 446 43.97 20.50 16.48
C GLY A 446 42.93 21.52 16.08
N GLY A 447 42.14 21.94 17.04
CA GLY A 447 41.15 22.97 16.79
C GLY A 447 39.79 22.44 16.35
N LEU A 448 39.07 23.30 15.66
CA LEU A 448 37.67 23.08 15.33
C LEU A 448 37.52 22.84 13.85
N MET A 449 36.43 22.18 13.49
CA MET A 449 36.25 21.70 12.13
C MET A 449 36.04 22.87 11.20
N LYS A 450 36.83 22.94 10.14
CA LYS A 450 36.77 24.08 9.25
C LYS A 450 36.09 23.77 7.93
N ARG A 451 36.08 22.51 7.52
CA ARG A 451 35.43 22.16 6.27
C ARG A 451 35.04 20.70 6.30
N MET A 452 34.26 20.32 5.30
CA MET A 452 33.97 18.93 5.04
C MET A 452 34.94 18.40 3.99
N THR A 453 35.01 17.09 3.91
CA THR A 453 35.86 16.44 2.94
C THR A 453 35.18 16.40 1.59
N TYR A 454 35.97 16.39 0.55
CA TYR A 454 35.39 16.23 -0.77
C TYR A 454 34.66 14.90 -0.86
N PRO A 455 33.52 14.86 -1.52
CA PRO A 455 32.74 13.62 -1.61
C PRO A 455 33.53 12.53 -2.29
N LEU A 456 33.49 11.34 -1.70
CA LEU A 456 34.27 10.23 -2.24
C LEU A 456 33.85 9.88 -3.65
N SER A 457 32.56 10.03 -3.97
CA SER A 457 32.13 9.74 -5.33
C SER A 457 32.81 10.63 -6.33
N ALA A 458 32.94 11.92 -6.01
CA ALA A 458 33.69 12.82 -6.89
C ALA A 458 35.14 12.40 -6.97
N ARG A 459 35.74 12.08 -5.82
CA ARG A 459 37.11 11.60 -5.80
C ARG A 459 37.33 10.45 -6.76
N GLN A 460 36.49 9.42 -6.68
CA GLN A 460 36.71 8.24 -7.50
C GLN A 460 36.37 8.46 -8.96
N GLN A 461 35.42 9.31 -9.28
CA GLN A 461 34.91 9.41 -10.64
C GLN A 461 35.35 10.65 -11.38
N ASN A 462 35.98 11.61 -10.72
CA ASN A 462 36.35 12.87 -11.32
C ASN A 462 37.82 13.14 -11.03
N VAL A 463 38.67 12.99 -12.03
CA VAL A 463 40.09 13.23 -11.84
C VAL A 463 40.38 14.66 -11.45
N ASN A 464 39.50 15.59 -11.78
CA ASN A 464 39.73 17.00 -11.56
C ASN A 464 39.25 17.48 -10.20
N THR A 465 39.04 16.58 -9.25
CA THR A 465 38.63 16.93 -7.89
C THR A 465 39.84 17.31 -7.05
N PRO A 466 39.82 18.43 -6.36
CA PRO A 466 40.97 18.80 -5.53
C PRO A 466 41.36 17.69 -4.56
N ALA A 467 42.67 17.62 -4.30
CA ALA A 467 43.21 16.58 -3.44
C ALA A 467 42.76 16.77 -2.01
N GLY A 468 42.49 15.66 -1.34
CA GLY A 468 41.99 15.75 0.03
C GLY A 468 42.92 16.56 0.91
N VAL A 469 42.32 17.37 1.77
CA VAL A 469 43.09 18.17 2.72
C VAL A 469 42.46 17.99 4.08
N PRO A 470 43.19 18.19 5.17
CA PRO A 470 42.64 17.86 6.49
C PRO A 470 41.46 18.75 6.82
N GLY A 471 40.71 18.35 7.84
CA GLY A 471 39.57 19.13 8.25
C GLY A 471 39.93 20.53 8.69
N SER A 472 41.17 20.77 9.03
CA SER A 472 41.59 22.03 9.60
C SER A 472 41.73 23.12 8.55
N THR A 473 41.69 22.77 7.28
CA THR A 473 41.93 23.73 6.22
C THR A 473 40.77 24.69 6.09
N PRO A 474 40.97 25.99 6.19
CA PRO A 474 39.85 26.90 6.12
C PRO A 474 39.24 26.93 4.73
N VAL A 475 37.96 27.26 4.70
CA VAL A 475 37.26 27.56 3.47
C VAL A 475 37.62 28.98 3.05
N TRP A 476 37.68 29.21 1.74
CA TRP A 476 38.23 30.44 1.20
C TRP A 476 37.76 31.70 1.90
N TRP A 477 36.60 31.69 2.53
CA TRP A 477 36.14 32.91 3.16
C TRP A 477 36.41 32.94 4.65
N ASP A 478 36.94 31.88 5.25
CA ASP A 478 37.36 31.94 6.64
C ASP A 478 38.85 32.22 6.64
N ILE A 479 39.25 33.35 7.22
CA ILE A 479 40.64 33.74 7.24
C ILE A 479 41.19 33.96 8.63
N LYS A 480 40.39 33.74 9.66
CA LYS A 480 40.91 33.65 11.01
C LYS A 480 39.98 32.81 11.85
N GLU B 37 26.95 -37.30 -30.24
CA GLU B 37 27.58 -36.14 -29.63
C GLU B 37 28.62 -36.58 -28.60
N LYS B 38 29.63 -35.72 -28.42
CA LYS B 38 30.96 -35.97 -27.88
C LYS B 38 31.92 -36.05 -29.05
N ALA B 39 31.44 -35.60 -30.20
CA ALA B 39 32.25 -34.96 -31.23
C ALA B 39 32.49 -33.50 -30.91
N LEU B 40 32.14 -33.09 -29.69
CA LEU B 40 32.23 -31.71 -29.24
C LEU B 40 33.67 -31.23 -29.27
N GLY B 41 33.83 -29.91 -29.34
CA GLY B 41 35.15 -29.34 -29.40
C GLY B 41 35.45 -28.39 -28.28
N TYR B 42 34.76 -28.51 -27.15
CA TYR B 42 35.03 -27.67 -26.00
C TYR B 42 34.63 -28.41 -24.73
N ALA B 43 34.96 -27.82 -23.60
CA ALA B 43 34.75 -28.49 -22.32
C ALA B 43 33.28 -28.71 -22.04
N ALA B 44 32.95 -29.92 -21.61
CA ALA B 44 31.61 -30.26 -21.16
C ALA B 44 31.70 -31.43 -20.19
N THR B 45 30.71 -31.55 -19.33
CA THR B 45 30.66 -32.61 -18.34
C THR B 45 29.27 -33.22 -18.31
N SER B 46 29.18 -34.54 -18.30
CA SER B 46 27.91 -35.24 -18.22
C SER B 46 27.77 -35.86 -16.85
N VAL B 47 26.59 -35.71 -16.25
CA VAL B 47 26.24 -36.40 -15.01
C VAL B 47 24.85 -36.97 -15.20
N GLY B 48 24.66 -38.20 -14.77
CA GLY B 48 23.36 -38.80 -14.83
C GLY B 48 22.58 -38.57 -13.56
N GLY B 49 21.27 -38.75 -13.68
CA GLY B 49 20.39 -38.36 -12.58
C GLY B 49 20.71 -39.08 -11.30
N GLU B 50 21.18 -40.32 -11.40
CA GLU B 50 21.44 -41.11 -10.22
C GLU B 50 22.46 -40.43 -9.31
N LYS B 51 23.50 -39.83 -9.90
CA LYS B 51 24.40 -39.01 -9.10
C LYS B 51 23.73 -37.73 -8.65
N ILE B 52 22.98 -37.08 -9.56
CA ILE B 52 22.22 -35.89 -9.20
C ILE B 52 21.38 -36.16 -7.97
N ALA B 53 20.70 -37.31 -7.96
CA ALA B 53 19.63 -37.55 -7.01
C ALA B 53 20.04 -38.31 -5.77
N GLU B 54 21.16 -39.04 -5.80
CA GLU B 54 21.51 -39.86 -4.65
C GLU B 54 21.62 -39.03 -3.39
N SER B 55 21.97 -37.75 -3.52
CA SER B 55 22.19 -36.90 -2.36
C SER B 55 20.88 -36.48 -1.69
N ARG B 56 19.76 -36.61 -2.39
CA ARG B 56 18.42 -36.28 -1.88
C ARG B 56 18.31 -34.83 -1.43
N THR B 57 19.14 -33.97 -1.98
CA THR B 57 18.92 -32.56 -1.78
C THR B 57 17.67 -32.14 -2.54
N SER B 58 16.98 -31.13 -2.02
CA SER B 58 15.78 -30.61 -2.66
C SER B 58 16.05 -30.04 -4.03
N ASP B 59 17.30 -29.90 -4.38
CA ASP B 59 17.75 -29.04 -5.45
C ASP B 59 18.58 -29.85 -6.42
N VAL B 60 18.44 -29.58 -7.71
CA VAL B 60 19.17 -30.35 -8.70
C VAL B 60 20.65 -29.99 -8.73
N MET B 61 21.03 -28.81 -8.24
CA MET B 61 22.36 -28.26 -8.45
C MET B 61 23.27 -28.36 -7.25
N SER B 62 22.76 -28.31 -6.02
CA SER B 62 23.65 -28.11 -4.89
C SER B 62 24.46 -29.35 -4.56
N SER B 63 24.02 -30.52 -5.05
CA SER B 63 24.79 -31.73 -4.86
C SER B 63 26.09 -31.69 -5.64
N LEU B 64 26.10 -31.00 -6.79
CA LEU B 64 27.29 -30.91 -7.63
C LEU B 64 28.27 -29.85 -7.15
N ALA B 65 28.17 -29.38 -5.91
CA ALA B 65 29.11 -28.39 -5.42
C ALA B 65 30.52 -29.00 -5.34
N GLY B 66 31.44 -28.44 -6.12
CA GLY B 66 32.80 -28.90 -6.09
C GLY B 66 33.05 -30.23 -6.78
N LYS B 67 32.19 -30.61 -7.71
CA LYS B 67 32.34 -31.90 -8.39
C LYS B 67 32.66 -31.77 -9.86
N ILE B 68 32.76 -30.55 -10.39
CA ILE B 68 32.93 -30.33 -11.82
C ILE B 68 33.85 -29.14 -12.01
N ALA B 69 34.86 -29.30 -12.85
CA ALA B 69 35.85 -28.25 -13.01
C ALA B 69 35.24 -27.05 -13.70
N GLY B 70 35.57 -25.87 -13.20
CA GLY B 70 35.12 -24.62 -13.79
C GLY B 70 33.68 -24.24 -13.51
N VAL B 71 32.99 -24.98 -12.67
CA VAL B 71 31.58 -24.73 -12.37
C VAL B 71 31.50 -24.48 -10.86
N GLN B 72 31.42 -23.21 -10.50
CA GLN B 72 31.47 -22.79 -9.10
C GLN B 72 30.05 -22.72 -8.57
N ILE B 73 29.66 -23.72 -7.80
CA ILE B 73 28.29 -23.85 -7.32
C ILE B 73 28.28 -23.63 -5.82
N SER B 74 27.41 -22.73 -5.37
CA SER B 74 27.35 -22.39 -3.96
C SER B 74 25.92 -22.05 -3.57
N SER B 75 25.58 -22.36 -2.32
CA SER B 75 24.28 -21.99 -1.79
C SER B 75 24.38 -20.66 -1.08
N THR B 76 23.30 -19.91 -1.12
CA THR B 76 23.32 -18.60 -0.47
C THR B 76 23.37 -18.73 1.04
N SER B 77 22.67 -19.70 1.59
CA SER B 77 22.72 -19.95 3.02
C SER B 77 22.11 -21.31 3.30
N SER B 78 22.06 -21.66 4.57
CA SER B 78 21.44 -22.89 5.00
C SER B 78 19.94 -22.74 5.21
N ASP B 79 19.40 -21.61 4.90
CA ASP B 79 17.98 -21.41 5.14
C ASP B 79 17.18 -22.16 4.10
N PRO B 80 16.13 -22.86 4.49
CA PRO B 80 15.39 -23.67 3.53
C PRO B 80 14.80 -22.83 2.43
N GLY B 81 14.83 -23.39 1.22
CA GLY B 81 14.26 -22.73 0.08
C GLY B 81 15.10 -21.66 -0.54
N ALA B 82 16.33 -21.47 -0.07
CA ALA B 82 17.15 -20.35 -0.53
C ALA B 82 17.77 -20.66 -1.89
N SER B 83 18.44 -19.67 -2.46
CA SER B 83 18.89 -19.80 -3.84
C SER B 83 20.23 -20.54 -3.92
N ASN B 84 20.61 -20.90 -5.14
CA ASN B 84 21.88 -21.53 -5.43
C ASN B 84 22.59 -20.76 -6.53
N SER B 85 23.84 -20.44 -6.30
CA SER B 85 24.65 -19.75 -7.28
C SER B 85 25.40 -20.76 -8.12
N VAL B 86 25.57 -20.46 -9.40
CA VAL B 86 26.29 -21.31 -10.34
C VAL B 86 26.99 -20.37 -11.32
N ILE B 87 28.30 -20.25 -11.20
CA ILE B 87 29.09 -19.37 -12.04
C ILE B 87 30.08 -20.22 -12.81
N ILE B 88 30.15 -20.01 -14.12
CA ILE B 88 30.91 -20.88 -15.00
C ILE B 88 32.00 -20.07 -15.64
N ARG B 89 33.25 -20.40 -15.29
CA ARG B 89 34.42 -19.70 -15.79
C ARG B 89 34.38 -18.22 -15.40
N GLY B 90 34.13 -17.97 -14.13
CA GLY B 90 34.18 -16.63 -13.58
C GLY B 90 33.02 -15.73 -13.98
N VAL B 91 33.11 -14.50 -13.50
CA VAL B 91 32.11 -13.47 -13.74
C VAL B 91 32.46 -12.71 -15.00
N SER B 92 31.55 -12.69 -15.96
CA SER B 92 31.73 -11.83 -17.11
C SER B 92 30.86 -10.59 -17.03
N SER B 93 29.67 -10.72 -16.46
CA SER B 93 28.71 -9.63 -16.40
C SER B 93 29.00 -8.81 -15.15
N LEU B 94 29.35 -7.54 -15.34
CA LEU B 94 29.72 -6.75 -14.17
C LEU B 94 28.51 -6.44 -13.32
N SER B 95 27.34 -6.35 -13.93
CA SER B 95 26.12 -6.43 -13.17
C SER B 95 25.00 -6.76 -14.11
N GLY B 96 24.35 -7.89 -13.86
CA GLY B 96 24.80 -8.84 -12.85
C GLY B 96 24.22 -10.22 -13.09
N THR B 97 24.35 -10.70 -14.32
CA THR B 97 23.74 -11.94 -14.76
C THR B 97 24.84 -12.93 -15.14
N ASN B 98 25.19 -13.81 -14.22
CA ASN B 98 26.25 -14.77 -14.49
C ASN B 98 25.82 -16.21 -14.40
N GLN B 99 24.57 -16.50 -14.10
CA GLN B 99 24.13 -17.88 -14.11
C GLN B 99 24.12 -18.39 -15.54
N PRO B 100 24.38 -19.68 -15.73
CA PRO B 100 24.22 -20.27 -17.07
C PRO B 100 22.77 -20.44 -17.46
N LEU B 101 22.56 -20.53 -18.76
CA LEU B 101 21.24 -20.77 -19.29
C LEU B 101 20.83 -22.21 -19.01
N TYR B 102 19.85 -22.40 -18.14
CA TYR B 102 19.29 -23.73 -17.93
C TYR B 102 18.36 -24.09 -19.08
N VAL B 103 18.59 -25.23 -19.72
CA VAL B 103 17.80 -25.69 -20.85
C VAL B 103 17.28 -27.09 -20.54
N VAL B 104 15.98 -27.31 -20.58
CA VAL B 104 15.41 -28.52 -20.01
C VAL B 104 15.02 -29.57 -21.05
N ASP B 105 14.25 -29.24 -22.07
CA ASP B 105 13.95 -30.36 -22.98
C ASP B 105 13.64 -30.11 -24.45
N GLY B 106 14.36 -29.26 -25.18
CA GLY B 106 15.35 -28.35 -24.68
C GLY B 106 14.82 -26.95 -24.89
N VAL B 107 14.15 -26.46 -23.86
CA VAL B 107 13.57 -25.12 -23.84
C VAL B 107 14.20 -24.36 -22.70
N PRO B 108 14.58 -23.11 -22.87
CA PRO B 108 15.14 -22.35 -21.75
C PRO B 108 14.20 -22.35 -20.57
N LEU B 109 14.79 -22.48 -19.39
CA LEU B 109 14.06 -22.51 -18.14
C LEU B 109 14.23 -21.18 -17.41
N ASN B 110 13.16 -20.71 -16.78
CA ASN B 110 13.29 -19.47 -16.02
C ASN B 110 14.11 -19.73 -14.78
N ASN B 111 15.12 -18.91 -14.55
CA ASN B 111 16.00 -19.05 -13.41
C ASN B 111 16.08 -17.74 -12.66
N SER B 112 14.92 -17.17 -12.37
CA SER B 112 14.87 -15.89 -11.70
C SER B 112 14.99 -16.10 -10.20
N THR B 113 15.64 -15.17 -9.53
CA THR B 113 15.90 -15.29 -8.11
C THR B 113 15.06 -14.29 -7.37
N VAL B 114 14.57 -14.69 -6.21
CA VAL B 114 13.73 -13.86 -5.38
C VAL B 114 14.44 -13.70 -4.05
N TYR B 115 15.09 -12.55 -3.86
CA TYR B 115 15.77 -12.25 -2.62
C TYR B 115 15.65 -10.76 -2.34
N SER B 116 15.90 -10.40 -1.09
CA SER B 116 15.71 -9.04 -0.61
C SER B 116 16.65 -8.03 -1.28
N THR B 117 16.12 -6.85 -1.56
CA THR B 117 16.89 -5.80 -2.21
C THR B 117 17.61 -4.91 -1.21
N ASP B 118 17.36 -5.10 0.07
CA ASP B 118 18.08 -4.41 1.14
C ASP B 118 18.62 -5.47 2.06
N GLY B 119 19.77 -6.03 1.71
CA GLY B 119 20.37 -7.06 2.54
C GLY B 119 20.84 -6.59 3.89
N LEU B 120 20.88 -5.29 4.13
CA LEU B 120 21.46 -4.82 5.38
C LEU B 120 20.47 -4.85 6.52
N ASN B 121 19.18 -4.66 6.22
CA ASN B 121 18.19 -4.54 7.27
C ASN B 121 17.09 -5.58 7.23
N SER B 122 16.83 -6.17 6.06
CA SER B 122 15.80 -7.19 5.92
C SER B 122 16.25 -8.26 4.91
N GLY B 123 17.35 -8.94 5.24
CA GLY B 123 17.90 -9.92 4.32
C GLY B 123 17.10 -11.19 4.32
N TYR B 124 16.81 -11.70 3.13
CA TYR B 124 16.06 -12.93 2.98
C TYR B 124 16.28 -13.43 1.56
N ASP B 125 16.05 -14.71 1.35
CA ASP B 125 16.27 -15.32 0.04
C ASP B 125 15.24 -16.42 -0.13
N PHE B 126 14.52 -16.39 -1.25
CA PHE B 126 13.34 -17.22 -1.39
C PHE B 126 13.45 -18.25 -2.49
N GLY B 127 14.57 -18.30 -3.23
CA GLY B 127 14.81 -19.36 -4.17
C GLY B 127 15.12 -18.84 -5.55
N ASN B 128 15.65 -19.73 -6.38
CA ASN B 128 15.87 -19.41 -7.78
C ASN B 128 15.21 -20.45 -8.67
N GLY B 129 15.04 -20.07 -9.92
CA GLY B 129 14.09 -20.75 -10.78
C GLY B 129 14.44 -22.18 -11.04
N ALA B 130 15.71 -22.51 -10.95
CA ALA B 130 16.11 -23.89 -11.17
C ALA B 130 15.79 -24.76 -9.98
N ASN B 131 15.70 -24.18 -8.79
CA ASN B 131 15.38 -24.99 -7.63
C ASN B 131 14.03 -25.69 -7.73
N ALA B 132 13.27 -25.47 -8.80
CA ALA B 132 11.94 -26.03 -8.89
C ALA B 132 11.94 -27.40 -9.52
N ILE B 133 12.91 -27.66 -10.39
CA ILE B 133 12.97 -28.95 -11.04
C ILE B 133 13.15 -30.02 -9.97
N ASN B 134 12.51 -31.16 -10.19
CA ASN B 134 12.60 -32.27 -9.26
C ASN B 134 13.76 -33.17 -9.68
N PRO B 135 14.78 -33.33 -8.86
CA PRO B 135 15.94 -34.13 -9.29
C PRO B 135 15.61 -35.55 -9.67
N ASP B 136 14.60 -36.16 -9.03
CA ASP B 136 14.23 -37.53 -9.39
C ASP B 136 13.81 -37.67 -10.85
N ASP B 137 13.49 -36.57 -11.53
CA ASP B 137 13.10 -36.63 -12.92
C ASP B 137 14.27 -36.53 -13.88
N VAL B 138 15.48 -36.30 -13.38
CA VAL B 138 16.59 -36.00 -14.29
C VAL B 138 17.20 -37.30 -14.77
N ALA B 139 17.30 -37.45 -16.08
CA ALA B 139 18.07 -38.56 -16.62
C ALA B 139 19.52 -38.16 -16.78
N ASN B 140 19.76 -37.07 -17.50
CA ASN B 140 21.10 -36.65 -17.81
C ASN B 140 21.20 -35.13 -17.69
N MET B 141 22.31 -34.67 -17.14
CA MET B 141 22.64 -33.25 -17.13
C MET B 141 23.97 -33.07 -17.80
N THR B 142 24.03 -32.17 -18.77
CA THR B 142 25.26 -31.87 -19.48
C THR B 142 25.50 -30.37 -19.46
N ILE B 143 26.67 -29.97 -18.96
CA ILE B 143 27.05 -28.58 -18.74
C ILE B 143 27.99 -28.18 -19.85
N LEU B 144 27.58 -27.27 -20.71
CA LEU B 144 28.46 -26.73 -21.74
C LEU B 144 29.18 -25.52 -21.16
N LYS B 145 30.50 -25.62 -21.01
CA LYS B 145 31.21 -24.57 -20.30
C LYS B 145 31.67 -23.45 -21.22
N GLY B 146 31.94 -23.77 -22.48
CA GLY B 146 32.54 -22.81 -23.36
C GLY B 146 31.53 -22.00 -24.10
N ALA B 147 31.95 -20.83 -24.55
CA ALA B 147 31.04 -19.86 -25.13
C ALA B 147 31.44 -19.50 -26.56
N ALA B 148 31.96 -20.47 -27.31
CA ALA B 148 32.39 -20.24 -28.67
C ALA B 148 31.47 -20.85 -29.73
N ALA B 149 30.56 -21.71 -29.35
CA ALA B 149 29.61 -22.26 -30.29
C ALA B 149 28.25 -22.25 -29.61
N THR B 150 27.66 -21.07 -29.49
CA THR B 150 26.40 -20.90 -28.77
C THR B 150 25.25 -20.54 -29.69
N ALA B 151 25.36 -20.84 -30.98
CA ALA B 151 24.31 -20.48 -31.93
C ALA B 151 22.98 -21.13 -31.61
N LEU B 152 23.00 -22.23 -30.85
CA LEU B 152 21.76 -22.96 -30.67
C LEU B 152 20.88 -22.35 -29.60
N TYR B 153 21.47 -21.75 -28.58
CA TYR B 153 20.67 -21.24 -27.48
C TYR B 153 20.73 -19.74 -27.33
N GLY B 154 21.64 -19.06 -28.01
CA GLY B 154 21.62 -17.62 -28.06
C GLY B 154 22.51 -16.96 -27.02
N SER B 155 22.24 -15.67 -26.81
CA SER B 155 23.15 -14.84 -26.03
C SER B 155 23.34 -15.38 -24.63
N ARG B 156 22.25 -15.83 -23.99
CA ARG B 156 22.37 -16.28 -22.61
C ARG B 156 23.34 -17.42 -22.46
N ALA B 157 23.71 -18.07 -23.55
CA ALA B 157 24.58 -19.23 -23.47
C ALA B 157 26.03 -18.86 -23.21
N ALA B 158 26.39 -17.58 -23.31
CA ALA B 158 27.77 -17.20 -23.05
C ALA B 158 28.12 -17.44 -21.61
N ASN B 159 27.16 -17.42 -20.72
CA ASN B 159 27.43 -17.71 -19.33
C ASN B 159 27.52 -19.19 -19.08
N GLY B 160 27.54 -19.98 -20.15
CA GLY B 160 27.45 -21.41 -20.03
C GLY B 160 26.02 -21.90 -20.15
N VAL B 161 25.89 -23.19 -20.38
CA VAL B 161 24.59 -23.83 -20.53
C VAL B 161 24.53 -25.05 -19.65
N VAL B 162 23.42 -25.24 -18.96
CA VAL B 162 23.16 -26.45 -18.20
C VAL B 162 22.02 -27.18 -18.88
N MET B 163 22.36 -28.14 -19.72
CA MET B 163 21.37 -28.92 -20.43
C MET B 163 20.90 -30.07 -19.56
N ILE B 164 19.67 -30.04 -19.18
CA ILE B 164 19.07 -31.14 -18.42
C ILE B 164 18.21 -31.98 -19.37
N THR B 165 18.16 -33.29 -19.13
CA THR B 165 17.31 -34.18 -19.91
C THR B 165 16.53 -35.07 -18.96
N THR B 166 15.21 -35.05 -19.09
CA THR B 166 14.33 -35.71 -18.15
C THR B 166 14.00 -37.13 -18.60
N LYS B 167 13.56 -37.95 -17.64
CA LYS B 167 13.33 -39.36 -17.92
C LYS B 167 12.11 -39.57 -18.79
N SER B 168 12.14 -40.61 -19.62
CA SER B 168 11.02 -40.93 -20.49
C SER B 168 10.42 -42.28 -20.15
N GLY B 169 10.30 -43.17 -21.13
CA GLY B 169 9.50 -44.36 -21.01
C GLY B 169 10.28 -45.65 -20.86
N ARG B 170 9.53 -46.70 -20.55
CA ARG B 170 10.03 -48.06 -20.35
C ARG B 170 10.18 -48.78 -21.73
N LYS B 171 9.90 -50.09 -21.97
CA LYS B 171 9.26 -51.09 -21.11
C LYS B 171 10.25 -51.67 -20.11
N GLU B 172 9.73 -52.13 -18.99
CA GLU B 172 10.51 -52.71 -17.90
C GLU B 172 9.65 -53.76 -17.21
N LYS B 173 10.02 -54.09 -15.98
CA LYS B 173 9.22 -54.97 -15.14
C LYS B 173 9.05 -54.30 -13.79
N GLY B 174 7.81 -54.16 -13.31
CA GLY B 174 6.62 -54.60 -14.01
C GLY B 174 5.60 -53.51 -14.29
N VAL B 175 5.18 -52.75 -13.29
CA VAL B 175 4.16 -51.73 -13.51
C VAL B 175 4.73 -50.34 -13.77
N GLY B 176 5.93 -50.05 -13.31
CA GLY B 176 6.57 -48.79 -13.66
C GLY B 176 6.38 -47.68 -12.64
N ILE B 177 6.34 -48.03 -11.37
CA ILE B 177 6.16 -47.08 -10.29
C ILE B 177 7.41 -47.08 -9.44
N GLU B 178 8.05 -45.93 -9.31
CA GLU B 178 9.20 -45.73 -8.44
C GLU B 178 8.84 -44.73 -7.34
N TYR B 179 9.02 -45.12 -6.10
CA TYR B 179 8.80 -44.25 -4.95
C TYR B 179 10.13 -43.96 -4.27
N ASN B 180 10.33 -42.71 -3.86
CA ASN B 180 11.43 -42.32 -3.00
C ASN B 180 10.86 -41.60 -1.79
N GLY B 181 11.18 -42.09 -0.61
CA GLY B 181 10.69 -41.49 0.61
C GLY B 181 11.85 -41.16 1.51
N GLY B 182 11.93 -39.91 1.96
CA GLY B 182 13.11 -39.43 2.64
C GLY B 182 12.78 -38.72 3.94
N VAL B 183 13.79 -38.63 4.78
CA VAL B 183 13.71 -38.00 6.08
C VAL B 183 15.10 -37.50 6.41
N GLN B 184 15.23 -36.26 6.86
CA GLN B 184 16.58 -35.79 7.15
C GLN B 184 16.56 -34.67 8.17
N TRP B 185 17.61 -34.62 8.96
CA TRP B 185 17.76 -33.63 10.01
C TRP B 185 18.87 -32.65 9.65
N SER B 186 18.74 -31.43 10.15
CA SER B 186 19.81 -30.44 10.03
C SER B 186 20.14 -29.90 11.41
N THR B 187 21.43 -29.86 11.73
CA THR B 187 21.93 -29.20 12.93
C THR B 187 23.02 -28.20 12.57
N VAL B 188 23.28 -27.29 13.50
CA VAL B 188 24.12 -26.14 13.22
C VAL B 188 25.58 -26.55 13.11
N LEU B 189 26.27 -26.03 12.09
CA LEU B 189 27.55 -26.57 11.63
C LEU B 189 28.75 -25.85 12.21
N ARG B 190 28.72 -24.53 12.26
CA ARG B 190 29.85 -23.73 12.75
C ARG B 190 29.28 -22.44 13.29
N LEU B 191 29.42 -22.23 14.57
CA LEU B 191 29.17 -20.95 15.20
C LEU B 191 30.49 -20.30 15.52
N PRO B 192 30.53 -18.99 15.71
CA PRO B 192 31.81 -18.36 16.00
C PRO B 192 32.38 -18.85 17.32
N GLU B 193 33.69 -18.98 17.38
CA GLU B 193 34.32 -19.40 18.61
C GLU B 193 34.36 -18.23 19.57
N PHE B 194 33.85 -18.45 20.76
CA PHE B 194 33.61 -17.39 21.72
C PHE B 194 34.66 -17.38 22.81
N GLN B 195 34.79 -16.23 23.44
CA GLN B 195 35.53 -16.10 24.67
C GLN B 195 34.60 -16.44 25.83
N ASN B 196 35.08 -17.20 26.77
CA ASN B 196 34.29 -17.50 27.97
C ASN B 196 34.99 -17.00 29.22
N GLU B 197 35.77 -15.93 29.11
CA GLU B 197 36.55 -15.41 30.22
C GLU B 197 35.84 -14.27 30.94
N PHE B 198 35.15 -13.40 30.20
CA PHE B 198 34.52 -12.22 30.77
C PHE B 198 33.04 -12.19 30.41
N GLY B 199 32.23 -11.59 31.29
CA GLY B 199 30.80 -11.58 31.14
C GLY B 199 30.22 -10.21 30.84
N MET B 200 28.94 -10.07 31.13
CA MET B 200 28.18 -8.89 30.78
C MET B 200 28.80 -7.64 31.35
N GLY B 201 29.06 -6.67 30.48
CA GLY B 201 29.48 -5.37 30.94
C GLY B 201 30.04 -4.56 29.79
N TRP B 202 30.42 -3.34 30.12
CA TRP B 202 31.09 -2.47 29.17
C TRP B 202 32.27 -1.82 29.88
N ASN B 203 33.20 -1.28 29.10
CA ASN B 203 34.39 -0.65 29.64
C ASN B 203 35.11 -1.51 30.66
N GLY B 204 34.96 -2.83 30.58
CA GLY B 204 35.50 -3.69 31.60
C GLY B 204 34.80 -3.64 32.93
N ASN B 205 33.76 -2.83 33.06
CA ASN B 205 33.03 -2.75 34.32
C ASN B 205 31.76 -3.57 34.26
N HIS B 206 31.26 -3.97 35.42
CA HIS B 206 30.04 -4.77 35.46
C HIS B 206 28.82 -3.95 35.10
N THR B 207 27.88 -4.59 34.44
CA THR B 207 26.62 -3.97 34.07
C THR B 207 25.51 -5.00 34.24
N GLU B 208 24.29 -4.51 34.37
CA GLU B 208 23.14 -5.37 34.53
C GLU B 208 22.30 -5.45 33.28
N LEU B 209 22.75 -4.85 32.18
CA LEU B 209 21.86 -4.65 31.05
C LEU B 209 22.55 -4.67 29.69
N GLU B 210 23.79 -5.13 29.56
CA GLU B 210 24.48 -4.94 28.31
C GLU B 210 24.13 -6.02 27.30
N ASN B 211 24.37 -5.70 26.04
CA ASN B 211 24.26 -6.67 24.97
C ASN B 211 25.61 -7.25 24.58
N GLY B 212 26.52 -7.38 25.54
CA GLY B 212 27.89 -7.67 25.21
C GLY B 212 28.62 -8.15 26.44
N SER B 213 29.91 -8.43 26.26
CA SER B 213 30.67 -9.16 27.26
C SER B 213 31.99 -8.51 27.53
N TRP B 214 31.98 -7.19 27.75
CA TRP B 214 33.19 -6.52 28.22
C TRP B 214 33.11 -6.24 29.71
N GLY B 215 32.77 -7.24 30.52
CA GLY B 215 32.68 -7.05 31.94
C GLY B 215 33.92 -7.61 32.63
N PRO B 216 33.80 -7.90 33.91
CA PRO B 216 34.92 -8.48 34.64
C PRO B 216 35.13 -9.95 34.32
N ARG B 217 36.30 -10.44 34.73
CA ARG B 217 36.61 -11.85 34.61
C ARG B 217 35.69 -12.64 35.53
N PHE B 218 35.25 -13.79 35.05
CA PHE B 218 34.19 -14.53 35.72
C PHE B 218 34.60 -14.92 37.13
N ASP B 219 33.73 -14.61 38.09
CA ASP B 219 33.97 -14.74 39.51
C ASP B 219 33.37 -16.00 40.09
N GLY B 220 32.17 -16.36 39.63
CA GLY B 220 31.30 -17.26 40.35
C GLY B 220 30.46 -16.56 41.40
N SER B 221 30.76 -15.32 41.72
CA SER B 221 29.95 -14.56 42.65
C SER B 221 28.55 -14.36 42.11
N MET B 222 27.62 -14.07 43.02
CA MET B 222 26.25 -13.79 42.63
C MET B 222 26.13 -12.30 42.34
N GLN B 223 25.77 -11.97 41.11
CA GLN B 223 25.53 -10.60 40.70
C GLN B 223 24.12 -10.48 40.13
N LEU B 224 23.69 -9.25 39.91
CA LEU B 224 22.40 -9.03 39.32
C LEU B 224 22.52 -9.06 37.81
N TRP B 225 21.36 -9.07 37.14
CA TRP B 225 21.34 -8.87 35.71
C TRP B 225 19.92 -8.55 35.29
N GLY B 226 19.81 -7.98 34.10
CA GLY B 226 18.51 -7.75 33.50
C GLY B 226 17.79 -6.57 34.12
N ASN B 227 16.59 -6.33 33.60
CA ASN B 227 15.80 -5.21 34.08
C ASN B 227 15.18 -5.52 35.43
N VAL B 228 14.40 -4.57 35.92
CA VAL B 228 13.74 -4.69 37.21
C VAL B 228 12.25 -4.69 36.94
N TYR B 229 11.56 -5.70 37.43
CA TYR B 229 10.12 -5.84 37.23
C TYR B 229 9.46 -5.95 38.60
N ASN B 230 8.54 -5.05 38.88
CA ASN B 230 7.75 -5.10 40.09
C ASN B 230 8.64 -5.16 41.32
N ASN B 231 9.69 -4.32 41.30
CA ASN B 231 10.60 -4.18 42.41
C ASN B 231 11.36 -5.48 42.67
N SER B 232 11.58 -6.25 41.61
CA SER B 232 12.31 -7.50 41.71
C SER B 232 13.24 -7.61 40.51
N GLN B 233 14.33 -8.34 40.71
CA GLN B 233 15.34 -8.49 39.67
C GLN B 233 15.92 -9.89 39.76
N LYS B 234 16.46 -10.38 38.64
CA LYS B 234 17.05 -11.70 38.65
C LYS B 234 18.50 -11.64 39.13
N LEU B 235 18.92 -12.72 39.78
CA LEU B 235 20.20 -12.84 40.47
C LEU B 235 20.76 -14.22 40.19
N LYS B 236 21.99 -14.28 39.70
CA LYS B 236 22.56 -15.52 39.19
C LYS B 236 24.05 -15.52 39.45
N PRO B 237 24.67 -16.69 39.51
CA PRO B 237 26.12 -16.74 39.66
C PRO B 237 26.81 -16.27 38.39
N TYR B 238 27.85 -15.46 38.58
CA TYR B 238 28.56 -14.85 37.46
C TYR B 238 29.52 -15.88 36.87
N VAL B 239 28.98 -16.74 36.00
CA VAL B 239 29.75 -17.78 35.37
C VAL B 239 29.45 -17.79 33.88
N ALA B 240 30.31 -18.45 33.13
CA ALA B 240 30.11 -18.53 31.69
C ALA B 240 29.17 -19.65 31.32
N MET B 241 28.42 -19.45 30.25
CA MET B 241 27.52 -20.46 29.71
C MET B 241 27.93 -20.73 28.27
N PRO B 242 28.97 -21.53 28.06
CA PRO B 242 29.58 -21.60 26.74
C PRO B 242 28.67 -22.15 25.67
N ASP B 243 27.65 -22.92 26.05
CA ASP B 243 26.76 -23.54 25.09
C ASP B 243 25.52 -22.71 24.81
N ASN B 244 25.48 -21.45 25.26
CA ASN B 244 24.20 -20.77 25.28
C ASN B 244 23.67 -20.51 23.88
N ILE B 245 24.52 -20.02 22.98
CA ILE B 245 24.06 -19.84 21.61
C ILE B 245 23.84 -21.17 20.93
N LYS B 246 24.71 -22.15 21.19
CA LYS B 246 24.56 -23.46 20.57
C LYS B 246 23.25 -24.12 20.98
N ASP B 247 22.86 -23.97 22.24
CA ASP B 247 21.64 -24.58 22.73
C ASP B 247 20.39 -23.90 22.21
N PHE B 248 20.51 -22.74 21.57
CA PHE B 248 19.33 -22.02 21.12
C PHE B 248 18.70 -22.71 19.95
N PHE B 249 19.47 -23.49 19.22
CA PHE B 249 18.97 -24.11 18.02
C PHE B 249 18.32 -25.46 18.33
N ASP B 250 17.45 -25.86 17.43
CA ASP B 250 16.78 -27.14 17.47
C ASP B 250 17.48 -28.06 16.48
N ALA B 251 16.82 -29.15 16.15
CA ALA B 251 17.21 -29.94 14.99
C ALA B 251 16.21 -29.65 13.90
N GLY B 252 16.69 -29.20 12.76
CA GLY B 252 15.82 -29.12 11.61
C GLY B 252 15.31 -30.48 11.25
N PHE B 253 14.08 -30.54 10.76
CA PHE B 253 13.52 -31.78 10.26
C PHE B 253 12.94 -31.54 8.88
N ARG B 254 13.09 -32.52 8.00
CA ARG B 254 12.60 -32.43 6.63
C ARG B 254 12.12 -33.81 6.21
N TYR B 255 10.91 -33.88 5.65
CA TYR B 255 10.36 -35.14 5.13
C TYR B 255 9.98 -34.97 3.68
N SER B 256 10.37 -35.92 2.85
CA SER B 256 10.13 -35.85 1.41
C SER B 256 9.42 -37.10 0.94
N ASN B 257 8.59 -36.92 -0.08
CA ASN B 257 7.86 -38.02 -0.73
C ASN B 257 7.90 -37.79 -2.23
N SER B 258 8.39 -38.76 -2.98
CA SER B 258 8.45 -38.64 -4.42
C SER B 258 7.93 -39.91 -5.08
N LEU B 259 7.09 -39.75 -6.11
CA LEU B 259 6.48 -40.84 -6.83
C LEU B 259 6.69 -40.63 -8.33
N SER B 260 6.69 -41.72 -9.10
CA SER B 260 6.73 -41.57 -10.55
C SER B 260 6.06 -42.76 -11.22
N PHE B 261 5.48 -42.53 -12.40
CA PHE B 261 4.74 -43.53 -13.16
C PHE B 261 5.21 -43.52 -14.60
N ASN B 262 5.45 -44.70 -15.15
CA ASN B 262 6.28 -44.87 -16.33
C ASN B 262 5.75 -46.00 -17.18
N GLY B 263 6.03 -45.94 -18.47
CA GLY B 263 5.62 -46.98 -19.39
C GLY B 263 5.90 -46.53 -20.79
N ALA B 264 5.90 -47.49 -21.72
CA ALA B 264 6.16 -47.11 -23.09
C ALA B 264 5.74 -48.23 -24.02
N THR B 265 5.70 -47.89 -25.31
CA THR B 265 5.44 -48.85 -26.36
C THR B 265 6.49 -48.65 -27.43
N ASP B 266 6.35 -49.30 -28.57
CA ASP B 266 7.33 -49.07 -29.61
C ASP B 266 7.04 -47.81 -30.39
N LYS B 267 5.94 -47.13 -30.07
CA LYS B 267 5.58 -45.88 -30.73
C LYS B 267 5.31 -44.74 -29.77
N SER B 268 5.46 -44.94 -28.46
CA SER B 268 4.98 -43.95 -27.52
C SER B 268 5.61 -44.20 -26.16
N ASP B 269 5.69 -43.13 -25.37
CA ASP B 269 6.14 -43.26 -23.98
C ASP B 269 5.40 -42.25 -23.13
N TYR B 270 5.43 -42.46 -21.82
CA TYR B 270 4.63 -41.65 -20.91
C TYR B 270 5.27 -41.66 -19.54
N TYR B 271 5.55 -40.48 -18.99
CA TYR B 271 6.12 -40.33 -17.66
C TYR B 271 5.29 -39.32 -16.89
N VAL B 272 5.01 -39.63 -15.62
CA VAL B 272 4.23 -38.74 -14.74
C VAL B 272 4.77 -38.87 -13.33
N SER B 273 5.09 -37.75 -12.70
CA SER B 273 5.80 -37.74 -11.43
C SER B 273 5.21 -36.69 -10.48
N PHE B 274 5.58 -36.82 -9.21
CA PHE B 274 5.13 -35.93 -8.16
C PHE B 274 6.19 -35.91 -7.08
N SER B 275 6.48 -34.72 -6.54
CA SER B 275 7.45 -34.61 -5.47
C SER B 275 6.92 -33.70 -4.39
N GLN B 276 7.29 -34.00 -3.15
CA GLN B 276 6.82 -33.24 -2.00
C GLN B 276 7.96 -33.12 -1.03
N ILE B 277 8.14 -31.92 -0.48
CA ILE B 277 9.23 -31.57 0.43
C ILE B 277 8.69 -30.59 1.46
N SER B 278 9.03 -30.81 2.72
CA SER B 278 8.55 -29.95 3.79
C SER B 278 9.63 -29.78 4.84
N ASP B 279 10.28 -28.65 4.83
CA ASP B 279 11.43 -28.39 5.68
C ASP B 279 11.06 -27.41 6.78
N ASP B 280 11.39 -27.74 8.02
CA ASP B 280 11.34 -26.81 9.13
C ASP B 280 12.71 -26.89 9.79
N GLY B 281 13.57 -25.90 9.49
CA GLY B 281 14.98 -25.97 9.79
C GLY B 281 15.30 -25.77 11.27
N MET B 282 16.58 -25.54 11.53
CA MET B 282 17.08 -25.64 12.89
C MET B 282 16.80 -24.42 13.75
N ILE B 283 16.48 -23.28 13.17
CA ILE B 283 16.13 -22.13 14.00
C ILE B 283 14.77 -22.40 14.63
N PRO B 284 14.59 -22.14 15.94
CA PRO B 284 13.32 -22.48 16.60
C PRO B 284 12.09 -21.87 15.96
N THR B 285 10.93 -22.40 16.30
CA THR B 285 9.65 -22.10 15.64
C THR B 285 9.67 -22.47 14.16
N ASP B 286 8.63 -22.05 13.44
CA ASP B 286 8.41 -22.45 12.05
C ASP B 286 8.83 -21.39 11.07
N ALA B 287 9.78 -20.53 11.43
CA ALA B 287 10.19 -19.46 10.54
C ALA B 287 11.08 -19.96 9.41
N ASP B 288 11.85 -21.04 9.62
CA ASP B 288 12.60 -21.71 8.54
C ASP B 288 11.67 -22.71 7.91
N SER B 289 10.95 -22.30 6.91
CA SER B 289 10.05 -23.26 6.29
C SER B 289 10.20 -23.22 4.79
N TYR B 290 10.08 -24.39 4.19
CA TYR B 290 10.07 -24.51 2.75
C TYR B 290 9.22 -25.73 2.48
N ASP B 291 8.15 -25.53 1.72
CA ASP B 291 7.35 -26.61 1.20
C ASP B 291 7.49 -26.57 -0.31
N LYS B 292 7.95 -27.66 -0.89
CA LYS B 292 8.03 -27.78 -2.34
C LYS B 292 7.04 -28.85 -2.77
N TYR B 293 6.29 -28.57 -3.83
CA TYR B 293 5.42 -29.55 -4.49
C TYR B 293 5.61 -29.40 -5.99
N THR B 294 5.82 -30.50 -6.68
CA THR B 294 5.85 -30.47 -8.15
C THR B 294 4.95 -31.56 -8.69
N PHE B 295 4.53 -31.38 -9.94
CA PHE B 295 3.81 -32.38 -10.70
C PHE B 295 4.26 -32.28 -12.13
N SER B 296 4.50 -33.40 -12.79
CA SER B 296 4.95 -33.42 -14.17
C SER B 296 4.26 -34.51 -14.96
N ALA B 297 4.14 -34.29 -16.26
CA ALA B 297 3.53 -35.26 -17.16
C ALA B 297 4.18 -35.07 -18.50
N ARG B 298 4.84 -36.10 -19.02
CA ARG B 298 5.60 -35.99 -20.24
C ARG B 298 5.25 -37.16 -21.12
N GLY B 299 4.99 -36.88 -22.38
CA GLY B 299 4.63 -37.92 -23.32
C GLY B 299 5.16 -37.61 -24.70
N SER B 300 5.28 -38.67 -25.49
CA SER B 300 5.70 -38.62 -26.87
C SER B 300 4.97 -39.75 -27.60
N HIS B 301 4.52 -39.46 -28.82
CA HIS B 301 3.84 -40.46 -29.64
C HIS B 301 4.34 -40.31 -31.06
N LYS B 302 4.67 -41.42 -31.70
CA LYS B 302 5.17 -41.43 -33.06
C LYS B 302 4.14 -42.11 -33.95
N ALA B 303 3.86 -41.50 -35.09
CA ALA B 303 2.92 -42.03 -36.05
C ALA B 303 3.53 -41.74 -37.42
N GLY B 304 4.35 -42.66 -37.89
CA GLY B 304 4.94 -42.47 -39.19
C GLY B 304 6.17 -41.62 -39.09
N ALA B 305 6.32 -40.67 -40.01
CA ALA B 305 7.43 -39.74 -39.94
C ALA B 305 7.21 -38.66 -38.88
N LEU B 306 5.99 -38.50 -38.40
CA LEU B 306 5.66 -37.43 -37.47
C LEU B 306 5.84 -37.88 -36.04
N THR B 307 6.40 -37.01 -35.22
CA THR B 307 6.49 -37.23 -33.78
C THR B 307 6.04 -35.97 -33.07
N PHE B 308 5.04 -36.10 -32.20
CA PHE B 308 4.58 -35.00 -31.39
C PHE B 308 4.75 -35.39 -29.92
N SER B 309 5.45 -34.56 -29.17
CA SER B 309 5.67 -34.80 -27.76
C SER B 309 5.32 -33.54 -26.98
N SER B 310 5.16 -33.70 -25.68
CA SER B 310 4.75 -32.57 -24.88
C SER B 310 5.08 -32.82 -23.42
N SER B 311 5.51 -31.76 -22.74
CA SER B 311 5.89 -31.79 -21.34
C SER B 311 5.20 -30.63 -20.65
N LEU B 312 4.57 -30.89 -19.50
CA LEU B 312 3.89 -29.84 -18.74
C LEU B 312 4.13 -30.05 -17.25
N ASN B 313 4.58 -29.00 -16.58
CA ASN B 313 5.03 -29.09 -15.20
C ASN B 313 4.44 -27.96 -14.39
N TYR B 314 4.04 -28.26 -13.16
CA TYR B 314 3.55 -27.28 -12.21
C TYR B 314 4.43 -27.35 -10.97
N ALA B 315 4.77 -26.19 -10.41
CA ALA B 315 5.62 -26.10 -9.24
C ALA B 315 4.97 -25.17 -8.22
N TYR B 316 4.95 -25.61 -6.97
CA TYR B 316 4.50 -24.81 -5.85
C TYR B 316 5.64 -24.63 -4.87
N GLN B 317 5.66 -23.50 -4.19
CA GLN B 317 6.55 -23.38 -3.04
C GLN B 317 5.95 -22.43 -2.02
N LYS B 318 6.18 -22.72 -0.75
CA LYS B 318 5.90 -21.78 0.32
C LYS B 318 7.16 -21.64 1.15
N ASN B 319 7.82 -20.50 1.01
CA ASN B 319 8.96 -20.16 1.85
C ASN B 319 8.53 -19.27 3.00
N ASN B 320 9.11 -19.53 4.16
CA ASN B 320 9.12 -18.63 5.29
C ASN B 320 10.57 -18.46 5.71
N PHE B 321 10.94 -17.25 6.08
CA PHE B 321 12.35 -16.95 6.28
C PHE B 321 12.53 -16.26 7.63
N ALA B 322 13.61 -16.59 8.32
CA ALA B 322 13.99 -15.88 9.53
C ALA B 322 14.88 -14.72 9.09
N THR B 323 14.29 -13.55 9.00
CA THR B 323 14.91 -12.37 8.40
C THR B 323 16.23 -12.01 9.08
N THR B 324 17.22 -11.59 8.28
CA THR B 324 18.50 -11.17 8.81
C THR B 324 18.67 -9.67 8.64
N GLY B 325 19.62 -9.11 9.36
CA GLY B 325 19.91 -7.69 9.25
C GLY B 325 20.46 -7.11 10.55
N GLN B 326 20.72 -5.81 10.50
CA GLN B 326 21.34 -5.12 11.61
C GLN B 326 20.34 -4.59 12.63
N GLY B 327 19.06 -4.74 12.39
CA GLY B 327 18.06 -4.19 13.27
C GLY B 327 17.48 -5.21 14.21
N LEU B 328 16.17 -5.18 14.38
CA LEU B 328 15.49 -6.13 15.26
C LEU B 328 15.26 -7.44 14.50
N SER B 329 16.34 -8.14 14.25
CA SER B 329 16.29 -9.46 13.64
C SER B 329 16.79 -10.48 14.64
N MET B 330 16.64 -11.75 14.29
CA MET B 330 16.85 -12.85 15.23
C MET B 330 18.32 -13.04 15.52
N LEU B 331 19.13 -13.22 14.47
CA LEU B 331 20.53 -13.55 14.67
C LEU B 331 21.32 -12.37 15.20
N ASN B 332 21.08 -11.18 14.66
CA ASN B 332 21.69 -9.99 15.21
C ASN B 332 21.35 -9.81 16.67
N SER B 333 20.12 -10.12 17.04
CA SER B 333 19.74 -10.04 18.44
C SER B 333 20.41 -11.15 19.24
N LEU B 334 20.74 -12.26 18.58
CA LEU B 334 21.22 -13.45 19.27
C LEU B 334 22.71 -13.36 19.56
N TYR B 335 23.49 -12.90 18.59
CA TYR B 335 24.91 -12.66 18.80
C TYR B 335 25.17 -11.61 19.86
N GLN B 336 24.23 -10.69 20.07
CA GLN B 336 24.41 -9.62 21.05
C GLN B 336 23.90 -10.07 22.41
N THR B 337 24.56 -11.09 22.92
CA THR B 337 24.25 -11.68 24.21
C THR B 337 25.52 -11.79 25.02
N PRO B 338 25.47 -11.48 26.30
CA PRO B 338 26.64 -11.71 27.15
C PRO B 338 26.93 -13.20 27.26
N ARG B 339 28.21 -13.53 27.44
CA ARG B 339 28.60 -14.92 27.54
C ARG B 339 28.02 -15.60 28.76
N ASP B 340 27.47 -14.88 29.72
CA ASP B 340 26.98 -15.50 30.93
C ASP B 340 25.47 -15.68 30.95
N ILE B 341 24.76 -15.17 29.96
CA ILE B 341 23.31 -15.10 29.97
C ILE B 341 22.74 -16.34 29.30
N SER B 342 21.72 -16.93 29.92
CA SER B 342 21.08 -18.12 29.38
C SER B 342 20.06 -17.73 28.33
N ILE B 343 20.35 -18.04 27.07
CA ILE B 343 19.44 -17.69 25.98
C ILE B 343 18.17 -18.52 26.03
N ILE B 344 18.28 -19.83 26.18
CA ILE B 344 17.07 -20.65 26.17
C ILE B 344 16.21 -20.36 27.39
N GLY B 345 16.75 -19.64 28.35
CA GLY B 345 15.90 -19.19 29.44
C GLY B 345 15.06 -17.98 29.14
N LEU B 346 15.09 -17.50 27.91
CA LEU B 346 14.34 -16.32 27.51
C LEU B 346 13.06 -16.64 26.74
N GLU B 347 12.76 -17.91 26.46
CA GLU B 347 11.67 -18.25 25.56
C GLU B 347 10.32 -18.19 26.24
N ASP B 348 10.26 -18.50 27.53
CA ASP B 348 9.02 -18.46 28.30
C ASP B 348 8.52 -17.02 28.41
N GLN B 349 7.44 -16.70 27.70
CA GLN B 349 6.88 -15.36 27.78
C GLN B 349 6.02 -15.15 29.01
N ASN B 350 5.67 -16.20 29.75
CA ASN B 350 4.96 -15.98 30.99
C ASN B 350 5.88 -15.59 32.11
N ASP B 351 7.17 -15.50 31.83
CA ASP B 351 8.16 -14.91 32.71
C ASP B 351 8.26 -13.42 32.36
N PRO B 352 7.73 -12.55 33.21
CA PRO B 352 7.70 -11.13 32.86
C PRO B 352 9.02 -10.60 32.37
N PHE B 353 10.12 -11.06 32.97
CA PHE B 353 11.44 -10.57 32.59
C PHE B 353 11.80 -10.86 31.15
N ASN B 354 11.03 -11.68 30.43
CA ASN B 354 11.30 -11.93 29.03
C ASN B 354 10.39 -11.17 28.10
N THR B 355 9.36 -10.54 28.65
CA THR B 355 8.45 -9.75 27.85
C THR B 355 9.22 -8.59 27.26
N PRO B 356 8.82 -8.08 26.09
CA PRO B 356 9.67 -7.10 25.39
C PRO B 356 10.00 -5.88 26.20
N GLY B 357 9.14 -5.51 27.15
CA GLY B 357 9.40 -4.33 27.95
C GLY B 357 10.38 -4.54 29.06
N TYR B 358 10.62 -5.78 29.46
CA TYR B 358 11.57 -6.03 30.53
C TYR B 358 12.70 -6.96 30.10
N TYR B 359 12.95 -7.06 28.81
CA TYR B 359 14.06 -7.87 28.30
C TYR B 359 15.38 -7.36 28.86
N TYR B 360 16.35 -8.27 29.03
CA TYR B 360 17.51 -7.92 29.84
C TYR B 360 18.36 -6.84 29.22
N THR B 361 18.22 -6.56 27.92
CA THR B 361 19.05 -5.53 27.33
C THR B 361 18.27 -4.68 26.33
N PRO B 362 18.44 -3.37 26.38
CA PRO B 362 17.62 -2.50 25.54
C PRO B 362 18.39 -1.90 24.41
N TYR B 363 19.49 -2.52 24.00
CA TYR B 363 20.44 -1.88 23.10
C TYR B 363 20.27 -2.38 21.68
N GLY B 364 19.21 -1.93 21.04
CA GLY B 364 19.08 -2.17 19.61
C GLY B 364 18.75 -3.59 19.24
N VAL B 365 18.34 -4.41 20.19
CA VAL B 365 18.04 -5.81 19.96
C VAL B 365 16.81 -6.17 20.78
N MET B 366 16.25 -7.35 20.49
CA MET B 366 15.04 -7.83 21.13
C MET B 366 15.15 -9.32 21.41
N ASN B 367 14.24 -9.80 22.24
CA ASN B 367 14.17 -11.21 22.58
C ASN B 367 14.04 -12.05 21.32
N PRO B 368 14.98 -12.93 21.03
CA PRO B 368 14.95 -13.64 19.74
C PRO B 368 13.73 -14.49 19.58
N TYR B 369 13.18 -15.03 20.66
CA TYR B 369 11.99 -15.85 20.52
C TYR B 369 10.76 -14.99 20.23
N TYR B 370 10.76 -13.73 20.68
CA TYR B 370 9.70 -12.82 20.28
C TYR B 370 9.76 -12.57 18.78
N ILE B 371 10.94 -12.24 18.27
CA ILE B 371 11.05 -11.88 16.86
C ILE B 371 10.59 -13.03 15.97
N LEU B 372 10.95 -14.26 16.33
CA LEU B 372 10.59 -15.42 15.52
C LEU B 372 9.11 -15.75 15.63
N ASN B 373 8.53 -15.54 16.81
CA ASN B 373 7.13 -15.83 17.04
C ASN B 373 6.18 -14.72 16.60
N ASN B 374 6.67 -13.52 16.28
CA ASN B 374 5.78 -12.39 16.04
C ASN B 374 6.05 -11.62 14.76
N TYR B 375 7.08 -11.95 14.01
CA TYR B 375 7.33 -11.29 12.74
C TYR B 375 6.94 -12.20 11.62
N LEU B 376 6.88 -11.65 10.42
CA LEU B 376 6.36 -12.38 9.29
C LEU B 376 7.15 -12.04 8.05
N ASN B 377 7.54 -13.06 7.29
CA ASN B 377 8.17 -12.86 5.99
C ASN B 377 7.94 -14.14 5.18
N GLU B 378 6.76 -14.23 4.58
CA GLU B 378 6.32 -15.43 3.90
C GLU B 378 6.34 -15.22 2.39
N TYR B 379 6.50 -16.29 1.65
CA TYR B 379 6.45 -16.25 0.20
C TYR B 379 5.72 -17.51 -0.27
N GLU B 380 4.77 -17.32 -1.17
CA GLU B 380 4.08 -18.42 -1.82
C GLU B 380 4.16 -18.20 -3.32
N SER B 381 4.44 -19.25 -4.07
CA SER B 381 4.65 -19.12 -5.51
C SER B 381 3.95 -20.25 -6.23
N GLU B 382 3.40 -19.96 -7.39
CA GLU B 382 2.80 -20.95 -8.26
C GLU B 382 3.40 -20.79 -9.65
N ARG B 383 3.72 -21.90 -10.31
CA ARG B 383 4.50 -21.82 -11.53
C ARG B 383 4.11 -22.94 -12.49
N PHE B 384 3.89 -22.59 -13.74
CA PHE B 384 3.60 -23.56 -14.78
C PHE B 384 4.59 -23.37 -15.93
N TYR B 385 5.22 -24.46 -16.36
CA TYR B 385 6.07 -24.39 -17.53
C TYR B 385 5.91 -25.65 -18.34
N GLY B 386 6.28 -25.59 -19.61
CA GLY B 386 6.25 -26.79 -20.42
C GLY B 386 6.71 -26.55 -21.84
N LYS B 387 6.54 -27.56 -22.68
CA LYS B 387 6.92 -27.42 -24.07
C LYS B 387 6.05 -28.30 -24.95
N PHE B 388 6.04 -27.97 -26.24
CA PHE B 388 5.46 -28.78 -27.30
C PHE B 388 6.48 -28.89 -28.41
N GLN B 389 6.71 -30.10 -28.89
CA GLN B 389 7.64 -30.30 -29.98
C GLN B 389 6.99 -31.16 -31.04
N LEU B 390 7.17 -30.76 -32.29
CA LEU B 390 6.68 -31.50 -33.45
C LEU B 390 7.88 -31.82 -34.32
N ASP B 391 8.22 -33.10 -34.41
CA ASP B 391 9.28 -33.56 -35.28
C ASP B 391 8.68 -34.24 -36.49
N TYR B 392 9.23 -33.96 -37.66
CA TYR B 392 8.74 -34.58 -38.89
C TYR B 392 9.92 -34.83 -39.83
N GLU B 393 10.22 -36.10 -40.06
CA GLU B 393 11.31 -36.49 -40.96
C GLU B 393 10.78 -36.63 -42.38
N PHE B 394 11.55 -36.12 -43.34
CA PHE B 394 11.10 -36.16 -44.74
C PHE B 394 12.29 -36.24 -45.68
N LEU B 395 12.08 -36.92 -46.80
CA LEU B 395 13.08 -37.06 -47.86
C LEU B 395 14.40 -37.62 -47.36
N LYS B 396 14.31 -38.73 -46.63
CA LYS B 396 15.46 -39.55 -46.28
C LYS B 396 16.36 -38.87 -45.26
N TYR B 397 16.80 -37.65 -45.54
CA TYR B 397 17.88 -37.03 -44.77
C TYR B 397 17.48 -35.76 -44.03
N PHE B 398 16.24 -35.32 -44.10
CA PHE B 398 15.81 -34.09 -43.43
C PHE B 398 14.85 -34.37 -42.29
N LYS B 399 14.71 -33.37 -41.43
CA LYS B 399 13.85 -33.46 -40.25
C LYS B 399 13.42 -32.06 -39.89
N PHE B 400 12.11 -31.80 -39.86
CA PHE B 400 11.58 -30.53 -39.40
C PHE B 400 11.26 -30.61 -37.92
N THR B 401 11.58 -29.55 -37.18
CA THR B 401 11.29 -29.51 -35.77
C THR B 401 10.72 -28.15 -35.39
N TYR B 402 9.54 -28.16 -34.79
CA TYR B 402 8.97 -26.99 -34.13
C TYR B 402 8.91 -27.26 -32.65
N ARG B 403 9.47 -26.35 -31.87
CA ARG B 403 9.46 -26.47 -30.41
C ARG B 403 9.08 -25.13 -29.83
N MET B 404 8.21 -25.16 -28.82
CA MET B 404 7.67 -23.95 -28.22
C MET B 404 7.65 -24.14 -26.71
N GLY B 405 8.16 -23.17 -25.99
CA GLY B 405 8.19 -23.24 -24.54
C GLY B 405 7.41 -22.09 -23.93
N LEU B 406 6.80 -22.37 -22.78
CA LEU B 406 6.10 -21.38 -21.99
C LEU B 406 6.46 -21.59 -20.54
N ASP B 407 6.78 -20.52 -19.83
CA ASP B 407 7.09 -20.56 -18.41
C ASP B 407 6.49 -19.32 -17.76
N THR B 408 5.59 -19.52 -16.81
CA THR B 408 4.87 -18.43 -16.16
C THR B 408 4.80 -18.71 -14.66
N THR B 409 4.89 -17.63 -13.88
CA THR B 409 4.98 -17.75 -12.44
C THR B 409 4.25 -16.59 -11.79
N THR B 410 3.54 -16.90 -10.72
CA THR B 410 2.86 -15.92 -9.90
C THR B 410 3.37 -16.11 -8.48
N GLY B 411 4.08 -15.13 -7.95
CA GLY B 411 4.61 -15.21 -6.60
C GLY B 411 4.03 -14.06 -5.79
N GLN B 412 3.91 -14.29 -4.49
CA GLN B 412 3.24 -13.35 -3.61
C GLN B 412 3.90 -13.30 -2.25
N SER B 413 4.53 -12.17 -1.93
CA SER B 413 5.22 -11.97 -0.67
C SER B 413 4.31 -11.35 0.38
N ASP B 414 4.55 -11.66 1.63
CA ASP B 414 3.80 -11.06 2.73
C ASP B 414 4.73 -10.89 3.93
N LYS B 415 5.12 -9.65 4.22
CA LYS B 415 6.00 -9.36 5.35
C LYS B 415 5.31 -8.43 6.33
N GLY B 416 5.53 -8.64 7.62
CA GLY B 416 4.93 -7.79 8.63
C GLY B 416 5.70 -7.82 9.93
N LYS B 417 5.59 -6.74 10.69
CA LYS B 417 6.19 -6.62 12.01
C LYS B 417 5.29 -5.79 12.90
N PRO B 418 5.26 -6.07 14.20
CA PRO B 418 4.25 -5.46 15.07
C PRO B 418 4.53 -4.00 15.36
N ASN B 419 3.50 -3.34 15.85
CA ASN B 419 3.61 -2.01 16.41
C ASN B 419 4.20 -2.16 17.80
N LEU B 420 5.52 -2.32 17.82
CA LEU B 420 6.21 -2.50 19.08
C LEU B 420 6.04 -1.28 20.00
N TYR B 421 5.96 -0.08 19.41
CA TYR B 421 5.78 1.12 20.22
C TYR B 421 4.47 1.09 20.97
N ALA B 422 3.37 0.81 20.26
CA ALA B 422 2.07 0.83 20.92
C ALA B 422 2.00 -0.19 22.03
N LEU B 423 2.61 -1.35 21.83
CA LEU B 423 2.43 -2.45 22.78
C LEU B 423 3.29 -2.29 24.01
N TYR B 424 4.51 -1.82 23.87
CA TYR B 424 5.47 -2.01 24.93
C TYR B 424 6.18 -0.75 25.38
N TYR B 425 5.94 0.40 24.75
CA TYR B 425 6.77 1.56 25.05
C TYR B 425 6.38 2.21 26.38
N GLU B 426 5.11 2.51 26.56
CA GLU B 426 4.69 3.25 27.74
C GLU B 426 4.84 2.40 29.00
N GLY B 427 5.61 2.90 29.95
CA GLY B 427 5.60 2.32 31.28
C GLY B 427 6.65 1.26 31.55
N THR B 428 7.43 0.90 30.58
CA THR B 428 8.43 -0.14 30.75
C THR B 428 9.82 0.45 30.64
N PRO B 429 10.84 -0.23 31.17
CA PRO B 429 12.20 0.30 31.06
C PRO B 429 12.71 0.37 29.64
N ASN B 430 12.20 -0.45 28.73
CA ASN B 430 12.89 -0.66 27.48
C ASN B 430 12.52 0.05 26.17
N GLY B 431 11.44 0.82 26.04
CA GLY B 431 10.60 1.35 27.09
C GLY B 431 10.65 2.86 27.10
N GLU B 432 9.67 3.45 27.77
CA GLU B 432 9.74 4.87 28.11
C GLU B 432 11.03 5.18 28.86
N GLY B 433 11.51 4.24 29.67
CA GLY B 433 12.74 4.38 30.41
C GLY B 433 13.97 4.56 29.55
N GLN B 434 13.87 4.31 28.25
CA GLN B 434 14.96 4.59 27.33
C GLN B 434 14.74 5.84 26.48
N GLY B 435 13.54 6.41 26.49
CA GLY B 435 13.32 7.61 25.72
C GLY B 435 13.52 7.39 24.23
N SER B 436 14.31 8.27 23.61
CA SER B 436 14.50 8.16 22.18
C SER B 436 15.40 7.01 21.82
N SER B 437 16.10 6.43 22.78
CA SER B 437 17.00 5.32 22.54
C SER B 437 16.33 3.97 22.78
N SER B 438 15.03 3.89 22.67
CA SER B 438 14.34 2.63 22.90
C SER B 438 14.22 1.85 21.61
N PRO B 439 14.40 0.53 21.65
CA PRO B 439 14.27 -0.27 20.42
C PRO B 439 12.89 -0.20 19.83
N PHE B 440 11.93 0.39 20.51
CA PHE B 440 10.56 0.51 20.01
C PHE B 440 10.29 1.81 19.26
N SER B 441 11.31 2.62 18.99
CA SER B 441 11.07 3.85 18.25
C SER B 441 11.83 3.92 16.93
N GLY B 442 11.13 4.20 15.84
CA GLY B 442 9.70 4.33 15.84
C GLY B 442 9.18 3.07 15.19
N GLU B 443 9.13 2.00 15.96
CA GLU B 443 8.69 0.73 15.46
C GLU B 443 7.19 0.68 15.66
N THR B 444 6.45 1.17 14.66
CA THR B 444 5.02 1.35 14.76
C THR B 444 4.25 0.33 13.94
N GLY B 445 4.90 -0.71 13.49
CA GLY B 445 4.27 -1.71 12.66
C GLY B 445 4.41 -1.42 11.19
N GLN B 446 4.32 -2.48 10.40
CA GLN B 446 4.40 -2.36 8.96
C GLN B 446 3.92 -3.66 8.36
N TYR B 447 3.29 -3.57 7.20
CA TYR B 447 2.80 -4.76 6.51
C TYR B 447 2.79 -4.48 5.03
N SER B 448 3.44 -5.34 4.26
CA SER B 448 3.44 -5.18 2.81
C SER B 448 3.08 -6.51 2.16
N GLU B 449 2.65 -6.41 0.92
CA GLU B 449 2.32 -7.56 0.10
C GLU B 449 2.70 -7.22 -1.33
N GLN B 450 3.25 -8.18 -2.04
CA GLN B 450 3.64 -7.99 -3.42
C GLN B 450 3.26 -9.23 -4.21
N ILE B 451 2.78 -9.04 -5.42
CA ILE B 451 2.42 -10.15 -6.29
C ILE B 451 3.22 -9.97 -7.56
N THR B 452 4.11 -10.90 -7.83
CA THR B 452 4.92 -10.83 -9.02
C THR B 452 4.34 -11.76 -10.06
N ARG B 453 4.47 -11.37 -11.32
CA ARG B 453 4.00 -12.19 -12.44
C ARG B 453 5.12 -12.19 -13.47
N ARG B 454 5.68 -13.38 -13.72
CA ARG B 454 6.74 -13.59 -14.68
C ARG B 454 6.23 -14.42 -15.83
N ARG B 455 6.77 -14.18 -17.01
CA ARG B 455 6.33 -14.95 -18.16
C ARG B 455 7.35 -14.88 -19.30
N GLU B 456 7.79 -16.03 -19.78
CA GLU B 456 8.70 -16.09 -20.90
C GLU B 456 8.15 -17.04 -21.95
N ILE B 457 8.40 -16.74 -23.21
CA ILE B 457 7.95 -17.60 -24.29
C ILE B 457 9.08 -17.76 -25.27
N ASN B 458 9.34 -18.99 -25.67
CA ASN B 458 10.42 -19.30 -26.60
C ASN B 458 9.91 -20.16 -27.72
N GLN B 459 10.25 -19.81 -28.94
CA GLN B 459 9.81 -20.57 -30.09
C GLN B 459 10.98 -20.81 -31.01
N ASP B 460 11.14 -22.07 -31.42
CA ASP B 460 12.19 -22.45 -32.34
C ASP B 460 11.58 -23.18 -33.51
N ILE B 461 11.96 -22.79 -34.72
CA ILE B 461 11.65 -23.50 -35.94
C ILE B 461 12.97 -23.87 -36.59
N MET B 462 13.16 -25.14 -36.90
CA MET B 462 14.45 -25.63 -37.36
C MET B 462 14.27 -26.60 -38.52
N VAL B 463 15.34 -26.78 -39.28
CA VAL B 463 15.42 -27.83 -40.28
C VAL B 463 16.80 -28.46 -40.22
N ASN B 464 16.84 -29.78 -40.07
CA ASN B 464 18.09 -30.51 -39.98
C ASN B 464 18.29 -31.35 -41.23
N PHE B 465 19.56 -31.52 -41.59
CA PHE B 465 19.94 -32.30 -42.77
C PHE B 465 21.14 -33.15 -42.42
N ASN B 466 21.00 -34.46 -42.53
CA ASN B 466 22.07 -35.39 -42.13
C ASN B 466 22.24 -36.47 -43.18
N MET B 467 23.42 -36.49 -43.82
CA MET B 467 23.65 -37.42 -44.91
C MET B 467 25.10 -37.86 -44.99
N PRO B 468 25.38 -39.16 -44.96
CA PRO B 468 26.75 -39.63 -45.15
C PRO B 468 27.14 -39.73 -46.61
N VAL B 469 28.37 -39.33 -46.91
CA VAL B 469 28.98 -39.53 -48.23
C VAL B 469 30.39 -40.07 -48.04
N ASN B 470 30.76 -41.07 -48.83
CA ASN B 470 32.11 -41.64 -48.94
C ASN B 470 32.97 -41.48 -47.69
N ASP B 471 32.49 -41.99 -46.55
CA ASP B 471 33.15 -41.91 -45.24
C ASP B 471 32.90 -40.58 -44.56
N PHE B 472 32.70 -39.52 -45.34
CA PHE B 472 32.35 -38.25 -44.73
C PHE B 472 30.97 -38.33 -44.10
N ASN B 473 30.62 -37.27 -43.37
CA ASN B 473 29.26 -37.14 -42.86
C ASN B 473 28.96 -35.66 -42.74
N ILE B 474 27.77 -35.28 -43.16
CA ILE B 474 27.33 -33.89 -43.18
C ILE B 474 26.10 -33.78 -42.29
N ASN B 475 26.11 -32.79 -41.40
CA ASN B 475 24.92 -32.48 -40.61
C ASN B 475 24.74 -30.97 -40.57
N ALA B 476 23.72 -30.48 -41.25
CA ALA B 476 23.38 -29.06 -41.28
C ALA B 476 22.13 -28.82 -40.45
N LEU B 477 22.04 -27.61 -39.88
CA LEU B 477 20.89 -27.20 -39.10
C LEU B 477 20.67 -25.72 -39.35
N VAL B 478 19.47 -25.37 -39.82
CA VAL B 478 19.04 -23.99 -40.01
C VAL B 478 17.82 -23.74 -39.14
N GLY B 479 17.81 -22.62 -38.42
CA GLY B 479 16.78 -22.38 -37.42
C GLY B 479 16.37 -20.93 -37.28
N PHE B 480 15.32 -20.74 -36.51
CA PHE B 480 14.80 -19.43 -36.14
C PHE B 480 14.50 -19.46 -34.65
N ASN B 481 14.79 -18.36 -33.97
CA ASN B 481 14.47 -18.25 -32.55
C ASN B 481 13.60 -17.01 -32.32
N GLY B 482 12.66 -17.12 -31.38
CA GLY B 482 11.87 -15.99 -30.98
C GLY B 482 11.62 -16.02 -29.49
N ASN B 483 12.01 -14.96 -28.80
CA ASN B 483 12.00 -14.92 -27.35
C ASN B 483 11.18 -13.73 -26.86
N GLU B 484 10.47 -13.91 -25.76
CA GLU B 484 9.67 -12.85 -25.16
C GLU B 484 9.68 -13.06 -23.66
N ARG B 485 10.24 -12.14 -22.90
CA ARG B 485 10.33 -12.27 -21.46
C ARG B 485 9.63 -11.07 -20.81
N LYS B 486 8.80 -11.33 -19.83
CA LYS B 486 7.99 -10.29 -19.21
C LYS B 486 7.93 -10.51 -17.72
N VAL B 487 8.09 -9.45 -16.96
CA VAL B 487 7.89 -9.51 -15.52
C VAL B 487 7.08 -8.29 -15.14
N SER B 488 6.19 -8.44 -14.18
CA SER B 488 5.49 -7.31 -13.61
C SER B 488 5.18 -7.66 -12.16
N TYR B 489 4.91 -6.64 -11.36
CA TYR B 489 4.46 -6.88 -10.00
C TYR B 489 3.60 -5.73 -9.54
N GLN B 490 3.00 -5.91 -8.38
CA GLN B 490 2.17 -4.91 -7.74
C GLN B 490 2.47 -4.92 -6.26
N TYR B 491 2.97 -3.81 -5.75
CA TYR B 491 3.37 -3.73 -4.36
C TYR B 491 2.44 -2.80 -3.59
N SER B 492 2.26 -3.07 -2.31
CA SER B 492 1.45 -2.18 -1.51
C SER B 492 1.80 -2.37 -0.03
N GLU B 493 1.97 -1.26 0.68
CA GLU B 493 2.55 -1.22 2.02
C GLU B 493 1.74 -0.28 2.89
N VAL B 494 1.55 -0.63 4.16
CA VAL B 494 0.97 0.28 5.13
C VAL B 494 1.85 0.30 6.35
N ASN B 495 1.95 1.45 6.98
CA ASN B 495 2.74 1.59 8.19
C ASN B 495 1.85 1.98 9.34
N ASP B 496 2.39 1.87 10.55
CA ASP B 496 1.73 2.39 11.74
C ASP B 496 0.38 1.68 11.93
N LEU B 497 0.45 0.47 12.45
CA LEU B 497 -0.71 -0.41 12.50
C LEU B 497 -1.66 0.02 13.61
N THR B 498 -2.95 0.00 13.31
CA THR B 498 -3.92 0.46 14.31
C THR B 498 -4.07 -0.58 15.43
N ILE B 499 -4.51 -1.78 15.08
CA ILE B 499 -4.42 -2.94 15.96
C ILE B 499 -3.00 -3.47 15.85
N PRO B 500 -2.26 -3.55 16.95
CA PRO B 500 -0.80 -3.72 16.86
C PRO B 500 -0.37 -4.96 16.11
N THR B 501 -1.12 -6.05 16.22
CA THR B 501 -0.68 -7.34 15.73
C THR B 501 -1.28 -7.72 14.39
N TRP B 502 -2.40 -7.14 14.01
CA TRP B 502 -3.07 -7.56 12.78
C TRP B 502 -2.30 -7.04 11.56
N PHE B 503 -2.08 -7.92 10.59
CA PHE B 503 -1.29 -7.58 9.41
C PHE B 503 -2.26 -7.50 8.23
N ASN B 504 -2.80 -6.31 7.98
CA ASN B 504 -3.79 -6.09 6.94
C ASN B 504 -3.72 -4.64 6.47
N LEU B 505 -3.88 -4.44 5.17
CA LEU B 505 -3.85 -3.09 4.60
C LEU B 505 -4.91 -2.17 5.19
N LYS B 506 -5.92 -2.69 5.86
CA LYS B 506 -6.89 -1.85 6.53
C LYS B 506 -6.41 -1.36 7.88
N ASN B 507 -5.32 -1.91 8.41
CA ASN B 507 -4.97 -1.70 9.81
C ASN B 507 -4.10 -0.48 10.02
N SER B 508 -4.32 0.61 9.29
CA SER B 508 -3.49 1.79 9.47
C SER B 508 -4.33 3.03 9.25
N GLY B 509 -4.09 4.04 10.08
CA GLY B 509 -4.74 5.33 9.89
C GLY B 509 -3.86 6.31 9.17
N LYS B 510 -2.92 5.81 8.40
CA LYS B 510 -1.98 6.65 7.68
C LYS B 510 -1.99 6.27 6.21
N THR B 511 -1.32 7.08 5.42
CA THR B 511 -1.32 6.86 3.98
C THR B 511 -0.69 5.52 3.65
N PRO B 512 -1.26 4.76 2.72
CA PRO B 512 -0.58 3.57 2.22
C PRO B 512 0.34 3.90 1.07
N ILE B 513 1.32 3.04 0.88
CA ILE B 513 2.33 3.20 -0.16
C ILE B 513 2.08 2.14 -1.22
N VAL B 514 1.92 2.56 -2.47
CA VAL B 514 1.72 1.63 -3.56
C VAL B 514 2.83 1.81 -4.61
N GLU B 515 3.23 0.69 -5.22
CA GLU B 515 4.19 0.69 -6.33
C GLU B 515 3.81 -0.38 -7.34
N GLN B 516 4.05 -0.08 -8.61
CA GLN B 516 3.71 -0.97 -9.72
C GLN B 516 4.89 -0.98 -10.68
N HIS B 517 5.16 -2.13 -11.29
CA HIS B 517 6.33 -2.25 -12.16
C HIS B 517 6.12 -3.33 -13.22
N MET B 518 6.72 -3.13 -14.39
CA MET B 518 6.62 -4.10 -15.47
C MET B 518 7.76 -3.90 -16.47
N GLU B 519 8.37 -5.00 -16.92
CA GLU B 519 9.36 -4.98 -18.00
C GLU B 519 8.99 -5.96 -19.08
N LEU B 520 9.41 -5.66 -20.31
CA LEU B 520 9.15 -6.53 -21.44
C LEU B 520 10.27 -6.41 -22.46
N ARG B 521 10.75 -7.53 -22.95
CA ARG B 521 11.86 -7.53 -23.89
C ARG B 521 11.65 -8.64 -24.90
N ARG B 522 12.06 -8.39 -26.13
CA ARG B 522 11.87 -9.35 -27.20
C ARG B 522 13.16 -9.52 -27.97
N LEU B 523 13.30 -10.70 -28.55
CA LEU B 523 14.48 -11.04 -29.33
C LEU B 523 14.08 -12.00 -30.42
N MET B 524 14.65 -11.82 -31.59
CA MET B 524 14.51 -12.79 -32.66
C MET B 524 15.89 -13.05 -33.25
N GLY B 525 16.10 -14.29 -33.70
CA GLY B 525 17.35 -14.63 -34.34
C GLY B 525 17.19 -15.71 -35.38
N VAL B 526 18.18 -15.79 -36.26
CA VAL B 526 18.30 -16.90 -37.20
C VAL B 526 19.69 -17.48 -37.03
N PHE B 527 19.81 -18.81 -37.10
CA PHE B 527 21.08 -19.45 -36.82
C PHE B 527 21.30 -20.66 -37.71
N GLY B 528 22.57 -21.01 -37.86
CA GLY B 528 22.95 -22.21 -38.60
C GLY B 528 24.15 -22.87 -37.96
N GLN B 529 24.21 -24.19 -38.08
CA GLN B 529 25.25 -25.00 -37.43
C GLN B 529 25.65 -26.14 -38.35
N PHE B 530 26.85 -26.07 -38.90
CA PHE B 530 27.33 -27.05 -39.86
C PHE B 530 28.29 -28.04 -39.20
N GLU B 531 27.94 -29.32 -39.25
CA GLU B 531 28.75 -30.39 -38.67
C GLU B 531 29.39 -31.21 -39.79
N GLY B 532 30.72 -31.18 -39.85
CA GLY B 532 31.49 -32.00 -40.78
C GLY B 532 32.21 -33.12 -40.04
N SER B 533 32.24 -34.30 -40.65
CA SER B 533 32.74 -35.50 -40.00
C SER B 533 33.46 -36.41 -40.99
N TRP B 534 34.65 -36.87 -40.62
CA TRP B 534 35.43 -37.81 -41.43
C TRP B 534 35.79 -39.05 -40.60
N LYS B 535 35.07 -40.15 -40.84
CA LYS B 535 35.46 -41.47 -40.34
C LYS B 535 35.57 -41.48 -38.82
N ASN B 536 34.70 -40.76 -38.14
CA ASN B 536 34.63 -40.77 -36.68
C ASN B 536 35.99 -40.47 -36.04
N MET B 537 36.80 -39.66 -36.74
CA MET B 537 38.15 -39.31 -36.32
C MET B 537 38.31 -37.80 -36.30
N LEU B 538 37.83 -37.15 -37.35
CA LEU B 538 37.86 -35.70 -37.50
C LEU B 538 36.44 -35.17 -37.47
N TYR B 539 36.13 -34.38 -36.46
CA TYR B 539 34.84 -33.73 -36.34
C TYR B 539 35.03 -32.22 -36.41
N LEU B 540 34.19 -31.56 -37.18
CA LEU B 540 34.28 -30.12 -37.35
C LEU B 540 32.90 -29.51 -37.25
N THR B 541 32.83 -28.30 -36.71
CA THR B 541 31.56 -27.62 -36.53
C THR B 541 31.69 -26.13 -36.76
N VAL B 542 30.76 -25.55 -37.51
CA VAL B 542 30.75 -24.12 -37.78
C VAL B 542 29.39 -23.57 -37.40
N THR B 543 29.37 -22.62 -36.47
CA THR B 543 28.13 -22.03 -35.97
C THR B 543 28.04 -20.56 -36.35
N ALA B 544 26.83 -20.09 -36.61
CA ALA B 544 26.58 -18.70 -36.95
C ALA B 544 25.17 -18.32 -36.51
N ARG B 545 25.03 -17.15 -35.92
CA ARG B 545 23.73 -16.68 -35.46
C ARG B 545 23.67 -15.17 -35.53
N ASN B 546 22.58 -14.65 -36.06
CA ASN B 546 22.30 -13.22 -36.00
C ASN B 546 21.03 -12.99 -35.20
N ASP B 547 21.08 -12.04 -34.29
CA ASP B 547 19.98 -11.73 -33.40
C ASP B 547 19.53 -10.31 -33.62
N TRP B 548 18.28 -10.04 -33.29
CA TRP B 548 17.73 -8.69 -33.26
C TRP B 548 17.10 -8.50 -31.91
N SER B 549 17.61 -7.57 -31.13
CA SER B 549 17.20 -7.43 -29.75
C SER B 549 16.40 -6.16 -29.54
N SER B 550 15.38 -6.25 -28.69
CA SER B 550 14.61 -5.07 -28.37
C SER B 550 15.35 -4.14 -27.42
N THR B 551 16.35 -4.61 -26.68
CA THR B 551 16.98 -3.77 -25.68
C THR B 551 18.20 -3.04 -26.21
N LEU B 552 18.46 -3.09 -27.44
CA LEU B 552 19.52 -2.28 -28.01
C LEU B 552 18.92 -1.12 -28.81
N PRO B 553 19.65 -0.03 -29.02
CA PRO B 553 19.09 1.12 -29.74
C PRO B 553 18.48 0.71 -31.08
N LYS B 554 17.39 1.39 -31.43
CA LYS B 554 16.62 1.01 -32.61
C LYS B 554 17.49 0.90 -33.85
N GLU B 555 18.49 1.76 -33.97
CA GLU B 555 19.34 1.76 -35.15
C GLU B 555 20.47 0.76 -35.07
N ASN B 556 20.50 -0.06 -34.03
CA ASN B 556 21.62 -0.96 -33.80
C ASN B 556 21.13 -2.17 -33.01
N ARG B 557 20.06 -2.81 -33.49
CA ARG B 557 19.53 -3.98 -32.81
C ARG B 557 20.27 -5.25 -33.22
N SER B 558 20.78 -5.30 -34.45
CA SER B 558 21.31 -6.52 -35.02
C SER B 558 22.75 -6.77 -34.60
N PHE B 559 23.03 -7.96 -34.09
CA PHE B 559 24.41 -8.41 -33.87
C PHE B 559 24.60 -9.84 -34.37
N PHE B 560 25.77 -10.09 -34.93
CA PHE B 560 26.11 -11.37 -35.52
C PHE B 560 27.33 -11.95 -34.81
N TYR B 561 27.28 -13.24 -34.52
CA TYR B 561 28.41 -13.90 -33.86
C TYR B 561 28.67 -15.30 -34.40
N PRO B 562 29.86 -15.56 -34.94
CA PRO B 562 30.16 -16.89 -35.46
C PRO B 562 31.04 -17.69 -34.53
N GLY B 563 31.30 -18.94 -34.92
CA GLY B 563 32.16 -19.81 -34.15
C GLY B 563 32.65 -20.98 -34.97
N ILE B 564 33.69 -21.63 -34.47
CA ILE B 564 34.25 -22.82 -35.11
C ILE B 564 34.84 -23.70 -34.02
N THR B 565 34.57 -25.00 -34.11
CA THR B 565 35.13 -25.96 -33.17
C THR B 565 35.63 -27.18 -33.93
N GLY B 566 36.63 -27.84 -33.35
CA GLY B 566 37.20 -29.01 -33.97
C GLY B 566 37.57 -30.04 -32.92
N SER B 567 37.53 -31.30 -33.34
CA SER B 567 37.84 -32.43 -32.47
C SER B 567 38.54 -33.48 -33.31
N PHE B 568 39.65 -33.98 -32.80
CA PHE B 568 40.49 -34.95 -33.50
C PHE B 568 40.72 -36.12 -32.55
N ILE B 569 40.10 -37.25 -32.84
CA ILE B 569 40.28 -38.45 -32.04
C ILE B 569 41.39 -39.24 -32.69
N PHE B 570 42.60 -39.11 -32.16
CA PHE B 570 43.72 -39.87 -32.68
C PHE B 570 43.79 -41.27 -32.09
N SER B 571 42.88 -41.63 -31.19
CA SER B 571 42.78 -43.01 -30.76
C SER B 571 42.56 -43.90 -31.96
N GLU B 572 41.35 -43.90 -32.50
CA GLU B 572 41.06 -44.60 -33.73
C GLU B 572 42.02 -44.13 -34.81
N LEU B 573 42.45 -45.08 -35.64
CA LEU B 573 43.50 -44.85 -36.63
C LEU B 573 44.64 -44.02 -36.01
N LEU B 574 45.26 -44.62 -35.00
CA LEU B 574 46.33 -43.98 -34.25
C LEU B 574 47.60 -43.87 -35.07
N LEU B 578 47.10 -51.30 -32.62
CA LEU B 578 47.88 -52.05 -31.64
C LEU B 578 47.14 -52.09 -30.29
N GLN B 579 47.72 -51.42 -29.29
CA GLN B 579 47.14 -51.39 -27.95
C GLN B 579 46.05 -50.32 -27.92
N ASP B 580 44.92 -50.44 -27.20
CA ASP B 580 44.50 -51.38 -26.14
C ASP B 580 45.11 -50.98 -24.81
N VAL B 581 46.04 -50.02 -24.85
CA VAL B 581 46.52 -49.37 -23.63
C VAL B 581 45.84 -48.01 -23.53
N ILE B 582 45.59 -47.41 -24.69
CA ILE B 582 44.95 -46.12 -24.80
C ILE B 582 43.50 -46.37 -25.25
N THR B 583 42.57 -46.30 -24.30
CA THR B 583 41.18 -46.51 -24.64
C THR B 583 40.65 -45.38 -25.52
N PHE B 584 41.03 -44.14 -25.21
CA PHE B 584 40.46 -42.98 -25.86
C PHE B 584 41.50 -41.87 -25.83
N GLY B 585 41.59 -41.13 -26.92
CA GLY B 585 42.51 -40.02 -27.05
C GLY B 585 41.99 -39.02 -28.05
N LYS B 586 41.50 -37.89 -27.54
CA LYS B 586 40.80 -36.87 -28.32
C LYS B 586 41.41 -35.52 -28.01
N ILE B 587 41.69 -34.73 -29.04
CA ILE B 587 42.22 -33.38 -28.87
C ILE B 587 41.19 -32.39 -29.39
N ARG B 588 41.07 -31.25 -28.71
CA ARG B 588 39.96 -30.31 -28.84
C ARG B 588 40.45 -28.90 -29.06
N ALA B 589 39.67 -28.12 -29.82
CA ALA B 589 39.97 -26.71 -29.99
C ALA B 589 38.74 -25.95 -30.43
N SER B 590 38.64 -24.69 -30.00
CA SER B 590 37.50 -23.84 -30.32
C SER B 590 37.91 -22.38 -30.35
N TRP B 591 37.30 -21.63 -31.28
CA TRP B 591 37.33 -20.18 -31.32
C TRP B 591 35.98 -19.71 -31.79
N GLY B 592 35.40 -18.72 -31.12
CA GLY B 592 34.12 -18.21 -31.56
C GLY B 592 33.65 -17.07 -30.68
N LYS B 593 32.49 -16.53 -31.05
CA LYS B 593 31.93 -15.37 -30.38
C LYS B 593 30.48 -15.63 -30.00
N THR B 594 30.05 -15.01 -28.90
CA THR B 594 28.64 -14.95 -28.52
C THR B 594 28.27 -13.51 -28.27
N GLY B 595 27.32 -13.00 -29.03
CA GLY B 595 26.81 -11.65 -28.82
C GLY B 595 25.85 -11.56 -27.66
N ASN B 596 25.56 -10.33 -27.25
CA ASN B 596 24.66 -10.10 -26.14
C ASN B 596 24.08 -8.69 -26.24
N ASP B 597 22.90 -8.53 -25.68
CA ASP B 597 22.23 -7.25 -25.62
C ASP B 597 22.29 -6.71 -24.20
N ALA B 598 21.49 -5.70 -23.92
CA ALA B 598 21.50 -5.06 -22.61
C ALA B 598 20.21 -5.37 -21.87
N ASP B 599 20.19 -4.96 -20.61
CA ASP B 599 19.00 -5.02 -19.80
C ASP B 599 17.95 -4.04 -20.34
N VAL B 600 16.71 -4.18 -19.86
CA VAL B 600 15.64 -3.39 -20.47
C VAL B 600 15.81 -1.91 -20.14
N TYR B 601 15.37 -1.07 -21.09
CA TYR B 601 15.19 0.35 -20.85
C TYR B 601 16.47 0.98 -20.33
N MET B 602 17.45 1.06 -21.23
CA MET B 602 18.72 1.71 -20.92
C MET B 602 19.11 2.72 -21.97
N VAL B 603 18.24 2.99 -22.94
CA VAL B 603 18.53 3.91 -24.02
C VAL B 603 17.90 5.27 -23.81
N ASN B 604 16.67 5.31 -23.38
CA ASN B 604 16.04 6.61 -23.37
C ASN B 604 15.99 7.17 -21.97
N PRO B 605 16.05 8.49 -21.83
CA PRO B 605 15.99 9.09 -20.50
C PRO B 605 14.60 8.96 -19.94
N VAL B 606 14.51 8.91 -18.62
CA VAL B 606 13.21 8.87 -17.98
C VAL B 606 13.17 9.94 -16.90
N TYR B 607 11.96 10.24 -16.47
CA TYR B 607 11.73 11.10 -15.32
C TYR B 607 11.00 10.29 -14.26
N ALA B 608 11.57 10.21 -13.08
CA ALA B 608 10.94 9.43 -12.03
C ALA B 608 10.08 10.32 -11.16
N GLN B 609 9.15 9.71 -10.46
CA GLN B 609 8.47 10.42 -9.40
C GLN B 609 9.50 10.88 -8.39
N SER B 610 9.46 12.15 -8.02
CA SER B 610 10.54 12.73 -7.24
C SER B 610 10.69 12.03 -5.91
N SER B 611 11.91 11.65 -5.59
CA SER B 611 12.22 11.17 -4.25
C SER B 611 13.67 11.49 -3.95
N ASN B 612 14.01 11.46 -2.68
CA ASN B 612 15.35 11.79 -2.23
C ASN B 612 15.79 10.75 -1.23
N ARG B 613 16.91 10.10 -1.51
CA ARG B 613 17.44 9.06 -0.63
C ARG B 613 18.36 9.72 0.40
N ILE B 614 17.95 9.73 1.65
CA ILE B 614 18.75 10.29 2.74
C ILE B 614 19.23 9.16 3.63
N PRO B 615 20.25 9.34 4.42
CA PRO B 615 20.67 8.26 5.32
C PRO B 615 19.51 7.71 6.11
N PHE B 616 19.29 6.41 5.93
CA PHE B 616 18.32 5.61 6.67
C PHE B 616 16.90 6.09 6.45
N GLY B 617 16.59 6.64 5.28
CA GLY B 617 15.23 7.03 5.03
C GLY B 617 15.04 7.57 3.63
N SER B 618 13.85 8.10 3.39
CA SER B 618 13.56 8.83 2.16
C SER B 618 12.66 10.02 2.44
N LEU B 619 12.61 10.91 1.45
CA LEU B 619 11.62 11.97 1.37
C LEU B 619 11.03 11.87 -0.02
N THR B 620 9.78 11.49 -0.10
CA THR B 620 9.21 11.16 -1.39
C THR B 620 8.02 12.06 -1.67
N PHE B 621 7.78 12.27 -2.95
CA PHE B 621 6.58 12.95 -3.35
C PHE B 621 5.44 11.94 -3.43
N PRO B 622 4.19 12.41 -3.33
CA PRO B 622 3.71 13.79 -3.19
C PRO B 622 4.00 14.47 -1.87
N LEU B 623 4.24 15.78 -2.00
CA LEU B 623 4.39 16.73 -0.93
C LEU B 623 3.96 18.09 -1.49
N GLY B 624 3.11 18.85 -0.81
CA GLY B 624 2.20 18.35 0.18
C GLY B 624 0.89 18.64 -0.53
N GLY B 625 0.35 17.60 -1.15
CA GLY B 625 -0.73 17.74 -2.08
C GLY B 625 -0.26 17.94 -3.50
N VAL B 626 1.05 18.05 -3.70
CA VAL B 626 1.63 18.24 -5.02
C VAL B 626 2.39 16.99 -5.41
N ASN B 627 2.26 16.60 -6.66
CA ASN B 627 3.10 15.53 -7.16
C ASN B 627 4.21 16.15 -7.96
N ALA B 628 5.34 15.44 -8.04
CA ALA B 628 6.49 16.02 -8.71
C ALA B 628 7.27 14.93 -9.41
N TYR B 629 7.98 15.33 -10.45
CA TYR B 629 8.83 14.47 -11.23
C TYR B 629 10.24 15.01 -11.22
N SER B 630 11.22 14.12 -11.32
CA SER B 630 12.62 14.49 -11.26
C SER B 630 13.37 13.84 -12.41
N ALA B 631 14.49 14.42 -12.80
CA ALA B 631 15.28 13.86 -13.88
C ALA B 631 16.03 12.63 -13.38
N GLY B 632 15.94 11.55 -14.14
CA GLY B 632 16.45 10.28 -13.68
C GLY B 632 17.97 10.29 -13.56
N ASN B 633 18.47 9.60 -12.57
CA ASN B 633 19.88 9.73 -12.29
C ASN B 633 20.78 8.89 -13.19
N VAL B 634 20.22 8.10 -14.10
CA VAL B 634 21.01 7.22 -14.95
C VAL B 634 20.87 7.67 -16.39
N LEU B 635 21.95 8.17 -16.94
CA LEU B 635 21.91 8.78 -18.26
C LEU B 635 21.72 7.72 -19.32
N GLY B 636 20.70 7.85 -20.13
CA GLY B 636 20.51 6.91 -21.20
C GLY B 636 21.49 7.16 -22.33
N SER B 637 21.59 6.18 -23.24
CA SER B 637 22.52 6.26 -24.34
C SER B 637 21.90 5.58 -25.54
N ASN B 638 21.91 6.25 -26.68
CA ASN B 638 21.49 5.63 -27.92
C ASN B 638 22.67 5.29 -28.82
N THR B 639 23.89 5.46 -28.31
CA THR B 639 25.11 5.09 -29.00
C THR B 639 25.59 3.71 -28.61
N LEU B 640 24.87 3.01 -27.72
CA LEU B 640 25.20 1.64 -27.37
C LEU B 640 25.42 0.80 -28.61
N SER B 641 26.35 -0.13 -28.50
CA SER B 641 26.56 -1.23 -29.44
C SER B 641 26.44 -2.55 -28.68
N PRO B 642 26.27 -3.67 -29.37
CA PRO B 642 26.05 -4.94 -28.67
C PRO B 642 27.27 -5.40 -27.92
N GLU B 643 27.06 -6.37 -27.04
CA GLU B 643 28.14 -7.03 -26.34
C GLU B 643 28.64 -8.21 -27.16
N MET B 644 29.93 -8.48 -27.08
CA MET B 644 30.53 -9.58 -27.81
C MET B 644 31.52 -10.27 -26.88
N THR B 645 31.26 -11.54 -26.59
CA THR B 645 32.23 -12.37 -25.89
C THR B 645 32.98 -13.20 -26.91
N THR B 646 34.31 -13.20 -26.83
CA THR B 646 35.16 -14.03 -27.66
C THR B 646 35.95 -14.97 -26.77
N GLU B 647 36.02 -16.25 -27.17
CA GLU B 647 36.74 -17.24 -26.39
C GLU B 647 37.62 -18.07 -27.29
N SER B 648 38.81 -18.42 -26.77
CA SER B 648 39.69 -19.41 -27.36
C SER B 648 39.84 -20.57 -26.38
N GLU B 649 39.81 -21.79 -26.88
CA GLU B 649 39.92 -22.93 -25.99
C GLU B 649 40.59 -24.10 -26.69
N VAL B 650 41.46 -24.79 -25.96
CA VAL B 650 42.08 -26.03 -26.42
C VAL B 650 42.04 -27.02 -25.26
N GLY B 651 41.87 -28.30 -25.59
CA GLY B 651 41.67 -29.31 -24.56
C GLY B 651 42.09 -30.68 -25.01
N LEU B 652 42.37 -31.55 -24.03
CA LEU B 652 42.82 -32.92 -24.26
C LEU B 652 42.10 -33.88 -23.33
N ASN B 653 41.64 -35.00 -23.89
CA ASN B 653 40.87 -36.00 -23.18
C ASN B 653 41.45 -37.37 -23.54
N MET B 654 41.87 -38.13 -22.54
CA MET B 654 42.39 -39.47 -22.78
C MET B 654 41.91 -40.44 -21.73
N ALA B 655 41.67 -41.68 -22.15
CA ALA B 655 41.33 -42.77 -21.26
C ALA B 655 42.29 -43.92 -21.51
N PHE B 656 42.47 -44.76 -20.50
CA PHE B 656 43.42 -45.87 -20.60
C PHE B 656 42.84 -47.10 -19.91
N PHE B 657 43.40 -48.25 -20.26
CA PHE B 657 43.14 -49.53 -19.60
C PHE B 657 41.64 -49.76 -19.40
N LYS B 658 40.92 -49.74 -20.52
CA LYS B 658 39.47 -49.89 -20.56
C LYS B 658 38.77 -48.98 -19.56
N ASN B 659 39.05 -47.68 -19.68
CA ASN B 659 38.45 -46.62 -18.88
C ASN B 659 38.81 -46.71 -17.41
N ARG B 660 39.83 -47.46 -17.04
CA ARG B 660 40.23 -47.49 -15.65
C ARG B 660 41.17 -46.36 -15.29
N LEU B 661 41.46 -45.49 -16.24
CA LEU B 661 42.21 -44.26 -16.00
C LEU B 661 41.77 -43.27 -17.07
N SER B 662 41.48 -42.04 -16.68
CA SER B 662 40.85 -41.07 -17.56
C SER B 662 41.13 -39.67 -17.06
N PHE B 663 41.50 -38.77 -17.96
CA PHE B 663 41.77 -37.39 -17.60
C PHE B 663 41.26 -36.45 -18.71
N ASP B 664 40.89 -35.24 -18.29
CA ASP B 664 40.41 -34.20 -19.20
C ASP B 664 41.02 -32.90 -18.76
N VAL B 665 41.61 -32.17 -19.70
CA VAL B 665 42.26 -30.88 -19.44
C VAL B 665 41.79 -29.86 -20.46
N SER B 666 41.38 -28.70 -19.98
CA SER B 666 40.97 -27.60 -20.85
C SER B 666 41.73 -26.34 -20.48
N TYR B 667 42.08 -25.56 -21.49
CA TYR B 667 42.69 -24.24 -21.33
C TYR B 667 41.86 -23.24 -22.11
N TYR B 668 41.37 -22.21 -21.44
CA TYR B 668 40.43 -21.27 -22.03
C TYR B 668 40.88 -19.84 -21.82
N ASN B 669 40.46 -18.98 -22.74
CA ASN B 669 40.78 -17.57 -22.72
C ASN B 669 39.53 -16.82 -23.16
N ARG B 670 38.84 -16.17 -22.22
CA ARG B 670 37.51 -15.61 -22.41
C ARG B 670 37.56 -14.09 -22.27
N ASN B 671 37.04 -13.37 -23.26
CA ASN B 671 36.98 -11.90 -23.22
C ASN B 671 35.55 -11.46 -23.50
N THR B 672 34.91 -10.87 -22.49
CA THR B 672 33.59 -10.27 -22.64
C THR B 672 33.76 -8.76 -22.85
N ASP B 673 33.39 -8.27 -24.03
CA ASP B 673 33.60 -6.89 -24.41
C ASP B 673 32.29 -6.15 -24.63
N LYS B 674 32.37 -4.84 -24.54
CA LYS B 674 31.24 -3.94 -24.82
C LYS B 674 29.99 -4.29 -24.03
N GLN B 675 30.13 -4.90 -22.86
CA GLN B 675 28.98 -5.18 -22.03
C GLN B 675 28.34 -3.88 -21.55
N ILE B 676 27.04 -3.73 -21.81
CA ILE B 676 26.32 -2.53 -21.42
C ILE B 676 26.10 -2.54 -19.91
N PHE B 677 26.45 -1.44 -19.27
CA PHE B 677 26.46 -1.39 -17.81
C PHE B 677 26.25 0.04 -17.37
N SER B 678 25.55 0.22 -16.25
CA SER B 678 25.31 1.55 -15.70
C SER B 678 26.53 1.96 -14.91
N LEU B 679 27.47 2.61 -15.60
CA LEU B 679 28.78 2.92 -15.06
C LEU B 679 28.74 4.15 -14.16
N ALA B 680 29.44 4.08 -13.03
CA ALA B 680 29.41 5.19 -12.07
C ALA B 680 29.98 6.46 -12.65
N MET B 681 29.43 7.59 -12.22
CA MET B 681 29.75 8.90 -12.76
C MET B 681 29.61 9.94 -11.67
N ASP B 682 30.32 11.04 -11.84
CA ASP B 682 30.32 12.13 -10.86
C ASP B 682 28.95 12.77 -10.79
N PRO B 683 28.29 12.75 -9.66
CA PRO B 683 26.98 13.38 -9.55
C PRO B 683 26.99 14.84 -10.01
N ALA B 684 28.15 15.48 -9.98
CA ALA B 684 28.22 16.86 -10.42
C ALA B 684 27.84 17.00 -11.88
N SER B 685 27.84 15.89 -12.63
CA SER B 685 27.46 15.93 -14.02
C SER B 685 25.97 16.04 -14.20
N GLY B 686 25.21 15.89 -13.13
CA GLY B 686 23.77 15.82 -13.22
C GLY B 686 23.23 14.41 -13.16
N TYR B 687 24.05 13.41 -13.36
CA TYR B 687 23.66 12.02 -13.26
C TYR B 687 24.68 11.27 -12.43
N THR B 688 24.25 10.18 -11.81
CA THR B 688 25.13 9.34 -11.02
C THR B 688 25.67 8.16 -11.79
N ALA B 689 25.18 7.92 -12.99
CA ALA B 689 25.68 6.83 -13.80
C ALA B 689 25.34 7.11 -15.24
N GLN B 690 26.12 6.52 -16.14
CA GLN B 690 25.84 6.58 -17.55
C GLN B 690 25.93 5.18 -18.11
N ASN B 691 24.94 4.79 -18.90
CA ASN B 691 24.97 3.48 -19.53
C ASN B 691 25.92 3.53 -20.71
N MET B 692 26.96 2.71 -20.69
CA MET B 692 27.83 2.64 -21.86
C MET B 692 28.43 1.25 -21.96
N ASN B 693 29.03 1.00 -23.11
CA ASN B 693 29.72 -0.26 -23.36
C ASN B 693 31.03 -0.29 -22.59
N LEU B 694 31.22 -1.32 -21.77
CA LEU B 694 32.43 -1.41 -20.98
C LEU B 694 33.59 -1.95 -21.80
N GLY B 695 34.70 -2.14 -21.13
CA GLY B 695 35.84 -2.81 -21.72
C GLY B 695 35.71 -4.32 -21.58
N LYS B 696 36.85 -4.98 -21.74
CA LYS B 696 36.92 -6.43 -21.67
C LYS B 696 37.04 -6.91 -20.22
N ILE B 697 36.19 -7.84 -19.86
CA ILE B 697 36.35 -8.62 -18.65
C ILE B 697 36.90 -9.98 -19.05
N ARG B 698 38.10 -10.28 -18.60
CA ARG B 698 38.82 -11.46 -19.06
C ARG B 698 38.78 -12.54 -18.00
N ASN B 699 38.51 -13.77 -18.43
CA ASN B 699 38.61 -14.97 -17.59
C ASN B 699 39.46 -15.99 -18.34
N ARG B 700 40.61 -16.32 -17.75
CA ARG B 700 41.52 -17.33 -18.27
C ARG B 700 41.76 -18.36 -17.18
N GLY B 701 41.99 -19.60 -17.58
CA GLY B 701 42.33 -20.60 -16.59
C GLY B 701 42.50 -22.00 -17.13
N ILE B 702 42.46 -22.94 -16.21
CA ILE B 702 42.70 -24.36 -16.48
C ILE B 702 41.59 -25.16 -15.83
N GLU B 703 41.04 -26.11 -16.57
CA GLU B 703 40.05 -27.05 -16.06
C GLU B 703 40.61 -28.44 -16.25
N LEU B 704 40.84 -29.15 -15.15
CA LEU B 704 41.52 -30.42 -15.16
C LEU B 704 40.71 -31.44 -14.38
N LEU B 705 40.49 -32.60 -14.98
CA LEU B 705 39.79 -33.71 -14.34
C LEU B 705 40.61 -34.99 -14.49
N ILE B 706 40.72 -35.75 -13.40
CA ILE B 706 41.44 -37.01 -13.41
C ILE B 706 40.64 -38.05 -12.62
N SER B 707 40.39 -39.20 -13.23
CA SER B 707 39.68 -40.28 -12.55
C SER B 707 40.28 -41.61 -12.98
N GLY B 708 40.10 -42.58 -12.11
CA GLY B 708 40.55 -43.94 -12.38
C GLY B 708 39.92 -44.90 -11.41
N THR B 709 40.10 -46.18 -11.70
CA THR B 709 39.54 -47.26 -10.88
C THR B 709 40.68 -48.18 -10.47
N PRO B 710 41.41 -47.82 -9.42
CA PRO B 710 42.61 -48.60 -9.06
C PRO B 710 42.33 -50.05 -8.70
N ILE B 711 41.13 -50.39 -8.24
CA ILE B 711 40.80 -51.77 -7.92
C ILE B 711 39.46 -52.09 -8.54
N ARG B 712 39.36 -53.28 -9.12
CA ARG B 712 38.12 -53.70 -9.76
C ARG B 712 38.10 -55.22 -9.76
N THR B 713 37.25 -55.81 -8.94
CA THR B 713 37.02 -57.24 -9.02
C THR B 713 35.55 -57.49 -9.35
N LYS B 714 35.06 -58.70 -9.08
CA LYS B 714 33.65 -58.98 -9.39
C LYS B 714 32.73 -58.32 -8.38
N ASP B 715 33.14 -58.30 -7.11
CA ASP B 715 32.31 -57.79 -6.04
C ASP B 715 32.81 -56.48 -5.43
N PHE B 716 33.89 -55.90 -5.95
CA PHE B 716 34.44 -54.71 -5.29
C PHE B 716 35.12 -53.82 -6.32
N SER B 717 34.79 -52.54 -6.27
CA SER B 717 35.46 -51.54 -7.07
C SER B 717 35.74 -50.31 -6.20
N TRP B 718 36.84 -49.64 -6.52
CA TRP B 718 37.27 -48.43 -5.85
C TRP B 718 37.64 -47.43 -6.91
N GLU B 719 36.96 -46.28 -6.90
CA GLU B 719 37.27 -45.23 -7.84
C GLU B 719 37.77 -44.01 -7.11
N LEU B 720 38.61 -43.25 -7.77
CA LEU B 720 39.08 -41.96 -7.27
C LEU B 720 38.86 -40.92 -8.35
N THR B 721 38.44 -39.75 -7.92
CA THR B 721 38.29 -38.66 -8.86
C THR B 721 38.88 -37.40 -8.25
N TRP B 722 39.59 -36.65 -9.10
CA TRP B 722 40.22 -35.40 -8.69
C TRP B 722 40.00 -34.40 -9.80
N ASN B 723 39.44 -33.23 -9.47
CA ASN B 723 39.20 -32.19 -10.46
C ASN B 723 39.81 -30.88 -9.97
N PHE B 724 40.35 -30.10 -10.90
CA PHE B 724 41.10 -28.90 -10.54
C PHE B 724 40.76 -27.74 -11.46
N THR B 725 40.43 -26.60 -10.86
CA THR B 725 40.09 -25.37 -11.57
C THR B 725 40.95 -24.23 -11.05
N LYS B 726 41.57 -23.48 -11.95
CA LYS B 726 42.25 -22.25 -11.60
C LYS B 726 41.88 -21.20 -12.64
N ASN B 727 41.18 -20.16 -12.21
CA ASN B 727 40.73 -19.10 -13.10
C ASN B 727 41.45 -17.81 -12.79
N TRP B 728 41.85 -17.11 -13.84
CA TRP B 728 42.46 -15.79 -13.73
C TRP B 728 41.45 -14.74 -14.20
N SER B 729 41.02 -13.89 -13.28
CA SER B 729 40.03 -12.85 -13.55
C SER B 729 40.71 -11.51 -13.72
N LYS B 730 40.32 -10.77 -14.75
CA LYS B 730 40.87 -9.42 -14.88
C LYS B 730 39.94 -8.57 -15.74
N VAL B 731 39.28 -7.60 -15.10
CA VAL B 731 38.78 -6.46 -15.84
C VAL B 731 39.93 -5.84 -16.59
N ILE B 732 39.76 -5.57 -17.88
CA ILE B 732 40.87 -5.05 -18.67
C ILE B 732 40.83 -3.54 -18.75
N SER B 733 39.67 -2.96 -19.04
CA SER B 733 39.52 -1.52 -19.00
C SER B 733 38.10 -1.18 -18.65
N LEU B 734 37.93 -0.08 -17.91
CA LEU B 734 36.66 0.56 -17.71
C LEU B 734 36.78 1.96 -18.27
N PRO B 735 35.82 2.42 -19.08
CA PRO B 735 35.96 3.71 -19.77
C PRO B 735 36.60 4.83 -18.97
N GLU B 736 37.75 5.30 -19.49
CA GLU B 736 38.61 6.20 -18.74
C GLU B 736 37.87 7.45 -18.32
N GLU B 737 37.01 7.95 -19.21
CA GLU B 737 36.42 9.27 -19.05
C GLU B 737 35.65 9.41 -17.76
N LEU B 738 35.23 8.31 -17.17
CA LEU B 738 34.47 8.35 -15.92
C LEU B 738 35.26 7.80 -14.75
N GLY B 739 36.57 7.68 -14.87
CA GLY B 739 37.38 7.02 -13.87
C GLY B 739 37.56 5.55 -14.21
N GLY B 740 38.46 4.91 -13.48
CA GLY B 740 38.67 3.51 -13.80
C GLY B 740 38.10 2.58 -12.74
N ILE B 741 37.03 3.00 -12.09
CA ILE B 741 36.55 2.35 -10.88
C ILE B 741 35.04 2.47 -10.87
N THR B 742 34.36 1.49 -10.27
CA THR B 742 32.90 1.52 -10.19
C THR B 742 32.44 0.54 -9.14
N THR B 743 31.51 0.96 -8.30
CA THR B 743 31.08 0.14 -7.19
C THR B 743 30.19 -1.00 -7.66
N ILE B 744 30.42 -2.18 -7.08
CA ILE B 744 29.54 -3.34 -7.27
C ILE B 744 28.63 -3.53 -6.08
N TYR B 745 29.16 -3.36 -4.88
CA TYR B 745 28.37 -3.29 -3.66
C TYR B 745 29.30 -2.77 -2.58
N GLY B 746 28.74 -2.08 -1.59
CA GLY B 746 29.59 -1.46 -0.59
C GLY B 746 28.91 -0.53 0.40
N LEU B 747 29.34 -0.53 1.65
CA LEU B 747 28.77 0.34 2.66
C LEU B 747 29.30 1.76 2.52
N ASN B 748 28.48 2.72 2.92
CA ASN B 748 28.86 4.13 2.84
C ASN B 748 29.87 4.44 3.93
N GLY B 749 31.05 4.91 3.52
CA GLY B 749 32.15 5.06 4.45
C GLY B 749 32.61 3.78 5.10
N GLY B 750 32.33 2.63 4.49
CA GLY B 750 32.71 1.34 5.02
C GLY B 750 33.32 0.49 3.93
N THR B 751 33.48 -0.80 4.19
CA THR B 751 34.14 -1.68 3.25
C THR B 751 33.34 -1.79 1.96
N SER B 752 34.01 -1.68 0.82
CA SER B 752 33.32 -1.64 -0.45
C SER B 752 34.07 -2.44 -1.50
N MET B 753 33.31 -3.11 -2.36
CA MET B 753 33.84 -4.01 -3.37
C MET B 753 33.65 -3.38 -4.75
N TYR B 754 34.71 -3.32 -5.52
CA TYR B 754 34.74 -2.49 -6.72
C TYR B 754 34.98 -3.35 -7.94
N ALA B 755 34.99 -2.70 -9.09
CA ALA B 755 35.58 -3.21 -10.32
C ALA B 755 36.51 -2.13 -10.82
N ILE B 756 37.82 -2.40 -10.77
CA ILE B 756 38.85 -1.42 -11.08
C ILE B 756 39.62 -1.90 -12.30
N THR B 757 40.17 -0.95 -13.05
CA THR B 757 40.57 -1.21 -14.44
C THR B 757 41.55 -2.37 -14.54
N GLY B 758 42.73 -2.25 -13.97
CA GLY B 758 43.70 -3.30 -14.24
C GLY B 758 43.76 -4.38 -13.18
N MET B 759 42.61 -4.73 -12.61
CA MET B 759 42.53 -5.57 -11.43
C MET B 759 41.43 -6.60 -11.59
N PRO B 760 41.42 -7.65 -10.76
CA PRO B 760 40.39 -8.67 -10.92
C PRO B 760 39.02 -8.13 -10.55
N VAL B 761 37.99 -8.85 -10.97
CA VAL B 761 36.64 -8.49 -10.60
C VAL B 761 36.48 -8.62 -9.10
N GLY B 762 35.92 -7.58 -8.47
CA GLY B 762 35.58 -7.66 -7.08
C GLY B 762 36.68 -7.26 -6.13
N VAL B 763 37.37 -6.15 -6.41
CA VAL B 763 38.43 -5.68 -5.53
C VAL B 763 37.81 -5.04 -4.29
N PHE B 764 38.38 -5.32 -3.13
CA PHE B 764 37.92 -4.74 -1.87
C PHE B 764 38.82 -3.60 -1.44
N LYS B 765 38.21 -2.54 -0.94
CA LYS B 765 38.90 -1.47 -0.22
C LYS B 765 38.32 -1.36 1.17
N ALA B 766 39.16 -1.11 2.16
CA ALA B 766 38.70 -1.02 3.54
C ALA B 766 39.69 -0.19 4.34
N GLN B 767 39.23 0.32 5.48
CA GLN B 767 40.07 1.24 6.24
C GLN B 767 41.17 0.47 6.97
N VAL B 768 42.41 0.86 6.72
CA VAL B 768 43.59 0.34 7.40
C VAL B 768 44.17 1.46 8.22
N ALA B 769 45.03 1.11 9.16
CA ALA B 769 45.63 2.14 10.00
C ALA B 769 46.84 2.75 9.32
N GLU B 770 47.18 3.96 9.77
CA GLU B 770 48.33 4.68 9.24
C GLU B 770 49.62 4.05 9.74
N ARG B 771 50.64 4.08 8.89
CA ARG B 771 51.96 3.57 9.23
C ARG B 771 53.01 4.63 8.94
N ASP B 772 54.09 4.60 9.70
CA ASP B 772 55.19 5.52 9.44
C ASP B 772 56.00 4.97 8.27
N PRO B 773 56.93 5.73 7.70
CA PRO B 773 57.63 5.24 6.50
C PRO B 773 58.39 3.97 6.74
N GLN B 774 58.43 3.51 7.99
CA GLN B 774 59.29 2.43 8.41
C GLN B 774 58.49 1.25 8.93
N GLY B 775 57.18 1.26 8.75
CA GLY B 775 56.35 0.11 9.01
C GLY B 775 55.53 0.19 10.27
N ARG B 776 55.84 1.10 11.19
CA ARG B 776 55.21 1.05 12.49
C ARG B 776 53.82 1.71 12.46
N ILE B 777 52.97 1.25 13.36
CA ILE B 777 51.56 1.62 13.36
C ILE B 777 51.40 2.94 14.10
N VAL B 778 50.72 3.88 13.46
CA VAL B 778 50.49 5.16 14.11
C VAL B 778 49.29 5.04 15.02
N VAL B 779 49.42 5.53 16.24
CA VAL B 779 48.31 5.56 17.17
C VAL B 779 48.18 6.96 17.74
N ASN B 780 47.06 7.18 18.41
CA ASN B 780 46.68 8.49 18.92
C ASN B 780 47.38 8.73 20.24
N SER B 781 47.98 9.91 20.36
CA SER B 781 48.80 10.22 21.52
C SER B 781 48.04 10.08 22.82
N SER B 782 46.73 10.28 22.79
CA SER B 782 45.98 10.37 24.03
C SER B 782 45.18 9.12 24.34
N THR B 783 44.64 8.44 23.33
CA THR B 783 43.81 7.26 23.56
C THR B 783 44.56 5.95 23.40
N GLY B 784 45.59 5.91 22.57
CA GLY B 784 46.28 4.68 22.26
C GLY B 784 45.77 3.98 21.03
N LEU B 785 44.62 4.34 20.53
CA LEU B 785 43.95 3.63 19.45
C LEU B 785 44.58 3.96 18.12
N PRO B 786 44.48 3.08 17.14
CA PRO B 786 45.10 3.34 15.85
C PRO B 786 44.50 4.54 15.16
N VAL B 787 45.27 5.11 14.25
CA VAL B 787 44.88 6.27 13.47
C VAL B 787 44.60 5.83 12.05
N GLU B 788 43.48 6.29 11.50
CA GLU B 788 43.10 5.90 10.15
C GLU B 788 44.04 6.51 9.13
N ALA B 789 44.41 5.71 8.13
CA ALA B 789 45.21 6.21 7.03
C ALA B 789 44.39 7.15 6.16
N SER B 790 45.07 7.79 5.22
CA SER B 790 44.40 8.82 4.44
C SER B 790 43.37 8.23 3.51
N GLU B 791 43.75 7.19 2.76
CA GLU B 791 42.84 6.54 1.85
C GLU B 791 42.59 5.11 2.31
N PHE B 792 41.46 4.55 1.92
CA PHE B 792 41.25 3.15 2.16
C PHE B 792 42.28 2.33 1.40
N GLY B 793 42.66 1.19 1.97
CA GLY B 793 43.61 0.31 1.32
C GLY B 793 42.93 -0.81 0.57
N ILE B 794 43.50 -1.18 -0.57
CA ILE B 794 43.09 -2.38 -1.28
C ILE B 794 43.36 -3.58 -0.38
N CYS B 795 42.41 -4.51 -0.30
CA CYS B 795 42.49 -5.56 0.70
C CYS B 795 42.18 -6.94 0.15
N GLY B 796 42.49 -7.19 -1.11
CA GLY B 796 42.19 -8.48 -1.72
C GLY B 796 40.98 -8.40 -2.60
N ASP B 797 40.70 -9.52 -3.24
CA ASP B 797 39.63 -9.63 -4.20
C ASP B 797 38.64 -10.71 -3.76
N MET B 798 37.62 -10.93 -4.58
CA MET B 798 36.57 -11.85 -4.24
C MET B 798 36.89 -13.28 -4.62
N ASN B 799 37.90 -13.48 -5.47
CA ASN B 799 38.09 -14.75 -6.16
C ASN B 799 38.94 -15.72 -5.37
N ASN B 800 38.54 -16.99 -5.41
CA ASN B 800 39.41 -18.09 -5.03
C ASN B 800 40.63 -18.14 -5.94
N LYS B 801 41.80 -18.35 -5.35
CA LYS B 801 42.98 -18.48 -6.18
C LYS B 801 42.98 -19.79 -6.95
N TYR B 802 42.37 -20.83 -6.38
CA TYR B 802 42.12 -22.08 -7.06
C TYR B 802 41.00 -22.81 -6.35
N GLN B 803 40.40 -23.76 -7.06
CA GLN B 803 39.34 -24.59 -6.51
C GLN B 803 39.60 -26.03 -6.92
N MET B 804 39.23 -26.96 -6.05
CA MET B 804 39.35 -28.35 -6.47
C MET B 804 38.50 -29.24 -5.57
N GLY B 805 38.31 -30.47 -6.03
CA GLY B 805 37.55 -31.47 -5.30
C GLY B 805 38.10 -32.86 -5.53
N VAL B 806 37.97 -33.70 -4.51
CA VAL B 806 38.45 -35.08 -4.56
C VAL B 806 37.34 -36.01 -4.10
N SER B 807 37.05 -37.01 -4.91
CA SER B 807 35.97 -37.93 -4.62
C SER B 807 36.50 -39.35 -4.60
N THR B 808 35.83 -40.20 -3.84
CA THR B 808 36.07 -41.62 -3.91
C THR B 808 34.72 -42.34 -3.91
N ASN B 809 34.66 -43.49 -4.58
CA ASN B 809 33.41 -44.26 -4.65
C ASN B 809 33.73 -45.75 -4.56
N LEU B 810 33.26 -46.37 -3.48
CA LEU B 810 33.41 -47.80 -3.26
C LEU B 810 32.10 -48.51 -3.56
N LYS B 811 32.21 -49.67 -4.20
CA LYS B 811 31.06 -50.55 -4.42
C LYS B 811 31.47 -51.96 -4.05
N TYR B 812 30.79 -52.53 -3.07
CA TYR B 812 30.99 -53.93 -2.69
C TYR B 812 29.65 -54.66 -2.75
N LYS B 813 29.43 -55.41 -3.82
CA LYS B 813 28.19 -56.14 -4.03
C LYS B 813 27.02 -55.17 -4.08
N GLY B 814 26.27 -55.09 -3.00
CA GLY B 814 25.11 -54.23 -3.00
C GLY B 814 25.34 -52.88 -2.34
N ILE B 815 26.46 -52.73 -1.66
CA ILE B 815 26.73 -51.53 -0.88
C ILE B 815 27.48 -50.52 -1.74
N SER B 816 27.18 -49.24 -1.54
CA SER B 816 27.88 -48.14 -2.19
C SER B 816 28.36 -47.15 -1.14
N LEU B 817 29.46 -46.46 -1.42
CA LEU B 817 29.90 -45.39 -0.56
C LEU B 817 30.52 -44.29 -1.41
N GLY B 818 30.16 -43.06 -1.09
CA GLY B 818 30.69 -41.91 -1.81
C GLY B 818 31.11 -40.82 -0.85
N ILE B 819 32.29 -40.27 -1.06
CA ILE B 819 32.85 -39.26 -0.18
C ILE B 819 33.45 -38.19 -1.04
N ASP B 820 32.90 -36.98 -0.96
CA ASP B 820 33.38 -35.87 -1.78
C ASP B 820 33.87 -34.73 -0.89
N PHE B 821 35.01 -34.16 -1.25
CA PHE B 821 35.59 -33.04 -0.54
C PHE B 821 35.62 -31.85 -1.46
N ASP B 822 35.19 -30.71 -0.96
CA ASP B 822 35.24 -29.45 -1.68
C ASP B 822 36.40 -28.66 -1.13
N ILE B 823 37.24 -28.15 -2.02
CA ILE B 823 38.42 -27.40 -1.58
C ILE B 823 38.53 -26.15 -2.41
N ARG B 824 38.33 -25.00 -1.77
CA ARG B 824 38.39 -23.70 -2.42
C ARG B 824 39.30 -22.83 -1.58
N GLN B 825 40.29 -22.22 -2.22
CA GLN B 825 41.35 -21.53 -1.51
C GLN B 825 41.56 -20.17 -2.13
N GLY B 826 41.55 -19.15 -1.28
CA GLY B 826 41.91 -17.82 -1.72
C GLY B 826 40.72 -16.89 -1.80
N GLY B 827 41.01 -15.61 -1.67
CA GLY B 827 39.99 -14.59 -1.72
C GLY B 827 39.53 -14.16 -0.35
N VAL B 828 38.55 -13.25 -0.35
CA VAL B 828 38.14 -12.59 0.88
C VAL B 828 36.69 -12.18 0.74
N MET B 829 36.01 -12.03 1.88
CA MET B 829 34.62 -11.65 1.90
C MET B 829 34.35 -10.85 3.17
N TYR B 830 33.43 -9.89 3.09
CA TYR B 830 33.05 -9.16 4.29
C TYR B 830 32.21 -10.04 5.20
N SER B 831 32.50 -10.01 6.50
CA SER B 831 31.77 -10.85 7.44
C SER B 831 31.23 -10.03 8.60
N ARG B 832 29.92 -9.77 8.61
CA ARG B 832 29.33 -9.07 9.75
C ARG B 832 29.27 -9.96 10.99
N THR B 833 29.45 -11.26 10.84
CA THR B 833 29.47 -12.15 12.00
C THR B 833 30.73 -11.95 12.82
N LYS B 834 31.85 -11.71 12.16
CA LYS B 834 33.04 -11.30 12.88
C LYS B 834 32.87 -9.88 13.41
N ASP B 835 32.29 -9.00 12.60
CA ASP B 835 32.05 -7.62 13.02
C ASP B 835 31.30 -7.56 14.34
N ILE B 836 30.14 -8.20 14.41
CA ILE B 836 29.30 -8.07 15.60
C ILE B 836 29.94 -8.74 16.79
N ASN B 837 30.78 -9.75 16.57
CA ASN B 837 31.35 -10.49 17.67
C ASN B 837 32.61 -9.84 18.20
N TYR B 838 33.34 -9.15 17.34
CA TYR B 838 34.34 -8.22 17.84
C TYR B 838 33.69 -7.11 18.65
N PHE B 839 32.73 -6.39 18.06
CA PHE B 839 32.12 -5.25 18.74
C PHE B 839 31.51 -5.65 20.07
N THR B 840 30.88 -6.81 20.12
CA THR B 840 30.14 -7.18 21.31
C THR B 840 31.01 -7.84 22.36
N GLY B 841 32.30 -8.03 22.09
CA GLY B 841 33.20 -8.59 23.07
C GLY B 841 33.05 -10.08 23.28
N ASN B 842 32.56 -10.78 22.27
CA ASN B 842 32.28 -12.20 22.42
C ASN B 842 33.25 -13.10 21.69
N ALA B 843 33.92 -12.62 20.65
CA ALA B 843 34.88 -13.46 19.95
C ALA B 843 36.11 -13.69 20.83
N ILE B 844 36.71 -14.87 20.67
CA ILE B 844 37.83 -15.25 21.51
C ILE B 844 39.00 -14.33 21.27
N GLN B 845 39.15 -13.83 20.05
CA GLN B 845 40.19 -12.85 19.78
C GLN B 845 40.14 -11.67 20.72
N THR B 846 38.96 -11.22 21.14
CA THR B 846 38.92 -10.01 21.95
C THR B 846 39.43 -10.25 23.36
N ALA B 847 39.72 -11.49 23.73
CA ALA B 847 40.33 -11.75 25.02
C ALA B 847 41.84 -11.60 24.99
N TYR B 848 42.36 -10.82 24.03
CA TYR B 848 43.73 -10.90 23.58
C TYR B 848 44.76 -10.73 24.70
N ASN B 849 44.71 -9.63 25.43
CA ASN B 849 45.78 -9.38 26.38
C ASN B 849 45.32 -9.64 27.80
N ASP B 850 44.41 -10.59 27.97
CA ASP B 850 43.67 -10.73 29.22
C ASP B 850 43.00 -9.39 29.55
N ARG B 851 42.83 -8.59 28.51
CA ARG B 851 42.10 -7.34 28.56
C ARG B 851 42.72 -6.37 29.57
N ASN B 852 44.00 -6.51 29.78
CA ASN B 852 44.72 -5.55 30.59
C ASN B 852 45.19 -4.39 29.72
N PRO B 853 45.41 -3.23 30.31
CA PRO B 853 45.86 -2.06 29.53
C PRO B 853 47.08 -2.40 28.73
N LEU B 854 47.09 -1.99 27.48
CA LEU B 854 48.12 -2.49 26.60
C LEU B 854 48.52 -1.43 25.61
N ILE B 855 49.80 -1.43 25.25
CA ILE B 855 50.33 -0.57 24.21
C ILE B 855 50.44 -1.39 22.94
N VAL B 856 49.75 -0.94 21.90
CA VAL B 856 49.81 -1.59 20.59
C VAL B 856 51.27 -1.84 20.24
N PRO B 857 51.66 -3.07 19.94
CA PRO B 857 53.06 -3.32 19.63
C PRO B 857 53.48 -2.62 18.36
N ASN B 858 54.68 -2.02 18.41
CA ASN B 858 55.30 -1.29 17.30
C ASN B 858 54.68 0.07 17.07
N SER B 859 54.12 0.67 18.09
CA SER B 859 53.32 1.88 17.90
C SER B 859 54.19 3.13 17.94
N VAL B 860 53.83 4.10 17.11
CA VAL B 860 54.46 5.41 17.12
C VAL B 860 53.37 6.45 17.33
N ASN B 861 53.81 7.68 17.52
CA ASN B 861 52.93 8.85 17.46
C ASN B 861 53.44 9.72 16.34
N LYS B 862 52.51 10.28 15.56
CA LYS B 862 52.86 11.18 14.47
C LYS B 862 52.81 12.60 15.02
N ILE B 863 53.96 13.23 15.13
CA ILE B 863 54.08 14.57 15.66
C ILE B 863 53.98 15.55 14.50
N VAL B 864 52.89 16.29 14.44
CA VAL B 864 52.62 17.16 13.31
C VAL B 864 52.62 18.61 13.78
N ASN B 865 53.56 19.38 13.28
CA ASN B 865 53.57 20.82 13.48
C ASN B 865 53.56 21.47 12.12
N GLY B 866 52.43 22.06 11.75
CA GLY B 866 52.25 22.63 10.44
C GLY B 866 52.55 21.64 9.35
N GLU B 867 53.78 21.68 8.83
CA GLU B 867 54.19 20.77 7.78
C GLU B 867 55.39 19.91 8.17
N ASN B 868 55.72 19.82 9.45
CA ASN B 868 56.80 18.95 9.90
C ASN B 868 56.22 17.67 10.48
N VAL B 869 56.63 16.53 9.93
CA VAL B 869 56.16 15.21 10.34
C VAL B 869 57.29 14.50 11.06
N THR B 870 57.00 14.03 12.27
CA THR B 870 57.98 13.37 13.12
C THR B 870 57.30 12.21 13.82
N TYR B 871 58.03 11.12 14.03
CA TYR B 871 57.47 9.95 14.66
C TYR B 871 58.23 9.62 15.93
N VAL B 872 57.52 9.14 16.93
CA VAL B 872 58.05 8.92 18.27
C VAL B 872 57.45 7.65 18.83
N GLU B 873 58.26 6.85 19.52
CA GLU B 873 57.74 5.65 20.18
C GLU B 873 56.54 5.99 21.03
N ASN B 874 55.47 5.23 20.85
CA ASN B 874 54.24 5.52 21.55
C ASN B 874 54.31 5.03 22.98
N THR B 875 53.96 5.92 23.90
CA THR B 875 53.93 5.62 25.32
C THR B 875 52.53 5.40 25.86
N THR B 876 51.50 5.63 25.05
CA THR B 876 50.15 5.67 25.58
C THR B 876 49.54 4.29 25.54
N PRO B 877 49.10 3.76 26.66
CA PRO B 877 48.34 2.50 26.64
C PRO B 877 46.90 2.73 26.22
N ILE B 878 46.32 1.68 25.67
CA ILE B 878 44.88 1.61 25.54
C ILE B 878 44.34 1.17 26.88
N THR B 879 43.54 2.01 27.51
CA THR B 879 43.11 1.69 28.86
C THR B 879 42.11 0.55 28.84
N SER B 880 41.96 -0.08 30.01
CA SER B 880 40.96 -1.12 30.17
C SER B 880 39.61 -0.63 29.69
N SER B 881 39.27 0.60 30.06
CA SER B 881 37.96 1.14 29.74
C SER B 881 37.77 1.33 28.25
N ASN B 882 38.86 1.42 27.49
CA ASN B 882 38.73 1.64 26.05
C ASN B 882 39.06 0.41 25.22
N ILE B 883 39.40 -0.72 25.84
CA ILE B 883 39.75 -1.89 25.06
C ILE B 883 38.56 -2.34 24.23
N TYR B 884 37.36 -2.21 24.77
CA TYR B 884 36.16 -2.54 24.01
C TYR B 884 36.14 -1.86 22.65
N LYS B 885 36.68 -0.64 22.58
CA LYS B 885 36.64 0.10 21.33
C LYS B 885 37.79 -0.29 20.41
N TYR B 886 38.92 -0.72 20.98
CA TYR B 886 40.00 -1.23 20.16
C TYR B 886 39.53 -2.37 19.29
N TRP B 887 38.77 -3.29 19.86
CA TRP B 887 38.32 -4.45 19.13
C TRP B 887 37.12 -4.15 18.25
N GLY B 888 36.23 -3.28 18.71
CA GLY B 888 35.10 -2.93 17.88
C GLY B 888 35.54 -2.35 16.55
N ASP B 889 36.59 -1.52 16.58
CA ASP B 889 37.04 -0.88 15.35
C ASP B 889 37.85 -1.84 14.51
N GLY B 890 38.31 -2.94 15.09
CA GLY B 890 38.98 -3.98 14.36
C GLY B 890 40.46 -4.03 14.67
N GLY B 891 40.83 -3.67 15.89
CA GLY B 891 42.21 -3.72 16.32
C GLY B 891 43.15 -3.00 15.39
N SER B 892 44.41 -3.43 15.33
CA SER B 892 45.35 -2.76 14.45
C SER B 892 44.92 -2.83 13.00
N ASP B 893 43.93 -3.64 12.69
CA ASP B 893 43.53 -3.80 11.31
C ASP B 893 42.41 -2.86 10.90
N MET B 894 41.71 -2.27 11.86
CA MET B 894 40.60 -1.32 11.64
C MET B 894 39.52 -2.05 10.82
N GLY B 895 38.93 -1.38 9.84
CA GLY B 895 37.84 -1.99 9.11
C GLY B 895 38.26 -3.25 8.36
N SER B 896 39.46 -3.25 7.81
CA SER B 896 39.91 -4.40 7.04
C SER B 896 39.91 -5.69 7.86
N CYS B 897 39.93 -5.57 9.19
CA CYS B 897 39.85 -6.75 10.04
C CYS B 897 38.67 -7.63 9.68
N PHE B 898 37.62 -7.04 9.14
CA PHE B 898 36.38 -7.76 8.94
C PHE B 898 36.21 -8.25 7.52
N LEU B 899 37.20 -8.05 6.66
CA LEU B 899 37.34 -8.89 5.49
C LEU B 899 37.98 -10.21 5.92
N VAL B 900 37.32 -11.32 5.62
CA VAL B 900 37.66 -12.63 6.13
C VAL B 900 38.02 -13.56 4.98
N ASP B 901 38.99 -14.44 5.22
CA ASP B 901 39.45 -15.38 4.21
C ASP B 901 38.34 -16.32 3.78
N LYS B 902 38.18 -16.46 2.46
CA LYS B 902 37.13 -17.24 1.83
C LYS B 902 37.45 -18.73 1.81
N SER B 903 38.67 -19.11 2.14
CA SER B 903 39.15 -20.45 1.88
C SER B 903 38.52 -21.46 2.82
N TYR B 904 38.28 -22.66 2.30
CA TYR B 904 37.79 -23.75 3.12
C TYR B 904 38.04 -25.10 2.44
N VAL B 905 38.12 -26.14 3.27
CA VAL B 905 37.99 -27.52 2.84
C VAL B 905 36.71 -28.05 3.45
N LYS B 906 35.90 -28.72 2.65
CA LYS B 906 34.59 -29.17 3.13
C LYS B 906 34.35 -30.64 2.81
N LEU B 907 33.95 -31.40 3.83
CA LEU B 907 33.29 -32.67 3.60
C LEU B 907 31.91 -32.40 2.99
N ARG B 908 31.87 -32.27 1.67
CA ARG B 908 30.65 -31.84 0.99
C ARG B 908 29.51 -32.82 1.21
N SER B 909 29.72 -34.10 0.86
CA SER B 909 28.67 -35.10 0.97
C SER B 909 29.25 -36.47 1.27
N VAL B 910 28.46 -37.30 1.93
CA VAL B 910 28.74 -38.73 2.11
C VAL B 910 27.44 -39.51 1.92
N VAL B 911 27.44 -40.47 1.00
CA VAL B 911 26.25 -41.27 0.70
C VAL B 911 26.56 -42.75 0.88
N LEU B 912 25.81 -43.41 1.76
CA LEU B 912 25.92 -44.85 1.98
C LEU B 912 24.66 -45.51 1.45
N GLY B 913 24.79 -46.25 0.36
CA GLY B 913 23.65 -46.88 -0.29
C GLY B 913 23.69 -48.40 -0.17
N TRP B 914 22.52 -48.99 0.09
CA TRP B 914 22.38 -50.44 0.12
C TRP B 914 21.26 -50.88 -0.83
N ASP B 915 21.63 -51.34 -2.02
CA ASP B 915 20.69 -51.97 -2.94
C ASP B 915 20.42 -53.40 -2.47
N LEU B 916 19.16 -53.72 -2.15
CA LEU B 916 18.85 -55.05 -1.64
C LEU B 916 18.98 -56.10 -2.75
N PRO B 917 19.46 -57.29 -2.41
CA PRO B 917 19.60 -58.36 -3.41
C PRO B 917 18.26 -58.75 -4.02
N LYS B 918 18.23 -58.84 -5.35
CA LYS B 918 17.02 -59.14 -6.08
C LYS B 918 16.34 -60.41 -5.60
N ARG B 919 17.08 -61.29 -4.92
CA ARG B 919 16.51 -62.56 -4.48
C ARG B 919 15.54 -62.36 -3.32
N TRP B 920 15.86 -61.44 -2.40
CA TRP B 920 14.98 -61.22 -1.25
C TRP B 920 13.62 -60.72 -1.68
N LEU B 921 13.56 -60.02 -2.78
CA LEU B 921 12.31 -59.52 -3.33
C LEU B 921 11.91 -60.48 -4.43
N ALA B 922 10.94 -61.34 -4.13
CA ALA B 922 10.47 -62.24 -5.15
C ALA B 922 9.03 -62.57 -4.85
N LYS B 923 8.77 -62.93 -3.59
CA LYS B 923 7.40 -63.14 -3.14
C LYS B 923 6.82 -61.82 -2.68
N THR B 924 7.27 -60.73 -3.29
CA THR B 924 6.93 -59.36 -2.97
C THR B 924 6.50 -58.66 -4.24
N PRO B 925 5.86 -57.49 -4.12
CA PRO B 925 5.52 -56.72 -5.32
C PRO B 925 6.66 -55.89 -5.86
N PHE B 926 7.82 -55.91 -5.20
CA PHE B 926 8.90 -54.97 -5.42
C PHE B 926 9.87 -55.43 -6.50
N GLN B 927 10.27 -54.51 -7.35
CA GLN B 927 11.30 -54.80 -8.35
C GLN B 927 12.70 -54.50 -7.86
N ALA B 928 12.85 -53.49 -7.02
CA ALA B 928 14.13 -53.10 -6.43
C ALA B 928 13.84 -52.43 -5.11
N VAL B 929 14.82 -52.42 -4.22
CA VAL B 929 14.73 -51.71 -2.97
C VAL B 929 16.13 -51.23 -2.61
N LYS B 930 16.30 -49.92 -2.41
CA LYS B 930 17.58 -49.37 -1.99
C LYS B 930 17.35 -48.47 -0.79
N VAL B 931 17.83 -48.88 0.36
CA VAL B 931 17.93 -47.98 1.50
C VAL B 931 19.19 -47.15 1.32
N SER B 932 19.19 -45.94 1.87
CA SER B 932 20.28 -45.00 1.67
C SER B 932 20.40 -44.10 2.89
N ALA B 933 21.60 -43.98 3.43
CA ALA B 933 21.91 -42.99 4.43
C ALA B 933 22.83 -41.97 3.82
N TYR B 934 22.67 -40.71 4.17
CA TYR B 934 23.50 -39.68 3.58
C TYR B 934 23.73 -38.56 4.58
N GLY B 935 24.66 -37.70 4.22
CA GLY B 935 24.99 -36.51 4.98
C GLY B 935 25.62 -35.48 4.08
N ASN B 936 25.24 -34.23 4.19
CA ASN B 936 25.80 -33.19 3.35
C ASN B 936 26.23 -32.01 4.20
N ASN B 937 27.20 -31.26 3.70
CA ASN B 937 27.75 -30.10 4.40
C ASN B 937 28.10 -30.50 5.83
N LEU B 938 28.97 -31.51 5.93
CA LEU B 938 29.14 -32.23 7.18
C LEU B 938 30.21 -31.64 8.07
N PHE B 939 31.29 -31.13 7.51
CA PHE B 939 32.35 -30.56 8.33
C PHE B 939 33.11 -29.59 7.47
N VAL B 940 33.49 -28.44 8.03
CA VAL B 940 34.19 -27.40 7.28
C VAL B 940 35.47 -27.04 8.02
N TRP B 941 36.55 -26.92 7.27
CA TRP B 941 37.86 -26.57 7.81
C TRP B 941 38.29 -25.24 7.21
N THR B 942 38.56 -24.27 8.06
CA THR B 942 38.98 -22.96 7.62
C THR B 942 40.35 -22.64 8.18
N PRO B 943 41.10 -21.74 7.55
CA PRO B 943 42.38 -21.32 8.09
C PRO B 943 42.27 -20.76 9.49
N SER B 944 43.39 -20.79 10.19
CA SER B 944 43.55 -20.29 11.56
C SER B 944 42.81 -18.98 11.81
N SER B 945 42.82 -18.09 10.82
CA SER B 945 42.38 -16.72 11.03
C SER B 945 40.87 -16.56 11.00
N ASN B 946 40.16 -17.54 10.51
CA ASN B 946 38.71 -17.47 10.40
C ASN B 946 38.15 -18.49 11.38
N THR B 947 37.67 -18.01 12.51
CA THR B 947 36.98 -18.87 13.45
C THR B 947 35.52 -18.47 13.55
N PHE B 948 34.96 -17.93 12.48
CA PHE B 948 33.69 -17.26 12.59
C PHE B 948 32.59 -17.87 11.72
N ILE B 949 32.84 -18.07 10.43
CA ILE B 949 31.77 -18.44 9.51
C ILE B 949 32.14 -19.61 8.62
N ASP B 950 31.12 -20.31 8.15
CA ASP B 950 31.26 -21.15 6.98
C ASP B 950 31.20 -20.19 5.81
N PRO B 951 32.28 -20.00 5.10
CA PRO B 951 32.31 -19.01 4.02
C PRO B 951 31.24 -19.16 2.94
N GLU B 952 30.42 -20.19 2.98
CA GLU B 952 29.40 -20.37 1.95
C GLU B 952 28.13 -19.64 2.39
N MET B 953 28.20 -18.31 2.33
CA MET B 953 27.23 -17.44 2.98
C MET B 953 27.11 -16.13 2.22
N THR B 954 25.87 -15.66 2.03
CA THR B 954 25.69 -14.28 1.58
C THR B 954 24.40 -13.69 2.12
N SER B 955 24.29 -12.38 1.98
CA SER B 955 23.04 -11.67 2.20
C SER B 955 22.68 -10.84 1.00
N PHE B 956 23.36 -11.05 -0.11
CA PHE B 956 23.26 -10.18 -1.25
C PHE B 956 23.07 -10.99 -2.52
N GLY B 957 22.47 -12.16 -2.40
CA GLY B 957 22.01 -12.88 -3.57
C GLY B 957 22.99 -13.89 -4.11
N ASN B 958 22.57 -14.54 -5.18
CA ASN B 958 23.31 -15.66 -5.74
C ASN B 958 24.13 -15.27 -6.94
N ASP B 959 24.39 -13.99 -7.17
CA ASP B 959 25.25 -13.66 -8.29
C ASP B 959 26.42 -12.80 -7.83
N LEU B 960 26.86 -11.87 -8.68
CA LEU B 960 28.06 -11.11 -8.38
C LEU B 960 27.96 -10.33 -7.08
N GLU B 961 26.87 -9.59 -6.89
CA GLU B 961 26.80 -8.74 -5.71
C GLU B 961 26.81 -9.56 -4.43
N GLY B 962 26.48 -10.85 -4.51
CA GLY B 962 26.55 -11.68 -3.34
C GLY B 962 27.97 -11.93 -2.86
N ASN B 963 28.94 -11.82 -3.75
CA ASN B 963 30.31 -12.09 -3.38
C ASN B 963 30.86 -11.10 -2.39
N TYR B 964 30.15 -10.00 -2.13
CA TYR B 964 30.65 -8.99 -1.21
C TYR B 964 30.83 -9.55 0.18
N GLY B 965 29.95 -10.44 0.60
CA GLY B 965 30.07 -10.98 1.92
C GLY B 965 28.73 -11.39 2.49
N GLU B 966 28.75 -11.64 3.78
CA GLU B 966 27.60 -12.11 4.53
C GLU B 966 27.28 -11.08 5.59
N TYR B 967 26.00 -10.78 5.75
CA TYR B 967 25.60 -9.69 6.63
C TYR B 967 24.79 -10.25 7.80
N THR B 968 25.47 -11.01 8.65
CA THR B 968 24.85 -11.88 9.65
C THR B 968 23.78 -12.75 9.03
N ALA B 969 24.12 -13.34 7.89
CA ALA B 969 23.38 -14.49 7.40
C ALA B 969 23.27 -15.53 8.50
N ASN B 970 22.23 -16.34 8.44
CA ASN B 970 22.03 -17.33 9.47
C ASN B 970 23.13 -18.39 9.41
N PRO B 971 23.47 -19.01 10.53
CA PRO B 971 24.51 -20.03 10.53
C PRO B 971 24.22 -21.13 9.54
N SER B 972 25.27 -21.65 8.91
CA SER B 972 25.10 -22.78 8.02
C SER B 972 24.87 -24.05 8.82
N SER B 973 24.30 -25.04 8.17
CA SER B 973 23.88 -26.23 8.89
C SER B 973 24.58 -27.46 8.35
N ARG B 974 24.52 -28.49 9.16
CA ARG B 974 24.99 -29.83 8.84
C ARG B 974 23.78 -30.72 8.58
N ARG B 975 23.72 -31.37 7.43
CA ARG B 975 22.53 -32.13 7.06
C ARG B 975 22.83 -33.62 6.90
N PHE B 976 21.89 -34.46 7.35
CA PHE B 976 22.07 -35.91 7.33
C PHE B 976 20.71 -36.61 7.42
N GLY B 977 20.50 -37.61 6.57
CA GLY B 977 19.23 -38.32 6.65
C GLY B 977 19.25 -39.71 6.05
N PHE B 978 18.04 -40.21 5.80
CA PHE B 978 17.78 -41.52 5.20
C PHE B 978 16.85 -41.37 4.00
N ASN B 979 16.92 -42.32 3.09
CA ASN B 979 16.06 -42.36 1.92
C ASN B 979 15.72 -43.80 1.58
N LEU B 980 14.46 -44.06 1.30
CA LEU B 980 13.99 -45.37 0.88
C LEU B 980 13.54 -45.29 -0.56
N MET B 981 14.04 -46.19 -1.39
CA MET B 981 13.65 -46.27 -2.78
C MET B 981 12.98 -47.60 -3.03
N VAL B 982 11.90 -47.60 -3.79
CA VAL B 982 11.03 -48.76 -3.93
C VAL B 982 10.53 -48.82 -5.37
N LYS B 983 11.09 -49.68 -6.19
CA LYS B 983 10.59 -49.83 -7.55
C LYS B 983 9.46 -50.84 -7.58
N PHE B 984 8.41 -50.50 -8.33
CA PHE B 984 7.30 -51.40 -8.56
C PHE B 984 7.25 -51.70 -10.04
N CYS C 1 -7.36 -31.51 5.45
CA CYS C 1 -8.31 -30.45 5.51
C CYS C 1 -8.65 -30.12 6.94
N ASP C 2 -8.07 -29.04 7.45
CA ASP C 2 -8.53 -28.46 8.69
C ASP C 2 -9.78 -27.64 8.41
N LEU C 3 -10.84 -27.91 9.16
CA LEU C 3 -12.10 -27.27 8.86
C LEU C 3 -12.36 -26.04 9.71
N ASN C 4 -11.62 -25.83 10.79
CA ASN C 4 -11.87 -24.66 11.61
C ASN C 4 -11.14 -23.47 11.00
N ILE C 5 -11.67 -23.02 9.87
CA ILE C 5 -11.09 -21.90 9.15
C ILE C 5 -12.13 -20.86 8.78
N ASN C 6 -13.26 -20.87 9.47
CA ASN C 6 -14.36 -19.98 9.15
C ASN C 6 -14.28 -18.67 9.90
N ASP C 7 -13.16 -18.38 10.54
CA ASP C 7 -12.95 -17.07 11.13
C ASP C 7 -12.50 -16.15 10.01
N ASP C 8 -13.22 -15.05 9.81
CA ASP C 8 -12.98 -14.23 8.62
C ASP C 8 -11.64 -13.54 8.76
N PRO C 9 -10.67 -13.84 7.89
CA PRO C 9 -9.34 -13.24 8.06
C PRO C 9 -9.26 -11.80 7.60
N ASN C 10 -10.32 -11.23 7.03
CA ASN C 10 -10.27 -9.87 6.55
C ASN C 10 -10.63 -8.83 7.60
N TYR C 11 -10.87 -9.23 8.83
CA TYR C 11 -11.23 -8.32 9.91
C TYR C 11 -10.48 -8.75 11.15
N PRO C 12 -10.24 -7.84 12.08
CA PRO C 12 -9.51 -8.21 13.29
C PRO C 12 -10.29 -9.18 14.14
N MET C 13 -9.64 -9.66 15.19
CA MET C 13 -10.31 -10.49 16.16
C MET C 13 -11.17 -9.62 17.05
N ASN C 14 -12.44 -9.97 17.18
CA ASN C 14 -13.40 -9.12 17.88
C ASN C 14 -12.91 -8.70 19.25
N ASP C 15 -12.14 -9.54 19.94
CA ASP C 15 -11.62 -9.08 21.21
C ASP C 15 -10.50 -8.05 21.08
N GLN C 16 -10.09 -7.70 19.86
CA GLN C 16 -9.13 -6.64 19.67
C GLN C 16 -9.75 -5.34 19.19
N VAL C 17 -11.07 -5.30 19.00
CA VAL C 17 -11.75 -4.11 18.52
C VAL C 17 -12.37 -3.43 19.73
N THR C 18 -11.71 -2.41 20.24
CA THR C 18 -12.12 -1.77 21.48
C THR C 18 -12.79 -0.43 21.23
N ALA C 19 -13.32 0.14 22.31
CA ALA C 19 -14.15 1.34 22.22
C ALA C 19 -13.45 2.47 21.49
N ASP C 20 -12.21 2.78 21.87
CA ASP C 20 -11.47 3.83 21.19
C ASP C 20 -11.34 3.57 19.69
N LEU C 21 -11.60 2.36 19.22
CA LEU C 21 -11.53 2.12 17.78
C LEU C 21 -12.88 2.26 17.11
N ILE C 22 -13.97 2.13 17.86
CA ILE C 22 -15.29 2.22 17.28
C ILE C 22 -15.84 3.64 17.35
N PHE C 23 -15.72 4.26 18.51
CA PHE C 23 -16.34 5.55 18.76
C PHE C 23 -16.09 6.62 17.69
N PRO C 24 -14.94 6.71 17.04
CA PRO C 24 -14.78 7.74 16.00
C PRO C 24 -15.70 7.54 14.83
N SER C 25 -16.35 6.40 14.72
CA SER C 25 -17.26 6.16 13.63
C SER C 25 -18.66 6.69 13.90
N ILE C 26 -18.97 6.94 15.17
CA ILE C 26 -20.29 7.47 15.54
C ILE C 26 -20.50 8.83 14.92
N SER C 27 -19.67 9.78 15.29
CA SER C 27 -19.81 11.15 14.80
C SER C 27 -19.58 11.25 13.32
N ALA C 28 -18.72 10.41 12.75
CA ALA C 28 -18.52 10.46 11.32
C ALA C 28 -19.74 9.96 10.58
N SER C 29 -20.45 9.00 11.15
CA SER C 29 -21.62 8.47 10.46
C SER C 29 -22.75 9.50 10.47
N ILE C 30 -23.07 10.02 11.65
CA ILE C 30 -24.06 11.08 11.74
C ILE C 30 -23.76 12.18 10.72
N ALA C 31 -22.56 12.71 10.75
CA ALA C 31 -22.21 13.80 9.86
C ALA C 31 -22.35 13.45 8.38
N SER C 32 -22.28 12.19 8.02
CA SER C 32 -22.42 11.86 6.62
C SER C 32 -23.88 11.85 6.22
N ALA C 33 -24.78 11.69 7.19
CA ALA C 33 -26.20 11.86 6.91
C ALA C 33 -26.57 13.32 7.05
N VAL C 34 -26.53 13.85 8.28
CA VAL C 34 -26.99 15.20 8.55
C VAL C 34 -26.27 16.25 7.75
N GLY C 35 -25.07 15.96 7.26
CA GLY C 35 -24.34 16.88 6.41
C GLY C 35 -24.39 16.56 4.94
N GLY C 36 -25.16 15.56 4.54
CA GLY C 36 -25.17 15.16 3.15
C GLY C 36 -26.56 14.97 2.58
N GLU C 37 -27.08 13.74 2.63
CA GLU C 37 -28.35 13.46 2.00
C GLU C 37 -29.48 14.20 2.69
N ILE C 38 -29.55 14.11 4.02
CA ILE C 38 -30.60 14.79 4.76
C ILE C 38 -30.53 16.29 4.52
N TYR C 39 -29.41 16.89 4.89
CA TYR C 39 -29.04 18.27 4.56
C TYR C 39 -29.50 18.65 3.16
N ASN C 40 -29.24 17.79 2.18
CA ASN C 40 -29.53 18.18 0.81
C ASN C 40 -31.00 18.43 0.59
N TYR C 41 -31.86 17.49 0.96
CA TYR C 41 -33.28 17.72 0.73
C TYR C 41 -33.84 18.76 1.69
N ALA C 42 -33.24 18.93 2.86
CA ALA C 42 -33.68 19.99 3.76
C ALA C 42 -33.45 21.35 3.14
N GLY C 43 -32.39 21.50 2.35
CA GLY C 43 -32.11 22.76 1.71
C GLY C 43 -33.09 23.13 0.63
N PHE C 44 -33.85 22.17 0.13
CA PHE C 44 -34.93 22.50 -0.79
C PHE C 44 -36.19 22.85 -0.02
N PHE C 45 -36.47 22.14 1.06
CA PHE C 45 -37.70 22.36 1.81
C PHE C 45 -37.68 23.72 2.48
N ALA C 46 -36.51 24.18 2.92
CA ALA C 46 -36.32 25.50 3.49
C ALA C 46 -36.04 26.56 2.44
N GLN C 47 -36.06 26.18 1.16
CA GLN C 47 -36.01 27.12 0.05
C GLN C 47 -34.73 27.95 0.06
N TYR C 48 -33.59 27.26 0.15
CA TYR C 48 -32.29 27.87 -0.07
C TYR C 48 -31.87 27.76 -1.53
N TYR C 49 -32.13 26.64 -2.17
CA TYR C 49 -31.75 26.45 -3.57
C TYR C 49 -32.82 25.66 -4.30
N GLU C 50 -32.61 25.46 -5.59
CA GLU C 50 -33.59 24.85 -6.46
C GLU C 50 -32.88 23.96 -7.48
N GLN C 51 -33.62 23.39 -8.40
CA GLN C 51 -33.02 22.58 -9.44
C GLN C 51 -32.55 23.44 -10.60
N LYS C 52 -31.30 23.32 -10.97
CA LYS C 52 -30.77 24.02 -12.13
C LYS C 52 -31.63 23.75 -13.35
N PRO C 53 -31.72 24.69 -14.28
CA PRO C 53 -32.59 24.49 -15.43
C PRO C 53 -32.13 23.40 -16.39
N GLU C 54 -30.87 22.98 -16.33
CA GLU C 54 -30.33 22.10 -17.36
C GLU C 54 -30.10 20.66 -16.89
N SER C 55 -30.33 20.35 -15.63
CA SER C 55 -30.21 18.99 -15.13
C SER C 55 -31.53 18.61 -14.46
N ASN C 56 -31.60 17.39 -13.93
CA ASN C 56 -32.90 16.92 -13.46
C ASN C 56 -32.86 16.11 -12.19
N GLN C 57 -31.80 16.19 -11.41
CA GLN C 57 -31.64 15.20 -10.35
C GLN C 57 -32.68 15.36 -9.27
N TYR C 58 -33.06 16.58 -8.94
CA TYR C 58 -33.92 16.79 -7.78
C TYR C 58 -35.26 17.43 -8.15
N ASN C 59 -35.68 17.28 -9.41
CA ASN C 59 -37.04 17.64 -9.82
C ASN C 59 -38.06 17.30 -8.75
N THR C 60 -38.15 16.03 -8.36
CA THR C 60 -39.22 15.62 -7.46
C THR C 60 -39.00 16.07 -6.03
N LEU C 61 -37.85 16.61 -5.69
CA LEU C 61 -37.75 17.18 -4.35
C LEU C 61 -38.14 18.63 -4.37
N CYS C 62 -37.96 19.28 -5.52
CA CYS C 62 -38.38 20.66 -5.69
C CYS C 62 -39.86 20.77 -5.92
N GLU C 63 -40.43 19.87 -6.72
CA GLU C 63 -41.85 19.89 -7.03
C GLU C 63 -42.66 19.04 -6.09
N TYR C 64 -42.12 18.71 -4.92
CA TYR C 64 -42.75 17.84 -3.94
C TYR C 64 -43.51 16.66 -4.57
N THR C 65 -42.96 16.04 -5.61
CA THR C 65 -43.58 14.88 -6.23
C THR C 65 -42.84 13.58 -5.93
N PHE C 66 -42.23 13.46 -4.76
CA PHE C 66 -41.65 12.20 -4.33
C PHE C 66 -42.66 11.48 -3.45
N THR C 67 -42.46 10.16 -3.29
CA THR C 67 -43.35 9.38 -2.44
C THR C 67 -42.60 8.60 -1.38
N GLU C 68 -43.22 7.58 -0.80
CA GLU C 68 -42.49 6.72 0.12
C GLU C 68 -41.49 5.87 -0.63
N SER C 69 -41.90 5.33 -1.77
CA SER C 69 -41.04 4.51 -2.60
C SER C 69 -39.87 5.26 -3.20
N SER C 70 -39.79 6.58 -3.01
CA SER C 70 -38.64 7.29 -3.56
C SER C 70 -37.39 7.08 -2.74
N GLN C 71 -37.53 6.61 -1.50
CA GLN C 71 -36.39 6.23 -0.66
C GLN C 71 -35.43 7.40 -0.46
N GLN C 72 -35.97 8.59 -0.21
CA GLN C 72 -35.15 9.79 -0.21
C GLN C 72 -34.28 9.90 1.03
N MET C 73 -34.60 9.20 2.10
CA MET C 73 -33.75 9.17 3.27
C MET C 73 -33.32 7.75 3.66
N ASP C 74 -33.46 6.77 2.77
CA ASP C 74 -33.12 5.39 3.16
C ASP C 74 -31.65 5.26 3.53
N TYR C 75 -30.76 5.84 2.72
CA TYR C 75 -29.34 5.82 3.04
C TYR C 75 -29.08 6.40 4.42
N SER C 76 -29.60 7.58 4.70
CA SER C 76 -29.33 8.21 5.99
C SER C 76 -29.92 7.40 7.13
N TYR C 77 -31.09 6.82 6.92
CA TYR C 77 -31.67 5.97 7.95
C TYR C 77 -30.77 4.78 8.23
N ARG C 78 -30.15 4.22 7.19
CA ARG C 78 -29.19 3.15 7.37
C ARG C 78 -27.97 3.63 8.13
N ILE C 79 -27.40 4.76 7.68
CA ILE C 79 -26.21 5.33 8.30
C ILE C 79 -26.44 5.61 9.77
N LEU C 80 -27.55 6.25 10.10
CA LEU C 80 -27.75 6.71 11.48
C LEU C 80 -27.98 5.54 12.43
N PHE C 81 -28.67 4.51 11.97
CA PHE C 81 -29.12 3.45 12.86
C PHE C 81 -28.22 2.22 12.83
N ALA C 82 -27.93 1.71 11.64
CA ALA C 82 -27.03 0.57 11.54
C ALA C 82 -25.56 0.99 11.54
N GLY C 83 -25.28 2.28 11.39
CA GLY C 83 -23.94 2.79 11.45
C GLY C 83 -23.65 3.43 12.78
N ALA C 84 -24.14 4.65 12.99
CA ALA C 84 -23.72 5.39 14.17
C ALA C 84 -24.31 4.82 15.45
N LEU C 85 -25.58 4.44 15.42
CA LEU C 85 -26.26 4.09 16.65
C LEU C 85 -25.88 2.71 17.14
N GLU C 86 -25.66 1.78 16.22
CA GLU C 86 -25.12 0.47 16.61
C GLU C 86 -23.71 0.62 17.16
N ASP C 87 -22.89 1.46 16.53
CA ASP C 87 -21.56 1.71 17.06
C ASP C 87 -21.63 2.38 18.42
N ALA C 88 -22.56 3.31 18.58
CA ALA C 88 -22.79 3.89 19.89
C ALA C 88 -23.15 2.82 20.91
N LYS C 89 -23.98 1.86 20.51
CA LYS C 89 -24.32 0.78 21.42
C LYS C 89 -23.10 -0.04 21.77
N GLN C 90 -22.21 -0.26 20.80
CA GLN C 90 -21.01 -1.04 21.07
C GLN C 90 -20.07 -0.31 22.01
N VAL C 91 -19.98 1.02 21.93
CA VAL C 91 -19.07 1.75 22.80
C VAL C 91 -19.53 1.69 24.24
N LEU C 92 -20.84 1.82 24.48
CA LEU C 92 -21.31 1.75 25.85
C LEU C 92 -21.16 0.35 26.42
N GLU C 93 -21.10 -0.68 25.56
CA GLU C 93 -20.90 -2.03 26.07
C GLU C 93 -19.46 -2.24 26.50
N LYS C 94 -18.52 -1.58 25.82
CA LYS C 94 -17.11 -1.89 25.96
C LYS C 94 -16.40 -1.02 26.97
N THR C 95 -16.74 0.27 27.09
CA THR C 95 -16.02 1.18 27.96
C THR C 95 -16.87 1.55 29.17
N THR C 96 -16.20 1.99 30.23
CA THR C 96 -16.86 2.47 31.43
C THR C 96 -16.47 3.89 31.79
N ASN C 97 -15.71 4.56 30.94
CA ASN C 97 -15.27 5.94 31.19
C ASN C 97 -16.45 6.88 31.13
N PRO C 98 -16.88 7.49 32.25
CA PRO C 98 -18.07 8.35 32.21
C PRO C 98 -17.94 9.49 31.23
N ALA C 99 -16.73 9.95 30.95
CA ALA C 99 -16.56 11.02 29.98
C ALA C 99 -16.80 10.52 28.57
N ASP C 100 -16.39 9.29 28.28
CA ASP C 100 -16.69 8.73 26.97
C ASP C 100 -18.17 8.38 26.84
N ARG C 101 -18.77 7.87 27.91
CA ARG C 101 -20.18 7.56 27.84
C ARG C 101 -21.01 8.80 27.60
N PHE C 102 -20.56 9.95 28.11
CA PHE C 102 -21.28 11.20 27.92
C PHE C 102 -21.23 11.65 26.46
N ALA C 103 -20.04 11.62 25.86
CA ALA C 103 -19.92 12.03 24.47
C ALA C 103 -20.65 11.07 23.54
N THR C 104 -20.80 9.81 23.94
CA THR C 104 -21.55 8.89 23.10
C THR C 104 -23.04 9.14 23.24
N THR C 105 -23.50 9.32 24.47
CA THR C 105 -24.92 9.57 24.66
C THR C 105 -25.34 10.85 23.95
N ILE C 106 -24.44 11.82 23.85
CA ILE C 106 -24.78 13.06 23.16
C ILE C 106 -24.94 12.81 21.67
N LEU C 107 -23.95 12.14 21.06
CA LEU C 107 -24.09 11.79 19.66
C LEU C 107 -25.24 10.81 19.45
N ARG C 108 -25.48 9.91 20.40
CA ARG C 108 -26.67 9.09 20.35
C ARG C 108 -27.92 9.95 20.35
N ALA C 109 -28.10 10.77 21.38
CA ALA C 109 -29.28 11.61 21.47
C ALA C 109 -29.43 12.49 20.24
N TYR C 110 -28.33 13.07 19.76
CA TYR C 110 -28.44 13.92 18.59
C TYR C 110 -28.95 13.14 17.39
N ALA C 111 -28.48 11.90 17.21
CA ALA C 111 -28.93 11.13 16.06
C ALA C 111 -30.41 10.81 16.15
N PHE C 112 -30.90 10.50 17.35
CA PHE C 112 -32.33 10.29 17.49
C PHE C 112 -33.09 11.58 17.24
N GLN C 113 -32.51 12.72 17.58
CA GLN C 113 -33.18 13.98 17.34
C GLN C 113 -33.30 14.26 15.85
N ILE C 114 -32.29 13.88 15.06
CA ILE C 114 -32.36 14.09 13.62
C ILE C 114 -33.43 13.21 13.00
N MET C 115 -33.51 11.95 13.44
CA MET C 115 -34.56 11.08 12.94
C MET C 115 -35.92 11.64 13.25
N VAL C 116 -36.13 12.06 14.50
CA VAL C 116 -37.43 12.55 14.93
C VAL C 116 -37.82 13.80 14.16
N ASP C 117 -36.90 14.75 14.02
CA ASP C 117 -37.21 15.90 13.18
C ASP C 117 -37.45 15.54 11.75
N ASN C 118 -37.56 14.27 11.36
CA ASN C 118 -37.77 13.88 9.97
C ASN C 118 -39.06 13.11 9.80
N THR C 119 -39.27 12.08 10.60
CA THR C 119 -40.42 11.21 10.46
C THR C 119 -41.27 11.22 11.72
N SER C 120 -41.03 12.18 12.61
CA SER C 120 -41.80 12.33 13.83
C SER C 120 -41.58 11.14 14.73
N ASP C 121 -42.11 10.00 14.34
CA ASP C 121 -41.86 8.78 15.08
C ASP C 121 -40.49 8.24 14.73
N SER C 122 -39.95 7.40 15.61
CA SER C 122 -38.65 6.82 15.37
C SER C 122 -38.43 5.61 16.26
N PRO C 123 -37.77 4.57 15.78
CA PRO C 123 -37.44 3.46 16.66
C PRO C 123 -36.48 3.93 17.73
N TYR C 124 -36.73 3.47 18.95
CA TYR C 124 -35.97 4.00 20.07
C TYR C 124 -35.84 2.98 21.19
N SER C 125 -36.94 2.69 21.89
CA SER C 125 -36.85 1.83 23.05
C SER C 125 -36.51 0.40 22.66
N GLU C 126 -37.04 -0.06 21.53
CA GLU C 126 -36.78 -1.41 21.08
C GLU C 126 -35.71 -1.48 20.00
N ALA C 127 -35.11 -0.35 19.67
CA ALA C 127 -34.15 -0.36 18.58
C ALA C 127 -32.85 -1.02 19.02
N LEU C 128 -32.08 -1.47 18.02
CA LEU C 128 -30.72 -1.92 18.21
C LEU C 128 -30.64 -3.23 19.00
N GLN C 129 -31.65 -4.08 18.87
CA GLN C 129 -31.67 -5.33 19.61
C GLN C 129 -31.47 -6.54 18.72
N GLY C 130 -31.26 -6.35 17.42
CA GLY C 130 -30.86 -7.47 16.59
C GLY C 130 -31.94 -8.52 16.53
N ASN C 131 -31.52 -9.78 16.46
CA ASN C 131 -32.47 -10.87 16.29
C ASN C 131 -33.48 -10.92 17.42
N ALA C 132 -33.13 -10.40 18.60
CA ALA C 132 -34.09 -10.33 19.69
C ALA C 132 -35.31 -9.50 19.30
N ASN C 133 -35.15 -8.59 18.35
CA ASN C 133 -36.29 -7.81 17.90
C ASN C 133 -36.01 -7.15 16.55
N ALA C 134 -36.14 -7.93 15.47
CA ALA C 134 -35.90 -7.42 14.14
C ALA C 134 -36.92 -6.40 13.68
N THR C 135 -37.98 -6.18 14.45
CA THR C 135 -39.07 -5.31 14.04
C THR C 135 -39.42 -4.44 15.22
N PRO C 136 -38.51 -3.54 15.59
CA PRO C 136 -38.77 -2.67 16.74
C PRO C 136 -39.93 -1.74 16.43
N LYS C 137 -40.69 -1.42 17.47
CA LYS C 137 -41.78 -0.46 17.29
C LYS C 137 -41.21 0.95 17.21
N TRP C 138 -41.93 1.81 16.50
CA TRP C 138 -41.53 3.20 16.36
C TRP C 138 -42.23 4.00 17.45
N ASP C 139 -41.46 4.40 18.47
CA ASP C 139 -41.98 5.27 19.50
C ASP C 139 -42.43 6.61 18.93
N THR C 140 -43.16 7.38 19.73
CA THR C 140 -43.55 8.71 19.32
C THR C 140 -42.42 9.69 19.54
N GLY C 141 -42.32 10.66 18.64
CA GLY C 141 -41.29 11.67 18.76
C GLY C 141 -41.15 12.26 20.15
N GLU C 142 -42.24 12.30 20.91
CA GLU C 142 -42.17 12.87 22.25
C GLU C 142 -41.59 11.88 23.26
N THR C 143 -41.97 10.59 23.14
CA THR C 143 -41.33 9.58 23.97
C THR C 143 -39.82 9.61 23.78
N VAL C 144 -39.38 9.81 22.54
CA VAL C 144 -37.96 9.84 22.24
C VAL C 144 -37.32 11.08 22.84
N TYR C 145 -37.82 12.26 22.49
CA TYR C 145 -37.26 13.48 23.05
C TYR C 145 -37.16 13.40 24.57
N LYS C 146 -38.26 13.00 25.22
CA LYS C 146 -38.23 12.92 26.67
C LYS C 146 -37.23 11.88 27.14
N GLY C 147 -36.91 10.92 26.28
CA GLY C 147 -36.00 9.86 26.65
C GLY C 147 -34.55 10.23 26.41
N ILE C 148 -34.24 10.74 25.21
CA ILE C 148 -32.84 11.06 24.94
C ILE C 148 -32.40 12.21 25.81
N LEU C 149 -33.30 13.14 26.12
CA LEU C 149 -32.97 14.12 27.14
C LEU C 149 -32.80 13.45 28.50
N GLY C 150 -33.50 12.35 28.73
CA GLY C 150 -33.32 11.62 29.98
C GLY C 150 -31.98 10.92 30.03
N GLU C 151 -31.55 10.37 28.90
CA GLU C 151 -30.23 9.75 28.85
C GLU C 151 -29.13 10.76 29.11
N ILE C 152 -29.27 11.96 28.54
CA ILE C 152 -28.26 12.97 28.75
C ILE C 152 -28.20 13.38 30.21
N ASP C 153 -29.35 13.50 30.87
CA ASP C 153 -29.35 13.89 32.27
C ASP C 153 -28.56 12.91 33.10
N ALA C 154 -28.78 11.62 32.88
CA ALA C 154 -28.05 10.63 33.66
C ALA C 154 -26.57 10.66 33.33
N ALA C 155 -26.23 10.75 32.04
CA ALA C 155 -24.83 10.65 31.64
C ALA C 155 -24.01 11.80 32.21
N GLU C 156 -24.58 13.00 32.27
CA GLU C 156 -23.88 14.10 32.88
C GLU C 156 -23.74 13.88 34.38
N ALA C 157 -24.70 13.18 34.98
CA ALA C 157 -24.70 12.95 36.40
C ALA C 157 -23.74 11.85 36.81
N ALA C 158 -23.18 11.12 35.86
CA ALA C 158 -22.25 10.05 36.17
C ALA C 158 -20.79 10.49 36.10
N LEU C 159 -20.52 11.71 35.66
CA LEU C 159 -19.15 12.19 35.54
C LEU C 159 -18.48 12.21 36.90
N ASP C 160 -17.26 11.69 36.97
CA ASP C 160 -16.52 11.60 38.22
C ASP C 160 -15.34 12.55 38.31
N GLY C 161 -14.97 13.20 37.21
CA GLY C 161 -13.82 14.05 37.15
C GLY C 161 -12.75 13.57 36.20
N SER C 162 -12.76 12.30 35.83
CA SER C 162 -11.79 11.81 34.87
C SER C 162 -12.11 12.36 33.50
N GLY C 163 -11.12 12.28 32.62
CA GLY C 163 -11.23 12.84 31.29
C GLY C 163 -11.43 11.78 30.23
N MET C 164 -11.65 12.25 29.01
CA MET C 164 -11.98 11.34 27.92
C MET C 164 -10.77 10.54 27.47
N ASP C 165 -11.04 9.33 26.98
CA ASP C 165 -10.01 8.37 26.60
C ASP C 165 -10.31 7.78 25.22
N VAL C 166 -10.63 8.64 24.27
CA VAL C 166 -11.17 8.17 23.00
C VAL C 166 -10.90 9.24 21.95
N PRO C 167 -10.65 8.89 20.68
CA PRO C 167 -10.33 9.92 19.69
C PRO C 167 -11.52 10.80 19.33
N ASP C 168 -11.50 12.03 19.81
CA ASP C 168 -12.60 12.97 19.63
C ASP C 168 -12.25 13.94 18.50
N LEU C 169 -12.97 13.85 17.40
CA LEU C 169 -12.74 14.73 16.26
C LEU C 169 -13.65 15.94 16.29
N ILE C 170 -14.50 16.07 17.30
CA ILE C 170 -15.39 17.22 17.43
C ILE C 170 -14.80 18.27 18.37
N PHE C 171 -14.40 17.84 19.56
CA PHE C 171 -13.90 18.72 20.60
C PHE C 171 -12.52 18.35 21.11
N ASN C 172 -11.98 17.19 20.73
CA ASN C 172 -10.67 16.73 21.16
C ASN C 172 -10.59 16.62 22.68
N LYS C 173 -11.52 15.86 23.24
CA LYS C 173 -11.54 15.52 24.65
C LYS C 173 -11.83 16.72 25.55
N ASN C 174 -12.39 17.79 25.00
CA ASN C 174 -12.73 18.96 25.80
C ASN C 174 -14.11 18.74 26.42
N ILE C 175 -14.13 18.28 27.67
CA ILE C 175 -15.39 17.90 28.33
C ILE C 175 -16.32 19.09 28.48
N ALA C 176 -15.78 20.30 28.63
CA ALA C 176 -16.64 21.47 28.71
C ALA C 176 -17.46 21.63 27.44
N GLN C 177 -16.82 21.44 26.28
CA GLN C 177 -17.55 21.61 25.03
C GLN C 177 -18.64 20.57 24.87
N TRP C 178 -18.43 19.35 25.37
CA TRP C 178 -19.51 18.38 25.28
C TRP C 178 -20.65 18.75 26.21
N LYS C 179 -20.33 19.30 27.38
CA LYS C 179 -21.40 19.80 28.26
C LYS C 179 -22.22 20.88 27.56
N GLY C 180 -21.54 21.80 26.89
CA GLY C 180 -22.24 22.84 26.15
C GLY C 180 -23.11 22.27 25.04
N PHE C 181 -22.57 21.31 24.28
CA PHE C 181 -23.35 20.68 23.24
C PHE C 181 -24.62 20.07 23.82
N ALA C 182 -24.51 19.47 25.01
CA ALA C 182 -25.69 18.92 25.65
C ALA C 182 -26.68 20.01 26.02
N ASN C 183 -26.18 21.15 26.49
CA ASN C 183 -27.07 22.24 26.87
C ASN C 183 -27.69 22.89 25.63
N ALA C 184 -26.90 23.09 24.58
CA ALA C 184 -27.49 23.58 23.33
C ALA C 184 -28.53 22.63 22.80
N LEU C 185 -28.31 21.32 22.97
CA LEU C 185 -29.32 20.37 22.53
C LEU C 185 -30.55 20.44 23.40
N ARG C 186 -30.39 20.76 24.68
CA ARG C 186 -31.55 20.92 25.54
C ARG C 186 -32.30 22.20 25.18
N LEU C 187 -31.58 23.31 25.03
CA LEU C 187 -32.18 24.53 24.51
C LEU C 187 -32.94 24.27 23.23
N ARG C 188 -32.31 23.55 22.29
CA ARG C 188 -32.96 23.23 21.04
C ARG C 188 -34.24 22.43 21.28
N MET C 189 -34.15 21.35 22.05
CA MET C 189 -35.29 20.48 22.21
C MET C 189 -36.31 21.06 23.18
N TYR C 190 -35.86 21.72 24.25
CA TYR C 190 -36.79 22.35 25.18
C TYR C 190 -37.75 23.29 24.45
N LEU C 191 -37.24 24.08 23.52
CA LEU C 191 -38.09 24.98 22.75
C LEU C 191 -39.14 24.22 21.95
N ARG C 192 -38.78 23.04 21.44
CA ARG C 192 -39.74 22.28 20.64
C ARG C 192 -40.95 21.92 21.48
N PHE C 193 -40.72 21.49 22.72
CA PHE C 193 -41.83 21.19 23.64
C PHE C 193 -42.69 22.42 23.85
N ILE C 194 -42.06 23.58 24.04
CA ILE C 194 -42.80 24.80 24.31
C ILE C 194 -43.72 25.13 23.16
N ASP C 195 -43.15 25.36 21.98
CA ASP C 195 -43.98 25.67 20.83
C ASP C 195 -44.87 24.52 20.38
N ALA C 196 -44.76 23.36 20.99
CA ALA C 196 -45.75 22.32 20.74
C ALA C 196 -46.85 22.34 21.77
N ASN C 197 -46.74 23.21 22.77
CA ASN C 197 -47.73 23.38 23.82
C ASN C 197 -47.88 22.11 24.64
N ILE C 198 -46.76 21.40 24.84
CA ILE C 198 -46.74 20.17 25.60
C ILE C 198 -45.84 20.41 26.80
N ASP C 199 -46.39 20.27 28.00
CA ASP C 199 -45.68 20.56 29.25
C ASP C 199 -44.91 21.87 29.13
N ALA C 200 -45.59 22.90 28.60
CA ALA C 200 -44.91 24.16 28.31
C ALA C 200 -44.54 24.91 29.57
N ALA C 201 -45.25 24.67 30.67
CA ALA C 201 -44.97 25.36 31.91
C ALA C 201 -43.55 25.11 32.38
N SER C 202 -43.22 23.85 32.68
CA SER C 202 -41.93 23.54 33.27
C SER C 202 -40.80 23.74 32.26
N TYR C 203 -40.97 23.25 31.04
CA TYR C 203 -39.90 23.39 30.05
C TYR C 203 -39.55 24.85 29.80
N THR C 204 -40.43 25.78 30.15
CA THR C 204 -40.10 27.19 29.94
C THR C 204 -39.14 27.69 30.99
N GLU C 205 -39.36 27.33 32.26
CA GLU C 205 -38.41 27.73 33.29
C GLU C 205 -37.07 27.05 33.09
N LYS C 206 -37.07 25.81 32.60
CA LYS C 206 -35.81 25.15 32.27
C LYS C 206 -35.09 25.89 31.17
N VAL C 207 -35.83 26.36 30.17
CA VAL C 207 -35.24 27.17 29.11
C VAL C 207 -34.62 28.43 29.70
N LYS C 208 -35.26 29.02 30.70
CA LYS C 208 -34.74 30.26 31.26
C LYS C 208 -33.52 29.98 32.13
N THR C 209 -33.55 28.92 32.93
CA THR C 209 -32.40 28.65 33.79
C THR C 209 -31.18 28.19 32.99
N LEU C 210 -31.38 27.63 31.79
CA LEU C 210 -30.23 27.32 30.95
C LEU C 210 -29.51 28.59 30.53
N VAL C 211 -30.25 29.57 30.02
CA VAL C 211 -29.63 30.78 29.50
C VAL C 211 -28.99 31.58 30.62
N GLN C 212 -29.52 31.51 31.84
CA GLN C 212 -28.90 32.21 32.95
C GLN C 212 -27.53 31.63 33.27
N ASN C 213 -27.34 30.32 33.04
CA ASN C 213 -26.06 29.69 33.31
C ASN C 213 -25.08 29.86 32.16
N ASN C 214 -25.57 29.98 30.93
CA ASN C 214 -24.73 30.16 29.75
C ASN C 214 -23.69 29.06 29.63
N GLU C 215 -24.03 27.85 30.07
CA GLU C 215 -23.07 26.75 30.01
C GLU C 215 -23.12 26.08 28.65
N PHE C 216 -23.01 26.88 27.60
CA PHE C 216 -23.05 26.38 26.24
C PHE C 216 -21.64 26.23 25.70
N PHE C 217 -21.53 26.08 24.39
CA PHE C 217 -20.27 25.77 23.74
C PHE C 217 -19.68 27.01 23.09
N THR C 218 -18.41 26.92 22.73
CA THR C 218 -17.73 27.97 22.00
C THR C 218 -17.37 27.44 20.62
N GLY C 219 -17.13 28.36 19.70
CA GLY C 219 -17.00 27.95 18.32
C GLY C 219 -18.31 27.31 17.85
N ASP C 220 -18.22 26.64 16.72
CA ASP C 220 -19.29 25.80 16.24
C ASP C 220 -19.03 24.36 16.66
N VAL C 221 -20.11 23.60 16.84
CA VAL C 221 -20.01 22.15 17.00
C VAL C 221 -19.99 21.58 15.59
N LYS C 222 -18.81 21.17 15.14
CA LYS C 222 -18.64 20.73 13.77
C LYS C 222 -17.78 19.49 13.73
N LEU C 223 -17.68 18.90 12.54
CA LEU C 223 -16.77 17.81 12.25
C LEU C 223 -15.80 18.38 11.23
N ASP C 224 -14.69 18.94 11.71
CA ASP C 224 -13.69 19.55 10.83
C ASP C 224 -12.66 18.47 10.52
N CYS C 225 -12.76 17.89 9.34
CA CYS C 225 -12.27 16.54 9.18
C CYS C 225 -12.02 16.20 7.74
N PHE C 226 -12.54 17.01 6.84
CA PHE C 226 -12.68 16.60 5.46
C PHE C 226 -11.53 17.10 4.62
N LEU C 227 -11.18 16.30 3.62
CA LEU C 227 -10.08 16.61 2.73
C LEU C 227 -10.58 16.52 1.31
N ASP C 228 -10.02 17.34 0.43
CA ASP C 228 -10.46 17.33 -0.95
C ASP C 228 -9.85 16.13 -1.67
N GLU C 229 -10.20 14.94 -1.20
CA GLU C 229 -9.74 13.67 -1.75
C GLU C 229 -10.95 12.79 -2.02
N THR C 230 -10.75 11.77 -2.84
CA THR C 230 -11.75 10.72 -2.99
C THR C 230 -12.06 10.06 -1.66
N ASP C 231 -13.34 9.79 -1.42
CA ASP C 231 -13.88 9.17 -0.22
C ASP C 231 -13.66 9.97 1.05
N LYS C 232 -13.09 11.18 0.98
CA LYS C 232 -12.78 11.92 2.20
C LYS C 232 -13.23 13.37 2.15
N ARG C 233 -14.03 13.77 1.17
CA ARG C 233 -14.56 15.12 1.07
C ARG C 233 -15.76 15.31 1.99
N ASN C 234 -16.21 16.55 2.08
CA ASN C 234 -17.50 16.84 2.69
C ASN C 234 -18.60 16.01 2.02
N PRO C 235 -19.53 15.45 2.79
CA PRO C 235 -20.52 14.55 2.20
C PRO C 235 -21.35 15.19 1.12
N TRP C 236 -21.88 16.39 1.37
CA TRP C 236 -22.72 17.05 0.40
C TRP C 236 -21.93 17.51 -0.80
N TYR C 237 -20.70 17.96 -0.63
CA TYR C 237 -19.91 18.30 -1.79
C TYR C 237 -19.64 17.05 -2.63
N ASN C 238 -19.29 15.95 -1.97
CA ASN C 238 -19.03 14.67 -2.63
C ASN C 238 -20.20 14.26 -3.53
N THR C 239 -21.37 14.10 -2.92
CA THR C 239 -22.58 13.74 -3.65
C THR C 239 -22.82 14.64 -4.85
N ASN C 240 -22.74 15.95 -4.64
CA ASN C 240 -23.37 16.86 -5.59
C ASN C 240 -22.39 17.58 -6.51
N ALA C 241 -21.13 17.71 -6.12
CA ALA C 241 -20.14 18.33 -6.99
C ALA C 241 -19.28 17.28 -7.68
N VAL C 242 -18.95 16.20 -7.00
CA VAL C 242 -18.15 15.16 -7.61
C VAL C 242 -19.06 14.10 -8.20
N GLY C 243 -19.89 13.50 -7.36
CA GLY C 243 -20.71 12.39 -7.81
C GLY C 243 -21.62 12.72 -8.96
N LEU C 244 -22.26 13.88 -8.92
CA LEU C 244 -23.13 14.33 -10.00
C LEU C 244 -22.60 15.64 -10.57
N THR C 245 -23.24 16.13 -11.62
CA THR C 245 -22.94 17.46 -12.10
C THR C 245 -23.57 18.50 -11.17
N GLY C 246 -23.38 19.75 -11.52
CA GLY C 246 -23.96 20.82 -10.73
C GLY C 246 -25.47 20.79 -10.81
N ASN C 247 -26.13 20.62 -9.68
CA ASN C 247 -27.58 20.50 -9.71
C ASN C 247 -28.31 21.61 -9.00
N HIS C 248 -27.63 22.44 -8.22
CA HIS C 248 -28.30 23.42 -7.39
C HIS C 248 -28.11 24.82 -7.95
N CYS C 249 -29.21 25.55 -8.08
CA CYS C 249 -29.19 26.98 -8.30
C CYS C 249 -29.89 27.67 -7.15
N ALA C 250 -29.52 28.91 -6.89
CA ALA C 250 -30.10 29.63 -5.76
C ALA C 250 -31.62 29.75 -5.90
N ALA C 251 -32.30 29.83 -4.77
CA ALA C 251 -33.75 29.88 -4.77
C ALA C 251 -34.24 31.31 -4.52
N TYR C 252 -35.40 31.62 -5.08
CA TYR C 252 -35.93 32.99 -5.01
C TYR C 252 -36.03 33.54 -3.60
N PRO C 253 -36.63 32.85 -2.62
CA PRO C 253 -36.77 33.47 -1.30
C PRO C 253 -35.46 33.74 -0.60
N LEU C 254 -34.40 33.05 -0.95
CA LEU C 254 -33.14 33.35 -0.27
C LEU C 254 -32.44 34.53 -0.92
N VAL C 255 -32.62 34.71 -2.22
CA VAL C 255 -31.97 35.82 -2.90
C VAL C 255 -32.68 37.13 -2.62
N SER C 256 -34.02 37.12 -2.73
CA SER C 256 -34.79 38.34 -2.49
C SER C 256 -34.49 38.92 -1.12
N TYR C 257 -34.44 38.09 -0.09
CA TYR C 257 -34.14 38.62 1.24
C TYR C 257 -32.70 39.09 1.33
N LEU C 258 -31.77 38.28 0.84
CA LEU C 258 -30.37 38.71 0.86
C LEU C 258 -30.17 39.93 0.00
N SER C 259 -30.98 40.10 -1.04
CA SER C 259 -30.85 41.30 -1.86
C SER C 259 -31.54 42.50 -1.22
N SER C 260 -32.65 42.28 -0.50
CA SER C 260 -33.37 43.40 0.09
C SER C 260 -32.61 44.00 1.26
N THR C 261 -32.01 43.17 2.09
CA THR C 261 -31.31 43.69 3.25
C THR C 261 -29.91 44.21 2.93
N GLY C 262 -29.50 44.22 1.66
CA GLY C 262 -28.17 44.70 1.33
C GLY C 262 -27.08 43.89 1.98
N ASP C 263 -27.23 42.56 1.97
CA ASP C 263 -26.38 41.65 2.72
C ASP C 263 -25.20 41.23 1.85
N PRO C 264 -23.96 41.46 2.25
CA PRO C 264 -22.83 41.01 1.45
C PRO C 264 -22.63 39.51 1.51
N ARG C 265 -23.24 38.85 2.49
CA ARG C 265 -23.21 37.40 2.55
C ARG C 265 -23.82 36.74 1.32
N ILE C 266 -24.48 37.51 0.46
CA ILE C 266 -25.10 36.95 -0.73
C ILE C 266 -24.09 36.45 -1.74
N ALA C 267 -22.81 36.66 -1.49
CA ALA C 267 -21.80 36.18 -2.41
C ALA C 267 -21.13 34.90 -1.93
N TYR C 268 -21.47 34.45 -0.73
CA TYR C 268 -20.88 33.26 -0.13
C TYR C 268 -21.72 32.05 -0.48
N GLY C 269 -21.24 31.24 -1.41
CA GLY C 269 -21.99 30.08 -1.82
C GLY C 269 -22.99 30.33 -2.93
N ILE C 270 -23.12 31.58 -3.37
CA ILE C 270 -23.99 31.92 -4.48
C ILE C 270 -23.14 32.62 -5.51
N SER C 271 -23.36 32.29 -6.78
CA SER C 271 -22.64 32.91 -7.87
C SER C 271 -23.57 33.82 -8.66
N LYS C 272 -22.97 34.80 -9.33
CA LYS C 272 -23.75 35.75 -10.09
C LYS C 272 -24.19 35.15 -11.41
N THR C 273 -25.23 35.73 -11.97
CA THR C 273 -25.74 35.29 -13.26
C THR C 273 -24.64 35.36 -14.31
N ASP C 274 -24.38 34.22 -14.95
CA ASP C 274 -23.34 34.17 -15.97
C ASP C 274 -23.69 34.99 -17.21
N ALA C 275 -24.88 35.57 -17.25
CA ALA C 275 -25.31 36.36 -18.40
C ALA C 275 -25.63 37.80 -18.07
N ASP C 276 -25.78 38.14 -16.79
CA ASP C 276 -26.08 39.50 -16.38
C ASP C 276 -25.23 39.99 -15.22
N GLY C 277 -24.59 39.10 -14.48
CA GLY C 277 -23.82 39.58 -13.35
C GLY C 277 -24.66 39.91 -12.15
N LYS C 278 -25.90 39.42 -12.11
CA LYS C 278 -26.81 39.71 -11.02
C LYS C 278 -27.07 38.45 -10.22
N TYR C 279 -27.75 38.62 -9.11
CA TYR C 279 -28.17 37.51 -8.25
C TYR C 279 -29.63 37.20 -8.54
N VAL C 280 -29.93 35.96 -8.91
CA VAL C 280 -31.23 35.57 -9.40
C VAL C 280 -31.60 34.22 -8.81
N GLY C 281 -32.66 34.18 -8.00
CA GLY C 281 -33.14 32.95 -7.41
C GLY C 281 -34.33 32.38 -8.16
N GLN C 282 -34.42 31.06 -8.19
CA GLN C 282 -35.50 30.40 -8.88
C GLN C 282 -36.66 30.23 -7.93
N LEU C 283 -37.87 30.48 -8.42
CA LEU C 283 -39.04 30.27 -7.59
C LEU C 283 -39.12 28.80 -7.20
N PRO C 284 -39.35 28.49 -5.92
CA PRO C 284 -39.45 27.09 -5.51
C PRO C 284 -40.33 26.27 -6.43
N GLY C 285 -39.76 25.19 -6.95
CA GLY C 285 -40.51 24.28 -7.78
C GLY C 285 -40.85 24.82 -9.14
N GLY C 286 -40.18 25.87 -9.59
CA GLY C 286 -40.64 26.49 -10.80
C GLY C 286 -39.83 26.25 -12.04
N LYS C 287 -38.95 25.25 -12.02
CA LYS C 287 -38.01 25.09 -13.11
C LYS C 287 -38.72 24.88 -14.44
N THR C 288 -39.64 23.92 -14.51
CA THR C 288 -40.34 23.63 -15.76
C THR C 288 -41.31 24.72 -16.14
N HIS C 289 -41.77 25.49 -15.16
CA HIS C 289 -42.71 26.56 -15.45
C HIS C 289 -42.01 27.73 -16.09
N MET C 290 -40.87 28.14 -15.55
CA MET C 290 -40.19 29.29 -16.11
C MET C 290 -39.63 29.00 -17.49
N GLN C 291 -39.41 27.73 -17.82
CA GLN C 291 -38.97 27.39 -19.16
C GLN C 291 -40.09 27.56 -20.16
N SER C 292 -41.31 27.20 -19.78
CA SER C 292 -42.44 27.36 -20.70
C SER C 292 -42.74 28.82 -20.95
N ILE C 293 -42.71 29.62 -19.90
CA ILE C 293 -43.13 31.02 -19.98
C ILE C 293 -42.13 31.84 -20.77
N LEU C 294 -40.84 31.68 -20.48
CA LEU C 294 -39.84 32.56 -21.06
C LEU C 294 -39.20 31.98 -22.32
N GLY C 295 -39.21 30.68 -22.48
CA GLY C 295 -38.59 30.09 -23.64
C GLY C 295 -37.39 29.24 -23.26
N THR C 296 -37.09 28.26 -24.11
CA THR C 296 -35.98 27.37 -23.80
C THR C 296 -34.68 28.14 -23.73
N ASP C 297 -34.39 28.95 -24.75
CA ASP C 297 -33.12 29.63 -24.81
C ASP C 297 -33.00 30.79 -23.83
N ASN C 298 -34.07 31.15 -23.13
CA ASN C 298 -34.05 32.26 -22.20
C ASN C 298 -34.21 31.83 -20.76
N TRP C 299 -34.10 30.55 -20.48
CA TRP C 299 -34.05 30.10 -19.12
C TRP C 299 -33.24 28.80 -19.11
N LYS C 300 -31.95 28.96 -19.41
CA LYS C 300 -30.92 27.96 -19.23
C LYS C 300 -30.21 28.23 -17.91
N ASN C 301 -29.05 27.60 -17.70
CA ASN C 301 -28.31 27.82 -16.47
C ASN C 301 -27.83 29.25 -16.35
N LYS C 302 -27.47 29.86 -17.49
CA LYS C 302 -26.87 31.19 -17.47
C LYS C 302 -27.76 32.19 -16.77
N ASN C 303 -29.07 31.97 -16.81
CA ASN C 303 -30.03 32.98 -16.38
C ASN C 303 -30.39 32.88 -14.92
N VAL C 304 -29.72 32.05 -14.16
CA VAL C 304 -30.07 31.89 -12.76
C VAL C 304 -28.81 31.71 -11.93
N SER C 305 -28.85 32.22 -10.72
CA SER C 305 -27.70 32.14 -9.83
C SER C 305 -27.42 30.70 -9.46
N ALA C 306 -26.23 30.23 -9.79
CA ALA C 306 -25.80 28.88 -9.45
C ALA C 306 -25.27 28.84 -8.03
N ILE C 307 -25.50 27.74 -7.35
CA ILE C 307 -24.92 27.53 -6.05
C ILE C 307 -23.47 27.14 -6.22
N ASP C 308 -22.60 27.70 -5.39
CA ASP C 308 -21.18 27.53 -5.54
C ASP C 308 -20.72 26.32 -4.74
N TYR C 309 -19.98 25.44 -5.40
CA TYR C 309 -19.49 24.26 -4.72
C TYR C 309 -18.05 24.41 -4.29
N SER C 310 -17.41 25.54 -4.60
CA SER C 310 -15.99 25.71 -4.29
C SER C 310 -15.72 25.69 -2.81
N ILE C 311 -16.61 26.22 -1.99
CA ILE C 311 -16.31 26.30 -0.57
C ILE C 311 -16.71 25.01 0.11
N GLY C 312 -16.97 23.99 -0.69
CA GLY C 312 -17.50 22.75 -0.17
C GLY C 312 -16.50 21.68 0.22
N ALA C 313 -15.56 21.36 -0.67
CA ALA C 313 -14.79 20.12 -0.56
C ALA C 313 -14.28 19.83 0.85
N THR C 314 -13.70 20.81 1.51
CA THR C 314 -13.16 20.60 2.84
C THR C 314 -14.04 21.18 3.93
N LYS C 315 -15.19 21.74 3.58
CA LYS C 315 -16.02 22.42 4.54
C LYS C 315 -16.55 21.44 5.58
N PRO C 316 -16.58 21.80 6.85
CA PRO C 316 -17.06 20.87 7.86
C PRO C 316 -18.55 20.62 7.78
N VAL C 317 -18.97 19.63 8.54
CA VAL C 317 -20.37 19.32 8.72
C VAL C 317 -20.77 19.82 10.11
N TYR C 318 -21.87 20.54 10.17
CA TYR C 318 -22.23 21.23 11.39
C TYR C 318 -23.34 20.50 12.10
N PHE C 319 -23.21 20.42 13.42
CA PHE C 319 -24.28 19.92 14.27
C PHE C 319 -25.01 21.03 15.00
N PHE C 320 -24.38 22.19 15.17
CA PHE C 320 -24.95 23.27 15.94
C PHE C 320 -24.16 24.56 15.73
N THR C 321 -24.52 25.33 14.71
CA THR C 321 -23.85 26.61 14.46
C THR C 321 -23.86 27.48 15.71
N GLN C 322 -22.83 28.32 15.85
CA GLN C 322 -22.79 29.25 16.98
C GLN C 322 -23.83 30.35 16.80
N ALA C 323 -23.97 30.85 15.57
CA ALA C 323 -25.04 31.78 15.25
C ALA C 323 -26.36 31.29 15.77
N GLU C 324 -26.71 30.06 15.44
CA GLU C 324 -28.01 29.52 15.84
C GLU C 324 -28.13 29.46 17.36
N LEU C 325 -27.02 29.25 18.07
CA LEU C 325 -27.09 29.22 19.51
C LEU C 325 -27.60 30.56 20.04
N GLN C 326 -27.04 31.65 19.54
CA GLN C 326 -27.46 32.97 19.98
C GLN C 326 -28.88 33.28 19.55
N PHE C 327 -29.23 32.97 18.30
CA PHE C 327 -30.60 33.21 17.85
C PHE C 327 -31.60 32.44 18.67
N LEU C 328 -31.23 31.26 19.18
CA LEU C 328 -32.12 30.59 20.12
C LEU C 328 -32.08 31.27 21.48
N ILE C 329 -30.94 31.83 21.85
CA ILE C 329 -30.85 32.52 23.12
C ILE C 329 -31.53 33.89 23.04
N ALA C 330 -31.39 34.56 21.91
CA ALA C 330 -32.05 35.85 21.73
C ALA C 330 -33.57 35.70 21.75
N GLU C 331 -34.09 34.60 21.21
CA GLU C 331 -35.51 34.33 21.33
C GLU C 331 -35.92 34.17 22.79
N VAL C 332 -35.11 33.44 23.56
CA VAL C 332 -35.46 33.18 24.95
C VAL C 332 -35.55 34.48 25.73
N TYR C 333 -34.55 35.34 25.57
CA TYR C 333 -34.60 36.65 26.23
C TYR C 333 -35.77 37.46 25.73
N ALA C 334 -36.05 37.38 24.43
CA ALA C 334 -37.12 38.19 23.87
C ALA C 334 -38.47 37.83 24.46
N ARG C 335 -38.83 36.55 24.47
CA ARG C 335 -40.20 36.18 24.78
C ARG C 335 -40.40 35.38 26.05
N PHE C 336 -39.35 35.06 26.81
CA PHE C 336 -39.55 34.29 28.03
C PHE C 336 -39.04 35.02 29.27
N HIS C 337 -37.86 35.62 29.19
CA HIS C 337 -37.46 36.60 30.18
C HIS C 337 -38.06 37.93 29.78
N ASN C 338 -37.31 39.01 29.91
CA ASN C 338 -37.74 40.27 29.32
C ASN C 338 -36.60 41.27 29.26
N ASP C 339 -35.40 40.77 28.97
CA ASP C 339 -34.30 41.64 28.59
C ASP C 339 -34.49 42.02 27.14
N ASP C 340 -34.48 43.29 26.83
CA ASP C 340 -34.38 43.65 25.43
C ASP C 340 -32.94 43.83 25.02
N ALA C 341 -32.10 44.23 25.97
CA ALA C 341 -30.69 44.42 25.66
C ALA C 341 -29.98 43.08 25.57
N ASN C 342 -30.26 42.16 26.50
CA ASN C 342 -29.63 40.85 26.42
C ASN C 342 -30.08 40.10 25.17
N ALA C 343 -31.33 40.28 24.75
CA ALA C 343 -31.74 39.73 23.46
C ALA C 343 -31.09 40.47 22.32
N LYS C 344 -30.97 41.79 22.43
CA LYS C 344 -30.25 42.54 21.41
C LYS C 344 -28.79 42.09 21.33
N SER C 345 -28.20 41.80 22.49
CA SER C 345 -26.78 41.46 22.52
C SER C 345 -26.54 40.04 22.04
N ALA C 346 -27.50 39.16 22.28
CA ALA C 346 -27.42 37.81 21.72
C ALA C 346 -27.72 37.83 20.22
N TYR C 347 -28.73 38.60 19.81
CA TYR C 347 -29.03 38.71 18.38
C TYR C 347 -27.82 39.22 17.61
N GLU C 348 -27.26 40.35 18.04
CA GLU C 348 -26.11 40.89 17.34
C GLU C 348 -24.93 39.94 17.38
N ALA C 349 -24.79 39.17 18.45
CA ALA C 349 -23.70 38.20 18.51
C ALA C 349 -23.86 37.13 17.44
N GLY C 350 -25.05 36.53 17.36
CA GLY C 350 -25.29 35.51 16.36
C GLY C 350 -24.92 35.97 14.96
N VAL C 351 -25.32 37.19 14.60
CA VAL C 351 -24.99 37.67 13.27
C VAL C 351 -23.51 37.94 13.15
N THR C 352 -22.87 38.32 14.24
CA THR C 352 -21.45 38.62 14.17
C THR C 352 -20.65 37.37 13.86
N ALA C 353 -20.93 36.28 14.58
CA ALA C 353 -20.23 35.03 14.29
C ALA C 353 -20.49 34.57 12.86
N ASP C 354 -21.74 34.63 12.43
CA ASP C 354 -22.05 34.17 11.08
C ASP C 354 -21.33 35.00 10.03
N PHE C 355 -21.19 36.31 10.26
CA PHE C 355 -20.42 37.11 9.31
C PHE C 355 -18.97 36.67 9.31
N ALA C 356 -18.49 36.14 10.43
CA ALA C 356 -17.10 35.77 10.56
C ALA C 356 -16.82 34.36 10.08
N VAL C 357 -17.75 33.43 10.28
CA VAL C 357 -17.60 32.10 9.72
C VAL C 357 -17.39 32.18 8.23
N ARG C 358 -18.17 33.02 7.56
CA ARG C 358 -17.94 33.28 6.15
C ARG C 358 -16.81 34.28 6.00
N GLY C 359 -16.56 34.70 4.77
CA GLY C 359 -15.43 35.57 4.57
C GLY C 359 -15.72 37.04 4.80
N PHE C 360 -16.52 37.37 5.81
CA PHE C 360 -17.00 38.74 5.92
C PHE C 360 -16.90 39.28 7.35
N ALA C 361 -15.85 38.92 8.08
CA ALA C 361 -15.67 39.44 9.43
C ALA C 361 -15.52 40.95 9.40
N GLY C 362 -16.19 41.62 10.32
CA GLY C 362 -16.13 43.07 10.37
C GLY C 362 -17.02 43.80 9.39
N GLN C 363 -18.01 43.13 8.82
CA GLN C 363 -19.02 43.78 8.00
C GLN C 363 -20.42 43.55 8.53
N GLU C 364 -20.55 43.11 9.78
CA GLU C 364 -21.86 42.83 10.33
C GLU C 364 -22.69 44.09 10.51
N ASN C 365 -22.04 45.24 10.65
CA ASN C 365 -22.76 46.49 10.81
C ASN C 365 -23.53 46.88 9.57
N THR C 366 -23.28 46.21 8.45
CA THR C 366 -24.11 46.42 7.26
C THR C 366 -25.50 45.83 7.44
N ILE C 367 -25.65 44.90 8.38
CA ILE C 367 -26.96 44.34 8.71
C ILE C 367 -27.42 44.85 10.07
N LEU C 368 -26.50 45.11 11.00
CA LEU C 368 -26.85 45.53 12.34
C LEU C 368 -27.05 47.03 12.49
N GLU C 369 -26.66 47.82 11.48
CA GLU C 369 -26.88 49.26 11.48
C GLU C 369 -27.53 49.70 10.18
N GLY C 370 -28.33 48.82 9.58
CA GLY C 370 -28.96 49.11 8.31
C GLY C 370 -29.98 48.06 7.92
N ALA C 371 -31.25 48.40 8.04
CA ALA C 371 -32.38 47.54 7.73
C ALA C 371 -32.61 46.54 8.84
N CYS C 372 -31.67 45.62 9.06
CA CYS C 372 -31.90 44.64 10.10
C CYS C 372 -31.36 45.16 11.42
N ALA C 373 -31.45 46.46 11.65
CA ALA C 373 -30.71 47.06 12.74
C ALA C 373 -31.32 46.82 14.11
N TRP C 374 -32.40 46.03 14.21
CA TRP C 374 -33.07 45.78 15.48
C TRP C 374 -33.69 47.05 16.04
N SER C 375 -32.96 48.17 15.94
CA SER C 375 -33.55 49.46 16.27
C SER C 375 -34.85 49.68 15.52
N ALA C 376 -34.95 49.17 14.30
CA ALA C 376 -36.14 49.31 13.48
C ALA C 376 -37.18 48.25 13.78
N ALA C 377 -37.10 47.59 14.91
CA ALA C 377 -38.00 46.49 15.21
C ALA C 377 -38.95 46.95 16.31
N SER C 378 -40.16 47.32 15.92
CA SER C 378 -41.12 47.92 16.85
C SER C 378 -41.65 46.88 17.83
N THR C 379 -42.61 46.08 17.37
CA THR C 379 -43.18 45.02 18.18
C THR C 379 -42.15 43.94 18.50
N GLN C 380 -42.36 43.24 19.61
CA GLN C 380 -41.56 42.04 19.85
C GLN C 380 -41.78 41.03 18.73
N ALA C 381 -42.99 40.93 18.22
CA ALA C 381 -43.22 40.13 17.02
C ALA C 381 -42.39 40.66 15.86
N ASP C 382 -42.22 41.98 15.76
CA ASP C 382 -41.32 42.52 14.75
C ASP C 382 -39.89 42.09 15.02
N LYS C 383 -39.56 41.78 16.28
CA LYS C 383 -38.21 41.38 16.62
C LYS C 383 -37.99 39.88 16.41
N LEU C 384 -38.94 39.07 16.88
CA LEU C 384 -38.84 37.64 16.65
C LEU C 384 -38.69 37.33 15.17
N ASN C 385 -39.50 37.99 14.33
CA ASN C 385 -39.35 37.84 12.89
C ASN C 385 -37.92 38.14 12.47
N LEU C 386 -37.35 39.23 12.98
CA LEU C 386 -35.98 39.57 12.62
C LEU C 386 -35.01 38.50 13.12
N ILE C 387 -35.22 38.02 14.34
CA ILE C 387 -34.38 36.94 14.86
C ILE C 387 -34.49 35.72 13.97
N TYR C 388 -35.73 35.26 13.75
CA TYR C 388 -35.96 34.05 12.97
C TYR C 388 -35.50 34.19 11.52
N MET C 389 -35.53 35.39 10.95
CA MET C 389 -35.07 35.49 9.57
C MET C 389 -33.57 35.51 9.51
N GLN C 390 -32.91 35.86 10.60
CA GLN C 390 -31.46 35.86 10.59
C GLN C 390 -30.91 34.50 10.95
N LYS C 391 -31.62 33.76 11.78
CA LYS C 391 -31.32 32.35 11.96
C LYS C 391 -31.38 31.63 10.61
N TRP C 392 -32.46 31.82 9.88
CA TRP C 392 -32.62 31.20 8.57
C TRP C 392 -31.47 31.56 7.63
N VAL C 393 -30.99 32.80 7.68
CA VAL C 393 -29.88 33.17 6.82
C VAL C 393 -28.59 32.52 7.31
N SER C 394 -28.40 32.45 8.63
CA SER C 394 -27.14 31.95 9.17
C SER C 394 -26.95 30.47 8.89
N LEU C 395 -28.05 29.74 8.77
CA LEU C 395 -28.00 28.31 8.54
C LEU C 395 -27.85 27.95 7.08
N PHE C 396 -27.88 28.91 6.17
CA PHE C 396 -27.62 28.59 4.77
C PHE C 396 -26.19 28.12 4.63
N TYR C 397 -26.01 26.97 3.99
CA TYR C 397 -24.72 26.34 3.78
C TYR C 397 -24.05 25.94 5.07
N MET C 398 -24.83 25.57 6.07
CA MET C 398 -24.28 25.15 7.36
C MET C 398 -25.00 23.93 7.92
N ASP C 399 -26.28 24.07 8.22
CA ASP C 399 -27.06 23.01 8.82
C ASP C 399 -28.48 23.16 8.28
N HIS C 400 -28.67 22.73 7.03
CA HIS C 400 -29.99 22.83 6.40
C HIS C 400 -31.04 22.07 7.17
N MET C 401 -30.68 20.94 7.80
CA MET C 401 -31.69 20.17 8.51
C MET C 401 -32.25 20.97 9.66
N GLU C 402 -31.41 21.76 10.32
CA GLU C 402 -31.91 22.55 11.44
C GLU C 402 -32.70 23.76 10.96
N ALA C 403 -32.40 24.26 9.77
CA ALA C 403 -33.21 25.35 9.22
C ALA C 403 -34.62 24.87 8.91
N TRP C 404 -34.73 23.72 8.25
CA TRP C 404 -36.04 23.12 8.02
C TRP C 404 -36.78 22.89 9.32
N SER C 405 -36.10 22.36 10.33
CA SER C 405 -36.76 22.14 11.60
C SER C 405 -37.14 23.47 12.26
N GLU C 406 -36.24 24.46 12.20
CA GLU C 406 -36.51 25.73 12.85
C GLU C 406 -37.54 26.53 12.09
N ILE C 407 -37.58 26.40 10.76
CA ILE C 407 -38.68 26.97 10.01
C ILE C 407 -40.01 26.40 10.48
N ARG C 408 -40.07 25.09 10.66
CA ARG C 408 -41.33 24.47 11.01
C ARG C 408 -41.78 24.86 12.42
N ARG C 409 -40.84 25.05 13.33
CA ARG C 409 -41.23 25.40 14.69
C ARG C 409 -41.74 26.83 14.76
N THR C 410 -40.95 27.79 14.30
CA THR C 410 -41.29 29.19 14.44
C THR C 410 -42.22 29.68 13.35
N ASP C 411 -42.42 28.89 12.30
CA ASP C 411 -43.28 29.26 11.19
C ASP C 411 -42.83 30.58 10.57
N CYS C 412 -41.56 30.91 10.77
CA CYS C 412 -40.90 32.00 10.06
C CYS C 412 -39.67 31.46 9.34
N PRO C 413 -39.47 31.86 8.08
CA PRO C 413 -40.18 32.80 7.23
C PRO C 413 -41.63 32.43 7.02
N LYS C 414 -42.49 33.44 6.93
CA LYS C 414 -43.90 33.20 6.71
C LYS C 414 -44.12 32.62 5.32
N LEU C 415 -45.22 31.90 5.17
CA LEU C 415 -45.62 31.46 3.84
C LEU C 415 -46.22 32.63 3.09
N SER C 416 -45.78 32.84 1.85
CA SER C 416 -46.35 33.93 1.08
C SER C 416 -47.77 33.61 0.72
N SER C 417 -48.66 34.59 0.88
CA SER C 417 -50.02 34.40 0.44
C SER C 417 -50.11 34.36 -1.08
N TYR C 418 -49.12 34.87 -1.78
CA TYR C 418 -49.19 34.88 -3.22
C TYR C 418 -48.58 33.61 -3.77
N SER C 419 -49.07 33.19 -4.93
CA SER C 419 -48.61 31.95 -5.50
C SER C 419 -47.37 32.17 -6.34
N ALA C 420 -46.68 31.07 -6.63
CA ALA C 420 -45.49 31.15 -7.47
C ALA C 420 -45.81 31.79 -8.80
N ALA C 421 -46.96 31.44 -9.38
CA ALA C 421 -47.33 32.06 -10.64
C ALA C 421 -47.68 33.52 -10.42
N GLN C 422 -48.26 33.83 -9.26
CA GLN C 422 -48.55 35.23 -8.96
C GLN C 422 -47.26 36.02 -8.79
N ILE C 423 -46.36 35.52 -7.93
CA ILE C 423 -45.09 36.19 -7.68
C ILE C 423 -44.23 36.31 -8.93
N GLN C 424 -44.53 35.55 -9.98
CA GLN C 424 -43.78 35.64 -11.22
C GLN C 424 -44.35 36.69 -12.16
N ALA C 425 -45.65 36.93 -12.09
CA ALA C 425 -46.27 37.93 -12.95
C ALA C 425 -46.06 39.32 -12.39
N SER C 426 -46.50 39.54 -11.16
CA SER C 426 -46.10 40.74 -10.43
C SER C 426 -44.84 40.44 -9.63
N GLU C 427 -44.28 41.48 -9.05
CA GLU C 427 -43.12 41.32 -8.19
C GLU C 427 -43.25 42.11 -6.90
N SER C 428 -44.09 43.13 -6.87
CA SER C 428 -44.36 43.85 -5.65
C SER C 428 -45.28 43.08 -4.72
N VAL C 429 -45.92 42.03 -5.22
CA VAL C 429 -46.80 41.24 -4.37
C VAL C 429 -46.01 40.54 -3.28
N TYR C 430 -44.76 40.22 -3.57
CA TYR C 430 -43.97 39.31 -2.75
C TYR C 430 -43.23 40.09 -1.68
N THR C 431 -43.46 39.72 -0.43
CA THR C 431 -42.59 40.19 0.63
C THR C 431 -41.27 39.45 0.53
N PRO C 432 -40.16 40.13 0.31
CA PRO C 432 -38.90 39.42 0.09
C PRO C 432 -38.49 38.63 1.32
N GLY C 433 -38.20 37.35 1.13
CA GLY C 433 -37.80 36.46 2.18
C GLY C 433 -38.85 35.44 2.56
N GLU C 434 -40.12 35.72 2.27
CA GLU C 434 -41.16 34.79 2.62
C GLU C 434 -41.12 33.59 1.68
N LEU C 435 -41.46 32.42 2.21
CA LEU C 435 -41.41 31.22 1.40
C LEU C 435 -42.56 31.21 0.42
N VAL C 436 -42.39 30.42 -0.64
CA VAL C 436 -43.36 30.27 -1.70
C VAL C 436 -43.71 28.81 -1.84
N ALA C 437 -44.99 28.49 -1.94
CA ALA C 437 -45.36 27.12 -2.19
C ALA C 437 -44.87 26.71 -3.57
N PRO C 438 -44.41 25.47 -3.73
CA PRO C 438 -43.78 25.08 -5.00
C PRO C 438 -44.77 25.17 -6.15
N TRP C 439 -44.29 25.73 -7.26
CA TRP C 439 -45.14 26.03 -8.39
C TRP C 439 -45.83 24.78 -8.91
N THR C 440 -45.07 23.77 -9.27
CA THR C 440 -45.61 22.42 -9.26
C THR C 440 -45.54 21.93 -7.83
N ASN C 441 -46.62 21.35 -7.35
CA ASN C 441 -46.67 20.95 -5.94
C ASN C 441 -47.42 19.63 -5.89
N GLY C 442 -46.73 18.56 -5.52
CA GLY C 442 -47.36 17.28 -5.53
C GLY C 442 -48.13 16.97 -4.28
N LEU C 443 -48.17 17.89 -3.34
CA LEU C 443 -48.98 17.69 -2.15
C LEU C 443 -50.43 17.96 -2.50
N GLU C 444 -51.29 16.97 -2.26
CA GLU C 444 -52.70 17.16 -2.54
C GLU C 444 -53.30 18.26 -1.70
N ALA C 445 -52.66 18.62 -0.59
CA ALA C 445 -53.19 19.63 0.31
C ALA C 445 -52.40 20.93 0.24
N GLY C 446 -51.51 21.09 -0.74
CA GLY C 446 -50.76 22.32 -0.91
C GLY C 446 -49.84 22.68 0.23
N GLY C 447 -49.17 23.81 0.11
CA GLY C 447 -48.35 24.28 1.20
C GLY C 447 -46.93 23.75 1.12
N LEU C 448 -46.23 23.90 2.24
CA LEU C 448 -44.83 23.53 2.37
C LEU C 448 -44.68 22.15 2.97
N MET C 449 -43.54 21.54 2.70
CA MET C 449 -43.24 20.21 3.21
C MET C 449 -43.01 20.23 4.71
N LYS C 450 -43.56 19.22 5.39
CA LYS C 450 -43.58 19.19 6.84
C LYS C 450 -42.86 18.01 7.44
N ARG C 451 -42.58 16.98 6.68
CA ARG C 451 -41.83 15.83 7.18
C ARG C 451 -41.28 15.06 6.00
N MET C 452 -40.45 14.08 6.29
CA MET C 452 -39.97 13.13 5.31
C MET C 452 -40.82 11.87 5.37
N THR C 453 -40.83 11.13 4.27
CA THR C 453 -41.49 9.84 4.25
C THR C 453 -40.77 8.88 5.18
N TYR C 454 -41.44 7.81 5.55
CA TYR C 454 -40.75 6.78 6.30
C TYR C 454 -39.82 6.01 5.36
N PRO C 455 -38.67 5.59 5.85
CA PRO C 455 -37.74 4.81 5.03
C PRO C 455 -38.40 3.55 4.49
N LEU C 456 -38.26 3.34 3.18
CA LEU C 456 -38.88 2.17 2.56
C LEU C 456 -38.27 0.89 3.12
N SER C 457 -37.01 0.93 3.52
CA SER C 457 -36.40 -0.27 4.08
C SER C 457 -37.07 -0.67 5.38
N ALA C 458 -37.51 0.30 6.17
CA ALA C 458 -38.27 -0.04 7.36
C ALA C 458 -39.69 -0.43 7.03
N ARG C 459 -40.26 0.14 5.98
CA ARG C 459 -41.59 -0.27 5.58
C ARG C 459 -41.63 -1.75 5.24
N GLN C 460 -40.60 -2.24 4.54
CA GLN C 460 -40.66 -3.58 3.98
C GLN C 460 -40.29 -4.64 4.99
N GLN C 461 -39.52 -4.30 6.01
CA GLN C 461 -39.01 -5.28 6.95
C GLN C 461 -39.51 -5.08 8.37
N ASN C 462 -40.15 -3.97 8.68
CA ASN C 462 -40.66 -3.71 10.02
C ASN C 462 -42.15 -3.49 9.94
N VAL C 463 -42.93 -4.51 10.34
CA VAL C 463 -44.37 -4.39 10.24
C VAL C 463 -44.92 -3.37 11.19
N ASN C 464 -44.13 -2.92 12.16
CA ASN C 464 -44.57 -1.91 13.11
C ASN C 464 -44.27 -0.50 12.65
N THR C 465 -43.82 -0.34 11.42
CA THR C 465 -43.62 1.01 10.89
C THR C 465 -44.96 1.72 10.77
N PRO C 466 -45.08 2.96 11.21
CA PRO C 466 -46.34 3.69 11.03
C PRO C 466 -46.70 3.77 9.56
N ALA C 467 -47.95 4.11 9.30
CA ALA C 467 -48.47 4.08 7.94
C ALA C 467 -48.04 5.33 7.20
N GLY C 468 -47.86 5.18 5.89
CA GLY C 468 -47.41 6.29 5.10
C GLY C 468 -48.38 7.45 5.09
N VAL C 469 -47.90 8.65 5.39
CA VAL C 469 -48.75 9.84 5.40
C VAL C 469 -48.16 10.83 4.41
N PRO C 470 -48.96 11.76 3.90
CA PRO C 470 -48.44 12.71 2.92
C PRO C 470 -47.48 13.71 3.54
N GLY C 471 -46.64 14.29 2.70
CA GLY C 471 -45.64 15.23 3.16
C GLY C 471 -46.21 16.38 3.95
N SER C 472 -47.52 16.58 3.87
CA SER C 472 -48.15 17.73 4.52
C SER C 472 -48.55 17.45 5.97
N THR C 473 -48.59 16.20 6.39
CA THR C 473 -48.80 15.89 7.79
C THR C 473 -47.62 16.38 8.62
N PRO C 474 -47.83 17.25 9.59
CA PRO C 474 -46.69 17.75 10.38
C PRO C 474 -46.12 16.67 11.30
N VAL C 475 -44.98 16.98 11.88
CA VAL C 475 -44.43 16.15 12.94
C VAL C 475 -45.11 16.57 14.23
N TRP C 476 -44.69 15.99 15.34
CA TRP C 476 -45.46 16.19 16.56
C TRP C 476 -45.30 17.56 17.18
N TRP C 477 -44.30 18.34 16.80
CA TRP C 477 -44.11 19.64 17.43
C TRP C 477 -44.49 20.81 16.55
N ASP C 478 -44.86 20.58 15.29
CA ASP C 478 -45.25 21.67 14.40
C ASP C 478 -46.76 21.89 14.44
N ILE C 479 -47.17 23.12 14.71
CA ILE C 479 -48.60 23.48 14.74
C ILE C 479 -48.88 24.86 14.13
N GLU D 37 -24.81 -47.02 -17.21
CA GLU D 37 -24.99 -45.83 -18.03
C GLU D 37 -26.22 -45.96 -18.92
N LYS D 38 -26.98 -44.86 -19.02
CA LYS D 38 -28.31 -44.84 -19.64
C LYS D 38 -29.18 -45.96 -19.07
N ALA D 39 -28.94 -46.23 -17.79
CA ALA D 39 -29.88 -46.84 -16.87
C ALA D 39 -30.25 -45.81 -15.82
N LEU D 40 -30.20 -44.56 -16.22
CA LEU D 40 -30.33 -43.43 -15.31
C LEU D 40 -31.80 -43.17 -15.05
N GLY D 41 -32.11 -42.71 -13.85
CA GLY D 41 -33.51 -42.56 -13.52
C GLY D 41 -34.02 -41.14 -13.39
N TYR D 42 -33.34 -40.20 -14.05
CA TYR D 42 -33.78 -38.82 -14.11
C TYR D 42 -33.37 -38.25 -15.45
N ALA D 43 -33.78 -37.02 -15.72
CA ALA D 43 -33.58 -36.46 -17.04
C ALA D 43 -32.10 -36.17 -17.26
N ALA D 44 -31.65 -36.41 -18.48
CA ALA D 44 -30.29 -36.05 -18.86
C ALA D 44 -30.23 -36.00 -20.37
N THR D 45 -29.23 -35.33 -20.89
CA THR D 45 -29.11 -35.20 -22.33
C THR D 45 -27.65 -35.30 -22.72
N SER D 46 -27.37 -36.16 -23.67
CA SER D 46 -26.03 -36.33 -24.21
C SER D 46 -25.95 -35.54 -25.50
N VAL D 47 -24.89 -34.76 -25.64
CA VAL D 47 -24.58 -34.12 -26.91
C VAL D 47 -23.17 -34.50 -27.27
N GLY D 48 -22.94 -34.71 -28.55
CA GLY D 48 -21.67 -35.17 -29.01
C GLY D 48 -20.85 -34.05 -29.57
N GLY D 49 -19.53 -34.24 -29.50
CA GLY D 49 -18.60 -33.18 -29.83
C GLY D 49 -18.96 -32.44 -31.10
N GLU D 50 -19.36 -33.17 -32.13
CA GLU D 50 -19.58 -32.54 -33.42
C GLU D 50 -20.67 -31.48 -33.35
N LYS D 51 -21.75 -31.77 -32.60
CA LYS D 51 -22.77 -30.75 -32.45
C LYS D 51 -22.27 -29.60 -31.57
N ILE D 52 -21.43 -29.91 -30.59
CA ILE D 52 -20.84 -28.88 -29.75
C ILE D 52 -20.02 -27.93 -30.60
N ALA D 53 -19.33 -28.44 -31.61
CA ALA D 53 -18.32 -27.66 -32.26
C ALA D 53 -18.73 -27.09 -33.61
N GLU D 54 -19.73 -27.67 -34.28
CA GLU D 54 -20.02 -27.25 -35.64
C GLU D 54 -20.32 -25.77 -35.73
N SER D 55 -20.83 -25.19 -34.64
CA SER D 55 -21.15 -23.76 -34.63
C SER D 55 -19.92 -22.88 -34.55
N ARG D 56 -18.75 -23.44 -34.22
CA ARG D 56 -17.50 -22.70 -34.12
C ARG D 56 -17.55 -21.62 -33.06
N THR D 57 -18.45 -21.73 -32.11
CA THR D 57 -18.48 -20.72 -31.06
C THR D 57 -17.24 -20.84 -30.19
N SER D 58 -16.76 -19.70 -29.72
CA SER D 58 -15.59 -19.66 -28.86
C SER D 58 -15.80 -20.40 -27.56
N ASP D 59 -17.01 -20.92 -27.35
CA ASP D 59 -17.47 -21.28 -26.03
C ASP D 59 -18.27 -22.57 -26.13
N VAL D 60 -18.16 -23.41 -25.10
CA VAL D 60 -18.73 -24.75 -25.18
C VAL D 60 -20.22 -24.76 -24.91
N MET D 61 -20.78 -23.68 -24.37
CA MET D 61 -22.19 -23.66 -24.03
C MET D 61 -23.07 -22.79 -24.90
N SER D 62 -22.52 -21.82 -25.65
CA SER D 62 -23.38 -20.89 -26.37
C SER D 62 -24.18 -21.57 -27.45
N SER D 63 -23.54 -22.52 -28.15
CA SER D 63 -24.21 -23.18 -29.27
C SER D 63 -25.37 -24.03 -28.83
N LEU D 64 -25.51 -24.33 -27.54
CA LEU D 64 -26.59 -25.14 -27.02
C LEU D 64 -27.72 -24.29 -26.47
N ALA D 65 -27.90 -23.09 -27.00
CA ALA D 65 -28.67 -22.07 -26.28
C ALA D 65 -30.13 -22.47 -26.13
N GLY D 66 -30.72 -23.06 -27.15
CA GLY D 66 -32.12 -23.39 -27.01
C GLY D 66 -32.44 -24.82 -27.40
N LYS D 67 -31.56 -25.74 -27.06
CA LYS D 67 -31.59 -27.08 -27.62
C LYS D 67 -31.75 -28.19 -26.59
N ILE D 68 -31.85 -27.86 -25.30
CA ILE D 68 -31.95 -28.85 -24.24
C ILE D 68 -33.01 -28.38 -23.27
N ALA D 69 -34.11 -29.11 -23.19
CA ALA D 69 -35.15 -28.76 -22.25
C ALA D 69 -34.58 -28.69 -20.84
N GLY D 70 -35.03 -27.71 -20.08
CA GLY D 70 -34.62 -27.57 -18.70
C GLY D 70 -33.33 -26.82 -18.49
N VAL D 71 -32.58 -26.56 -19.55
CA VAL D 71 -31.24 -26.01 -19.44
C VAL D 71 -31.25 -24.65 -20.14
N GLN D 72 -31.37 -23.60 -19.33
CA GLN D 72 -31.52 -22.24 -19.80
C GLN D 72 -30.14 -21.61 -19.97
N ILE D 73 -29.78 -21.25 -21.21
CA ILE D 73 -28.45 -20.76 -21.52
C ILE D 73 -28.57 -19.40 -22.20
N SER D 74 -27.76 -18.45 -21.76
CA SER D 74 -27.78 -17.11 -22.34
C SER D 74 -26.40 -16.46 -22.24
N SER D 75 -26.12 -15.52 -23.12
CA SER D 75 -24.93 -14.71 -23.03
C SER D 75 -25.24 -13.41 -22.31
N THR D 76 -24.28 -12.93 -21.53
CA THR D 76 -24.50 -11.66 -20.85
C THR D 76 -24.57 -10.50 -21.83
N SER D 77 -23.81 -10.55 -22.89
CA SER D 77 -23.85 -9.53 -23.91
C SER D 77 -23.14 -10.06 -25.13
N SER D 78 -23.10 -9.26 -26.18
CA SER D 78 -22.36 -9.62 -27.36
C SER D 78 -20.97 -9.06 -27.35
N ASP D 79 -20.51 -8.57 -26.21
CA ASP D 79 -19.15 -8.09 -26.10
C ASP D 79 -18.21 -9.27 -26.00
N PRO D 80 -17.24 -9.42 -26.90
CA PRO D 80 -16.30 -10.52 -26.76
C PRO D 80 -15.52 -10.30 -25.52
N GLY D 81 -15.26 -11.32 -24.72
CA GLY D 81 -15.92 -12.61 -24.78
C GLY D 81 -16.31 -12.69 -23.33
N ALA D 82 -17.56 -12.43 -23.05
CA ALA D 82 -18.01 -12.24 -21.70
C ALA D 82 -18.61 -13.53 -21.18
N SER D 83 -19.16 -13.48 -19.97
CA SER D 83 -19.68 -14.67 -19.32
C SER D 83 -20.88 -15.25 -20.06
N ASN D 84 -21.24 -16.45 -19.64
CA ASN D 84 -22.42 -17.13 -20.12
C ASN D 84 -23.21 -17.64 -18.93
N SER D 85 -24.52 -17.73 -19.14
CA SER D 85 -25.47 -18.04 -18.09
C SER D 85 -26.04 -19.42 -18.35
N VAL D 86 -25.93 -20.30 -17.36
CA VAL D 86 -26.48 -21.63 -17.47
C VAL D 86 -27.20 -21.92 -16.16
N ILE D 87 -28.51 -21.99 -16.23
CA ILE D 87 -29.33 -22.25 -15.06
C ILE D 87 -30.25 -23.40 -15.40
N ILE D 88 -30.29 -24.39 -14.54
CA ILE D 88 -31.01 -25.63 -14.79
C ILE D 88 -32.19 -25.66 -13.85
N ARG D 89 -33.37 -25.88 -14.42
CA ARG D 89 -34.61 -25.89 -13.67
C ARG D 89 -34.70 -24.70 -12.72
N GLY D 90 -34.59 -23.51 -13.29
CA GLY D 90 -34.88 -22.29 -12.56
C GLY D 90 -33.90 -21.95 -11.46
N VAL D 91 -34.15 -20.81 -10.82
CA VAL D 91 -33.28 -20.32 -9.76
C VAL D 91 -33.71 -20.95 -8.45
N SER D 92 -32.82 -21.73 -7.85
CA SER D 92 -33.04 -22.30 -6.54
C SER D 92 -32.34 -21.50 -5.45
N SER D 93 -31.21 -20.89 -5.78
CA SER D 93 -30.39 -20.17 -4.84
C SER D 93 -30.54 -18.69 -5.10
N LEU D 94 -30.98 -17.96 -4.09
CA LEU D 94 -31.07 -16.52 -4.13
C LEU D 94 -30.46 -16.02 -2.87
N SER D 95 -29.28 -15.42 -2.92
CA SER D 95 -28.51 -15.19 -4.13
C SER D 95 -27.16 -15.87 -3.84
N GLY D 96 -26.31 -16.06 -4.84
CA GLY D 96 -26.64 -16.03 -6.24
C GLY D 96 -25.75 -17.02 -6.98
N THR D 97 -25.79 -18.27 -6.53
CA THR D 97 -25.00 -19.35 -7.12
C THR D 97 -25.95 -20.37 -7.72
N ASN D 98 -26.16 -20.28 -9.04
CA ASN D 98 -27.06 -21.18 -9.75
C ASN D 98 -26.40 -21.76 -11.00
N GLN D 99 -25.11 -21.67 -11.10
CA GLN D 99 -24.49 -22.36 -12.21
C GLN D 99 -24.38 -23.86 -11.92
N PRO D 100 -24.44 -24.69 -12.94
CA PRO D 100 -24.23 -26.12 -12.73
C PRO D 100 -22.76 -26.42 -12.49
N LEU D 101 -22.51 -27.43 -11.67
CA LEU D 101 -21.15 -27.90 -11.49
C LEU D 101 -20.65 -28.49 -12.79
N TYR D 102 -19.58 -27.94 -13.32
CA TYR D 102 -18.98 -28.50 -14.51
C TYR D 102 -17.96 -29.53 -14.11
N VAL D 103 -17.99 -30.69 -14.74
CA VAL D 103 -17.07 -31.76 -14.43
C VAL D 103 -16.39 -32.19 -15.71
N VAL D 104 -15.07 -32.08 -15.76
CA VAL D 104 -14.31 -32.46 -16.93
C VAL D 104 -13.44 -33.65 -16.58
N ASP D 105 -13.60 -34.74 -17.32
CA ASP D 105 -12.86 -35.96 -17.14
C ASP D 105 -12.80 -36.35 -15.67
N GLY D 106 -13.94 -36.21 -15.01
CA GLY D 106 -14.05 -36.66 -13.63
C GLY D 106 -13.74 -35.61 -12.59
N VAL D 107 -13.35 -34.42 -13.03
CA VAL D 107 -12.86 -33.44 -12.08
C VAL D 107 -13.62 -32.12 -12.15
N PRO D 108 -14.07 -31.61 -11.01
CA PRO D 108 -14.75 -30.32 -10.96
C PRO D 108 -13.94 -29.18 -11.54
N LEU D 109 -14.59 -28.39 -12.37
CA LEU D 109 -13.99 -27.24 -13.03
C LEU D 109 -14.38 -25.97 -12.31
N ASN D 110 -13.53 -24.96 -12.41
CA ASN D 110 -13.82 -23.67 -11.81
C ASN D 110 -14.60 -22.85 -12.81
N ASN D 111 -15.75 -22.35 -12.39
CA ASN D 111 -16.62 -21.55 -13.24
C ASN D 111 -16.82 -20.16 -12.65
N SER D 112 -15.75 -19.59 -12.10
CA SER D 112 -15.85 -18.25 -11.56
C SER D 112 -16.13 -17.25 -12.67
N THR D 113 -16.85 -16.21 -12.32
CA THR D 113 -17.20 -15.15 -13.25
C THR D 113 -16.49 -13.87 -12.83
N VAL D 114 -15.97 -13.14 -13.80
CA VAL D 114 -15.41 -11.81 -13.54
C VAL D 114 -16.28 -10.78 -14.25
N TYR D 115 -17.15 -10.11 -13.49
CA TYR D 115 -17.92 -9.00 -14.02
C TYR D 115 -17.97 -7.88 -12.98
N SER D 116 -18.26 -6.67 -13.46
CA SER D 116 -18.19 -5.48 -12.64
C SER D 116 -19.23 -5.47 -11.52
N THR D 117 -18.79 -5.08 -10.33
CA THR D 117 -19.65 -4.98 -9.16
C THR D 117 -20.51 -3.74 -9.18
N ASP D 118 -20.36 -2.89 -10.19
CA ASP D 118 -21.22 -1.73 -10.38
C ASP D 118 -21.63 -1.71 -11.85
N GLY D 119 -22.79 -2.30 -12.14
CA GLY D 119 -23.28 -2.24 -13.49
C GLY D 119 -23.99 -0.97 -13.85
N LEU D 120 -24.16 -0.08 -12.88
CA LEU D 120 -24.78 1.21 -13.13
C LEU D 120 -23.81 2.19 -13.79
N ASN D 121 -22.56 2.23 -13.34
CA ASN D 121 -21.61 3.22 -13.83
C ASN D 121 -20.48 2.66 -14.67
N SER D 122 -20.14 1.37 -14.52
CA SER D 122 -19.02 0.77 -15.22
C SER D 122 -19.34 -0.70 -15.48
N GLY D 123 -20.22 -0.95 -16.44
CA GLY D 123 -20.56 -2.31 -16.79
C GLY D 123 -19.43 -2.92 -17.60
N TYR D 124 -19.01 -4.12 -17.21
CA TYR D 124 -18.09 -4.93 -17.98
C TYR D 124 -18.19 -6.36 -17.48
N ASP D 125 -17.96 -7.30 -18.39
CA ASP D 125 -17.95 -8.71 -18.05
C ASP D 125 -16.76 -9.35 -18.76
N PHE D 126 -15.90 -10.02 -18.02
CA PHE D 126 -14.66 -10.47 -18.61
C PHE D 126 -14.62 -11.97 -18.87
N GLY D 127 -15.62 -12.71 -18.44
CA GLY D 127 -15.67 -14.10 -18.81
C GLY D 127 -16.16 -15.05 -17.75
N ASN D 128 -16.51 -16.23 -18.21
CA ASN D 128 -17.00 -17.32 -17.39
C ASN D 128 -15.90 -18.39 -17.31
N GLY D 129 -15.80 -19.07 -16.17
CA GLY D 129 -14.78 -20.09 -16.01
C GLY D 129 -14.90 -21.24 -17.00
N ALA D 130 -16.12 -21.65 -17.31
CA ALA D 130 -16.30 -22.72 -18.28
C ALA D 130 -15.85 -22.33 -19.66
N ASN D 131 -15.62 -21.04 -19.91
CA ASN D 131 -15.32 -20.63 -21.26
C ASN D 131 -13.90 -20.94 -21.67
N ALA D 132 -13.08 -21.42 -20.73
CA ALA D 132 -11.69 -21.76 -21.04
C ALA D 132 -11.60 -23.05 -21.83
N ILE D 133 -12.61 -23.90 -21.71
CA ILE D 133 -12.59 -25.18 -22.39
C ILE D 133 -12.40 -24.97 -23.88
N ASN D 134 -11.60 -25.81 -24.47
CA ASN D 134 -11.48 -25.80 -25.91
C ASN D 134 -12.59 -26.66 -26.48
N PRO D 135 -13.55 -26.10 -27.21
CA PRO D 135 -14.33 -26.94 -28.11
C PRO D 135 -13.35 -27.62 -29.06
N ASP D 136 -13.84 -28.55 -29.85
CA ASP D 136 -12.94 -29.40 -30.62
C ASP D 136 -12.18 -30.37 -29.71
N ASP D 137 -12.12 -30.10 -28.42
CA ASP D 137 -11.58 -31.08 -27.50
C ASP D 137 -12.65 -31.90 -26.83
N VAL D 138 -13.92 -31.56 -27.00
CA VAL D 138 -15.00 -32.27 -26.32
C VAL D 138 -15.40 -33.50 -27.13
N ALA D 139 -15.58 -34.62 -26.46
CA ALA D 139 -16.08 -35.83 -27.11
C ALA D 139 -17.55 -36.10 -26.82
N ASN D 140 -18.02 -35.76 -25.62
CA ASN D 140 -19.41 -35.90 -25.26
C ASN D 140 -19.70 -34.93 -24.12
N MET D 141 -20.90 -34.35 -24.13
CA MET D 141 -21.38 -33.54 -23.02
C MET D 141 -22.70 -34.11 -22.56
N THR D 142 -22.81 -34.37 -21.27
CA THR D 142 -24.00 -34.97 -20.69
C THR D 142 -24.42 -34.12 -19.50
N ILE D 143 -25.60 -33.51 -19.59
CA ILE D 143 -26.08 -32.60 -18.56
C ILE D 143 -27.03 -33.38 -17.67
N LEU D 144 -26.63 -33.63 -16.43
CA LEU D 144 -27.49 -34.31 -15.49
C LEU D 144 -28.42 -33.29 -14.86
N LYS D 145 -29.70 -33.37 -15.16
CA LYS D 145 -30.61 -32.29 -14.80
C LYS D 145 -31.19 -32.42 -13.39
N GLY D 146 -31.21 -33.61 -12.82
CA GLY D 146 -31.87 -33.82 -11.55
C GLY D 146 -30.91 -33.78 -10.38
N ALA D 147 -31.43 -33.45 -9.21
CA ALA D 147 -30.64 -33.33 -7.99
C ALA D 147 -31.00 -34.40 -6.98
N ALA D 148 -31.45 -35.55 -7.46
CA ALA D 148 -31.81 -36.63 -6.56
C ALA D 148 -30.62 -37.53 -6.25
N ALA D 149 -29.77 -37.78 -7.23
CA ALA D 149 -28.69 -38.73 -7.12
C ALA D 149 -27.36 -38.02 -7.32
N THR D 150 -27.02 -37.12 -6.41
CA THR D 150 -25.78 -36.36 -6.51
C THR D 150 -24.80 -36.73 -5.42
N ALA D 151 -24.53 -38.02 -5.22
CA ALA D 151 -23.51 -38.37 -4.24
C ALA D 151 -22.12 -38.32 -4.85
N LEU D 152 -22.01 -38.76 -6.10
CA LEU D 152 -20.72 -38.82 -6.76
C LEU D 152 -20.08 -37.44 -6.83
N TYR D 153 -20.86 -36.45 -7.24
CA TYR D 153 -20.44 -35.08 -7.15
C TYR D 153 -21.01 -34.48 -5.89
N GLY D 154 -20.54 -33.32 -5.53
CA GLY D 154 -20.86 -32.77 -4.23
C GLY D 154 -22.18 -32.04 -4.18
N SER D 155 -22.27 -31.11 -3.23
CA SER D 155 -23.45 -30.28 -3.08
C SER D 155 -23.62 -29.32 -4.25
N ARG D 156 -22.54 -29.02 -4.96
CA ARG D 156 -22.63 -28.15 -6.10
C ARG D 156 -23.46 -28.73 -7.21
N ALA D 157 -23.81 -30.01 -7.11
CA ALA D 157 -24.52 -30.67 -8.20
C ALA D 157 -26.00 -30.37 -8.19
N ALA D 158 -26.54 -29.90 -7.06
CA ALA D 158 -27.94 -29.54 -6.98
C ALA D 158 -28.37 -28.61 -8.09
N ASN D 159 -27.44 -27.87 -8.68
CA ASN D 159 -27.77 -26.97 -9.76
C ASN D 159 -27.60 -27.62 -11.10
N GLY D 160 -27.50 -28.94 -11.13
CA GLY D 160 -27.21 -29.65 -12.36
C GLY D 160 -25.72 -29.90 -12.52
N VAL D 161 -25.40 -30.93 -13.30
CA VAL D 161 -24.03 -31.27 -13.61
C VAL D 161 -23.88 -31.27 -15.12
N VAL D 162 -22.85 -30.62 -15.62
CA VAL D 162 -22.49 -30.67 -17.03
C VAL D 162 -21.25 -31.54 -17.12
N MET D 163 -21.46 -32.82 -17.43
CA MET D 163 -20.41 -33.84 -17.34
C MET D 163 -19.68 -33.93 -18.67
N ILE D 164 -18.49 -33.32 -18.73
CA ILE D 164 -17.72 -33.19 -19.96
C ILE D 164 -16.69 -34.31 -20.05
N THR D 165 -16.51 -34.82 -21.26
CA THR D 165 -15.55 -35.88 -21.52
C THR D 165 -14.75 -35.51 -22.76
N THR D 166 -13.44 -35.42 -22.62
CA THR D 166 -12.58 -34.94 -23.68
C THR D 166 -12.13 -36.08 -24.59
N LYS D 167 -11.84 -35.72 -25.84
CA LYS D 167 -11.34 -36.70 -26.81
C LYS D 167 -10.05 -37.34 -26.31
N SER D 168 -9.90 -38.63 -26.53
CA SER D 168 -8.70 -39.34 -26.13
C SER D 168 -7.99 -39.88 -27.37
N GLY D 169 -7.03 -40.78 -27.13
CA GLY D 169 -6.22 -41.31 -28.22
C GLY D 169 -6.97 -42.35 -29.01
N ARG D 170 -6.85 -42.26 -30.33
CA ARG D 170 -7.51 -43.18 -31.25
C ARG D 170 -6.60 -43.44 -32.43
N LYS D 171 -6.62 -44.68 -32.93
CA LYS D 171 -5.87 -45.02 -34.12
C LYS D 171 -6.67 -44.67 -35.36
N GLU D 172 -6.06 -43.91 -36.27
CA GLU D 172 -6.69 -43.56 -37.53
C GLU D 172 -5.67 -43.77 -38.64
N LYS D 173 -6.10 -43.54 -39.87
CA LYS D 173 -5.25 -43.86 -41.01
C LYS D 173 -4.10 -42.88 -41.17
N GLY D 174 -4.27 -41.63 -40.74
CA GLY D 174 -3.29 -40.60 -40.99
C GLY D 174 -2.18 -40.54 -39.97
N VAL D 175 -1.70 -39.32 -39.71
CA VAL D 175 -0.74 -39.11 -38.64
C VAL D 175 -1.40 -38.65 -37.35
N GLY D 176 -2.70 -38.39 -37.37
CA GLY D 176 -3.42 -38.00 -36.18
C GLY D 176 -3.60 -36.51 -35.94
N ILE D 177 -3.66 -35.70 -36.99
CA ILE D 177 -3.74 -34.25 -36.87
C ILE D 177 -5.07 -33.78 -37.42
N GLU D 178 -5.84 -33.07 -36.60
CA GLU D 178 -7.02 -32.35 -37.06
C GLU D 178 -6.79 -30.85 -36.92
N TYR D 179 -6.97 -30.12 -38.00
CA TYR D 179 -6.82 -28.68 -37.98
C TYR D 179 -8.14 -28.01 -38.27
N ASN D 180 -8.45 -26.97 -37.51
CA ASN D 180 -9.63 -26.16 -37.76
C ASN D 180 -9.20 -24.71 -37.92
N GLY D 181 -9.55 -24.13 -39.05
CA GLY D 181 -9.29 -22.73 -39.32
C GLY D 181 -10.58 -21.96 -39.52
N GLY D 182 -10.86 -21.05 -38.59
CA GLY D 182 -12.13 -20.35 -38.63
C GLY D 182 -11.98 -18.87 -38.91
N VAL D 183 -13.07 -18.24 -39.31
CA VAL D 183 -13.08 -16.81 -39.60
C VAL D 183 -14.53 -16.36 -39.64
N GLN D 184 -14.85 -15.24 -38.98
CA GLN D 184 -16.24 -14.87 -38.89
C GLN D 184 -16.38 -13.36 -38.73
N TRP D 185 -17.57 -12.87 -39.00
CA TRP D 185 -17.88 -11.47 -38.87
C TRP D 185 -19.03 -11.29 -37.88
N SER D 186 -19.09 -10.10 -37.27
CA SER D 186 -20.18 -9.78 -36.37
C SER D 186 -20.62 -8.37 -36.67
N THR D 187 -21.84 -8.21 -37.17
CA THR D 187 -22.44 -6.91 -37.41
C THR D 187 -23.58 -6.68 -36.44
N VAL D 188 -23.99 -5.42 -36.32
CA VAL D 188 -24.94 -5.06 -35.29
C VAL D 188 -26.31 -5.63 -35.63
N LEU D 189 -27.08 -5.91 -34.58
CA LEU D 189 -28.38 -6.55 -34.68
C LEU D 189 -29.32 -5.86 -33.70
N ARG D 190 -30.48 -5.43 -34.17
CA ARG D 190 -31.42 -4.70 -33.33
C ARG D 190 -30.80 -3.45 -32.73
N LEU D 191 -30.70 -2.49 -33.47
CA LEU D 191 -30.58 -1.16 -32.89
C LEU D 191 -31.98 -0.64 -32.57
N PRO D 192 -32.16 0.17 -31.53
CA PRO D 192 -33.50 0.68 -31.23
C PRO D 192 -34.13 1.35 -32.43
N GLU D 193 -35.45 1.26 -32.52
CA GLU D 193 -36.19 1.87 -33.61
C GLU D 193 -36.39 3.34 -33.30
N PHE D 194 -35.92 4.20 -34.19
CA PHE D 194 -35.83 5.62 -33.92
C PHE D 194 -36.94 6.42 -34.59
N GLN D 195 -37.36 7.49 -33.91
CA GLN D 195 -38.13 8.53 -34.54
C GLN D 195 -37.24 9.35 -35.46
N ASN D 196 -37.77 9.77 -36.60
CA ASN D 196 -37.02 10.64 -37.49
C ASN D 196 -37.82 11.87 -37.88
N GLU D 197 -38.67 12.34 -36.99
CA GLU D 197 -39.53 13.46 -37.30
C GLU D 197 -39.04 14.77 -36.71
N PHE D 198 -38.24 14.72 -35.65
CA PHE D 198 -37.83 15.89 -34.91
C PHE D 198 -36.34 15.81 -34.59
N GLY D 199 -35.65 16.93 -34.71
CA GLY D 199 -34.23 16.98 -34.49
C GLY D 199 -33.85 17.64 -33.18
N MET D 200 -32.59 18.07 -33.11
CA MET D 200 -32.00 18.62 -31.90
C MET D 200 -32.82 19.77 -31.34
N GLY D 201 -33.04 19.73 -30.04
CA GLY D 201 -33.78 20.77 -29.36
C GLY D 201 -34.39 20.23 -28.09
N TRP D 202 -34.94 21.13 -27.30
CA TRP D 202 -35.67 20.75 -26.10
C TRP D 202 -36.97 21.55 -26.04
N ASN D 203 -37.91 21.04 -25.27
CA ASN D 203 -39.22 21.64 -25.03
C ASN D 203 -40.04 21.85 -26.29
N GLY D 204 -39.61 21.30 -27.42
CA GLY D 204 -40.24 21.57 -28.69
C GLY D 204 -39.49 22.58 -29.52
N ASN D 205 -38.48 23.23 -28.94
CA ASN D 205 -37.79 24.37 -29.50
C ASN D 205 -36.38 24.00 -29.89
N HIS D 206 -35.93 24.56 -31.02
CA HIS D 206 -34.63 24.25 -31.57
C HIS D 206 -33.50 24.70 -30.66
N THR D 207 -32.49 23.86 -30.54
CA THR D 207 -31.32 24.15 -29.75
C THR D 207 -30.09 23.80 -30.57
N GLU D 208 -28.95 24.31 -30.15
CA GLU D 208 -27.70 24.07 -30.83
C GLU D 208 -26.78 23.12 -30.09
N LEU D 209 -27.14 22.74 -28.87
CA LEU D 209 -26.24 22.01 -27.98
C LEU D 209 -26.89 20.78 -27.38
N GLU D 210 -27.97 20.26 -27.94
CA GLU D 210 -28.71 19.27 -27.17
C GLU D 210 -28.18 17.86 -27.38
N ASN D 211 -28.47 17.01 -26.41
CA ASN D 211 -28.25 15.58 -26.53
C ASN D 211 -29.53 14.84 -26.82
N GLY D 212 -30.52 15.50 -27.41
CA GLY D 212 -31.84 14.93 -27.56
C GLY D 212 -32.52 15.54 -28.76
N SER D 213 -33.66 14.97 -29.12
CA SER D 213 -34.35 15.39 -30.33
C SER D 213 -35.73 15.92 -30.03
N TRP D 214 -35.88 16.68 -28.97
CA TRP D 214 -37.16 17.34 -28.73
C TRP D 214 -37.23 18.69 -29.41
N GLY D 215 -36.74 18.80 -30.63
CA GLY D 215 -36.78 20.06 -31.35
C GLY D 215 -37.86 20.05 -32.39
N PRO D 216 -37.85 21.04 -33.27
CA PRO D 216 -38.96 21.24 -34.19
C PRO D 216 -39.01 20.15 -35.24
N ARG D 217 -40.09 20.17 -36.00
CA ARG D 217 -40.25 19.22 -37.08
C ARG D 217 -39.22 19.50 -38.16
N PHE D 218 -38.68 18.45 -38.75
CA PHE D 218 -37.64 18.61 -39.76
C PHE D 218 -38.18 19.33 -40.97
N ASP D 219 -37.45 20.35 -41.42
CA ASP D 219 -37.66 20.96 -42.72
C ASP D 219 -36.30 21.14 -43.37
N GLY D 220 -36.29 21.50 -44.64
CA GLY D 220 -34.99 21.61 -45.29
C GLY D 220 -34.03 22.61 -44.66
N SER D 221 -34.49 23.41 -43.69
CA SER D 221 -33.84 24.66 -43.35
C SER D 221 -32.42 24.46 -42.84
N MET D 222 -31.54 25.39 -43.19
CA MET D 222 -30.14 25.36 -42.77
C MET D 222 -30.00 25.99 -41.39
N GLN D 223 -29.61 25.21 -40.42
CA GLN D 223 -29.54 25.68 -39.05
C GLN D 223 -28.14 25.52 -38.48
N LEU D 224 -27.79 26.42 -37.57
CA LEU D 224 -26.55 26.28 -36.82
C LEU D 224 -26.65 25.09 -35.89
N TRP D 225 -25.49 24.55 -35.53
CA TRP D 225 -25.44 23.53 -34.51
C TRP D 225 -24.07 23.55 -33.87
N GLY D 226 -24.00 23.03 -32.66
CA GLY D 226 -22.72 22.84 -32.04
C GLY D 226 -22.22 24.08 -31.35
N ASN D 227 -20.97 24.01 -30.93
CA ASN D 227 -20.35 25.11 -30.22
C ASN D 227 -19.64 26.03 -31.19
N VAL D 228 -19.09 27.11 -30.65
CA VAL D 228 -18.37 28.12 -31.43
C VAL D 228 -16.87 27.95 -31.18
N TYR D 229 -16.11 27.83 -32.26
CA TYR D 229 -14.65 27.75 -32.17
C TYR D 229 -14.04 28.79 -33.06
N ASN D 230 -13.30 29.74 -32.47
CA ASN D 230 -12.59 30.78 -33.21
C ASN D 230 -13.55 31.62 -34.06
N ASN D 231 -14.64 32.06 -33.41
CA ASN D 231 -15.68 32.87 -34.06
C ASN D 231 -16.24 32.17 -35.29
N SER D 232 -16.55 30.88 -35.16
CA SER D 232 -17.14 30.14 -36.24
C SER D 232 -18.03 29.05 -35.68
N GLN D 233 -19.07 28.72 -36.42
CA GLN D 233 -20.00 27.68 -36.02
C GLN D 233 -20.50 26.95 -37.25
N LYS D 234 -20.83 25.69 -37.08
CA LYS D 234 -21.16 24.85 -38.21
C LYS D 234 -22.62 25.03 -38.61
N LEU D 235 -22.86 24.95 -39.92
CA LEU D 235 -24.19 25.08 -40.50
C LEU D 235 -24.48 23.85 -41.32
N LYS D 236 -25.60 23.19 -41.00
CA LYS D 236 -26.03 21.93 -41.58
C LYS D 236 -27.51 21.98 -41.90
N PRO D 237 -27.95 21.31 -42.97
CA PRO D 237 -29.39 21.20 -43.22
C PRO D 237 -30.05 20.43 -42.08
N TYR D 238 -31.13 20.99 -41.56
CA TYR D 238 -31.86 20.38 -40.45
C TYR D 238 -32.68 19.23 -41.02
N VAL D 239 -32.02 18.10 -41.20
CA VAL D 239 -32.62 16.89 -41.74
C VAL D 239 -32.24 15.74 -40.84
N ALA D 240 -32.89 14.61 -41.05
CA ALA D 240 -32.64 13.44 -40.22
C ALA D 240 -31.52 12.59 -40.79
N MET D 241 -30.70 12.04 -39.89
CA MET D 241 -29.71 11.02 -40.22
C MET D 241 -30.20 9.68 -39.71
N PRO D 242 -31.05 8.98 -40.46
CA PRO D 242 -31.65 7.73 -39.94
C PRO D 242 -30.62 6.67 -39.62
N ASP D 243 -29.56 6.56 -40.40
CA ASP D 243 -28.54 5.55 -40.18
C ASP D 243 -27.33 6.09 -39.44
N ASN D 244 -27.49 7.17 -38.66
CA ASN D 244 -26.31 7.74 -38.02
C ASN D 244 -25.73 6.79 -36.99
N ILE D 245 -26.59 6.13 -36.22
CA ILE D 245 -26.10 5.19 -35.23
C ILE D 245 -25.68 3.89 -35.88
N LYS D 246 -26.46 3.40 -36.84
CA LYS D 246 -26.09 2.17 -37.52
C LYS D 246 -24.73 2.31 -38.19
N ASP D 247 -24.48 3.44 -38.84
CA ASP D 247 -23.19 3.61 -39.50
C ASP D 247 -22.04 3.75 -38.51
N PHE D 248 -22.33 4.00 -37.24
CA PHE D 248 -21.23 4.18 -36.28
C PHE D 248 -20.51 2.87 -36.06
N PHE D 249 -21.24 1.77 -36.05
CA PHE D 249 -20.70 0.47 -35.75
C PHE D 249 -19.95 -0.09 -36.96
N ASP D 250 -19.01 -0.97 -36.67
CA ASP D 250 -18.19 -1.64 -37.66
C ASP D 250 -18.70 -3.06 -37.88
N ALA D 251 -17.87 -3.89 -38.51
CA ALA D 251 -18.07 -5.32 -38.55
C ALA D 251 -16.98 -5.97 -37.72
N GLY D 252 -17.36 -6.62 -36.63
CA GLY D 252 -16.38 -7.33 -35.84
C GLY D 252 -15.68 -8.41 -36.65
N PHE D 253 -14.43 -8.69 -36.29
CA PHE D 253 -13.68 -9.70 -36.99
C PHE D 253 -13.00 -10.63 -36.00
N ARG D 254 -13.01 -11.92 -36.30
CA ARG D 254 -12.49 -12.96 -35.44
C ARG D 254 -11.92 -14.06 -36.32
N TYR D 255 -10.66 -14.41 -36.09
CA TYR D 255 -10.06 -15.56 -36.72
C TYR D 255 -9.72 -16.59 -35.66
N SER D 256 -9.88 -17.86 -36.00
CA SER D 256 -9.65 -18.96 -35.06
C SER D 256 -8.76 -20.00 -35.70
N ASN D 257 -7.86 -20.57 -34.91
CA ASN D 257 -7.00 -21.67 -35.33
C ASN D 257 -7.00 -22.73 -34.24
N SER D 258 -7.32 -23.97 -34.61
CA SER D 258 -7.32 -25.08 -33.68
C SER D 258 -6.50 -26.24 -34.25
N LEU D 259 -5.56 -26.76 -33.48
CA LEU D 259 -4.77 -27.93 -33.85
C LEU D 259 -4.88 -29.03 -32.82
N SER D 260 -5.03 -30.28 -33.29
CA SER D 260 -5.00 -31.43 -32.39
C SER D 260 -4.06 -32.50 -32.94
N PHE D 261 -3.35 -33.17 -32.02
CA PHE D 261 -2.43 -34.26 -32.31
C PHE D 261 -2.82 -35.49 -31.52
N ASN D 262 -2.91 -36.64 -32.19
CA ASN D 262 -3.64 -37.78 -31.67
C ASN D 262 -2.97 -39.09 -32.08
N GLY D 263 -3.12 -40.09 -31.23
CA GLY D 263 -2.59 -41.41 -31.50
C GLY D 263 -2.73 -42.31 -30.30
N ALA D 264 -2.69 -43.62 -30.51
CA ALA D 264 -2.83 -44.54 -29.39
C ALA D 264 -2.20 -45.89 -29.72
N THR D 265 -2.06 -46.70 -28.70
CA THR D 265 -1.73 -48.11 -28.85
C THR D 265 -2.69 -48.92 -28.00
N ASP D 266 -2.46 -50.22 -27.96
CA ASP D 266 -3.27 -51.11 -27.14
C ASP D 266 -3.03 -50.92 -25.66
N LYS D 267 -2.04 -50.12 -25.29
CA LYS D 267 -1.70 -49.91 -23.89
C LYS D 267 -1.68 -48.44 -23.52
N SER D 268 -1.94 -47.55 -24.46
CA SER D 268 -1.63 -46.15 -24.25
C SER D 268 -2.40 -45.28 -25.23
N ASP D 269 -2.77 -44.08 -24.78
CA ASP D 269 -3.44 -43.10 -25.61
C ASP D 269 -2.94 -41.71 -25.25
N TYR D 270 -2.82 -40.86 -26.25
CA TYR D 270 -2.15 -39.57 -26.08
C TYR D 270 -2.80 -38.55 -26.98
N TYR D 271 -3.30 -37.45 -26.40
CA TYR D 271 -3.94 -36.38 -27.15
C TYR D 271 -3.32 -35.05 -26.74
N VAL D 272 -2.97 -34.22 -27.71
CA VAL D 272 -2.44 -32.88 -27.46
C VAL D 272 -3.12 -31.89 -28.40
N SER D 273 -3.54 -30.75 -27.86
CA SER D 273 -4.32 -29.78 -28.61
C SER D 273 -3.92 -28.35 -28.29
N PHE D 274 -4.13 -27.48 -29.26
CA PHE D 274 -3.93 -26.04 -29.14
C PHE D 274 -5.08 -25.33 -29.83
N SER D 275 -5.54 -24.25 -29.22
CA SER D 275 -6.57 -23.40 -29.80
C SER D 275 -6.19 -21.94 -29.61
N GLN D 276 -6.43 -21.14 -30.64
CA GLN D 276 -6.27 -19.69 -30.57
C GLN D 276 -7.47 -18.98 -31.18
N ILE D 277 -8.01 -18.00 -30.46
CA ILE D 277 -9.10 -17.15 -30.93
C ILE D 277 -8.75 -15.69 -30.67
N SER D 278 -8.98 -14.84 -31.67
CA SER D 278 -8.78 -13.40 -31.54
C SER D 278 -9.98 -12.66 -32.11
N ASP D 279 -10.69 -11.93 -31.26
CA ASP D 279 -11.91 -11.24 -31.64
C ASP D 279 -11.77 -9.74 -31.43
N ASP D 280 -12.24 -8.96 -32.40
CA ASP D 280 -12.35 -7.51 -32.28
C ASP D 280 -13.74 -7.12 -32.78
N GLY D 281 -14.67 -6.88 -31.87
CA GLY D 281 -16.07 -6.75 -32.22
C GLY D 281 -16.41 -5.47 -32.95
N MET D 282 -17.72 -5.26 -33.08
CA MET D 282 -18.29 -4.27 -33.98
C MET D 282 -18.24 -2.85 -33.43
N ILE D 283 -18.08 -2.69 -32.13
CA ILE D 283 -17.82 -1.34 -31.64
C ILE D 283 -16.51 -0.87 -32.25
N PRO D 284 -16.43 0.37 -32.73
CA PRO D 284 -15.21 0.78 -33.41
C PRO D 284 -14.03 0.81 -32.46
N THR D 285 -12.84 0.82 -33.05
CA THR D 285 -11.57 0.60 -32.36
C THR D 285 -11.45 -0.81 -31.79
N ASP D 286 -10.35 -1.04 -31.08
CA ASP D 286 -10.00 -2.34 -30.51
C ASP D 286 -10.34 -2.43 -29.03
N ALA D 287 -11.30 -1.64 -28.55
CA ALA D 287 -11.61 -1.66 -27.13
C ALA D 287 -12.54 -2.80 -26.77
N ASP D 288 -13.04 -3.52 -27.76
CA ASP D 288 -13.94 -4.64 -27.57
C ASP D 288 -13.25 -5.92 -28.03
N SER D 289 -12.20 -6.34 -27.31
CA SER D 289 -11.33 -7.40 -27.82
C SER D 289 -11.25 -8.60 -26.89
N TYR D 290 -10.98 -9.75 -27.49
CA TYR D 290 -10.83 -11.01 -26.77
C TYR D 290 -9.79 -11.87 -27.47
N ASP D 291 -8.73 -12.22 -26.75
CA ASP D 291 -7.76 -13.21 -27.19
C ASP D 291 -7.87 -14.43 -26.30
N LYS D 292 -7.89 -15.61 -26.89
CA LYS D 292 -7.99 -16.86 -26.15
C LYS D 292 -6.96 -17.86 -26.66
N TYR D 293 -6.17 -18.41 -25.75
CA TYR D 293 -5.22 -19.48 -26.07
C TYR D 293 -5.45 -20.64 -25.10
N THR D 294 -5.49 -21.85 -25.63
CA THR D 294 -5.51 -23.05 -24.79
C THR D 294 -4.45 -24.04 -25.25
N PHE D 295 -3.90 -24.77 -24.30
CA PHE D 295 -2.97 -25.85 -24.61
C PHE D 295 -3.28 -27.03 -23.68
N SER D 296 -3.26 -28.23 -24.24
CA SER D 296 -3.73 -29.38 -23.49
C SER D 296 -2.93 -30.62 -23.86
N ALA D 297 -2.66 -31.45 -22.86
CA ALA D 297 -2.01 -32.74 -23.08
C ALA D 297 -2.75 -33.77 -22.24
N ARG D 298 -3.30 -34.78 -22.89
CA ARG D 298 -4.02 -35.83 -22.19
C ARG D 298 -3.43 -37.18 -22.57
N GLY D 299 -3.04 -37.95 -21.56
CA GLY D 299 -2.48 -39.26 -21.78
C GLY D 299 -2.92 -40.26 -20.74
N SER D 300 -2.91 -41.52 -21.15
CA SER D 300 -3.19 -42.65 -20.27
C SER D 300 -2.24 -43.79 -20.62
N HIS D 301 -1.82 -44.55 -19.61
CA HIS D 301 -1.02 -45.74 -19.85
C HIS D 301 -1.49 -46.91 -18.98
N LYS D 302 -1.74 -48.06 -19.61
CA LYS D 302 -2.11 -49.28 -18.92
C LYS D 302 -0.90 -50.19 -18.82
N ALA D 303 -0.75 -50.86 -17.67
CA ALA D 303 0.34 -51.81 -17.51
C ALA D 303 -0.06 -52.77 -16.39
N GLY D 304 -0.63 -53.90 -16.78
CA GLY D 304 -1.06 -54.87 -15.81
C GLY D 304 -2.43 -54.49 -15.29
N ALA D 305 -2.67 -54.69 -14.00
CA ALA D 305 -3.90 -54.20 -13.41
C ALA D 305 -3.92 -52.68 -13.36
N LEU D 306 -2.77 -52.02 -13.54
CA LEU D 306 -2.59 -50.62 -13.24
C LEU D 306 -2.74 -49.75 -14.47
N THR D 307 -3.54 -48.68 -14.34
CA THR D 307 -3.69 -47.63 -15.32
C THR D 307 -3.42 -46.30 -14.63
N PHE D 308 -2.53 -45.51 -15.20
CA PHE D 308 -2.29 -44.16 -14.73
C PHE D 308 -2.49 -43.20 -15.88
N SER D 309 -3.06 -42.04 -15.58
CA SER D 309 -3.45 -41.12 -16.61
C SER D 309 -3.46 -39.70 -16.06
N SER D 310 -3.28 -38.75 -16.95
CA SER D 310 -3.20 -37.36 -16.53
C SER D 310 -3.70 -36.45 -17.63
N SER D 311 -4.25 -35.32 -17.21
CA SER D 311 -4.78 -34.29 -18.10
C SER D 311 -4.28 -32.97 -17.57
N LEU D 312 -3.57 -32.20 -18.40
CA LEU D 312 -3.04 -30.91 -17.98
C LEU D 312 -3.35 -29.86 -19.03
N ASN D 313 -3.85 -28.70 -18.58
CA ASN D 313 -4.31 -27.66 -19.48
C ASN D 313 -3.84 -26.28 -19.01
N TYR D 314 -3.47 -25.44 -19.97
CA TYR D 314 -3.17 -24.04 -19.75
C TYR D 314 -4.12 -23.19 -20.57
N ALA D 315 -4.63 -22.11 -19.96
CA ALA D 315 -5.62 -21.25 -20.58
C ALA D 315 -5.24 -19.79 -20.38
N TYR D 316 -5.12 -19.06 -21.49
CA TYR D 316 -4.84 -17.62 -21.47
C TYR D 316 -5.97 -16.84 -22.11
N GLN D 317 -6.24 -15.66 -21.55
CA GLN D 317 -7.15 -14.71 -22.16
C GLN D 317 -6.69 -13.29 -21.89
N LYS D 318 -6.92 -12.42 -22.86
CA LYS D 318 -6.87 -10.97 -22.66
C LYS D 318 -8.18 -10.37 -23.12
N ASN D 319 -8.76 -9.52 -22.29
CA ASN D 319 -10.03 -8.88 -22.59
C ASN D 319 -9.89 -7.37 -22.58
N ASN D 320 -10.57 -6.71 -23.49
CA ASN D 320 -10.80 -5.28 -23.41
C ASN D 320 -12.28 -5.00 -23.63
N PHE D 321 -12.87 -4.21 -22.74
CA PHE D 321 -14.30 -3.98 -22.74
C PHE D 321 -14.57 -2.50 -22.97
N ALA D 322 -15.57 -2.21 -23.80
CA ALA D 322 -16.11 -0.86 -23.95
C ALA D 322 -17.12 -0.67 -22.84
N THR D 323 -16.64 -0.19 -21.69
CA THR D 323 -17.45 -0.01 -20.50
C THR D 323 -18.82 0.58 -20.82
N THR D 324 -19.81 0.17 -20.06
CA THR D 324 -21.17 0.64 -20.21
C THR D 324 -21.59 1.33 -18.93
N GLY D 325 -22.68 2.10 -19.00
CA GLY D 325 -23.18 2.74 -17.81
C GLY D 325 -23.71 4.14 -18.02
N GLN D 326 -24.24 4.74 -16.96
CA GLN D 326 -24.95 6.00 -17.07
C GLN D 326 -24.04 7.21 -17.14
N GLY D 327 -22.73 7.02 -17.15
CA GLY D 327 -21.81 8.10 -17.18
C GLY D 327 -21.17 8.29 -18.53
N LEU D 328 -19.89 8.67 -18.51
CA LEU D 328 -19.17 8.96 -19.74
C LEU D 328 -18.72 7.67 -20.43
N SER D 329 -19.70 6.86 -20.77
CA SER D 329 -19.49 5.59 -21.43
C SER D 329 -19.85 5.71 -22.89
N MET D 330 -19.34 4.78 -23.70
CA MET D 330 -19.46 4.93 -25.14
C MET D 330 -20.91 4.95 -25.58
N LEU D 331 -21.69 3.95 -25.15
CA LEU D 331 -23.04 3.80 -25.69
C LEU D 331 -23.99 4.83 -25.10
N ASN D 332 -23.85 5.11 -23.80
CA ASN D 332 -24.66 6.16 -23.19
C ASN D 332 -24.44 7.48 -23.91
N SER D 333 -23.22 7.71 -24.36
CA SER D 333 -22.99 8.85 -25.23
C SER D 333 -23.59 8.64 -26.60
N LEU D 334 -23.65 7.40 -27.07
CA LEU D 334 -24.10 7.19 -28.44
C LEU D 334 -25.59 7.42 -28.58
N TYR D 335 -26.36 7.01 -27.59
CA TYR D 335 -27.80 7.09 -27.71
C TYR D 335 -28.30 8.52 -27.49
N GLN D 336 -27.67 9.26 -26.59
CA GLN D 336 -28.00 10.67 -26.41
C GLN D 336 -27.44 11.51 -27.55
N THR D 337 -27.70 11.10 -28.78
CA THR D 337 -27.38 11.88 -29.96
C THR D 337 -28.66 12.32 -30.64
N PRO D 338 -28.78 13.60 -31.00
CA PRO D 338 -29.97 14.03 -31.76
C PRO D 338 -30.04 13.34 -33.09
N ARG D 339 -31.26 13.18 -33.60
CA ARG D 339 -31.42 12.43 -34.82
C ARG D 339 -30.83 13.10 -36.05
N ASP D 340 -30.36 14.34 -35.94
CA ASP D 340 -29.86 15.04 -37.12
C ASP D 340 -28.34 15.14 -37.14
N ILE D 341 -27.65 14.55 -36.18
CA ILE D 341 -26.20 14.65 -36.03
C ILE D 341 -25.53 13.45 -36.67
N SER D 342 -24.55 13.70 -37.54
CA SER D 342 -23.81 12.62 -38.19
C SER D 342 -22.74 12.12 -37.23
N ILE D 343 -22.95 10.93 -36.67
CA ILE D 343 -22.07 10.42 -35.62
C ILE D 343 -20.70 10.04 -36.17
N ILE D 344 -20.64 9.49 -37.38
CA ILE D 344 -19.34 9.21 -37.99
C ILE D 344 -18.58 10.47 -38.33
N GLY D 345 -19.15 11.64 -38.11
CA GLY D 345 -18.44 12.87 -38.35
C GLY D 345 -17.77 13.43 -37.13
N LEU D 346 -17.96 12.79 -35.99
CA LEU D 346 -17.38 13.25 -34.75
C LEU D 346 -16.05 12.59 -34.44
N GLU D 347 -15.51 11.78 -35.34
CA GLU D 347 -14.32 11.01 -35.00
C GLU D 347 -13.05 11.80 -35.20
N ASP D 348 -12.90 12.43 -36.36
CA ASP D 348 -11.67 13.15 -36.65
C ASP D 348 -11.39 14.21 -35.60
N GLN D 349 -10.34 14.01 -34.81
CA GLN D 349 -10.00 14.99 -33.78
C GLN D 349 -9.16 16.14 -34.30
N ASN D 350 -8.90 16.24 -35.59
CA ASN D 350 -8.23 17.43 -36.08
C ASN D 350 -9.20 18.54 -36.43
N ASP D 351 -10.49 18.23 -36.49
CA ASP D 351 -11.58 19.18 -36.56
C ASP D 351 -11.91 19.63 -35.14
N PRO D 352 -11.47 20.82 -34.78
CA PRO D 352 -11.51 21.22 -33.37
C PRO D 352 -12.90 21.22 -32.80
N PHE D 353 -13.92 21.22 -33.65
CA PHE D 353 -15.29 21.10 -33.17
C PHE D 353 -15.58 19.71 -32.62
N ASN D 354 -14.73 18.72 -32.87
CA ASN D 354 -14.90 17.40 -32.29
C ASN D 354 -14.07 17.19 -31.05
N THR D 355 -13.30 18.21 -30.63
CA THR D 355 -12.50 18.12 -29.43
C THR D 355 -13.40 18.08 -28.20
N PRO D 356 -12.92 17.51 -27.10
CA PRO D 356 -13.78 17.37 -25.92
C PRO D 356 -14.24 18.67 -25.32
N GLY D 357 -13.68 19.79 -25.74
CA GLY D 357 -14.03 21.06 -25.14
C GLY D 357 -15.02 21.79 -26.01
N TYR D 358 -15.13 21.38 -27.25
CA TYR D 358 -16.06 21.99 -28.17
C TYR D 358 -17.04 20.99 -28.77
N TYR D 359 -17.05 19.75 -28.29
CA TYR D 359 -17.99 18.75 -28.76
C TYR D 359 -19.41 19.27 -28.63
N TYR D 360 -20.27 18.90 -29.57
CA TYR D 360 -21.51 19.66 -29.77
C TYR D 360 -22.46 19.64 -28.58
N THR D 361 -22.19 18.90 -27.52
CA THR D 361 -23.12 18.98 -26.42
C THR D 361 -22.38 18.77 -25.11
N PRO D 362 -22.79 19.40 -24.07
CA PRO D 362 -22.05 19.27 -22.81
C PRO D 362 -22.84 18.57 -21.74
N TYR D 363 -23.77 17.72 -22.14
CA TYR D 363 -24.83 17.30 -21.24
C TYR D 363 -24.61 15.87 -20.72
N GLY D 364 -23.62 15.75 -19.83
CA GLY D 364 -23.35 14.49 -19.14
C GLY D 364 -22.81 13.40 -20.03
N VAL D 365 -22.24 13.76 -21.17
CA VAL D 365 -21.94 12.85 -22.26
C VAL D 365 -20.76 13.46 -23.00
N MET D 366 -19.91 12.63 -23.57
CA MET D 366 -18.91 13.20 -24.45
C MET D 366 -18.80 12.37 -25.70
N ASN D 367 -17.89 12.77 -26.56
CA ASN D 367 -17.71 12.13 -27.85
C ASN D 367 -17.48 10.63 -27.68
N PRO D 368 -18.27 9.78 -28.33
CA PRO D 368 -18.05 8.34 -28.16
C PRO D 368 -16.70 7.89 -28.65
N TYR D 369 -16.19 8.52 -29.70
CA TYR D 369 -14.88 8.12 -30.20
C TYR D 369 -13.78 8.54 -29.26
N TYR D 370 -13.97 9.62 -28.50
CA TYR D 370 -12.95 9.97 -27.52
C TYR D 370 -12.89 8.94 -26.40
N ILE D 371 -14.04 8.41 -26.01
CA ILE D 371 -14.07 7.42 -24.93
C ILE D 371 -13.36 6.14 -25.39
N LEU D 372 -13.64 5.71 -26.62
CA LEU D 372 -13.09 4.45 -27.11
C LEU D 372 -11.59 4.50 -27.30
N ASN D 373 -11.00 5.69 -27.45
CA ASN D 373 -9.59 5.80 -27.75
C ASN D 373 -8.74 6.20 -26.56
N ASN D 374 -9.33 6.56 -25.43
CA ASN D 374 -8.55 7.15 -24.37
C ASN D 374 -8.88 6.58 -23.01
N TYR D 375 -9.87 5.70 -22.92
CA TYR D 375 -10.18 5.00 -21.70
C TYR D 375 -9.59 3.61 -21.77
N LEU D 376 -9.36 3.03 -20.60
CA LEU D 376 -8.73 1.72 -20.50
C LEU D 376 -9.57 0.84 -19.61
N ASN D 377 -9.73 -0.41 -20.02
CA ASN D 377 -10.44 -1.39 -19.22
C ASN D 377 -10.04 -2.79 -19.62
N GLU D 378 -8.85 -3.21 -19.22
CA GLU D 378 -8.22 -4.43 -19.69
C GLU D 378 -8.27 -5.50 -18.59
N TYR D 379 -8.18 -6.75 -19.03
CA TYR D 379 -8.10 -7.88 -18.11
C TYR D 379 -7.32 -8.97 -18.81
N GLU D 380 -6.41 -9.61 -18.08
CA GLU D 380 -5.60 -10.71 -18.59
C GLU D 380 -5.57 -11.80 -17.54
N SER D 381 -5.58 -13.04 -17.99
CA SER D 381 -5.70 -14.16 -17.08
C SER D 381 -4.77 -15.28 -17.50
N GLU D 382 -4.24 -16.00 -16.52
CA GLU D 382 -3.50 -17.23 -16.75
C GLU D 382 -4.06 -18.30 -15.84
N ARG D 383 -4.31 -19.48 -16.41
CA ARG D 383 -4.99 -20.56 -15.70
C ARG D 383 -4.33 -21.90 -15.98
N PHE D 384 -4.13 -22.68 -14.94
CA PHE D 384 -3.64 -24.04 -15.05
C PHE D 384 -4.59 -24.95 -14.32
N TYR D 385 -5.05 -26.02 -14.98
CA TYR D 385 -5.88 -27.00 -14.32
C TYR D 385 -5.58 -28.37 -14.90
N GLY D 386 -5.90 -29.39 -14.11
CA GLY D 386 -5.69 -30.74 -14.58
C GLY D 386 -5.85 -31.74 -13.46
N LYS D 387 -5.49 -32.98 -13.76
CA LYS D 387 -5.75 -34.08 -12.84
C LYS D 387 -4.74 -35.19 -13.05
N PHE D 388 -4.61 -36.00 -12.01
CA PHE D 388 -3.90 -37.28 -12.08
C PHE D 388 -4.85 -38.36 -11.60
N GLN D 389 -5.11 -39.35 -12.44
CA GLN D 389 -5.94 -40.47 -12.06
C GLN D 389 -5.09 -41.72 -11.98
N LEU D 390 -5.29 -42.50 -10.93
CA LEU D 390 -4.67 -43.82 -10.75
C LEU D 390 -5.76 -44.86 -10.62
N ASP D 391 -5.81 -45.81 -11.55
CA ASP D 391 -6.78 -46.90 -11.52
C ASP D 391 -6.06 -48.21 -11.27
N TYR D 392 -6.64 -49.07 -10.43
CA TYR D 392 -6.05 -50.37 -10.17
C TYR D 392 -7.13 -51.41 -9.97
N GLU D 393 -7.30 -52.30 -10.96
CA GLU D 393 -8.28 -53.36 -10.87
C GLU D 393 -7.72 -54.52 -10.07
N PHE D 394 -8.52 -55.09 -9.18
CA PHE D 394 -8.01 -56.19 -8.38
C PHE D 394 -9.12 -57.15 -7.98
N LEU D 395 -8.74 -58.42 -7.80
CA LEU D 395 -9.63 -59.46 -7.29
C LEU D 395 -10.87 -59.58 -8.15
N LYS D 396 -10.66 -59.61 -9.47
CA LYS D 396 -11.70 -59.92 -10.45
C LYS D 396 -12.77 -58.85 -10.58
N TYR D 397 -13.29 -58.35 -9.45
CA TYR D 397 -14.46 -57.48 -9.47
C TYR D 397 -14.24 -56.10 -8.86
N PHE D 398 -13.02 -55.76 -8.47
CA PHE D 398 -12.82 -54.47 -7.81
C PHE D 398 -11.96 -53.54 -8.64
N LYS D 399 -12.21 -52.24 -8.47
CA LYS D 399 -11.41 -51.18 -9.08
C LYS D 399 -11.19 -50.08 -8.05
N PHE D 400 -9.93 -49.75 -7.81
CA PHE D 400 -9.55 -48.61 -6.98
C PHE D 400 -9.20 -47.44 -7.89
N THR D 401 -9.86 -46.31 -7.68
CA THR D 401 -9.56 -45.11 -8.45
C THR D 401 -9.18 -44.01 -7.49
N TYR D 402 -8.02 -43.42 -7.70
CA TYR D 402 -7.60 -42.21 -7.00
C TYR D 402 -7.46 -41.09 -8.01
N ARG D 403 -8.17 -39.99 -7.77
CA ARG D 403 -8.25 -38.88 -8.70
C ARG D 403 -8.09 -37.59 -7.93
N MET D 404 -7.10 -36.79 -8.32
CA MET D 404 -6.85 -35.48 -7.71
C MET D 404 -6.80 -34.42 -8.78
N GLY D 405 -7.48 -33.31 -8.52
CA GLY D 405 -7.54 -32.21 -9.45
C GLY D 405 -7.04 -30.94 -8.82
N LEU D 406 -6.41 -30.11 -9.62
CA LEU D 406 -5.94 -28.80 -9.21
C LEU D 406 -6.38 -27.80 -10.25
N ASP D 407 -6.83 -26.64 -9.81
CA ASP D 407 -7.25 -25.57 -10.70
C ASP D 407 -6.78 -24.24 -10.10
N THR D 408 -5.89 -23.55 -10.80
CA THR D 408 -5.27 -22.33 -10.31
C THR D 408 -5.34 -21.25 -11.38
N THR D 409 -5.63 -20.02 -10.98
CA THR D 409 -5.81 -18.94 -11.92
C THR D 409 -5.14 -17.70 -11.37
N THR D 410 -4.51 -16.93 -12.24
CA THR D 410 -4.06 -15.59 -11.90
C THR D 410 -4.63 -14.62 -12.92
N GLY D 411 -5.36 -13.63 -12.46
CA GLY D 411 -5.94 -12.64 -13.34
C GLY D 411 -5.61 -11.24 -12.89
N GLN D 412 -5.29 -10.37 -13.86
CA GLN D 412 -4.95 -8.98 -13.63
C GLN D 412 -5.86 -8.09 -14.45
N SER D 413 -6.48 -7.11 -13.81
CA SER D 413 -7.28 -6.10 -14.50
C SER D 413 -6.68 -4.72 -14.30
N ASP D 414 -6.61 -3.95 -15.36
CA ASP D 414 -6.13 -2.58 -15.33
C ASP D 414 -7.12 -1.70 -16.08
N LYS D 415 -7.75 -0.77 -15.37
CA LYS D 415 -8.67 0.17 -16.02
C LYS D 415 -8.34 1.59 -15.57
N GLY D 416 -8.53 2.54 -16.49
CA GLY D 416 -8.32 3.93 -16.17
C GLY D 416 -9.14 4.89 -17.01
N LYS D 417 -9.11 6.15 -16.60
CA LYS D 417 -9.79 7.24 -17.30
C LYS D 417 -8.98 8.52 -17.19
N PRO D 418 -8.97 9.34 -18.22
CA PRO D 418 -8.12 10.54 -18.21
C PRO D 418 -8.60 11.56 -17.19
N ASN D 419 -7.72 12.51 -16.89
CA ASN D 419 -8.05 13.70 -16.12
C ASN D 419 -8.66 14.73 -17.05
N LEU D 420 -9.92 14.48 -17.39
CA LEU D 420 -10.64 15.35 -18.31
C LEU D 420 -10.63 16.80 -17.85
N TYR D 421 -10.69 17.02 -16.54
CA TYR D 421 -10.61 18.37 -16.02
C TYR D 421 -9.31 19.04 -16.46
N ALA D 422 -8.18 18.45 -16.11
CA ALA D 422 -6.91 19.12 -16.36
C ALA D 422 -6.67 19.36 -17.83
N LEU D 423 -7.26 18.55 -18.69
CA LEU D 423 -6.93 18.68 -20.09
C LEU D 423 -7.81 19.68 -20.80
N TYR D 424 -9.08 19.77 -20.40
CA TYR D 424 -10.05 20.45 -21.23
C TYR D 424 -10.92 21.47 -20.51
N TYR D 425 -10.92 21.52 -19.18
CA TYR D 425 -11.89 22.38 -18.51
C TYR D 425 -11.66 23.85 -18.79
N GLU D 426 -10.43 24.32 -18.68
CA GLU D 426 -10.13 25.74 -18.64
C GLU D 426 -10.31 26.38 -20.01
N GLY D 427 -11.17 27.39 -20.09
CA GLY D 427 -11.26 28.22 -21.28
C GLY D 427 -11.95 27.57 -22.44
N THR D 428 -12.87 26.65 -22.19
CA THR D 428 -13.63 25.99 -23.23
C THR D 428 -15.11 26.05 -22.91
N PRO D 429 -15.96 26.04 -23.93
CA PRO D 429 -17.40 26.06 -23.67
C PRO D 429 -17.91 24.87 -22.91
N ASN D 430 -17.41 23.66 -23.22
CA ASN D 430 -17.88 22.47 -22.53
C ASN D 430 -17.33 22.36 -21.13
N GLY D 431 -16.26 23.08 -20.81
CA GLY D 431 -15.65 23.04 -19.49
C GLY D 431 -16.04 24.21 -18.69
N GLU D 432 -15.24 25.31 -18.76
CA GLU D 432 -15.42 26.48 -17.93
C GLU D 432 -16.72 27.20 -18.25
N GLY D 433 -17.14 27.19 -19.50
CA GLY D 433 -18.39 27.80 -19.91
C GLY D 433 -19.64 27.09 -19.43
N GLN D 434 -19.52 25.88 -18.90
CA GLN D 434 -20.62 25.22 -18.23
C GLN D 434 -20.42 25.12 -16.73
N GLY D 435 -19.37 25.74 -16.22
CA GLY D 435 -19.24 25.93 -14.78
C GLY D 435 -19.29 24.63 -14.02
N SER D 436 -20.08 24.60 -12.97
CA SER D 436 -20.15 23.41 -12.14
C SER D 436 -20.93 22.29 -12.82
N SER D 437 -21.71 22.61 -13.86
CA SER D 437 -22.41 21.56 -14.59
C SER D 437 -21.61 21.08 -15.78
N SER D 438 -20.39 20.97 -15.64
CA SER D 438 -19.54 20.54 -16.73
C SER D 438 -19.40 19.02 -16.73
N PRO D 439 -19.33 18.41 -17.88
CA PRO D 439 -19.09 16.97 -17.92
C PRO D 439 -17.71 16.62 -17.37
N PHE D 440 -16.88 17.61 -17.09
CA PHE D 440 -15.52 17.37 -16.62
C PHE D 440 -15.35 17.64 -15.13
N SER D 441 -16.43 17.79 -14.39
CA SER D 441 -16.29 17.98 -12.96
C SER D 441 -16.98 16.88 -12.20
N GLY D 442 -16.27 16.24 -11.28
CA GLY D 442 -14.84 16.37 -11.15
C GLY D 442 -14.25 15.10 -11.75
N GLU D 443 -14.14 15.10 -13.08
CA GLU D 443 -13.53 13.99 -13.78
C GLU D 443 -12.02 14.22 -13.85
N THR D 444 -11.35 13.98 -12.74
CA THR D 444 -9.91 14.21 -12.62
C THR D 444 -9.07 13.00 -12.97
N GLY D 445 -9.66 11.93 -13.50
CA GLY D 445 -8.91 10.72 -13.83
C GLY D 445 -8.72 9.76 -12.67
N GLN D 446 -8.72 8.46 -12.96
CA GLN D 446 -8.30 7.45 -11.98
C GLN D 446 -7.69 6.27 -12.71
N TYR D 447 -6.86 5.53 -11.99
CA TYR D 447 -6.30 4.28 -12.50
C TYR D 447 -6.27 3.27 -11.36
N SER D 448 -6.66 2.03 -11.67
CA SER D 448 -6.62 0.94 -10.70
C SER D 448 -6.09 -0.31 -11.37
N GLU D 449 -5.46 -1.16 -10.57
CA GLU D 449 -5.03 -2.49 -10.97
C GLU D 449 -5.46 -3.47 -9.90
N GLN D 450 -6.00 -4.61 -10.32
CA GLN D 450 -6.30 -5.71 -9.40
C GLN D 450 -5.63 -6.97 -9.92
N ILE D 451 -4.98 -7.70 -9.04
CA ILE D 451 -4.47 -9.03 -9.36
C ILE D 451 -5.24 -10.02 -8.51
N THR D 452 -5.88 -10.96 -9.14
CA THR D 452 -6.71 -11.93 -8.46
C THR D 452 -6.11 -13.33 -8.62
N ARG D 453 -6.10 -14.09 -7.53
CA ARG D 453 -5.55 -15.43 -7.50
C ARG D 453 -6.59 -16.38 -6.97
N ARG D 454 -6.77 -17.49 -7.65
CA ARG D 454 -7.80 -18.48 -7.40
C ARG D 454 -7.18 -19.87 -7.43
N ARG D 455 -7.57 -20.75 -6.51
CA ARG D 455 -6.95 -22.08 -6.44
C ARG D 455 -7.92 -23.07 -5.81
N GLU D 456 -8.26 -24.13 -6.55
CA GLU D 456 -9.19 -25.15 -6.06
C GLU D 456 -8.53 -26.52 -6.13
N ILE D 457 -8.76 -27.33 -5.11
CA ILE D 457 -8.18 -28.66 -5.03
C ILE D 457 -9.25 -29.66 -4.62
N ASN D 458 -9.37 -30.73 -5.41
CA ASN D 458 -10.32 -31.81 -5.11
C ASN D 458 -9.57 -33.14 -5.10
N GLN D 459 -9.91 -33.99 -4.15
CA GLN D 459 -9.33 -35.33 -4.06
C GLN D 459 -10.41 -36.39 -3.90
N ASP D 460 -10.34 -37.43 -4.72
CA ASP D 460 -11.31 -38.51 -4.67
C ASP D 460 -10.59 -39.85 -4.55
N ILE D 461 -11.04 -40.67 -3.60
CA ILE D 461 -10.49 -41.99 -3.35
C ILE D 461 -11.66 -42.95 -3.38
N MET D 462 -11.75 -43.77 -4.41
CA MET D 462 -12.91 -44.63 -4.63
C MET D 462 -12.49 -46.08 -4.79
N VAL D 463 -13.38 -46.97 -4.37
CA VAL D 463 -13.32 -48.40 -4.66
C VAL D 463 -14.63 -48.79 -5.33
N ASN D 464 -14.54 -49.40 -6.50
CA ASN D 464 -15.72 -49.85 -7.23
C ASN D 464 -15.76 -51.37 -7.25
N PHE D 465 -16.93 -51.93 -6.94
CA PHE D 465 -17.16 -53.37 -6.94
C PHE D 465 -18.22 -53.71 -7.98
N ASN D 466 -17.89 -54.58 -8.92
CA ASN D 466 -18.76 -54.85 -10.06
C ASN D 466 -18.73 -56.33 -10.43
N MET D 467 -19.82 -57.03 -10.12
CA MET D 467 -19.91 -58.47 -10.29
C MET D 467 -21.31 -58.90 -10.73
N PRO D 468 -21.42 -59.79 -11.71
CA PRO D 468 -22.71 -60.37 -12.05
C PRO D 468 -23.04 -61.53 -11.12
N VAL D 469 -24.33 -61.68 -10.83
CA VAL D 469 -24.85 -62.90 -10.22
C VAL D 469 -26.10 -63.27 -11.02
N ASN D 470 -25.99 -64.33 -11.81
CA ASN D 470 -27.11 -64.87 -12.59
C ASN D 470 -27.58 -63.75 -13.52
N ASP D 471 -28.90 -63.56 -13.66
CA ASP D 471 -29.42 -62.47 -14.47
C ASP D 471 -29.16 -61.11 -13.83
N PHE D 472 -29.01 -61.06 -12.51
CA PHE D 472 -28.74 -59.82 -11.79
C PHE D 472 -27.37 -59.26 -12.12
N ASN D 473 -27.16 -58.00 -11.70
CA ASN D 473 -25.84 -57.38 -11.72
C ASN D 473 -25.74 -56.44 -10.53
N ILE D 474 -24.57 -56.41 -9.90
CA ILE D 474 -24.33 -55.54 -8.77
C ILE D 474 -23.14 -54.66 -9.08
N ASN D 475 -23.28 -53.35 -8.81
CA ASN D 475 -22.19 -52.40 -8.96
C ASN D 475 -22.29 -51.45 -7.78
N ALA D 476 -21.28 -51.45 -6.92
CA ALA D 476 -21.24 -50.57 -5.77
C ALA D 476 -19.99 -49.71 -5.83
N LEU D 477 -20.12 -48.46 -5.38
CA LEU D 477 -19.03 -47.49 -5.38
C LEU D 477 -19.00 -46.79 -4.03
N VAL D 478 -17.86 -46.82 -3.36
CA VAL D 478 -17.64 -46.12 -2.11
C VAL D 478 -16.46 -45.19 -2.30
N GLY D 479 -16.39 -44.13 -1.52
CA GLY D 479 -15.39 -43.11 -1.78
C GLY D 479 -15.36 -42.02 -0.73
N PHE D 480 -14.28 -41.27 -0.77
CA PHE D 480 -14.09 -40.07 0.05
C PHE D 480 -13.76 -38.92 -0.89
N ASN D 481 -14.27 -37.76 -0.56
CA ASN D 481 -13.99 -36.57 -1.35
C ASN D 481 -13.51 -35.46 -0.44
N GLY D 482 -12.50 -34.72 -0.90
CA GLY D 482 -11.99 -33.59 -0.15
C GLY D 482 -11.78 -32.38 -1.04
N ASN D 483 -12.22 -31.21 -0.57
CA ASN D 483 -12.26 -30.02 -1.40
C ASN D 483 -11.64 -28.83 -0.68
N GLU D 484 -10.88 -28.03 -1.42
CA GLU D 484 -10.30 -26.79 -0.91
C GLU D 484 -10.41 -25.73 -1.99
N ARG D 485 -11.00 -24.60 -1.64
CA ARG D 485 -11.15 -23.49 -2.56
C ARG D 485 -10.59 -22.24 -1.91
N LYS D 486 -9.83 -21.46 -2.68
CA LYS D 486 -9.23 -20.25 -2.15
C LYS D 486 -9.18 -19.20 -3.23
N VAL D 487 -9.54 -17.97 -2.87
CA VAL D 487 -9.46 -16.84 -3.79
C VAL D 487 -8.81 -15.69 -3.03
N SER D 488 -7.97 -14.92 -3.71
CA SER D 488 -7.33 -13.75 -3.14
C SER D 488 -7.19 -12.67 -4.19
N TYR D 489 -7.25 -11.41 -3.75
CA TYR D 489 -6.85 -10.35 -4.65
C TYR D 489 -6.13 -9.25 -3.91
N GLN D 490 -5.41 -8.44 -4.68
CA GLN D 490 -4.78 -7.21 -4.22
C GLN D 490 -5.20 -6.10 -5.18
N TYR D 491 -5.73 -5.01 -4.65
CA TYR D 491 -6.28 -3.92 -5.45
C TYR D 491 -5.66 -2.60 -5.03
N SER D 492 -5.24 -1.80 -6.01
CA SER D 492 -4.70 -0.47 -5.73
C SER D 492 -5.28 0.55 -6.69
N GLU D 493 -5.57 1.76 -6.18
CA GLU D 493 -6.29 2.79 -6.92
C GLU D 493 -5.67 4.15 -6.69
N VAL D 494 -5.44 4.90 -7.76
CA VAL D 494 -5.06 6.30 -7.65
C VAL D 494 -6.16 7.17 -8.25
N ASN D 495 -6.25 8.38 -7.74
CA ASN D 495 -7.14 9.38 -8.30
C ASN D 495 -6.40 10.69 -8.51
N ASP D 496 -6.92 11.47 -9.43
CA ASP D 496 -6.40 12.80 -9.73
C ASP D 496 -5.02 12.66 -10.33
N LEU D 497 -4.98 12.29 -11.60
CA LEU D 497 -3.72 12.04 -12.29
C LEU D 497 -2.96 13.33 -12.55
N THR D 498 -1.64 13.25 -12.48
CA THR D 498 -0.79 14.42 -12.72
C THR D 498 -0.54 14.63 -14.21
N ILE D 499 0.20 13.74 -14.84
CA ILE D 499 0.10 13.68 -16.30
C ILE D 499 -1.29 13.14 -16.61
N PRO D 500 -2.10 13.86 -17.39
CA PRO D 500 -3.53 13.56 -17.43
C PRO D 500 -3.91 12.29 -18.16
N THR D 501 -3.07 11.74 -19.03
CA THR D 501 -3.45 10.55 -19.79
C THR D 501 -2.70 9.30 -19.39
N TRP D 502 -1.79 9.37 -18.43
CA TRP D 502 -0.87 8.27 -18.13
C TRP D 502 -1.39 7.47 -16.94
N PHE D 503 -1.56 6.17 -17.15
CA PHE D 503 -2.17 5.27 -16.16
C PHE D 503 -1.08 4.52 -15.41
N ASN D 504 -0.82 4.93 -14.17
CA ASN D 504 0.28 4.46 -13.35
C ASN D 504 0.07 4.94 -11.93
N LEU D 505 0.45 4.12 -10.95
CA LEU D 505 0.16 4.46 -9.56
C LEU D 505 1.05 5.56 -9.01
N LYS D 506 2.14 5.89 -9.69
CA LYS D 506 3.00 7.00 -9.28
C LYS D 506 2.47 8.34 -9.79
N ASN D 507 1.40 8.34 -10.58
CA ASN D 507 0.96 9.53 -11.30
C ASN D 507 -0.18 10.24 -10.57
N SER D 508 0.03 10.58 -9.30
CA SER D 508 -1.06 11.15 -8.51
C SER D 508 -0.47 11.91 -7.35
N GLY D 509 -0.98 13.09 -7.08
CA GLY D 509 -0.52 13.83 -5.94
C GLY D 509 -1.32 13.58 -4.68
N LYS D 510 -2.20 12.60 -4.69
CA LYS D 510 -3.14 12.42 -3.59
C LYS D 510 -2.98 11.02 -2.99
N THR D 511 -3.56 10.84 -1.82
CA THR D 511 -3.49 9.56 -1.14
C THR D 511 -4.03 8.45 -2.01
N PRO D 512 -3.33 7.33 -2.13
CA PRO D 512 -3.84 6.19 -2.90
C PRO D 512 -4.74 5.29 -2.05
N ILE D 513 -5.36 4.33 -2.73
CA ILE D 513 -6.34 3.46 -2.10
C ILE D 513 -5.91 2.01 -2.31
N VAL D 514 -5.76 1.26 -1.22
CA VAL D 514 -5.45 -0.16 -1.31
C VAL D 514 -6.60 -0.98 -0.73
N GLU D 515 -6.71 -2.21 -1.22
CA GLU D 515 -7.66 -3.18 -0.70
C GLU D 515 -7.08 -4.57 -0.90
N GLN D 516 -7.31 -5.47 0.05
CA GLN D 516 -6.91 -6.86 -0.12
C GLN D 516 -7.98 -7.77 0.46
N HIS D 517 -8.02 -9.01 -0.01
CA HIS D 517 -9.11 -9.92 0.37
C HIS D 517 -8.74 -11.35 0.05
N MET D 518 -9.23 -12.27 0.88
CA MET D 518 -9.08 -13.69 0.60
C MET D 518 -10.20 -14.47 1.26
N GLU D 519 -10.51 -15.63 0.69
CA GLU D 519 -11.50 -16.56 1.23
C GLU D 519 -10.94 -17.97 1.14
N LEU D 520 -11.18 -18.78 2.16
CA LEU D 520 -10.76 -20.17 2.16
C LEU D 520 -11.90 -21.03 2.68
N ARG D 521 -12.34 -22.00 1.90
CA ARG D 521 -13.35 -22.95 2.36
C ARG D 521 -12.85 -24.38 2.13
N ARG D 522 -13.18 -25.26 3.06
CA ARG D 522 -12.79 -26.66 2.95
C ARG D 522 -13.99 -27.55 3.21
N LEU D 523 -13.95 -28.74 2.60
CA LEU D 523 -15.03 -29.70 2.67
C LEU D 523 -14.46 -31.10 2.65
N MET D 524 -15.08 -31.98 3.43
CA MET D 524 -14.79 -33.40 3.36
C MET D 524 -16.11 -34.15 3.42
N GLY D 525 -16.26 -35.15 2.56
CA GLY D 525 -17.44 -35.99 2.60
C GLY D 525 -17.11 -37.40 2.20
N VAL D 526 -17.93 -38.33 2.69
CA VAL D 526 -17.78 -39.74 2.33
C VAL D 526 -19.10 -40.18 1.72
N PHE D 527 -19.02 -41.08 0.75
CA PHE D 527 -20.25 -41.40 0.04
C PHE D 527 -20.26 -42.82 -0.47
N GLY D 528 -21.46 -43.39 -0.55
CA GLY D 528 -21.64 -44.69 -1.17
C GLY D 528 -22.75 -44.66 -2.21
N GLN D 529 -22.61 -45.51 -3.21
CA GLN D 529 -23.56 -45.61 -4.30
C GLN D 529 -23.73 -47.08 -4.66
N PHE D 530 -24.95 -47.60 -4.53
CA PHE D 530 -25.26 -48.99 -4.87
C PHE D 530 -26.17 -49.03 -6.08
N GLU D 531 -25.66 -49.51 -7.21
CA GLU D 531 -26.46 -49.74 -8.41
C GLU D 531 -26.77 -51.23 -8.55
N GLY D 532 -28.06 -51.57 -8.51
CA GLY D 532 -28.50 -52.93 -8.71
C GLY D 532 -29.25 -53.14 -10.01
N SER D 533 -29.31 -54.36 -10.51
CA SER D 533 -29.79 -54.58 -11.87
C SER D 533 -30.39 -55.98 -11.98
N TRP D 534 -31.48 -56.08 -12.72
CA TRP D 534 -32.08 -57.38 -13.04
C TRP D 534 -32.29 -57.47 -14.53
N LYS D 535 -31.71 -58.48 -15.16
CA LYS D 535 -31.81 -58.63 -16.60
C LYS D 535 -31.30 -57.34 -17.22
N ASN D 536 -31.71 -57.03 -18.43
CA ASN D 536 -31.26 -55.82 -19.08
C ASN D 536 -32.29 -54.70 -19.02
N MET D 537 -33.16 -54.71 -18.01
CA MET D 537 -34.37 -53.93 -18.08
C MET D 537 -34.87 -53.38 -16.75
N LEU D 538 -34.29 -53.78 -15.63
CA LEU D 538 -34.75 -53.28 -14.34
C LEU D 538 -33.55 -52.79 -13.55
N TYR D 539 -33.44 -51.47 -13.37
CA TYR D 539 -32.28 -50.87 -12.76
C TYR D 539 -32.68 -50.08 -11.53
N LEU D 540 -32.06 -50.39 -10.40
CA LEU D 540 -32.25 -49.64 -9.17
C LEU D 540 -30.92 -49.01 -8.77
N THR D 541 -30.96 -47.81 -8.22
CA THR D 541 -29.76 -47.17 -7.70
C THR D 541 -30.06 -46.56 -6.35
N VAL D 542 -29.06 -46.54 -5.47
CA VAL D 542 -29.22 -46.01 -4.12
C VAL D 542 -27.95 -45.27 -3.73
N THR D 543 -28.02 -43.94 -3.68
CA THR D 543 -26.87 -43.12 -3.32
C THR D 543 -26.99 -42.59 -1.89
N ALA D 544 -25.86 -42.27 -1.32
CA ALA D 544 -25.84 -41.53 -0.07
C ALA D 544 -24.50 -40.84 0.06
N ARG D 545 -24.48 -39.75 0.81
CA ARG D 545 -23.28 -38.96 1.05
C ARG D 545 -23.47 -38.21 2.35
N ASN D 546 -22.37 -37.86 3.01
CA ASN D 546 -22.43 -37.06 4.22
C ASN D 546 -21.19 -36.18 4.27
N ASP D 547 -21.40 -34.87 4.26
CA ASP D 547 -20.34 -33.89 4.12
C ASP D 547 -20.11 -33.14 5.41
N TRP D 548 -18.89 -32.65 5.56
CA TRP D 548 -18.47 -31.79 6.66
C TRP D 548 -17.93 -30.53 6.01
N SER D 549 -18.59 -29.40 6.23
CA SER D 549 -18.23 -28.17 5.56
C SER D 549 -17.71 -27.16 6.56
N SER D 550 -16.61 -26.51 6.22
CA SER D 550 -16.06 -25.49 7.10
C SER D 550 -16.97 -24.27 7.23
N THR D 551 -17.81 -24.00 6.24
CA THR D 551 -18.63 -22.80 6.24
C THR D 551 -19.91 -22.96 7.05
N LEU D 552 -20.05 -23.99 7.83
CA LEU D 552 -21.18 -24.04 8.72
C LEU D 552 -20.68 -23.95 10.16
N PRO D 553 -21.54 -23.63 11.10
CA PRO D 553 -21.09 -23.52 12.49
C PRO D 553 -20.38 -24.78 12.95
N LYS D 554 -19.46 -24.61 13.90
CA LYS D 554 -18.60 -25.72 14.31
C LYS D 554 -19.43 -26.94 14.68
N GLU D 555 -20.45 -26.74 15.49
CA GLU D 555 -21.23 -27.82 16.06
C GLU D 555 -22.34 -28.31 15.15
N ASN D 556 -22.30 -28.01 13.85
CA ASN D 556 -23.34 -28.49 12.97
C ASN D 556 -22.84 -28.57 11.55
N ARG D 557 -21.57 -28.95 11.38
CA ARG D 557 -20.93 -28.96 10.06
C ARG D 557 -21.35 -30.14 9.21
N SER D 558 -21.99 -31.14 9.79
CA SER D 558 -22.27 -32.40 9.12
C SER D 558 -23.70 -32.42 8.58
N PHE D 559 -23.84 -32.82 7.31
CA PHE D 559 -25.16 -32.97 6.73
C PHE D 559 -25.19 -34.17 5.78
N PHE D 560 -26.22 -35.01 5.93
CA PHE D 560 -26.34 -36.27 5.21
C PHE D 560 -27.49 -36.19 4.21
N TYR D 561 -27.28 -36.72 3.01
CA TYR D 561 -28.33 -36.74 2.01
C TYR D 561 -28.39 -38.03 1.19
N PRO D 562 -29.54 -38.71 1.18
CA PRO D 562 -29.68 -39.94 0.39
C PRO D 562 -30.54 -39.77 -0.84
N GLY D 563 -30.54 -40.76 -1.73
CA GLY D 563 -31.40 -40.73 -2.89
C GLY D 563 -31.74 -42.13 -3.34
N ILE D 564 -32.78 -42.22 -4.15
CA ILE D 564 -33.16 -43.48 -4.78
C ILE D 564 -33.65 -43.19 -6.18
N THR D 565 -33.40 -44.13 -7.08
CA THR D 565 -33.65 -43.91 -8.48
C THR D 565 -33.98 -45.23 -9.13
N GLY D 566 -34.99 -45.24 -9.99
CA GLY D 566 -35.38 -46.45 -10.69
C GLY D 566 -35.43 -46.25 -12.18
N SER D 567 -35.17 -47.32 -12.91
CA SER D 567 -35.27 -47.32 -14.36
C SER D 567 -35.86 -48.64 -14.80
N PHE D 568 -36.93 -48.59 -15.58
CA PHE D 568 -37.64 -49.79 -16.03
C PHE D 568 -37.83 -49.72 -17.54
N ILE D 569 -37.07 -50.53 -18.28
CA ILE D 569 -37.28 -50.65 -19.72
C ILE D 569 -38.40 -51.65 -19.93
N PHE D 570 -39.57 -51.17 -20.34
CA PHE D 570 -40.68 -52.09 -20.52
C PHE D 570 -40.65 -52.65 -21.94
N SER D 571 -39.47 -52.72 -22.53
CA SER D 571 -39.32 -53.43 -23.79
C SER D 571 -39.22 -54.92 -23.49
N GLU D 572 -40.36 -55.59 -23.61
CA GLU D 572 -40.49 -57.03 -23.46
C GLU D 572 -41.74 -57.43 -24.25
N LEU D 573 -41.69 -57.19 -25.56
CA LEU D 573 -42.88 -57.24 -26.39
C LEU D 573 -42.48 -57.82 -27.75
N LEU D 574 -42.94 -59.04 -28.02
CA LEU D 574 -42.79 -59.76 -29.28
C LEU D 574 -41.95 -59.12 -30.39
N ASP D 580 -40.59 -54.19 -32.63
CA ASP D 580 -40.40 -53.75 -34.00
C ASP D 580 -41.16 -52.46 -34.29
N VAL D 581 -42.32 -52.31 -33.67
CA VAL D 581 -43.03 -51.03 -33.73
C VAL D 581 -42.52 -50.10 -32.65
N ILE D 582 -42.15 -50.65 -31.50
CA ILE D 582 -41.58 -49.90 -30.40
C ILE D 582 -40.10 -50.23 -30.35
N THR D 583 -39.25 -49.31 -30.79
CA THR D 583 -37.82 -49.54 -30.72
C THR D 583 -37.32 -49.53 -29.29
N PHE D 584 -37.81 -48.61 -28.47
CA PHE D 584 -37.32 -48.43 -27.12
C PHE D 584 -38.47 -48.02 -26.25
N GLY D 585 -38.41 -48.38 -24.98
CA GLY D 585 -39.48 -48.00 -24.08
C GLY D 585 -39.04 -48.02 -22.64
N LYS D 586 -38.81 -46.85 -22.07
CA LYS D 586 -38.24 -46.71 -20.73
C LYS D 586 -39.13 -45.83 -19.88
N ILE D 587 -39.26 -46.17 -18.60
CA ILE D 587 -39.98 -45.33 -17.64
C ILE D 587 -39.06 -45.09 -16.44
N ARG D 588 -39.03 -43.85 -15.96
CA ARG D 588 -38.10 -43.41 -14.93
C ARG D 588 -38.83 -42.95 -13.69
N ALA D 589 -38.13 -42.98 -12.56
CA ALA D 589 -38.61 -42.34 -11.35
C ALA D 589 -37.42 -42.08 -10.45
N SER D 590 -37.52 -41.06 -9.61
CA SER D 590 -36.44 -40.78 -8.67
C SER D 590 -36.97 -39.98 -7.51
N TRP D 591 -36.27 -40.05 -6.38
CA TRP D 591 -36.60 -39.26 -5.20
C TRP D 591 -35.31 -39.15 -4.41
N GLY D 592 -34.85 -37.94 -4.17
CA GLY D 592 -33.57 -37.81 -3.49
C GLY D 592 -33.34 -36.41 -2.97
N LYS D 593 -32.29 -36.29 -2.18
CA LYS D 593 -31.92 -35.05 -1.53
C LYS D 593 -30.49 -34.66 -1.90
N THR D 594 -30.21 -33.37 -1.75
CA THR D 594 -28.86 -32.86 -1.94
C THR D 594 -28.66 -31.77 -0.91
N GLY D 595 -27.72 -31.96 -0.01
CA GLY D 595 -27.41 -30.93 0.96
C GLY D 595 -26.59 -29.79 0.37
N ASN D 596 -26.34 -28.80 1.22
CA ASN D 596 -25.53 -27.66 0.81
C ASN D 596 -25.15 -26.85 2.03
N ASP D 597 -24.04 -26.17 1.92
CA ASP D 597 -23.51 -25.35 3.00
C ASP D 597 -23.67 -23.86 2.65
N ALA D 598 -23.13 -23.00 3.49
CA ALA D 598 -23.20 -21.57 3.28
C ALA D 598 -21.97 -21.08 2.52
N ASP D 599 -21.97 -19.80 2.21
CA ASP D 599 -20.77 -19.17 1.69
C ASP D 599 -19.84 -18.84 2.86
N VAL D 600 -18.70 -18.28 2.57
CA VAL D 600 -17.66 -18.18 3.57
C VAL D 600 -18.00 -17.09 4.57
N TYR D 601 -17.66 -17.35 5.83
CA TYR D 601 -17.75 -16.35 6.88
C TYR D 601 -19.15 -15.73 6.93
N MET D 602 -20.09 -16.52 7.40
CA MET D 602 -21.44 -16.05 7.67
C MET D 602 -21.87 -16.34 9.10
N VAL D 603 -20.93 -16.69 9.97
CA VAL D 603 -21.25 -17.15 11.31
C VAL D 603 -20.90 -16.12 12.37
N ASN D 604 -19.77 -15.53 12.28
CA ASN D 604 -19.38 -14.73 13.43
C ASN D 604 -19.55 -13.24 13.17
N PRO D 605 -19.73 -12.44 14.21
CA PRO D 605 -19.68 -11.00 14.05
C PRO D 605 -18.32 -10.52 13.58
N VAL D 606 -18.33 -9.51 12.71
CA VAL D 606 -17.10 -8.83 12.32
C VAL D 606 -17.24 -7.33 12.57
N TYR D 607 -16.10 -6.65 12.54
CA TYR D 607 -16.03 -5.19 12.58
C TYR D 607 -15.23 -4.74 11.36
N ALA D 608 -15.87 -4.00 10.46
CA ALA D 608 -15.21 -3.49 9.28
C ALA D 608 -14.57 -2.14 9.52
N GLN D 609 -13.61 -1.78 8.69
CA GLN D 609 -13.07 -0.44 8.74
C GLN D 609 -14.18 0.55 8.42
N SER D 610 -14.41 1.50 9.32
CA SER D 610 -15.57 2.36 9.22
C SER D 610 -15.61 3.05 7.87
N SER D 611 -16.70 2.85 7.17
CA SER D 611 -17.00 3.64 6.00
C SER D 611 -18.46 4.01 6.10
N ASN D 612 -18.89 4.96 5.29
CA ASN D 612 -20.31 5.31 5.20
C ASN D 612 -20.64 5.45 3.73
N ARG D 613 -21.72 4.80 3.30
CA ARG D 613 -22.19 4.95 1.93
C ARG D 613 -23.20 6.10 1.91
N ILE D 614 -22.93 7.10 1.09
CA ILE D 614 -23.80 8.24 0.91
C ILE D 614 -24.14 8.20 -0.56
N PRO D 615 -25.15 8.95 -1.02
CA PRO D 615 -25.56 8.82 -2.42
C PRO D 615 -24.47 9.32 -3.34
N PHE D 616 -23.96 8.42 -4.17
CA PHE D 616 -22.99 8.70 -5.21
C PHE D 616 -21.59 8.93 -4.67
N GLY D 617 -21.30 8.44 -3.48
CA GLY D 617 -19.96 8.56 -2.98
C GLY D 617 -19.81 7.82 -1.68
N SER D 618 -18.67 8.04 -1.03
CA SER D 618 -18.47 7.50 0.30
C SER D 618 -17.71 8.49 1.15
N LEU D 619 -17.79 8.28 2.46
CA LEU D 619 -16.88 8.91 3.41
C LEU D 619 -16.21 7.78 4.18
N THR D 620 -14.93 7.52 3.90
CA THR D 620 -14.22 6.41 4.54
C THR D 620 -13.18 6.90 5.53
N PHE D 621 -12.97 6.11 6.55
CA PHE D 621 -11.84 6.31 7.41
C PHE D 621 -10.58 5.84 6.68
N PRO D 622 -9.41 6.36 7.06
CA PRO D 622 -9.20 7.28 8.17
C PRO D 622 -9.47 8.76 7.90
N LEU D 623 -9.81 9.44 8.97
CA LEU D 623 -9.85 10.89 9.06
C LEU D 623 -9.77 11.23 10.51
N GLY D 624 -8.99 12.23 10.88
CA GLY D 624 -7.93 12.74 10.05
C GLY D 624 -6.78 12.29 10.90
N GLY D 625 -5.99 11.35 10.38
CA GLY D 625 -4.95 10.70 11.13
C GLY D 625 -5.42 9.62 12.06
N VAL D 626 -6.72 9.34 12.10
CA VAL D 626 -7.29 8.37 13.02
C VAL D 626 -7.95 7.27 12.21
N ASN D 627 -7.71 6.03 12.58
CA ASN D 627 -8.40 4.90 11.99
C ASN D 627 -9.55 4.51 12.91
N ALA D 628 -10.52 3.78 12.35
CA ALA D 628 -11.68 3.43 13.16
C ALA D 628 -12.38 2.22 12.58
N TYR D 629 -13.15 1.55 13.42
CA TYR D 629 -13.88 0.36 13.02
C TYR D 629 -15.35 0.48 13.41
N SER D 630 -16.21 -0.13 12.62
CA SER D 630 -17.65 -0.13 12.87
C SER D 630 -18.17 -1.55 13.01
N ALA D 631 -19.36 -1.68 13.55
CA ALA D 631 -19.98 -2.99 13.67
C ALA D 631 -20.55 -3.41 12.33
N GLY D 632 -20.14 -4.60 11.88
CA GLY D 632 -20.52 -5.12 10.58
C GLY D 632 -22.02 -5.24 10.46
N ASN D 633 -22.55 -4.74 9.36
CA ASN D 633 -23.98 -4.58 9.27
C ASN D 633 -24.70 -5.85 8.83
N VAL D 634 -24.02 -6.99 8.82
CA VAL D 634 -24.66 -8.27 8.54
C VAL D 634 -24.56 -9.10 9.81
N LEU D 635 -25.69 -9.48 10.36
CA LEU D 635 -25.70 -10.20 11.62
C LEU D 635 -25.42 -11.68 11.36
N GLY D 636 -24.31 -12.17 11.91
CA GLY D 636 -23.99 -13.56 11.77
C GLY D 636 -24.83 -14.43 12.69
N SER D 637 -24.83 -15.73 12.41
CA SER D 637 -25.66 -16.65 13.16
C SER D 637 -24.89 -17.94 13.35
N ASN D 638 -24.74 -18.37 14.61
CA ASN D 638 -24.13 -19.66 14.90
C ASN D 638 -25.17 -20.75 15.16
N THR D 639 -26.42 -20.54 14.75
CA THR D 639 -27.47 -21.54 14.85
C THR D 639 -27.96 -21.99 13.49
N LEU D 640 -27.22 -21.69 12.43
CA LEU D 640 -27.59 -22.15 11.10
C LEU D 640 -27.65 -23.67 11.03
N SER D 641 -28.42 -24.16 10.09
CA SER D 641 -28.45 -25.56 9.76
C SER D 641 -28.07 -25.66 8.30
N PRO D 642 -27.83 -26.84 7.76
CA PRO D 642 -27.49 -26.94 6.34
C PRO D 642 -28.68 -26.72 5.44
N GLU D 643 -28.40 -26.47 4.17
CA GLU D 643 -29.41 -26.44 3.15
C GLU D 643 -29.76 -27.86 2.71
N MET D 644 -30.99 -28.04 2.23
CA MET D 644 -31.47 -29.35 1.81
C MET D 644 -32.44 -29.19 0.65
N THR D 645 -32.00 -29.53 -0.55
CA THR D 645 -32.88 -29.64 -1.70
C THR D 645 -33.42 -31.06 -1.81
N THR D 646 -34.74 -31.18 -1.93
CA THR D 646 -35.43 -32.45 -2.08
C THR D 646 -36.17 -32.49 -3.41
N GLU D 647 -36.00 -33.54 -4.18
CA GLU D 647 -36.60 -33.58 -5.50
C GLU D 647 -37.31 -34.90 -5.74
N SER D 648 -38.45 -34.83 -6.40
CA SER D 648 -39.14 -35.99 -6.91
C SER D 648 -39.25 -35.82 -8.41
N GLU D 649 -39.25 -36.93 -9.14
CA GLU D 649 -39.22 -36.80 -10.59
C GLU D 649 -39.57 -38.12 -11.23
N VAL D 650 -40.37 -38.05 -12.29
CA VAL D 650 -40.82 -39.23 -13.03
C VAL D 650 -40.70 -38.90 -14.51
N GLY D 651 -40.45 -39.90 -15.32
CA GLY D 651 -40.15 -39.64 -16.72
C GLY D 651 -40.47 -40.82 -17.62
N LEU D 652 -40.47 -40.53 -18.92
CA LEU D 652 -40.89 -41.51 -19.91
C LEU D 652 -40.15 -41.27 -21.21
N ASN D 653 -39.54 -42.31 -21.74
CA ASN D 653 -38.76 -42.25 -22.96
C ASN D 653 -39.19 -43.40 -23.85
N MET D 654 -39.49 -43.11 -25.11
CA MET D 654 -39.91 -44.13 -26.06
C MET D 654 -39.34 -43.82 -27.42
N ALA D 655 -39.15 -44.86 -28.22
CA ALA D 655 -38.74 -44.73 -29.61
C ALA D 655 -39.57 -45.68 -30.44
N PHE D 656 -39.86 -45.28 -31.67
CA PHE D 656 -40.80 -45.99 -32.51
C PHE D 656 -40.21 -46.20 -33.89
N PHE D 657 -40.78 -47.15 -34.60
CA PHE D 657 -40.33 -47.52 -35.94
C PHE D 657 -38.83 -47.76 -35.90
N LYS D 658 -38.14 -47.59 -37.02
CA LYS D 658 -36.71 -47.87 -37.05
C LYS D 658 -35.94 -46.67 -36.51
N ASN D 659 -36.27 -46.32 -35.26
CA ASN D 659 -35.75 -45.13 -34.60
C ASN D 659 -36.06 -43.86 -35.39
N ARG D 660 -37.25 -43.80 -35.97
CA ARG D 660 -37.67 -42.66 -36.77
C ARG D 660 -38.57 -41.68 -36.00
N LEU D 661 -38.76 -41.90 -34.70
CA LEU D 661 -39.65 -41.06 -33.89
C LEU D 661 -39.34 -41.33 -32.43
N SER D 662 -38.87 -40.31 -31.71
CA SER D 662 -38.53 -40.46 -30.32
C SER D 662 -39.15 -39.34 -29.50
N PHE D 663 -39.33 -39.60 -28.20
CA PHE D 663 -39.76 -38.57 -27.27
C PHE D 663 -39.29 -38.91 -25.86
N ASP D 664 -39.05 -37.85 -25.08
CA ASP D 664 -38.61 -37.95 -23.70
C ASP D 664 -39.36 -36.89 -22.92
N VAL D 665 -39.91 -37.23 -21.76
CA VAL D 665 -40.71 -36.30 -20.98
C VAL D 665 -40.42 -36.54 -19.51
N SER D 666 -40.28 -35.46 -18.76
CA SER D 666 -39.98 -35.53 -17.34
C SER D 666 -40.84 -34.56 -16.57
N TYR D 667 -41.22 -34.95 -15.36
CA TYR D 667 -42.03 -34.13 -14.48
C TYR D 667 -41.29 -34.06 -13.16
N TYR D 668 -40.82 -32.88 -12.79
CA TYR D 668 -39.99 -32.72 -11.62
C TYR D 668 -40.64 -31.81 -10.59
N ASN D 669 -40.08 -31.85 -9.38
CA ASN D 669 -40.60 -31.04 -8.29
C ASN D 669 -39.48 -30.83 -7.30
N ARG D 670 -38.85 -29.65 -7.35
CA ARG D 670 -37.70 -29.29 -6.54
C ARG D 670 -38.07 -28.34 -5.43
N ASN D 671 -37.55 -28.59 -4.23
CA ASN D 671 -37.63 -27.64 -3.12
C ASN D 671 -36.25 -27.48 -2.52
N THR D 672 -35.62 -26.34 -2.76
CA THR D 672 -34.41 -25.96 -2.04
C THR D 672 -34.81 -25.29 -0.74
N ASP D 673 -34.50 -25.91 0.37
CA ASP D 673 -34.97 -25.48 1.67
C ASP D 673 -33.80 -25.04 2.54
N LYS D 674 -34.08 -24.12 3.46
CA LYS D 674 -33.14 -23.65 4.48
C LYS D 674 -31.84 -23.09 3.91
N GLN D 675 -31.80 -22.71 2.65
CA GLN D 675 -30.58 -22.14 2.11
C GLN D 675 -30.12 -20.97 2.98
N ILE D 676 -28.81 -20.86 3.17
CA ILE D 676 -28.29 -19.83 4.04
C ILE D 676 -28.18 -18.55 3.23
N PHE D 677 -28.75 -17.48 3.78
CA PHE D 677 -28.89 -16.25 3.01
C PHE D 677 -28.76 -15.07 3.95
N SER D 678 -28.27 -13.97 3.41
CA SER D 678 -28.17 -12.71 4.14
C SER D 678 -29.46 -11.96 3.91
N LEU D 679 -30.41 -12.15 4.81
CA LEU D 679 -31.78 -11.71 4.63
C LEU D 679 -31.97 -10.28 5.13
N ALA D 680 -32.74 -9.49 4.36
CA ALA D 680 -32.93 -8.08 4.68
C ALA D 680 -33.62 -7.88 6.03
N MET D 681 -33.16 -6.87 6.77
CA MET D 681 -33.64 -6.58 8.10
C MET D 681 -33.79 -5.08 8.24
N ASP D 682 -34.54 -4.65 9.26
CA ASP D 682 -34.80 -3.22 9.44
C ASP D 682 -33.58 -2.57 10.09
N PRO D 683 -32.93 -1.63 9.43
CA PRO D 683 -31.71 -1.04 9.99
C PRO D 683 -31.84 -0.60 11.42
N ALA D 684 -33.05 -0.27 11.89
CA ALA D 684 -33.19 0.12 13.29
C ALA D 684 -32.87 -1.02 14.23
N SER D 685 -32.77 -2.23 13.71
CA SER D 685 -32.32 -3.32 14.56
C SER D 685 -30.83 -3.23 14.86
N GLY D 686 -30.12 -2.30 14.24
CA GLY D 686 -28.69 -2.26 14.38
C GLY D 686 -27.94 -2.98 13.29
N TYR D 687 -28.64 -3.67 12.39
CA TYR D 687 -28.01 -4.35 11.26
C TYR D 687 -28.96 -4.25 10.08
N THR D 688 -28.43 -4.42 8.88
CA THR D 688 -29.25 -4.35 7.68
C THR D 688 -29.58 -5.72 7.10
N ALA D 689 -29.02 -6.77 7.65
CA ALA D 689 -29.37 -8.12 7.25
C ALA D 689 -29.04 -9.05 8.39
N GLN D 690 -29.68 -10.20 8.39
CA GLN D 690 -29.32 -11.27 9.30
C GLN D 690 -29.16 -12.50 8.46
N ASN D 691 -28.13 -13.28 8.76
CA ASN D 691 -27.90 -14.54 8.06
C ASN D 691 -28.78 -15.61 8.69
N MET D 692 -29.66 -16.20 7.91
CA MET D 692 -30.46 -17.28 8.46
C MET D 692 -30.92 -18.19 7.35
N ASN D 693 -31.58 -19.28 7.76
CA ASN D 693 -32.03 -20.30 6.83
C ASN D 693 -33.38 -19.88 6.25
N LEU D 694 -33.49 -19.84 4.93
CA LEU D 694 -34.74 -19.42 4.33
C LEU D 694 -35.77 -20.52 4.44
N GLY D 695 -36.90 -20.28 3.81
CA GLY D 695 -37.90 -21.29 3.60
C GLY D 695 -37.60 -22.01 2.31
N LYS D 696 -38.63 -22.59 1.73
CA LYS D 696 -38.46 -23.38 0.53
C LYS D 696 -38.54 -22.50 -0.70
N ILE D 697 -37.68 -22.76 -1.67
CA ILE D 697 -37.82 -22.26 -3.02
C ILE D 697 -38.17 -23.44 -3.89
N ARG D 698 -39.26 -23.35 -4.63
CA ARG D 698 -39.79 -24.50 -5.33
C ARG D 698 -39.62 -24.35 -6.83
N ASN D 699 -39.30 -25.44 -7.51
CA ASN D 699 -39.33 -25.45 -8.96
C ASN D 699 -39.91 -26.76 -9.43
N ARG D 700 -41.03 -26.71 -10.12
CA ARG D 700 -41.70 -27.87 -10.68
C ARG D 700 -42.04 -27.57 -12.13
N GLY D 701 -42.09 -28.61 -12.96
CA GLY D 701 -42.38 -28.36 -14.36
C GLY D 701 -42.17 -29.59 -15.22
N ILE D 702 -42.20 -29.35 -16.52
CA ILE D 702 -42.20 -30.38 -17.54
C ILE D 702 -41.08 -30.10 -18.50
N GLU D 703 -40.29 -31.12 -18.81
CA GLU D 703 -39.29 -31.05 -19.86
C GLU D 703 -39.66 -32.09 -20.92
N LEU D 704 -39.77 -31.64 -22.17
CA LEU D 704 -40.29 -32.48 -23.24
C LEU D 704 -39.43 -32.34 -24.48
N LEU D 705 -38.99 -33.47 -25.02
CA LEU D 705 -38.23 -33.52 -26.24
C LEU D 705 -38.91 -34.49 -27.19
N ILE D 706 -38.99 -34.12 -28.46
CA ILE D 706 -39.70 -34.89 -29.48
C ILE D 706 -38.91 -34.76 -30.77
N SER D 707 -38.46 -35.87 -31.32
CA SER D 707 -37.69 -35.83 -32.56
C SER D 707 -38.08 -37.00 -33.46
N GLY D 708 -37.90 -36.80 -34.76
CA GLY D 708 -38.25 -37.81 -35.74
C GLY D 708 -37.59 -37.53 -37.08
N THR D 709 -37.56 -38.55 -37.92
CA THR D 709 -36.92 -38.49 -39.24
C THR D 709 -37.97 -38.80 -40.29
N PRO D 710 -38.72 -37.81 -40.76
CA PRO D 710 -39.77 -38.09 -41.74
C PRO D 710 -39.25 -38.54 -43.07
N ILE D 711 -37.96 -38.40 -43.36
CA ILE D 711 -37.40 -38.90 -44.60
C ILE D 711 -36.04 -39.50 -44.30
N ARG D 712 -35.86 -40.78 -44.63
CA ARG D 712 -34.57 -41.46 -44.46
C ARG D 712 -34.38 -42.36 -45.67
N THR D 713 -33.78 -41.81 -46.72
CA THR D 713 -33.32 -42.57 -47.86
C THR D 713 -31.91 -43.08 -47.53
N LYS D 714 -31.20 -43.59 -48.52
CA LYS D 714 -29.78 -43.90 -48.32
C LYS D 714 -28.93 -42.67 -48.60
N ASP D 715 -29.29 -41.92 -49.64
CA ASP D 715 -28.61 -40.70 -50.02
C ASP D 715 -29.14 -39.46 -49.32
N PHE D 716 -30.07 -39.59 -48.38
CA PHE D 716 -30.77 -38.40 -47.92
C PHE D 716 -31.45 -38.66 -46.60
N SER D 717 -31.36 -37.68 -45.71
CA SER D 717 -32.13 -37.68 -44.48
C SER D 717 -32.86 -36.35 -44.34
N TRP D 718 -33.74 -36.29 -43.35
CA TRP D 718 -34.37 -35.04 -42.94
C TRP D 718 -34.91 -35.28 -41.54
N GLU D 719 -34.31 -34.63 -40.56
CA GLU D 719 -34.75 -34.78 -39.18
C GLU D 719 -35.45 -33.52 -38.71
N LEU D 720 -36.29 -33.68 -37.71
CA LEU D 720 -36.93 -32.55 -37.06
C LEU D 720 -36.83 -32.76 -35.56
N THR D 721 -36.72 -31.67 -34.82
CA THR D 721 -36.61 -31.74 -33.38
C THR D 721 -37.34 -30.58 -32.73
N TRP D 722 -38.03 -30.88 -31.64
CA TRP D 722 -38.80 -29.89 -30.89
C TRP D 722 -38.65 -30.20 -29.42
N ASN D 723 -38.27 -29.22 -28.61
CA ASN D 723 -38.20 -29.44 -27.19
C ASN D 723 -38.88 -28.29 -26.46
N PHE D 724 -39.38 -28.57 -25.27
CA PHE D 724 -40.34 -27.71 -24.60
C PHE D 724 -40.10 -27.77 -23.11
N THR D 725 -39.99 -26.61 -22.48
CA THR D 725 -39.78 -26.52 -21.04
C THR D 725 -40.77 -25.54 -20.44
N LYS D 726 -41.27 -25.85 -19.25
CA LYS D 726 -42.19 -24.98 -18.55
C LYS D 726 -41.92 -25.13 -17.06
N ASN D 727 -41.33 -24.13 -16.44
CA ASN D 727 -40.99 -24.20 -15.02
C ASN D 727 -41.88 -23.25 -14.23
N TRP D 728 -42.27 -23.65 -13.03
CA TRP D 728 -43.12 -22.85 -12.14
C TRP D 728 -42.33 -22.50 -10.89
N SER D 729 -41.66 -21.34 -10.93
CA SER D 729 -40.90 -20.87 -9.80
C SER D 729 -41.83 -20.36 -8.72
N LYS D 730 -41.51 -20.65 -7.47
CA LYS D 730 -42.30 -20.09 -6.36
C LYS D 730 -41.49 -20.15 -5.07
N VAL D 731 -40.92 -19.02 -4.69
CA VAL D 731 -40.47 -18.86 -3.32
C VAL D 731 -41.63 -19.17 -2.42
N ILE D 732 -41.46 -20.13 -1.50
CA ILE D 732 -42.59 -20.54 -0.68
C ILE D 732 -42.64 -19.75 0.61
N SER D 733 -41.52 -19.49 1.26
CA SER D 733 -41.55 -18.79 2.52
C SER D 733 -40.23 -18.06 2.71
N LEU D 734 -40.29 -16.87 3.30
CA LEU D 734 -39.11 -16.15 3.75
C LEU D 734 -39.38 -15.75 5.19
N PRO D 735 -38.50 -16.08 6.12
CA PRO D 735 -38.79 -15.89 7.56
C PRO D 735 -39.62 -14.69 7.89
N GLU D 736 -40.75 -14.93 8.57
CA GLU D 736 -41.73 -13.88 8.82
C GLU D 736 -41.14 -12.71 9.57
N GLU D 737 -40.32 -12.98 10.57
CA GLU D 737 -39.84 -11.95 11.49
C GLU D 737 -39.13 -10.81 10.76
N LEU D 738 -38.71 -11.01 9.53
CA LEU D 738 -38.01 -9.99 8.78
C LEU D 738 -38.85 -9.44 7.64
N GLY D 739 -40.13 -9.77 7.58
CA GLY D 739 -41.07 -9.10 6.72
C GLY D 739 -41.54 -9.90 5.54
N GLY D 740 -40.76 -10.87 5.09
CA GLY D 740 -41.19 -11.70 4.00
C GLY D 740 -40.80 -11.21 2.63
N ILE D 741 -39.93 -10.22 2.54
CA ILE D 741 -39.47 -9.69 1.28
C ILE D 741 -38.01 -9.35 1.45
N THR D 742 -37.23 -9.49 0.38
CA THR D 742 -35.84 -9.04 0.41
C THR D 742 -35.40 -8.77 -1.00
N THR D 743 -34.48 -7.82 -1.14
CA THR D 743 -34.08 -7.31 -2.44
C THR D 743 -33.04 -8.21 -3.07
N ILE D 744 -33.23 -8.51 -4.35
CA ILE D 744 -32.19 -9.16 -5.14
C ILE D 744 -31.34 -8.06 -5.76
N TYR D 745 -31.95 -7.19 -6.55
CA TYR D 745 -31.27 -6.02 -7.10
C TYR D 745 -32.29 -4.91 -7.32
N GLY D 746 -31.86 -3.66 -7.15
CA GLY D 746 -32.77 -2.54 -7.32
C GLY D 746 -32.09 -1.20 -7.38
N LEU D 747 -32.78 -0.25 -7.98
CA LEU D 747 -32.37 1.15 -8.00
C LEU D 747 -32.97 1.89 -6.82
N ASN D 748 -32.20 2.78 -6.23
CA ASN D 748 -32.70 3.47 -5.04
C ASN D 748 -33.79 4.42 -5.46
N GLY D 749 -34.98 4.21 -4.93
CA GLY D 749 -36.12 4.99 -5.35
C GLY D 749 -36.64 4.68 -6.73
N GLY D 750 -36.23 3.56 -7.31
CA GLY D 750 -36.66 3.20 -8.64
C GLY D 750 -37.14 1.77 -8.71
N THR D 751 -37.04 1.21 -9.89
CA THR D 751 -37.48 -0.16 -10.14
C THR D 751 -36.61 -1.16 -9.40
N SER D 752 -37.25 -2.15 -8.76
CA SER D 752 -36.53 -3.11 -7.94
C SER D 752 -37.10 -4.52 -8.09
N MET D 753 -36.20 -5.49 -8.21
CA MET D 753 -36.53 -6.91 -8.29
C MET D 753 -36.43 -7.52 -6.89
N TYR D 754 -37.43 -8.27 -6.48
CA TYR D 754 -37.47 -8.75 -5.11
C TYR D 754 -37.72 -10.25 -5.07
N ALA D 755 -37.64 -10.81 -3.88
CA ALA D 755 -38.12 -12.15 -3.60
C ALA D 755 -39.18 -12.05 -2.52
N ILE D 756 -40.40 -12.47 -2.84
CA ILE D 756 -41.55 -12.26 -1.98
C ILE D 756 -42.18 -13.60 -1.67
N THR D 757 -42.81 -13.68 -0.50
CA THR D 757 -43.04 -14.96 0.16
C THR D 757 -43.87 -15.92 -0.69
N GLY D 758 -44.84 -15.42 -1.43
CA GLY D 758 -45.70 -16.33 -2.15
C GLY D 758 -45.52 -16.33 -3.65
N MET D 759 -44.45 -15.74 -4.15
CA MET D 759 -44.40 -15.39 -5.56
C MET D 759 -43.22 -16.02 -6.26
N PRO D 760 -43.15 -15.97 -7.59
CA PRO D 760 -41.97 -16.51 -8.27
C PRO D 760 -40.74 -15.71 -7.93
N VAL D 761 -39.59 -16.31 -8.23
CA VAL D 761 -38.33 -15.65 -7.93
C VAL D 761 -38.18 -14.43 -8.82
N GLY D 762 -37.81 -13.30 -8.22
CA GLY D 762 -37.53 -12.09 -8.97
C GLY D 762 -38.73 -11.33 -9.45
N VAL D 763 -39.46 -10.71 -8.54
CA VAL D 763 -40.67 -9.95 -8.87
C VAL D 763 -40.33 -8.47 -8.89
N PHE D 764 -40.67 -7.79 -9.97
CA PHE D 764 -40.37 -6.37 -10.12
C PHE D 764 -41.47 -5.51 -9.52
N LYS D 765 -41.07 -4.45 -8.83
CA LYS D 765 -41.97 -3.38 -8.41
C LYS D 765 -41.51 -2.09 -9.06
N ALA D 766 -42.46 -1.27 -9.52
CA ALA D 766 -42.10 -0.08 -10.29
C ALA D 766 -43.08 1.04 -10.03
N GLN D 767 -42.82 2.17 -10.66
CA GLN D 767 -43.65 3.36 -10.50
C GLN D 767 -44.85 3.29 -11.41
N VAL D 768 -46.01 3.64 -10.87
CA VAL D 768 -47.29 3.43 -11.53
C VAL D 768 -48.18 4.65 -11.28
N ALA D 769 -48.95 5.04 -12.29
CA ALA D 769 -49.83 6.19 -12.14
C ALA D 769 -51.05 5.84 -11.31
N GLU D 770 -51.56 6.83 -10.61
CA GLU D 770 -52.79 6.68 -9.85
C GLU D 770 -53.97 6.49 -10.79
N ARG D 771 -55.01 5.86 -10.26
CA ARG D 771 -56.24 5.64 -10.99
C ARG D 771 -57.41 5.88 -10.05
N ASP D 772 -58.52 6.33 -10.61
CA ASP D 772 -59.72 6.52 -9.80
C ASP D 772 -60.45 5.18 -9.67
N PRO D 773 -61.54 5.13 -8.89
CA PRO D 773 -62.25 3.86 -8.74
C PRO D 773 -62.82 3.28 -10.01
N GLN D 774 -62.77 3.99 -11.14
CA GLN D 774 -63.25 3.46 -12.40
C GLN D 774 -62.14 3.15 -13.38
N GLY D 775 -60.89 3.35 -12.99
CA GLY D 775 -59.76 2.97 -13.82
C GLY D 775 -59.23 4.05 -14.72
N ARG D 776 -59.54 5.32 -14.44
CA ARG D 776 -59.04 6.42 -15.23
C ARG D 776 -57.77 6.95 -14.60
N ILE D 777 -56.85 7.37 -15.44
CA ILE D 777 -55.54 7.79 -14.96
C ILE D 777 -55.64 9.24 -14.45
N VAL D 778 -55.24 9.43 -13.21
CA VAL D 778 -55.25 10.75 -12.57
C VAL D 778 -54.09 11.57 -13.08
N VAL D 779 -54.36 12.79 -13.55
CA VAL D 779 -53.30 13.67 -13.99
C VAL D 779 -53.35 14.97 -13.21
N ASN D 780 -52.21 15.65 -13.18
CA ASN D 780 -52.07 16.93 -12.49
C ASN D 780 -52.88 17.98 -13.21
N SER D 781 -53.64 18.76 -12.45
CA SER D 781 -54.59 19.68 -13.07
C SER D 781 -53.91 20.83 -13.81
N SER D 782 -52.64 21.10 -13.52
CA SER D 782 -51.91 22.24 -14.07
C SER D 782 -50.98 21.83 -15.21
N THR D 783 -50.25 20.74 -15.07
CA THR D 783 -49.38 20.30 -16.15
C THR D 783 -50.01 19.27 -17.05
N GLY D 784 -50.97 18.49 -16.53
CA GLY D 784 -51.55 17.43 -17.30
C GLY D 784 -50.78 16.13 -17.31
N LEU D 785 -49.80 16.01 -16.54
CA LEU D 785 -48.88 14.88 -16.45
C LEU D 785 -49.35 13.90 -15.39
N PRO D 786 -49.09 12.60 -15.60
CA PRO D 786 -49.59 11.59 -14.68
C PRO D 786 -49.02 11.77 -13.29
N VAL D 787 -49.79 11.35 -12.29
CA VAL D 787 -49.36 11.47 -10.90
C VAL D 787 -49.10 10.07 -10.33
N GLU D 788 -48.06 9.97 -9.51
CA GLU D 788 -47.62 8.70 -8.99
C GLU D 788 -48.65 8.11 -8.05
N ALA D 789 -48.77 6.78 -8.07
CA ALA D 789 -49.84 6.07 -7.39
C ALA D 789 -49.48 5.73 -5.96
N SER D 790 -48.69 6.55 -5.31
CA SER D 790 -48.44 6.42 -3.87
C SER D 790 -47.54 5.24 -3.56
N GLU D 791 -47.92 4.05 -3.97
CA GLU D 791 -47.07 2.88 -3.82
C GLU D 791 -46.78 2.25 -5.17
N PHE D 792 -45.72 1.45 -5.21
CA PHE D 792 -45.46 0.56 -6.34
C PHE D 792 -46.34 -0.67 -6.07
N GLY D 793 -46.73 -1.45 -7.07
CA GLY D 793 -46.30 -1.39 -8.45
C GLY D 793 -45.77 -2.74 -8.96
N ILE D 794 -46.38 -3.86 -8.55
CA ILE D 794 -45.89 -5.17 -9.00
C ILE D 794 -46.20 -5.35 -10.48
N CYS D 795 -45.18 -5.58 -11.29
CA CYS D 795 -45.31 -5.46 -12.73
C CYS D 795 -44.73 -6.63 -13.48
N GLY D 796 -44.70 -7.79 -12.86
CA GLY D 796 -44.19 -8.98 -13.52
C GLY D 796 -42.98 -9.53 -12.78
N ASP D 797 -42.41 -10.55 -13.39
CA ASP D 797 -41.26 -11.23 -12.82
C ASP D 797 -40.32 -11.61 -13.94
N MET D 798 -39.22 -12.24 -13.56
CA MET D 798 -38.14 -12.50 -14.49
C MET D 798 -38.33 -13.76 -15.29
N ASN D 799 -39.22 -14.63 -14.85
CA ASN D 799 -39.34 -15.96 -15.43
C ASN D 799 -40.04 -15.94 -16.77
N ASN D 800 -39.50 -16.69 -17.73
CA ASN D 800 -40.26 -17.01 -18.93
C ASN D 800 -41.40 -17.93 -18.55
N LYS D 801 -42.55 -17.74 -19.18
CA LYS D 801 -43.68 -18.61 -18.87
C LYS D 801 -43.44 -20.00 -19.42
N TYR D 802 -42.78 -20.09 -20.56
CA TYR D 802 -42.32 -21.33 -21.12
C TYR D 802 -41.16 -21.01 -22.06
N GLN D 803 -40.35 -22.03 -22.32
CA GLN D 803 -39.29 -21.95 -23.31
C GLN D 803 -39.43 -23.13 -24.25
N MET D 804 -38.95 -22.97 -25.48
CA MET D 804 -38.97 -24.11 -26.39
C MET D 804 -38.05 -23.84 -27.58
N GLY D 805 -37.60 -24.92 -28.21
CA GLY D 805 -36.73 -24.83 -29.35
C GLY D 805 -37.23 -25.68 -30.50
N VAL D 806 -36.80 -25.33 -31.71
CA VAL D 806 -37.24 -25.97 -32.93
C VAL D 806 -36.05 -26.09 -33.86
N SER D 807 -35.74 -27.31 -34.30
CA SER D 807 -34.54 -27.58 -35.08
C SER D 807 -34.85 -28.50 -36.23
N THR D 808 -34.17 -28.29 -37.35
CA THR D 808 -34.19 -29.24 -38.45
C THR D 808 -32.76 -29.58 -38.84
N ASN D 809 -32.63 -30.64 -39.63
CA ASN D 809 -31.30 -31.07 -40.06
C ASN D 809 -31.45 -31.87 -41.34
N LEU D 810 -31.06 -31.28 -42.44
CA LEU D 810 -30.99 -31.97 -43.72
C LEU D 810 -29.60 -32.54 -43.91
N LYS D 811 -29.53 -33.61 -44.71
CA LYS D 811 -28.28 -34.25 -45.07
C LYS D 811 -28.49 -34.94 -46.41
N TYR D 812 -27.59 -34.68 -47.36
CA TYR D 812 -27.72 -35.27 -48.68
C TYR D 812 -26.50 -36.21 -48.89
N LYS D 813 -25.47 -35.76 -49.58
CA LYS D 813 -24.29 -36.60 -49.70
C LYS D 813 -23.29 -36.20 -48.62
N GLY D 814 -22.26 -35.47 -49.02
CA GLY D 814 -21.43 -34.83 -48.02
C GLY D 814 -21.94 -33.49 -47.53
N ILE D 815 -23.12 -33.10 -48.00
CA ILE D 815 -23.73 -31.83 -47.63
C ILE D 815 -24.54 -32.03 -46.37
N SER D 816 -24.54 -31.01 -45.51
CA SER D 816 -25.35 -31.04 -44.30
C SER D 816 -25.78 -29.63 -43.97
N LEU D 817 -26.96 -29.51 -43.39
CA LEU D 817 -27.53 -28.20 -43.07
C LEU D 817 -28.31 -28.30 -41.78
N GLY D 818 -28.14 -27.32 -40.91
CA GLY D 818 -28.85 -27.27 -39.65
C GLY D 818 -29.37 -25.87 -39.41
N ILE D 819 -30.60 -25.81 -38.93
CA ILE D 819 -31.29 -24.55 -38.63
C ILE D 819 -31.95 -24.69 -37.27
N ASP D 820 -31.64 -23.79 -36.36
CA ASP D 820 -32.16 -23.87 -35.01
C ASP D 820 -32.92 -22.58 -34.67
N PHE D 821 -34.04 -22.73 -33.97
CA PHE D 821 -34.82 -21.61 -33.49
C PHE D 821 -34.94 -21.72 -31.98
N ASP D 822 -34.76 -20.60 -31.31
CA ASP D 822 -34.86 -20.50 -29.85
C ASP D 822 -36.05 -19.62 -29.54
N ILE D 823 -36.96 -20.13 -28.72
CA ILE D 823 -38.22 -19.47 -28.46
C ILE D 823 -38.44 -19.45 -26.96
N ARG D 824 -38.47 -18.26 -26.38
CA ARG D 824 -38.80 -18.06 -24.98
C ARG D 824 -39.79 -16.93 -24.91
N GLN D 825 -40.89 -17.16 -24.20
CA GLN D 825 -41.96 -16.19 -24.09
C GLN D 825 -42.28 -16.08 -22.61
N GLY D 826 -42.16 -14.90 -22.04
CA GLY D 826 -42.28 -14.91 -20.61
C GLY D 826 -42.32 -13.58 -19.92
N GLY D 827 -41.44 -13.40 -18.95
CA GLY D 827 -41.57 -12.26 -18.06
C GLY D 827 -41.09 -10.92 -18.56
N VAL D 828 -40.45 -10.18 -17.67
CA VAL D 828 -40.04 -8.81 -17.96
C VAL D 828 -38.64 -8.55 -17.42
N MET D 829 -38.00 -7.53 -17.98
CA MET D 829 -36.70 -7.08 -17.55
C MET D 829 -36.66 -5.57 -17.64
N TYR D 830 -35.78 -4.95 -16.86
CA TYR D 830 -35.57 -3.51 -16.98
C TYR D 830 -34.67 -3.22 -18.17
N SER D 831 -34.98 -2.17 -18.91
CA SER D 831 -34.23 -1.81 -20.11
C SER D 831 -33.87 -0.34 -20.11
N ARG D 832 -32.68 0.00 -19.65
CA ARG D 832 -32.23 1.37 -19.78
C ARG D 832 -32.04 1.79 -21.23
N THR D 833 -31.92 0.84 -22.15
CA THR D 833 -31.87 1.22 -23.55
C THR D 833 -33.15 1.93 -23.97
N LYS D 834 -34.29 1.43 -23.48
CA LYS D 834 -35.56 2.08 -23.75
C LYS D 834 -35.69 3.36 -22.94
N ASP D 835 -35.21 3.34 -21.70
CA ASP D 835 -35.33 4.50 -20.81
C ASP D 835 -34.63 5.71 -21.41
N ILE D 836 -33.35 5.56 -21.74
CA ILE D 836 -32.57 6.68 -22.25
C ILE D 836 -33.09 7.12 -23.61
N ASN D 837 -33.70 6.21 -24.37
CA ASN D 837 -34.18 6.60 -25.68
C ASN D 837 -35.55 7.26 -25.60
N TYR D 838 -36.30 6.97 -24.54
CA TYR D 838 -37.50 7.74 -24.26
C TYR D 838 -37.12 9.14 -23.78
N PHE D 839 -36.22 9.23 -22.80
CA PHE D 839 -35.82 10.52 -22.26
C PHE D 839 -35.26 11.43 -23.32
N THR D 840 -34.64 10.87 -24.32
CA THR D 840 -33.86 11.63 -25.28
C THR D 840 -34.64 11.98 -26.53
N GLY D 841 -35.90 11.55 -26.62
CA GLY D 841 -36.72 11.89 -27.77
C GLY D 841 -36.31 11.19 -29.04
N ASN D 842 -35.66 10.04 -28.92
CA ASN D 842 -35.20 9.34 -30.09
C ASN D 842 -36.01 8.10 -30.40
N ALA D 843 -36.58 7.45 -29.39
CA ALA D 843 -37.45 6.31 -29.62
C ALA D 843 -38.62 6.71 -30.50
N ILE D 844 -38.94 5.85 -31.47
CA ILE D 844 -40.09 6.09 -32.33
C ILE D 844 -41.33 6.36 -31.50
N GLN D 845 -41.45 5.69 -30.35
CA GLN D 845 -42.65 5.83 -29.53
C GLN D 845 -42.93 7.26 -29.12
N THR D 846 -41.97 8.14 -29.24
CA THR D 846 -42.15 9.49 -28.72
C THR D 846 -42.66 10.45 -29.75
N ALA D 847 -42.71 10.06 -30.99
CA ALA D 847 -43.27 10.84 -32.06
C ALA D 847 -44.77 10.78 -32.10
N TYR D 848 -45.30 10.23 -31.00
CA TYR D 848 -46.73 10.09 -30.78
C TYR D 848 -47.42 11.44 -30.88
N ASN D 849 -48.61 11.41 -31.49
CA ASN D 849 -49.49 12.57 -31.61
C ASN D 849 -48.83 13.70 -32.36
N ASP D 850 -47.83 13.42 -33.16
CA ASP D 850 -47.04 14.45 -33.82
C ASP D 850 -46.49 15.48 -32.86
N ARG D 851 -46.56 15.16 -31.58
CA ARG D 851 -46.07 16.03 -30.51
C ARG D 851 -46.83 17.34 -30.50
N ASN D 852 -48.05 17.27 -30.80
CA ASN D 852 -48.94 18.39 -30.60
C ASN D 852 -49.50 18.29 -29.19
N PRO D 853 -49.98 19.39 -28.63
CA PRO D 853 -50.45 19.34 -27.24
C PRO D 853 -51.52 18.28 -27.09
N LEU D 854 -51.50 17.57 -25.97
CA LEU D 854 -52.43 16.45 -25.84
C LEU D 854 -52.94 16.29 -24.43
N ILE D 855 -54.22 15.95 -24.33
CA ILE D 855 -54.81 15.51 -23.09
C ILE D 855 -54.71 14.00 -23.05
N VAL D 856 -54.12 13.47 -21.99
CA VAL D 856 -54.00 12.03 -21.79
C VAL D 856 -55.38 11.38 -21.91
N PRO D 857 -55.55 10.43 -22.82
CA PRO D 857 -56.88 10.10 -23.33
C PRO D 857 -57.89 9.57 -22.33
N ASN D 858 -57.56 9.36 -21.08
CA ASN D 858 -58.70 9.15 -20.19
C ASN D 858 -58.44 9.76 -18.84
N SER D 859 -57.93 10.98 -18.86
CA SER D 859 -57.45 11.64 -17.66
C SER D 859 -58.60 12.07 -16.77
N VAL D 860 -58.26 12.25 -15.50
CA VAL D 860 -59.21 12.71 -14.51
C VAL D 860 -58.42 13.51 -13.51
N ASN D 861 -59.02 14.55 -12.95
CA ASN D 861 -58.37 15.33 -11.92
C ASN D 861 -58.96 14.98 -10.57
N LYS D 862 -58.10 14.71 -9.61
CA LYS D 862 -58.51 14.46 -8.24
C LYS D 862 -58.71 15.80 -7.53
N ILE D 863 -59.84 15.95 -6.86
CA ILE D 863 -60.16 17.22 -6.23
C ILE D 863 -59.91 17.22 -4.73
N GLY D 866 -63.07 18.88 -0.36
CA GLY D 866 -62.59 19.40 0.91
C GLY D 866 -61.78 18.38 1.68
N GLU D 867 -62.44 17.31 2.09
CA GLU D 867 -61.77 16.18 2.76
C GLU D 867 -62.19 14.83 2.21
N ASN D 868 -63.34 14.72 1.59
CA ASN D 868 -63.67 13.58 0.75
C ASN D 868 -63.24 13.89 -0.68
N VAL D 869 -63.04 12.86 -1.45
CA VAL D 869 -62.43 12.98 -2.76
C VAL D 869 -63.51 13.09 -3.82
N THR D 870 -63.16 13.73 -4.93
CA THR D 870 -64.03 13.84 -6.07
C THR D 870 -63.18 13.79 -7.32
N TYR D 871 -63.68 13.17 -8.37
CA TYR D 871 -62.94 13.06 -9.61
C TYR D 871 -63.69 13.76 -10.72
N VAL D 872 -62.98 14.53 -11.52
CA VAL D 872 -63.55 15.35 -12.57
C VAL D 872 -62.79 15.08 -13.84
N GLU D 873 -63.49 15.07 -14.97
CA GLU D 873 -62.81 14.97 -16.25
C GLU D 873 -61.71 16.02 -16.34
N ASN D 874 -60.62 15.65 -16.97
CA ASN D 874 -59.49 16.53 -17.10
C ASN D 874 -59.57 17.30 -18.41
N THR D 875 -59.35 18.60 -18.33
CA THR D 875 -59.29 19.45 -19.51
C THR D 875 -57.93 20.07 -19.69
N THR D 876 -56.98 19.77 -18.80
CA THR D 876 -55.65 20.34 -18.91
C THR D 876 -54.81 19.52 -19.86
N PRO D 877 -54.27 20.10 -20.92
CA PRO D 877 -53.43 19.32 -21.82
C PRO D 877 -51.98 19.37 -21.40
N ILE D 878 -51.25 18.36 -21.85
CA ILE D 878 -49.80 18.39 -21.80
C ILE D 878 -49.35 19.29 -22.92
N THR D 879 -48.52 20.28 -22.60
CA THR D 879 -48.13 21.27 -23.58
C THR D 879 -46.93 20.80 -24.36
N SER D 880 -46.76 21.33 -25.57
CA SER D 880 -45.60 21.01 -26.37
C SER D 880 -44.33 21.09 -25.56
N SER D 881 -44.28 22.07 -24.66
CA SER D 881 -43.09 22.30 -23.87
C SER D 881 -42.88 21.24 -22.80
N ASN D 882 -43.89 20.43 -22.51
CA ASN D 882 -43.75 19.38 -21.51
C ASN D 882 -43.87 17.99 -22.10
N ILE D 883 -44.04 17.85 -23.41
CA ILE D 883 -44.14 16.53 -24.00
C ILE D 883 -42.85 15.76 -23.77
N TYR D 884 -41.72 16.46 -23.71
CA TYR D 884 -40.46 15.79 -23.40
C TYR D 884 -40.54 15.06 -22.07
N LYS D 885 -41.13 15.68 -21.06
CA LYS D 885 -41.12 15.10 -19.73
C LYS D 885 -42.15 14.00 -19.60
N TYR D 886 -43.25 14.08 -20.37
CA TYR D 886 -44.24 13.01 -20.36
C TYR D 886 -43.61 11.71 -20.78
N TRP D 887 -42.81 11.75 -21.82
CA TRP D 887 -42.21 10.52 -22.33
C TRP D 887 -41.02 10.10 -21.50
N GLY D 888 -40.20 11.05 -21.06
CA GLY D 888 -39.05 10.69 -20.26
C GLY D 888 -39.45 10.04 -18.95
N ASP D 889 -40.54 10.49 -18.36
CA ASP D 889 -41.00 9.85 -17.15
C ASP D 889 -41.60 8.48 -17.42
N GLY D 890 -41.94 8.18 -18.67
CA GLY D 890 -42.56 6.92 -19.00
C GLY D 890 -43.98 6.97 -19.54
N GLY D 891 -44.46 8.16 -19.88
CA GLY D 891 -45.81 8.20 -20.40
C GLY D 891 -46.82 7.78 -19.34
N SER D 892 -47.96 7.28 -19.79
CA SER D 892 -49.02 6.91 -18.88
C SER D 892 -48.61 5.75 -17.99
N ASP D 893 -47.59 5.01 -18.38
CA ASP D 893 -47.13 3.92 -17.57
C ASP D 893 -46.13 4.38 -16.53
N MET D 894 -45.57 5.57 -16.70
CA MET D 894 -44.61 6.12 -15.75
C MET D 894 -43.40 5.20 -15.61
N GLY D 895 -42.90 5.03 -14.39
CA GLY D 895 -41.65 4.30 -14.22
C GLY D 895 -41.72 2.89 -14.79
N SER D 896 -42.83 2.19 -14.60
CA SER D 896 -42.92 0.83 -15.05
C SER D 896 -42.89 0.71 -16.57
N CYS D 897 -42.89 1.82 -17.28
CA CYS D 897 -42.80 1.74 -18.74
C CYS D 897 -41.54 1.01 -19.17
N PHE D 898 -40.53 1.00 -18.33
CA PHE D 898 -39.22 0.51 -18.72
C PHE D 898 -38.96 -0.91 -18.27
N LEU D 899 -39.99 -1.62 -17.85
CA LEU D 899 -39.99 -3.07 -17.83
C LEU D 899 -40.46 -3.53 -19.20
N VAL D 900 -39.62 -4.30 -19.88
CA VAL D 900 -39.88 -4.71 -21.25
C VAL D 900 -40.16 -6.20 -21.30
N ASP D 901 -41.04 -6.60 -22.21
CA ASP D 901 -41.37 -8.00 -22.40
C ASP D 901 -40.14 -8.82 -22.78
N LYS D 902 -39.74 -9.71 -21.87
CA LYS D 902 -38.55 -10.53 -22.02
C LYS D 902 -38.62 -11.41 -23.25
N SER D 903 -39.80 -11.59 -23.84
CA SER D 903 -40.03 -12.61 -24.85
C SER D 903 -39.18 -12.36 -26.09
N TYR D 904 -38.85 -13.44 -26.78
CA TYR D 904 -38.25 -13.35 -28.11
C TYR D 904 -38.32 -14.70 -28.83
N VAL D 905 -38.30 -14.62 -30.15
CA VAL D 905 -38.13 -15.75 -31.05
C VAL D 905 -36.91 -15.46 -31.89
N LYS D 906 -35.96 -16.39 -31.91
CA LYS D 906 -34.66 -16.08 -32.47
C LYS D 906 -34.17 -17.21 -33.38
N LEU D 907 -33.68 -16.86 -34.57
CA LEU D 907 -32.93 -17.79 -35.40
C LEU D 907 -31.56 -17.97 -34.77
N ARG D 908 -31.42 -19.01 -33.96
CA ARG D 908 -30.27 -19.13 -33.06
C ARG D 908 -28.99 -19.44 -33.82
N SER D 909 -28.99 -20.47 -34.66
CA SER D 909 -27.79 -20.86 -35.38
C SER D 909 -28.18 -21.49 -36.70
N VAL D 910 -27.27 -21.39 -37.67
CA VAL D 910 -27.39 -22.09 -38.95
C VAL D 910 -26.01 -22.61 -39.30
N VAL D 911 -25.94 -23.86 -39.73
CA VAL D 911 -24.69 -24.48 -40.12
C VAL D 911 -24.85 -25.14 -41.47
N LEU D 912 -24.04 -24.73 -42.43
CA LEU D 912 -24.01 -25.36 -43.74
C LEU D 912 -22.67 -26.05 -43.91
N GLY D 913 -22.69 -27.38 -43.94
CA GLY D 913 -21.48 -28.18 -43.93
C GLY D 913 -21.23 -28.89 -45.25
N TRP D 914 -19.98 -28.88 -45.68
CA TRP D 914 -19.55 -29.50 -46.93
C TRP D 914 -18.44 -30.48 -46.61
N ASP D 915 -18.76 -31.77 -46.54
CA ASP D 915 -17.76 -32.79 -46.31
C ASP D 915 -17.30 -33.34 -47.65
N LEU D 916 -16.02 -33.16 -47.95
CA LEU D 916 -15.53 -33.49 -49.29
C LEU D 916 -15.53 -35.00 -49.53
N PRO D 917 -15.81 -35.44 -50.75
CA PRO D 917 -15.74 -36.87 -51.05
C PRO D 917 -14.32 -37.38 -50.88
N LYS D 918 -14.19 -38.56 -50.27
CA LYS D 918 -12.86 -39.12 -50.04
C LYS D 918 -12.11 -39.34 -51.34
N ARG D 919 -12.84 -39.61 -52.41
CA ARG D 919 -12.24 -39.76 -53.73
C ARG D 919 -11.30 -38.60 -54.04
N TRP D 920 -11.72 -37.38 -53.72
CA TRP D 920 -10.93 -36.22 -54.09
C TRP D 920 -9.57 -36.20 -53.40
N LEU D 921 -9.46 -36.87 -52.25
CA LEU D 921 -8.31 -36.69 -51.38
C LEU D 921 -7.23 -37.74 -51.58
N ALA D 922 -7.36 -38.59 -52.59
CA ALA D 922 -6.43 -39.71 -52.74
C ALA D 922 -5.02 -39.22 -53.06
N LYS D 923 -4.90 -38.17 -53.86
CA LYS D 923 -3.60 -37.62 -54.23
C LYS D 923 -3.15 -36.48 -53.32
N THR D 924 -3.56 -36.48 -52.05
CA THR D 924 -3.30 -35.37 -51.15
C THR D 924 -2.97 -35.92 -49.77
N PRO D 925 -2.33 -35.12 -48.90
CA PRO D 925 -2.07 -35.58 -47.54
C PRO D 925 -3.31 -35.69 -46.69
N PHE D 926 -4.45 -35.28 -47.21
CA PHE D 926 -5.63 -35.07 -46.39
C PHE D 926 -6.36 -36.38 -46.15
N GLN D 927 -6.80 -36.59 -44.91
CA GLN D 927 -7.72 -37.67 -44.61
C GLN D 927 -9.17 -37.22 -44.69
N ALA D 928 -9.44 -35.97 -44.36
CA ALA D 928 -10.79 -35.43 -44.38
C ALA D 928 -10.69 -33.94 -44.60
N VAL D 929 -11.64 -33.39 -45.34
CA VAL D 929 -11.80 -31.95 -45.51
C VAL D 929 -13.28 -31.62 -45.36
N LYS D 930 -13.64 -30.86 -44.35
CA LYS D 930 -15.01 -30.40 -44.15
C LYS D 930 -15.05 -28.87 -44.19
N VAL D 931 -15.40 -28.31 -45.33
CA VAL D 931 -15.67 -26.88 -45.44
C VAL D 931 -17.04 -26.59 -44.84
N SER D 932 -17.16 -25.46 -44.14
CA SER D 932 -18.32 -25.24 -43.28
C SER D 932 -18.63 -23.76 -43.20
N ALA D 933 -19.84 -23.37 -43.57
CA ALA D 933 -20.31 -21.99 -43.42
C ALA D 933 -21.44 -21.96 -42.40
N TYR D 934 -21.42 -20.94 -41.54
CA TYR D 934 -22.31 -20.95 -40.38
C TYR D 934 -22.70 -19.53 -40.00
N GLY D 935 -23.68 -19.44 -39.13
CA GLY D 935 -24.11 -18.15 -38.60
C GLY D 935 -24.81 -18.34 -37.28
N ASN D 936 -24.70 -17.33 -36.43
CA ASN D 936 -25.32 -17.39 -35.11
C ASN D 936 -25.96 -16.06 -34.77
N ASN D 937 -27.02 -16.13 -33.96
CA ASN D 937 -27.75 -14.94 -33.52
C ASN D 937 -28.13 -14.08 -34.72
N LEU D 938 -28.72 -14.71 -35.73
CA LEU D 938 -28.88 -14.07 -37.03
C LEU D 938 -30.07 -13.13 -37.09
N PHE D 939 -31.11 -13.37 -36.31
CA PHE D 939 -32.32 -12.58 -36.44
C PHE D 939 -33.18 -12.81 -35.21
N VAL D 940 -33.77 -11.76 -34.69
CA VAL D 940 -34.57 -11.87 -33.47
C VAL D 940 -35.88 -11.14 -33.68
N TRP D 941 -36.97 -11.79 -33.32
CA TRP D 941 -38.30 -11.23 -33.40
C TRP D 941 -38.83 -11.09 -32.00
N THR D 942 -39.21 -9.89 -31.62
CA THR D 942 -39.87 -9.62 -30.36
C THR D 942 -41.29 -9.17 -30.62
N PRO D 943 -42.10 -9.06 -29.58
CA PRO D 943 -43.42 -8.44 -29.74
C PRO D 943 -43.27 -6.95 -30.01
N SER D 944 -44.34 -6.37 -30.57
CA SER D 944 -44.28 -4.99 -31.01
C SER D 944 -44.00 -4.01 -29.88
N SER D 945 -44.16 -4.41 -28.63
CA SER D 945 -43.85 -3.52 -27.51
C SER D 945 -42.36 -3.43 -27.24
N ASN D 946 -41.56 -4.26 -27.88
CA ASN D 946 -40.13 -4.23 -27.70
C ASN D 946 -39.49 -3.92 -29.05
N THR D 947 -39.33 -2.63 -29.33
CA THR D 947 -38.58 -2.16 -30.48
C THR D 947 -37.22 -1.60 -30.07
N PHE D 948 -36.68 -2.12 -28.97
CA PHE D 948 -35.50 -1.52 -28.36
C PHE D 948 -34.31 -2.47 -28.31
N ILE D 949 -34.44 -3.63 -27.68
CA ILE D 949 -33.30 -4.48 -27.41
C ILE D 949 -33.54 -5.91 -27.88
N ASP D 950 -32.44 -6.58 -28.12
CA ASP D 950 -32.44 -8.02 -28.04
C ASP D 950 -32.46 -8.37 -26.57
N PRO D 951 -33.48 -9.08 -26.09
CA PRO D 951 -33.58 -9.32 -24.65
C PRO D 951 -32.48 -10.17 -24.06
N GLU D 952 -31.55 -10.68 -24.87
CA GLU D 952 -30.45 -11.46 -24.33
C GLU D 952 -29.32 -10.52 -23.90
N MET D 953 -29.59 -9.78 -22.84
CA MET D 953 -28.66 -8.78 -22.34
C MET D 953 -28.75 -8.69 -20.83
N THR D 954 -27.70 -8.12 -20.24
CA THR D 954 -27.66 -7.84 -18.82
C THR D 954 -26.46 -6.96 -18.56
N SER D 955 -26.38 -6.44 -17.35
CA SER D 955 -25.22 -5.71 -16.91
C SER D 955 -24.90 -6.08 -15.46
N PHE D 956 -25.44 -7.19 -14.99
CA PHE D 956 -25.24 -7.54 -13.61
C PHE D 956 -24.89 -9.00 -13.47
N GLY D 957 -24.14 -9.53 -14.43
CA GLY D 957 -23.61 -10.86 -14.30
C GLY D 957 -24.48 -11.93 -14.91
N ASN D 958 -24.04 -13.17 -14.77
CA ASN D 958 -24.61 -14.32 -15.47
C ASN D 958 -25.48 -15.19 -14.57
N ASP D 959 -25.88 -14.69 -13.40
CA ASP D 959 -26.73 -15.48 -12.53
C ASP D 959 -28.05 -14.79 -12.26
N LEU D 960 -28.50 -14.82 -11.00
CA LEU D 960 -29.82 -14.30 -10.64
C LEU D 960 -29.89 -12.79 -10.79
N GLU D 961 -28.87 -12.07 -10.33
CA GLU D 961 -28.93 -10.63 -10.39
C GLU D 961 -28.93 -10.13 -11.82
N GLY D 962 -28.36 -10.88 -12.75
CA GLY D 962 -28.42 -10.42 -14.11
C GLY D 962 -29.82 -10.42 -14.68
N ASN D 963 -30.78 -10.95 -13.95
CA ASN D 963 -32.13 -10.95 -14.46
C ASN D 963 -32.85 -9.65 -14.18
N TYR D 964 -32.21 -8.73 -13.47
CA TYR D 964 -32.80 -7.41 -13.31
C TYR D 964 -32.85 -6.66 -14.63
N GLY D 965 -31.91 -6.93 -15.54
CA GLY D 965 -32.02 -6.43 -16.90
C GLY D 965 -30.73 -5.80 -17.36
N GLU D 966 -30.86 -4.92 -18.35
CA GLU D 966 -29.75 -4.33 -19.04
C GLU D 966 -29.71 -2.83 -18.75
N TYR D 967 -28.53 -2.32 -18.42
CA TYR D 967 -28.36 -0.91 -18.13
C TYR D 967 -27.59 -0.20 -19.24
N THR D 968 -28.14 -0.25 -20.46
CA THR D 968 -27.49 0.19 -21.70
C THR D 968 -26.26 -0.65 -21.97
N ALA D 969 -26.43 -1.97 -21.90
CA ALA D 969 -25.40 -2.87 -22.37
C ALA D 969 -25.27 -2.75 -23.88
N ASN D 970 -24.11 -3.11 -24.39
CA ASN D 970 -23.84 -2.87 -25.78
C ASN D 970 -24.76 -3.72 -26.66
N PRO D 971 -25.11 -3.24 -27.85
CA PRO D 971 -26.12 -3.92 -28.64
C PRO D 971 -25.66 -5.30 -29.06
N SER D 972 -26.62 -6.11 -29.49
CA SER D 972 -26.36 -7.48 -29.84
C SER D 972 -25.80 -7.62 -31.25
N SER D 973 -25.20 -8.77 -31.50
CA SER D 973 -24.48 -9.01 -32.73
C SER D 973 -25.21 -10.03 -33.60
N ARG D 974 -24.92 -9.92 -34.89
CA ARG D 974 -25.28 -10.90 -35.90
C ARG D 974 -23.96 -11.55 -36.33
N ARG D 975 -23.75 -12.81 -35.97
CA ARG D 975 -22.46 -13.47 -36.21
C ARG D 975 -22.55 -14.53 -37.30
N PHE D 976 -21.62 -14.48 -38.25
CA PHE D 976 -21.61 -15.46 -39.34
C PHE D 976 -20.18 -15.63 -39.85
N GLY D 977 -19.86 -16.82 -40.32
CA GLY D 977 -18.52 -17.06 -40.83
C GLY D 977 -18.32 -18.46 -41.38
N PHE D 978 -17.06 -18.76 -41.67
CA PHE D 978 -16.63 -19.98 -42.34
C PHE D 978 -15.62 -20.73 -41.47
N ASN D 979 -15.61 -22.06 -41.60
CA ASN D 979 -14.63 -22.90 -40.93
C ASN D 979 -14.09 -23.93 -41.89
N LEU D 980 -12.77 -24.12 -41.89
CA LEU D 980 -12.10 -25.13 -42.71
C LEU D 980 -11.52 -26.19 -41.80
N MET D 981 -11.85 -27.45 -42.09
CA MET D 981 -11.45 -28.58 -41.26
C MET D 981 -10.58 -29.50 -42.11
N VAL D 982 -9.34 -29.69 -41.71
CA VAL D 982 -8.41 -30.52 -42.44
C VAL D 982 -7.88 -31.56 -41.47
N LYS D 983 -8.19 -32.83 -41.73
CA LYS D 983 -7.62 -33.94 -40.99
C LYS D 983 -6.41 -34.48 -41.73
N PHE D 984 -5.35 -34.75 -40.98
CA PHE D 984 -4.16 -35.34 -41.54
C PHE D 984 -3.92 -36.73 -40.97
N ASP E 4 -41.81 -1.01 -39.62
CA ASP E 4 -41.88 0.37 -39.15
C ASP E 4 -42.99 0.54 -38.12
N THR E 5 -42.61 0.86 -36.89
CA THR E 5 -43.59 1.03 -35.83
C THR E 5 -44.32 2.35 -36.00
N GLU E 6 -45.62 2.34 -35.74
CA GLU E 6 -46.43 3.54 -35.84
C GLU E 6 -46.46 4.26 -34.51
N PRO E 7 -45.99 5.50 -34.44
CA PRO E 7 -46.03 6.22 -33.16
C PRO E 7 -47.42 6.34 -32.59
N GLY E 8 -48.41 6.64 -33.42
CA GLY E 8 -49.76 6.84 -32.93
C GLY E 8 -50.05 8.29 -32.59
N GLY E 9 -51.18 8.47 -31.93
CA GLY E 9 -51.64 9.80 -31.58
C GLY E 9 -53.07 9.76 -31.08
N THR E 10 -53.59 10.95 -30.80
CA THR E 10 -54.99 11.08 -30.46
C THR E 10 -55.82 11.16 -31.71
N ALA E 11 -57.12 10.97 -31.56
CA ALA E 11 -57.98 10.85 -32.73
C ALA E 11 -58.00 12.11 -33.56
N VAL E 12 -57.71 13.25 -32.95
CA VAL E 12 -57.74 14.54 -33.62
C VAL E 12 -56.33 15.06 -33.88
N GLU E 13 -55.31 14.24 -33.61
CA GLU E 13 -53.89 14.48 -33.84
C GLU E 13 -53.56 15.57 -34.84
N LYS E 14 -53.90 15.40 -36.11
CA LYS E 14 -53.39 16.32 -37.13
C LYS E 14 -53.98 17.72 -37.04
N MET E 15 -55.00 17.94 -36.24
CA MET E 15 -55.57 19.26 -36.09
C MET E 15 -55.30 19.87 -34.73
N ALA E 16 -54.74 19.11 -33.80
CA ALA E 16 -54.15 19.72 -32.63
C ALA E 16 -52.90 20.48 -33.05
N GLY E 17 -52.45 21.37 -32.18
CA GLY E 17 -51.21 22.06 -32.46
C GLY E 17 -51.04 23.30 -31.62
N ASP E 18 -49.89 23.92 -31.83
CA ASP E 18 -49.58 25.27 -31.36
C ASP E 18 -49.60 26.18 -32.58
N TRP E 19 -50.37 27.25 -32.51
CA TRP E 19 -50.53 28.12 -33.67
C TRP E 19 -50.15 29.54 -33.30
N TRP E 20 -49.63 30.28 -34.28
CA TRP E 20 -49.44 31.74 -34.19
C TRP E 20 -50.48 32.39 -35.07
N VAL E 21 -51.43 33.09 -34.45
CA VAL E 21 -52.57 33.66 -35.18
C VAL E 21 -52.63 35.17 -34.99
N THR E 22 -53.30 35.81 -35.92
CA THR E 22 -53.74 37.19 -35.76
C THR E 22 -55.23 37.27 -35.98
N VAL E 23 -55.87 38.22 -35.34
CA VAL E 23 -57.31 38.33 -35.28
C VAL E 23 -57.75 39.53 -36.12
N ASN E 24 -58.25 39.29 -37.32
CA ASN E 24 -58.88 40.32 -38.10
C ASN E 24 -60.36 40.45 -37.74
N ALA E 25 -61.02 41.46 -38.30
CA ALA E 25 -62.44 41.66 -38.04
C ALA E 25 -63.12 42.20 -39.28
N PHE E 26 -64.35 41.77 -39.49
CA PHE E 26 -65.16 42.28 -40.58
C PHE E 26 -65.97 43.45 -40.06
N ILE E 27 -65.63 44.65 -40.52
CA ILE E 27 -66.24 45.88 -40.06
C ILE E 27 -66.78 46.61 -41.26
N ASP E 28 -68.07 46.96 -41.21
CA ASP E 28 -68.75 47.68 -42.29
C ASP E 28 -68.54 47.00 -43.63
N GLY E 29 -68.69 45.67 -43.65
CA GLY E 29 -68.57 44.94 -44.89
C GLY E 29 -67.13 44.65 -45.26
N LYS E 30 -66.21 45.50 -44.86
CA LYS E 30 -64.80 45.29 -45.14
C LYS E 30 -64.13 44.48 -44.03
N GLU E 31 -62.96 43.94 -44.34
CA GLU E 31 -62.14 43.25 -43.36
C GLU E 31 -61.03 44.18 -42.90
N VAL E 32 -60.86 44.30 -41.59
CA VAL E 32 -59.86 45.17 -41.00
C VAL E 32 -58.73 44.31 -40.49
N GLU E 33 -57.54 44.48 -41.07
CA GLU E 33 -56.37 43.78 -40.57
C GLU E 33 -56.05 44.24 -39.16
N ASP E 34 -56.08 43.31 -38.22
CA ASP E 34 -55.77 43.50 -36.81
C ASP E 34 -56.30 44.82 -36.27
N PRO E 35 -57.61 44.99 -36.18
CA PRO E 35 -58.13 46.26 -35.67
C PRO E 35 -57.70 46.55 -34.25
N PHE E 36 -57.62 45.54 -33.39
CA PHE E 36 -57.25 45.81 -32.02
C PHE E 36 -55.75 45.99 -31.82
N GLY E 37 -54.96 45.94 -32.89
CA GLY E 37 -53.52 46.04 -32.77
C GLY E 37 -52.91 45.03 -31.83
N ALA E 38 -53.23 43.75 -32.00
CA ALA E 38 -52.81 42.75 -31.03
C ALA E 38 -51.57 42.00 -31.45
N GLY E 39 -51.19 42.06 -32.70
CA GLY E 39 -50.06 41.31 -33.16
C GLY E 39 -50.36 39.83 -33.20
N HIS E 40 -49.30 39.05 -33.37
CA HIS E 40 -49.41 37.59 -33.41
C HIS E 40 -49.56 37.03 -32.01
N LEU E 41 -50.52 36.12 -31.84
CA LEU E 41 -50.84 35.53 -30.55
C LEU E 41 -50.79 34.01 -30.66
N GLN E 42 -50.57 33.38 -29.51
CA GLN E 42 -50.43 31.93 -29.44
C GLN E 42 -51.75 31.32 -29.01
N MET E 43 -52.07 30.17 -29.60
CA MET E 43 -53.26 29.43 -29.23
C MET E 43 -53.02 27.97 -29.52
N SER E 44 -53.74 27.12 -28.81
CA SER E 44 -53.62 25.68 -28.90
C SER E 44 -54.96 25.05 -29.23
N THR E 45 -54.95 24.09 -30.15
CA THR E 45 -56.00 23.10 -30.33
C THR E 45 -55.48 21.77 -29.84
N TYR E 46 -56.35 20.93 -29.28
CA TYR E 46 -55.93 19.62 -28.80
C TYR E 46 -57.14 18.71 -28.52
N ASN E 47 -56.84 17.43 -28.35
CA ASN E 47 -57.88 16.42 -28.18
C ASN E 47 -58.65 16.60 -26.88
N THR E 48 -59.75 15.88 -26.77
CA THR E 48 -60.60 15.85 -25.59
C THR E 48 -60.27 14.62 -24.76
N ALA E 49 -60.52 14.70 -23.45
CA ALA E 49 -60.37 13.53 -22.60
C ALA E 49 -61.15 12.33 -23.12
N SER E 50 -62.14 12.55 -23.96
CA SER E 50 -62.86 11.44 -24.56
C SER E 50 -62.14 10.89 -25.78
N ASN E 51 -61.28 11.69 -26.40
CA ASN E 51 -60.47 11.26 -27.54
C ASN E 51 -61.33 10.93 -28.74
N SER E 52 -62.48 11.58 -28.88
CA SER E 52 -63.33 11.36 -30.05
C SER E 52 -62.72 12.02 -31.28
N GLU E 53 -63.01 11.46 -32.44
CA GLU E 53 -62.54 12.07 -33.67
C GLU E 53 -63.55 13.03 -34.25
N THR E 54 -64.44 13.54 -33.41
CA THR E 54 -65.47 14.47 -33.82
C THR E 54 -65.47 15.76 -33.02
N GLU E 55 -64.68 15.88 -31.95
CA GLU E 55 -64.60 17.13 -31.21
C GLU E 55 -63.21 17.32 -30.61
N MET E 56 -62.71 18.55 -30.66
CA MET E 56 -61.45 18.94 -30.02
C MET E 56 -61.64 20.24 -29.27
N TRP E 57 -60.69 20.57 -28.42
CA TRP E 57 -60.71 21.86 -27.77
C TRP E 57 -60.13 22.92 -28.68
N LEU E 58 -60.65 24.14 -28.54
CA LEU E 58 -60.02 25.32 -29.08
C LEU E 58 -59.74 26.24 -27.92
N ASP E 59 -58.51 26.70 -27.83
CA ASP E 59 -58.02 27.33 -26.62
C ASP E 59 -57.17 28.51 -27.05
N ASP E 60 -57.56 29.71 -26.67
CA ASP E 60 -56.80 30.89 -27.04
C ASP E 60 -55.71 31.16 -26.03
N LEU E 61 -55.61 30.34 -25.00
CA LEU E 61 -54.59 30.49 -23.98
C LEU E 61 -54.71 31.81 -23.25
N GLY E 62 -55.89 32.44 -23.32
CA GLY E 62 -56.10 33.68 -22.61
C GLY E 62 -55.42 34.88 -23.21
N ASN E 63 -55.07 34.82 -24.49
CA ASN E 63 -54.31 35.87 -25.16
C ASN E 63 -55.16 36.75 -26.04
N PHE E 64 -56.45 36.47 -26.15
CA PHE E 64 -57.34 37.38 -26.85
C PHE E 64 -58.59 37.62 -26.01
N TRP E 65 -59.64 36.86 -26.26
CA TRP E 65 -60.87 37.08 -25.51
C TRP E 65 -60.92 36.29 -24.21
N GLU E 66 -59.91 35.48 -23.92
CA GLU E 66 -59.92 34.51 -22.82
C GLU E 66 -61.06 33.49 -23.01
N TYR E 67 -60.96 32.70 -24.09
CA TYR E 67 -61.97 31.69 -24.36
C TYR E 67 -61.36 30.32 -24.60
N LYS E 68 -62.18 29.30 -24.37
CA LYS E 68 -61.83 27.91 -24.62
C LYS E 68 -63.10 27.07 -24.62
N LEU E 69 -63.36 26.43 -25.74
CA LEU E 69 -64.57 25.64 -25.89
C LEU E 69 -64.22 24.33 -26.59
N LYS E 70 -65.20 23.43 -26.64
CA LYS E 70 -65.11 22.25 -27.48
C LYS E 70 -65.75 22.57 -28.82
N VAL E 71 -65.04 22.31 -29.90
CA VAL E 71 -65.60 22.52 -31.22
C VAL E 71 -65.85 21.17 -31.84
N ASN E 72 -66.84 21.09 -32.72
CA ASN E 72 -66.99 19.87 -33.48
C ASN E 72 -65.83 19.77 -34.45
N VAL E 73 -65.52 18.53 -34.83
CA VAL E 73 -64.43 18.27 -35.77
C VAL E 73 -64.95 17.32 -36.83
N ASN E 74 -64.67 17.64 -38.08
CA ASN E 74 -64.77 16.69 -39.18
C ASN E 74 -63.34 16.35 -39.56
N TYR E 75 -62.80 15.31 -38.92
CA TYR E 75 -61.37 15.05 -39.00
C TYR E 75 -60.94 14.66 -40.40
N ALA E 76 -61.82 14.06 -41.18
CA ALA E 76 -61.47 13.72 -42.55
C ALA E 76 -61.26 14.99 -43.35
N ALA E 77 -62.15 15.96 -43.16
CA ALA E 77 -62.10 17.20 -43.92
C ALA E 77 -61.13 18.21 -43.32
N ARG E 78 -60.70 18.01 -42.08
CA ARG E 78 -59.81 18.95 -41.40
C ARG E 78 -60.51 20.28 -41.18
N THR E 79 -61.77 20.21 -40.78
CA THR E 79 -62.55 21.39 -40.49
C THR E 79 -63.07 21.30 -39.07
N PHE E 80 -63.47 22.43 -38.52
CA PHE E 80 -64.04 22.45 -37.18
C PHE E 80 -65.00 23.60 -37.11
N SER E 81 -66.02 23.46 -36.28
CA SER E 81 -67.05 24.48 -36.17
C SER E 81 -67.88 24.21 -34.92
N THR E 82 -68.75 25.15 -34.61
CA THR E 82 -69.82 24.89 -33.67
C THR E 82 -71.15 25.07 -34.37
N THR E 83 -72.19 24.58 -33.72
CA THR E 83 -73.55 24.79 -34.21
C THR E 83 -74.22 25.90 -33.38
N GLY E 84 -73.65 27.08 -33.45
CA GLY E 84 -74.16 28.18 -32.68
C GLY E 84 -73.26 28.51 -31.50
N PHE E 85 -73.84 29.23 -30.55
CA PHE E 85 -73.07 29.78 -29.46
C PHE E 85 -72.96 28.76 -28.35
N VAL E 86 -71.72 28.43 -28.00
CA VAL E 86 -71.37 27.34 -27.10
C VAL E 86 -70.67 27.90 -25.88
N ASP E 87 -70.89 27.28 -24.73
CA ASP E 87 -70.31 27.74 -23.48
C ASP E 87 -68.79 27.89 -23.56
N ASN E 88 -68.30 29.01 -23.05
CA ASN E 88 -66.87 29.20 -22.82
C ASN E 88 -66.54 28.70 -21.43
N VAL E 89 -65.39 28.05 -21.31
CA VAL E 89 -65.03 27.41 -20.04
C VAL E 89 -64.08 28.26 -19.20
N THR E 90 -63.46 29.29 -19.79
CA THR E 90 -62.56 30.14 -19.03
C THR E 90 -63.32 31.09 -18.10
N TYR E 91 -64.41 31.69 -18.59
CA TYR E 91 -65.33 32.45 -17.76
C TYR E 91 -66.71 32.41 -18.42
N GLU E 92 -67.73 32.72 -17.63
CA GLU E 92 -69.13 32.62 -18.05
C GLU E 92 -69.47 33.43 -19.28
N SER E 93 -69.20 32.89 -20.46
CA SER E 93 -69.54 33.53 -21.72
C SER E 93 -69.92 32.44 -22.71
N LYS E 94 -70.31 32.84 -23.91
CA LYS E 94 -70.57 31.88 -24.99
C LYS E 94 -69.80 32.30 -26.22
N VAL E 95 -69.44 31.32 -27.03
CA VAL E 95 -68.61 31.53 -28.20
C VAL E 95 -69.20 30.75 -29.36
N LYS E 96 -69.07 31.28 -30.56
CA LYS E 96 -69.54 30.60 -31.76
C LYS E 96 -68.41 30.55 -32.77
N ILE E 97 -68.10 29.35 -33.26
CA ILE E 97 -67.01 29.12 -34.19
C ILE E 97 -67.58 28.64 -35.50
N THR E 98 -67.13 29.20 -36.60
CA THR E 98 -67.72 28.94 -37.90
C THR E 98 -66.63 28.79 -38.94
N ASP E 99 -66.79 27.82 -39.83
CA ASP E 99 -65.99 27.74 -41.05
C ASP E 99 -64.52 27.51 -40.74
N GLY E 100 -64.23 26.84 -39.62
CA GLY E 100 -62.86 26.58 -39.24
C GLY E 100 -62.27 25.43 -40.05
N LYS E 101 -60.99 25.57 -40.37
CA LYS E 101 -60.29 24.52 -41.08
C LYS E 101 -58.83 24.56 -40.70
N VAL E 102 -58.17 23.41 -40.88
CA VAL E 102 -56.73 23.26 -40.69
C VAL E 102 -56.19 22.83 -42.03
N LEU E 103 -55.36 23.65 -42.64
CA LEU E 103 -54.91 23.40 -44.00
C LEU E 103 -53.43 23.05 -43.96
N GLU E 104 -53.11 21.78 -44.18
CA GLU E 104 -51.76 21.33 -43.91
C GLU E 104 -50.81 21.82 -44.99
N LYS E 105 -49.65 22.29 -44.56
CA LYS E 105 -48.59 22.81 -45.41
C LYS E 105 -49.04 23.98 -46.27
N ALA E 106 -50.18 24.60 -45.98
CA ALA E 106 -50.60 25.70 -46.83
C ALA E 106 -49.93 27.02 -46.46
N ALA E 107 -49.49 27.17 -45.22
CA ALA E 107 -48.99 28.44 -44.74
C ALA E 107 -47.52 28.63 -45.12
N THR E 108 -46.95 29.72 -44.63
CA THR E 108 -45.54 30.04 -44.84
C THR E 108 -45.03 30.72 -43.59
N THR E 109 -44.01 30.16 -42.99
CA THR E 109 -43.49 30.64 -41.72
C THR E 109 -42.73 31.95 -41.93
N PRO E 110 -42.43 32.67 -40.84
CA PRO E 110 -41.57 33.85 -40.97
C PRO E 110 -40.26 33.57 -41.68
N SER E 111 -39.73 32.36 -41.55
CA SER E 111 -38.49 31.98 -42.21
C SER E 111 -38.70 31.42 -43.60
N GLY E 112 -39.95 31.31 -44.06
CA GLY E 112 -40.19 30.89 -45.42
C GLY E 112 -40.42 29.41 -45.61
N MET E 113 -40.96 28.72 -44.62
CA MET E 113 -41.17 27.30 -44.78
C MET E 113 -42.65 26.95 -44.73
N PRO E 114 -43.06 25.88 -45.39
CA PRO E 114 -44.45 25.42 -45.27
C PRO E 114 -44.81 25.04 -43.85
N ALA E 115 -45.99 25.50 -43.43
CA ALA E 115 -46.57 25.14 -42.15
C ALA E 115 -48.07 25.00 -42.34
N ASP E 116 -48.70 24.31 -41.39
CA ASP E 116 -50.14 24.14 -41.46
C ASP E 116 -50.84 25.44 -41.13
N SER E 117 -51.78 25.84 -41.99
CA SER E 117 -52.63 27.00 -41.75
C SER E 117 -53.82 26.59 -40.91
N ILE E 118 -54.16 27.42 -39.94
CA ILE E 118 -55.44 27.33 -39.24
C ILE E 118 -56.16 28.65 -39.42
N VAL E 119 -57.46 28.59 -39.68
CA VAL E 119 -58.24 29.79 -39.89
C VAL E 119 -59.67 29.48 -39.50
N TYR E 120 -60.32 30.42 -38.83
CA TYR E 120 -61.71 30.22 -38.47
C TYR E 120 -62.36 31.56 -38.16
N MET E 121 -63.67 31.60 -38.30
CA MET E 121 -64.50 32.73 -37.89
C MET E 121 -64.98 32.51 -36.47
N VAL E 122 -65.10 33.61 -35.71
CA VAL E 122 -65.49 33.51 -34.31
C VAL E 122 -66.39 34.69 -33.94
N GLN E 123 -67.29 34.45 -32.99
CA GLN E 123 -68.19 35.46 -32.47
C GLN E 123 -68.34 35.24 -30.97
N PHE E 124 -68.42 36.33 -30.22
CA PHE E 124 -68.56 36.26 -28.77
C PHE E 124 -69.87 36.90 -28.36
N ASP E 125 -70.65 36.19 -27.55
CA ASP E 125 -71.97 36.67 -27.24
C ASP E 125 -71.93 37.89 -26.33
N ASP E 126 -70.82 38.15 -25.65
CA ASP E 126 -70.68 39.35 -24.84
C ASP E 126 -69.83 40.40 -25.54
N ASP E 127 -69.83 40.40 -26.87
CA ASP E 127 -69.21 41.45 -27.67
C ASP E 127 -70.30 42.47 -28.02
N GLU E 128 -70.39 43.52 -27.22
CA GLU E 128 -71.48 44.47 -27.37
C GLU E 128 -71.49 45.15 -28.74
N ASP E 129 -70.43 45.01 -29.53
CA ASP E 129 -70.46 45.45 -30.91
C ASP E 129 -70.86 44.34 -31.87
N GLY E 130 -70.87 43.09 -31.41
CA GLY E 130 -71.34 41.97 -32.22
C GLY E 130 -70.58 41.68 -33.50
N LEU E 131 -69.27 41.80 -33.48
CA LEU E 131 -68.53 41.62 -34.73
C LEU E 131 -68.27 40.15 -35.00
N THR E 132 -67.77 39.88 -36.20
CA THR E 132 -67.27 38.56 -36.56
C THR E 132 -65.80 38.66 -36.90
N TYR E 133 -64.98 37.86 -36.22
CA TYR E 133 -63.53 37.95 -36.33
C TYR E 133 -62.95 36.74 -37.06
N LYS E 134 -61.89 36.99 -37.81
CA LYS E 134 -61.19 35.95 -38.57
C LYS E 134 -59.84 35.71 -37.92
N VAL E 135 -59.74 34.60 -37.21
CA VAL E 135 -58.48 34.15 -36.61
C VAL E 135 -57.74 33.31 -37.63
N SER E 136 -56.53 33.71 -38.00
CA SER E 136 -55.76 32.97 -39.01
C SER E 136 -54.28 32.97 -38.67
N GLY E 137 -53.62 31.87 -39.00
CA GLY E 137 -52.24 31.74 -38.59
C GLY E 137 -51.58 30.49 -39.13
N PHE E 138 -50.51 30.08 -38.46
CA PHE E 138 -49.67 28.98 -38.90
C PHE E 138 -49.23 28.14 -37.70
N ARG E 139 -48.81 26.91 -37.98
CA ARG E 139 -48.38 26.00 -36.91
C ARG E 139 -47.00 26.39 -36.44
N ARG E 140 -46.86 26.60 -35.13
CA ARG E 140 -45.60 27.04 -34.57
C ARG E 140 -44.54 25.97 -34.75
N THR E 141 -43.45 26.34 -35.44
CA THR E 141 -42.39 25.40 -35.78
C THR E 141 -41.55 25.01 -34.57
N GLY E 142 -41.01 26.00 -33.86
CA GLY E 142 -40.16 25.71 -32.73
C GLY E 142 -38.86 26.48 -32.78
N PHE E 143 -38.47 26.90 -33.95
CA PHE E 143 -37.33 27.78 -34.07
C PHE E 143 -37.63 29.14 -33.45
N PRO E 144 -36.72 29.70 -32.65
CA PRO E 144 -36.93 31.07 -32.15
C PRO E 144 -37.08 32.12 -33.23
N ALA E 145 -36.78 31.81 -34.48
CA ALA E 145 -36.97 32.80 -35.52
C ALA E 145 -38.39 32.85 -36.04
N ASP E 146 -39.21 31.84 -35.74
CA ASP E 146 -40.60 31.85 -36.15
C ASP E 146 -41.52 32.20 -34.99
N ASP E 147 -41.00 32.88 -33.99
CA ASP E 147 -41.78 33.36 -32.87
C ASP E 147 -41.92 34.88 -32.94
N PHE E 148 -42.72 35.41 -32.03
CA PHE E 148 -43.01 36.84 -31.99
C PHE E 148 -43.02 37.32 -30.57
N ASN F 3 42.78 -27.37 18.67
CA ASN F 3 41.45 -27.00 18.19
C ASN F 3 40.72 -26.07 19.16
N ASP F 4 41.44 -25.09 19.68
CA ASP F 4 40.90 -24.00 20.48
C ASP F 4 41.79 -22.80 20.22
N THR F 5 41.20 -21.67 19.88
CA THR F 5 42.02 -20.52 19.55
C THR F 5 42.58 -19.91 20.81
N GLU F 6 43.87 -19.59 20.77
CA GLU F 6 44.53 -18.91 21.87
C GLU F 6 44.49 -17.42 21.62
N PRO F 7 43.91 -16.62 22.52
CA PRO F 7 43.72 -15.21 22.19
C PRO F 7 45.03 -14.49 22.02
N GLY F 8 46.07 -14.90 22.73
CA GLY F 8 47.36 -14.28 22.57
C GLY F 8 47.66 -13.30 23.69
N GLY F 9 48.43 -12.27 23.39
CA GLY F 9 48.76 -11.27 24.38
C GLY F 9 50.10 -10.65 24.08
N THR F 10 50.37 -9.56 24.77
CA THR F 10 51.71 -8.99 24.74
C THR F 10 52.62 -9.80 25.63
N ALA F 11 53.92 -9.59 25.43
CA ALA F 11 54.90 -10.44 26.09
C ALA F 11 54.81 -10.39 27.60
N VAL F 12 54.19 -9.37 28.17
CA VAL F 12 54.16 -9.26 29.62
C VAL F 12 52.72 -9.24 30.14
N GLU F 13 51.81 -9.81 29.36
CA GLU F 13 50.38 -9.68 29.60
C GLU F 13 50.00 -9.94 31.04
N LYS F 14 50.55 -10.99 31.65
CA LYS F 14 50.08 -11.36 32.98
C LYS F 14 50.53 -10.40 34.05
N MET F 15 51.52 -9.56 33.77
CA MET F 15 51.97 -8.60 34.76
C MET F 15 51.48 -7.19 34.48
N ALA F 16 50.85 -6.96 33.34
CA ALA F 16 50.15 -5.73 33.10
C ALA F 16 48.83 -5.73 33.88
N GLY F 17 48.25 -4.55 34.05
CA GLY F 17 46.93 -4.49 34.63
C GLY F 17 46.66 -3.20 35.38
N ASP F 18 45.41 -3.09 35.83
CA ASP F 18 44.95 -2.03 36.72
C ASP F 18 45.08 -2.52 38.15
N TRP F 19 45.54 -1.66 39.05
CA TRP F 19 45.75 -2.05 40.42
C TRP F 19 45.14 -1.04 41.37
N TRP F 20 44.59 -1.52 42.48
CA TRP F 20 44.13 -0.68 43.58
C TRP F 20 45.16 -0.83 44.69
N VAL F 21 46.08 0.10 44.77
CA VAL F 21 47.20 0.01 45.69
C VAL F 21 47.06 1.06 46.78
N THR F 22 47.74 0.80 47.90
CA THR F 22 48.03 1.84 48.87
C THR F 22 49.53 1.93 49.06
N VAL F 23 49.96 3.06 49.62
CA VAL F 23 51.37 3.37 49.76
C VAL F 23 51.70 3.48 51.24
N ASN F 24 52.43 2.49 51.76
CA ASN F 24 52.97 2.63 53.10
C ASN F 24 54.39 3.20 53.03
N ALA F 25 54.97 3.45 54.19
CA ALA F 25 56.29 4.06 54.22
C ALA F 25 57.06 3.58 55.44
N PHE F 26 58.32 3.21 55.21
CA PHE F 26 59.20 2.75 56.28
C PHE F 26 59.85 3.98 56.89
N ILE F 27 59.48 4.30 58.12
CA ILE F 27 60.03 5.43 58.85
C ILE F 27 60.57 4.92 60.17
N ASP F 28 61.84 5.19 60.45
CA ASP F 28 62.52 4.69 61.64
C ASP F 28 62.53 3.16 61.68
N GLY F 29 62.55 2.52 60.51
CA GLY F 29 62.66 1.09 60.41
C GLY F 29 61.35 0.33 60.55
N LYS F 30 60.34 0.91 61.19
CA LYS F 30 59.02 0.31 61.29
C LYS F 30 58.11 0.86 60.20
N GLU F 31 57.25 -0.01 59.67
CA GLU F 31 56.39 0.34 58.55
C GLU F 31 55.23 1.19 59.03
N VAL F 32 54.99 2.31 58.34
CA VAL F 32 53.90 3.22 58.67
C VAL F 32 52.80 3.04 57.62
N GLU F 33 51.58 2.83 58.09
CA GLU F 33 50.46 2.57 57.19
C GLU F 33 49.95 3.89 56.62
N ASP F 34 50.13 4.07 55.31
CA ASP F 34 49.71 5.25 54.55
C ASP F 34 49.96 6.53 55.31
N PRO F 35 51.17 7.06 55.31
CA PRO F 35 51.39 8.33 55.99
C PRO F 35 50.59 9.46 55.36
N PHE F 36 50.71 9.63 54.05
CA PHE F 36 50.09 10.77 53.36
C PHE F 36 48.58 10.72 53.36
N GLY F 37 47.96 9.64 53.86
CA GLY F 37 46.51 9.57 53.90
C GLY F 37 45.85 9.67 52.55
N ALA F 38 46.38 8.96 51.56
CA ALA F 38 45.80 9.02 50.23
C ALA F 38 44.76 7.94 49.97
N GLY F 39 44.68 6.94 50.87
CA GLY F 39 43.72 5.88 50.68
C GLY F 39 44.14 4.99 49.53
N HIS F 40 43.16 4.25 49.02
CA HIS F 40 43.42 3.37 47.90
C HIS F 40 43.51 4.18 46.61
N LEU F 41 44.57 3.95 45.85
CA LEU F 41 44.85 4.71 44.66
C LEU F 41 44.94 3.78 43.47
N GLN F 42 44.51 4.25 42.31
CA GLN F 42 44.58 3.47 41.11
C GLN F 42 45.94 3.67 40.46
N MET F 43 46.48 2.59 39.88
CA MET F 43 47.68 2.63 39.08
C MET F 43 47.61 1.53 38.03
N SER F 44 48.38 1.71 36.96
CA SER F 44 48.41 0.74 35.88
C SER F 44 49.82 0.32 35.57
N THR F 45 49.98 -0.94 35.16
CA THR F 45 51.19 -1.45 34.53
C THR F 45 50.83 -2.04 33.19
N TYR F 46 51.76 -1.98 32.25
CA TYR F 46 51.45 -2.39 30.89
C TYR F 46 52.71 -2.44 30.06
N ASN F 47 52.67 -3.26 29.01
CA ASN F 47 53.86 -3.51 28.20
C ASN F 47 54.42 -2.25 27.57
N THR F 48 55.61 -2.32 27.04
CA THR F 48 56.16 -1.22 26.27
C THR F 48 55.90 -1.44 24.80
N ALA F 49 56.16 -0.41 24.01
CA ALA F 49 55.91 -0.50 22.59
C ALA F 49 56.76 -1.59 21.94
N SER F 50 57.92 -1.87 22.53
CA SER F 50 58.80 -2.88 21.95
C SER F 50 58.26 -4.28 22.15
N ASN F 51 57.33 -4.46 23.08
CA ASN F 51 56.75 -5.77 23.36
C ASN F 51 57.83 -6.79 23.70
N SER F 52 58.77 -6.39 24.53
CA SER F 52 59.72 -7.32 25.08
C SER F 52 59.13 -7.98 26.32
N GLU F 53 59.76 -9.06 26.76
CA GLU F 53 59.32 -9.68 28.01
C GLU F 53 60.25 -9.35 29.16
N THR F 54 61.05 -8.30 29.00
CA THR F 54 62.01 -7.92 30.01
C THR F 54 61.81 -6.51 30.54
N GLU F 55 60.85 -5.75 30.02
CA GLU F 55 60.53 -4.47 30.63
C GLU F 55 59.06 -4.15 30.40
N MET F 56 58.52 -3.36 31.32
CA MET F 56 57.12 -2.96 31.32
C MET F 56 57.04 -1.56 31.92
N TRP F 57 55.89 -0.92 31.77
CA TRP F 57 55.66 0.40 32.35
C TRP F 57 55.03 0.31 33.73
N LEU F 58 55.45 1.19 34.61
CA LEU F 58 54.81 1.34 35.91
C LEU F 58 54.31 2.76 35.99
N ASP F 59 52.99 2.91 36.12
CA ASP F 59 52.31 4.18 35.94
C ASP F 59 51.37 4.40 37.13
N ASP F 60 51.63 5.43 37.92
CA ASP F 60 50.77 5.69 39.07
C ASP F 60 49.53 6.49 38.70
N LEU F 61 49.41 6.88 37.44
CA LEU F 61 48.30 7.68 36.92
C LEU F 61 48.22 9.06 37.56
N GLY F 62 49.27 9.51 38.23
CA GLY F 62 49.23 10.81 38.83
C GLY F 62 48.49 10.88 40.14
N ASN F 63 48.30 9.77 40.83
CA ASN F 63 47.50 9.76 42.04
C ASN F 63 48.31 9.72 43.31
N PHE F 64 49.64 9.69 43.22
CA PHE F 64 50.44 9.76 44.43
C PHE F 64 51.60 10.75 44.24
N TRP F 65 52.63 10.34 43.53
CA TRP F 65 53.78 11.19 43.26
C TRP F 65 53.83 11.65 41.83
N GLU F 66 52.87 11.24 41.00
CA GLU F 66 52.87 11.57 39.58
C GLU F 66 54.14 11.04 38.89
N TYR F 67 54.33 9.73 38.96
CA TYR F 67 55.52 9.10 38.38
C TYR F 67 55.15 7.99 37.43
N LYS F 68 55.97 7.84 36.40
CA LYS F 68 55.76 6.79 35.41
C LYS F 68 57.10 6.49 34.76
N LEU F 69 57.52 5.23 34.82
CA LEU F 69 58.85 4.85 34.38
C LEU F 69 58.80 3.43 33.83
N LYS F 70 59.85 3.09 33.08
CA LYS F 70 60.06 1.71 32.62
C LYS F 70 60.83 0.94 33.69
N VAL F 71 60.34 -0.25 34.02
CA VAL F 71 61.02 -1.11 34.98
C VAL F 71 61.42 -2.39 34.28
N ASN F 72 62.50 -3.00 34.76
CA ASN F 72 62.96 -4.27 34.23
C ASN F 72 62.10 -5.41 34.74
N VAL F 73 61.94 -6.43 33.91
CA VAL F 73 60.93 -7.46 34.13
C VAL F 73 61.54 -8.86 34.02
N ASN F 74 61.30 -9.67 35.03
CA ASN F 74 61.62 -11.10 35.04
C ASN F 74 60.27 -11.82 34.91
N TYR F 75 59.90 -12.15 33.68
CA TYR F 75 58.53 -12.61 33.46
C TYR F 75 58.27 -13.94 34.15
N ALA F 76 59.24 -14.85 34.11
CA ALA F 76 59.04 -16.17 34.73
C ALA F 76 58.86 -16.05 36.22
N ALA F 77 59.69 -15.23 36.86
CA ALA F 77 59.58 -15.07 38.30
C ALA F 77 58.49 -14.12 38.70
N ARG F 78 57.89 -13.43 37.73
CA ARG F 78 56.91 -12.38 37.97
C ARG F 78 57.46 -11.34 38.93
N THR F 79 58.69 -10.90 38.66
CA THR F 79 59.33 -9.87 39.47
C THR F 79 59.72 -8.69 38.58
N PHE F 80 59.73 -7.49 39.18
CA PHE F 80 60.13 -6.30 38.45
C PHE F 80 60.91 -5.39 39.38
N SER F 81 61.84 -4.65 38.81
CA SER F 81 62.68 -3.72 39.56
C SER F 81 63.39 -2.82 38.57
N THR F 82 64.13 -1.86 39.10
CA THR F 82 65.00 -1.02 38.32
C THR F 82 66.43 -1.21 38.77
N THR F 83 67.35 -0.84 37.89
CA THR F 83 68.76 -0.79 38.23
C THR F 83 69.07 0.65 38.62
N GLY F 84 69.06 0.91 39.92
CA GLY F 84 69.35 2.27 40.32
C GLY F 84 68.14 3.16 40.09
N PHE F 85 68.40 4.46 40.02
CA PHE F 85 67.35 5.43 39.77
C PHE F 85 67.19 5.64 38.28
N VAL F 86 65.94 5.63 37.82
CA VAL F 86 65.62 5.80 36.40
C VAL F 86 64.83 7.08 36.24
N ASP F 87 65.00 7.72 35.08
CA ASP F 87 64.24 8.91 34.76
C ASP F 87 62.75 8.64 34.88
N ASN F 88 62.02 9.64 35.34
CA ASN F 88 60.57 9.63 35.28
C ASN F 88 60.12 10.30 34.00
N VAL F 89 59.05 9.78 33.40
CA VAL F 89 58.58 10.36 32.16
C VAL F 89 57.53 11.42 32.38
N THR F 90 57.03 11.56 33.62
CA THR F 90 55.92 12.46 33.87
C THR F 90 56.37 13.90 34.15
N TYR F 91 57.44 14.12 34.93
CA TYR F 91 57.75 15.51 35.25
C TYR F 91 59.22 15.78 35.55
N GLU F 92 60.14 15.00 34.97
CA GLU F 92 61.58 15.24 35.13
C GLU F 92 62.00 15.09 36.59
N SER F 93 61.93 13.83 37.02
CA SER F 93 62.33 13.38 38.35
C SER F 93 63.12 12.10 38.14
N LYS F 94 63.33 11.35 39.21
CA LYS F 94 63.90 10.02 39.08
C LYS F 94 63.26 9.11 40.12
N VAL F 95 63.03 7.87 39.73
CA VAL F 95 62.39 6.89 40.58
C VAL F 95 63.31 5.68 40.69
N LYS F 96 63.23 4.99 41.81
CA LYS F 96 63.92 3.71 41.98
C LYS F 96 62.92 2.68 42.48
N ILE F 97 62.68 1.66 41.68
CA ILE F 97 61.75 0.58 42.01
C ILE F 97 62.55 -0.64 42.43
N THR F 98 62.30 -1.13 43.64
CA THR F 98 63.04 -2.27 44.18
C THR F 98 62.10 -3.35 44.63
N ASP F 99 62.46 -4.61 44.32
CA ASP F 99 61.83 -5.79 44.92
C ASP F 99 60.35 -5.88 44.56
N GLY F 100 60.03 -5.57 43.31
CA GLY F 100 58.66 -5.65 42.87
C GLY F 100 58.28 -7.06 42.47
N LYS F 101 57.04 -7.44 42.77
CA LYS F 101 56.58 -8.77 42.41
C LYS F 101 55.07 -8.75 42.20
N VAL F 102 54.63 -9.61 41.29
CA VAL F 102 53.21 -9.80 40.97
C VAL F 102 52.84 -11.20 41.37
N LEU F 103 51.95 -11.34 42.33
CA LEU F 103 51.66 -12.63 42.92
C LEU F 103 50.26 -13.10 42.52
N GLU F 104 50.21 -14.02 41.55
CA GLU F 104 48.96 -14.55 41.05
C GLU F 104 48.02 -14.98 42.18
N LYS F 105 46.77 -14.51 42.10
CA LYS F 105 45.67 -15.01 42.92
C LYS F 105 45.95 -14.98 44.42
N ALA F 106 46.85 -14.11 44.88
CA ALA F 106 47.25 -14.11 46.28
C ALA F 106 46.42 -13.17 47.13
N ALA F 107 46.01 -12.03 46.60
CA ALA F 107 45.28 -11.03 47.35
C ALA F 107 43.81 -11.36 47.40
N THR F 108 43.05 -10.48 48.04
CA THR F 108 41.63 -10.67 48.23
C THR F 108 40.91 -9.35 48.03
N THR F 109 39.91 -9.35 47.17
CA THR F 109 39.16 -8.14 46.87
C THR F 109 38.31 -7.75 48.07
N PRO F 110 37.73 -6.54 48.07
CA PRO F 110 36.80 -6.19 49.14
C PRO F 110 35.57 -7.07 49.17
N SER F 111 35.22 -7.68 48.05
CA SER F 111 34.11 -8.61 47.97
C SER F 111 34.45 -9.98 48.51
N GLY F 112 35.70 -10.20 48.95
CA GLY F 112 36.08 -11.49 49.49
C GLY F 112 36.42 -12.54 48.45
N MET F 113 36.95 -12.14 47.32
CA MET F 113 37.30 -13.01 46.22
C MET F 113 38.78 -12.92 45.92
N PRO F 114 39.39 -13.99 45.41
CA PRO F 114 40.80 -13.92 45.05
C PRO F 114 41.07 -12.99 43.88
N ALA F 115 42.13 -12.21 44.02
CA ALA F 115 42.65 -11.37 42.95
C ALA F 115 44.14 -11.28 43.10
N ASP F 116 44.81 -10.94 42.00
CA ASP F 116 46.26 -10.81 41.99
C ASP F 116 46.72 -9.69 42.91
N SER F 117 47.80 -9.95 43.66
CA SER F 117 48.44 -8.98 44.53
C SER F 117 49.63 -8.38 43.79
N ILE F 118 49.94 -7.12 44.10
CA ILE F 118 51.13 -6.44 43.58
C ILE F 118 51.79 -5.71 44.73
N VAL F 119 53.12 -5.69 44.73
CA VAL F 119 53.88 -5.07 45.80
C VAL F 119 55.22 -4.63 45.24
N TYR F 120 55.61 -3.39 45.54
CA TYR F 120 56.94 -2.92 45.16
C TYR F 120 57.38 -1.80 46.08
N MET F 121 58.69 -1.65 46.22
CA MET F 121 59.29 -0.55 46.95
C MET F 121 59.72 0.54 45.98
N VAL F 122 59.57 1.78 46.40
CA VAL F 122 59.81 2.91 45.52
C VAL F 122 60.54 4.02 46.27
N GLN F 123 61.43 4.71 45.57
CA GLN F 123 62.13 5.86 46.10
C GLN F 123 62.19 6.94 45.04
N PHE F 124 62.25 8.20 45.49
CA PHE F 124 62.20 9.34 44.59
C PHE F 124 63.35 10.27 44.89
N ASP F 125 64.08 10.68 43.84
CA ASP F 125 65.25 11.53 44.07
C ASP F 125 64.88 12.98 44.36
N ASP F 126 63.59 13.30 44.46
CA ASP F 126 63.16 14.61 44.91
C ASP F 126 62.33 14.51 46.19
N ASP F 127 62.43 13.39 46.89
CA ASP F 127 61.78 13.22 48.18
C ASP F 127 62.75 13.73 49.25
N GLU F 128 62.51 14.95 49.74
CA GLU F 128 63.43 15.57 50.68
C GLU F 128 63.59 14.76 51.97
N ASP F 129 62.70 13.82 52.25
CA ASP F 129 62.87 12.96 53.41
C ASP F 129 63.60 11.67 53.09
N GLY F 130 63.83 11.37 51.80
CA GLY F 130 64.60 10.21 51.41
C GLY F 130 64.02 8.88 51.83
N LEU F 131 62.70 8.79 51.97
CA LEU F 131 62.13 7.55 52.46
C LEU F 131 62.00 6.52 51.34
N THR F 132 61.71 5.29 51.74
CA THR F 132 61.43 4.18 50.85
C THR F 132 59.99 3.74 51.08
N TYR F 133 59.19 3.78 50.04
CA TYR F 133 57.77 3.53 50.20
C TYR F 133 57.40 2.16 49.64
N LYS F 134 56.37 1.55 50.23
CA LYS F 134 55.87 0.23 49.86
C LYS F 134 54.49 0.38 49.22
N VAL F 135 54.43 0.25 47.91
CA VAL F 135 53.17 0.36 47.18
C VAL F 135 52.60 -1.05 47.01
N SER F 136 51.45 -1.30 47.63
CA SER F 136 50.86 -2.63 47.67
C SER F 136 49.37 -2.58 47.35
N GLY F 137 48.89 -3.59 46.64
CA GLY F 137 47.47 -3.66 46.35
C GLY F 137 47.13 -4.88 45.52
N PHE F 138 45.93 -4.86 44.96
CA PHE F 138 45.44 -5.97 44.17
C PHE F 138 44.96 -5.49 42.81
N ARG F 139 44.62 -6.44 41.96
CA ARG F 139 44.18 -6.14 40.60
C ARG F 139 42.69 -5.85 40.58
N ARG F 140 42.32 -4.77 39.90
CA ARG F 140 40.94 -4.29 39.90
C ARG F 140 40.02 -5.25 39.15
N THR F 141 38.92 -5.62 39.79
CA THR F 141 38.01 -6.60 39.21
C THR F 141 37.14 -6.02 38.12
N GLY F 142 36.57 -4.85 38.36
CA GLY F 142 35.59 -4.26 37.48
C GLY F 142 34.21 -4.23 38.09
N PHE F 143 34.03 -4.85 39.22
CA PHE F 143 32.82 -4.71 40.00
C PHE F 143 32.90 -3.42 40.81
N PRO F 144 31.93 -2.52 40.67
CA PRO F 144 31.90 -1.35 41.55
C PRO F 144 32.11 -1.65 43.02
N ALA F 145 31.72 -2.82 43.49
CA ALA F 145 31.93 -3.12 44.90
C ALA F 145 33.40 -3.23 45.26
N ASP F 146 34.26 -3.48 44.28
CA ASP F 146 35.69 -3.59 44.53
C ASP F 146 36.41 -2.28 44.23
N ASP F 147 35.68 -1.20 44.11
CA ASP F 147 36.25 0.10 43.83
C ASP F 147 36.34 0.92 45.10
N PHE F 148 37.09 2.00 45.03
CA PHE F 148 37.21 2.91 46.15
C PHE F 148 36.90 4.30 45.70
N CYS G 1 22.51 -33.34 21.72
CA CYS G 1 21.09 -33.58 21.94
C CYS G 1 20.58 -32.87 23.20
N ASP G 2 21.06 -33.27 24.38
CA ASP G 2 20.64 -32.61 25.61
C ASP G 2 21.23 -31.21 25.71
N LYS G 3 20.49 -30.31 26.36
CA LYS G 3 20.87 -28.91 26.45
C LYS G 3 21.48 -28.62 27.81
N SER G 4 22.38 -27.62 27.83
CA SER G 4 23.32 -27.46 28.92
C SER G 4 23.32 -26.07 29.55
N THR G 5 22.41 -25.19 29.15
CA THR G 5 22.44 -23.79 29.58
C THR G 5 21.08 -23.34 30.06
N ASP G 6 20.50 -24.05 31.02
CA ASP G 6 19.29 -23.54 31.63
C ASP G 6 19.62 -22.37 32.53
N ASP G 7 18.70 -21.42 32.60
CA ASP G 7 18.89 -20.23 33.41
C ASP G 7 19.01 -20.60 34.87
N THR G 8 20.07 -20.15 35.52
CA THR G 8 20.33 -20.45 36.91
C THR G 8 19.81 -19.38 37.85
N SER G 9 19.06 -18.42 37.34
CA SER G 9 18.80 -17.20 38.10
C SER G 9 17.80 -17.44 39.22
N LYS G 10 17.91 -16.60 40.23
CA LYS G 10 16.95 -16.54 41.31
C LYS G 10 16.39 -15.13 41.31
N VAL G 11 15.07 -15.01 41.43
CA VAL G 11 14.43 -13.70 41.42
C VAL G 11 14.49 -13.12 42.83
N THR G 12 15.18 -12.01 42.98
CA THR G 12 15.34 -11.37 44.29
C THR G 12 14.39 -10.21 44.42
N TYR G 13 13.75 -10.10 45.58
CA TYR G 13 12.69 -9.14 45.80
C TYR G 13 13.20 -8.01 46.68
N PHE G 14 13.35 -6.83 46.10
CA PHE G 14 14.07 -5.76 46.78
C PHE G 14 13.25 -5.17 47.90
N VAL G 15 13.90 -4.32 48.68
CA VAL G 15 13.31 -3.62 49.82
C VAL G 15 13.05 -2.18 49.44
N THR G 16 11.93 -1.64 49.89
CA THR G 16 11.63 -0.23 49.75
C THR G 16 11.80 0.46 51.09
N LEU G 17 12.47 1.61 51.09
CA LEU G 17 12.71 2.36 52.32
C LEU G 17 12.39 3.83 52.10
N GLU G 18 11.50 4.36 52.94
CA GLU G 18 11.05 5.75 52.85
C GLU G 18 11.39 6.46 54.15
N ARG G 19 12.03 7.62 54.04
CA ARG G 19 12.29 8.46 55.19
C ARG G 19 11.07 9.32 55.49
N GLU G 20 10.67 9.35 56.76
CA GLU G 20 9.62 10.24 57.24
C GLU G 20 10.25 11.32 58.10
N GLY G 21 10.15 12.56 57.67
CA GLY G 21 10.71 13.68 58.40
C GLY G 21 11.82 14.36 57.61
N ASP G 22 12.43 15.33 58.26
CA ASP G 22 13.46 16.11 57.60
C ASP G 22 14.74 15.29 57.46
N GLU G 23 15.53 15.65 56.45
CA GLU G 23 16.83 15.02 56.25
C GLU G 23 17.88 15.61 57.18
N LYS G 24 17.86 16.93 57.35
CA LYS G 24 18.77 17.61 58.26
C LYS G 24 17.97 18.22 59.40
N ILE G 25 18.47 18.05 60.62
CA ILE G 25 17.80 18.48 61.83
C ILE G 25 18.80 19.22 62.70
N VAL G 26 18.38 20.33 63.28
CA VAL G 26 19.24 21.12 64.15
C VAL G 26 18.56 21.24 65.50
N LEU G 27 19.21 20.73 66.53
CA LEU G 27 18.70 20.74 67.89
C LEU G 27 19.67 21.48 68.78
N GLU G 28 19.17 22.04 69.87
CA GLU G 28 20.01 22.75 70.83
C GLU G 28 20.55 21.79 71.87
N LYS G 29 21.70 22.15 72.43
CA LYS G 29 22.34 21.30 73.43
C LYS G 29 21.37 21.02 74.57
N GLY G 30 21.13 19.75 74.82
CA GLY G 30 20.21 19.32 75.84
C GLY G 30 18.83 18.98 75.34
N GLN G 31 18.49 19.38 74.14
CA GLN G 31 17.16 19.11 73.62
C GLN G 31 17.12 17.69 73.08
N PRO G 32 16.19 16.85 73.53
CA PRO G 32 16.21 15.44 73.12
C PRO G 32 15.95 15.31 71.63
N PHE G 33 16.50 14.23 71.07
CA PHE G 33 16.30 13.91 69.66
C PHE G 33 15.24 12.82 69.54
N VAL G 34 14.15 13.16 68.87
CA VAL G 34 13.04 12.24 68.67
C VAL G 34 13.09 11.74 67.24
N GLU G 35 13.09 10.43 67.08
CA GLU G 35 13.15 9.81 65.77
C GLU G 35 11.97 10.23 64.91
N PRO G 36 12.19 10.98 63.83
CA PRO G 36 11.07 11.42 62.98
C PRO G 36 10.28 10.28 62.36
N GLY G 37 10.91 9.15 62.06
CA GLY G 37 10.22 7.98 61.58
C GLY G 37 10.69 7.56 60.19
N TYR G 38 10.27 6.36 59.82
CA TYR G 38 10.62 5.78 58.53
C TYR G 38 9.72 4.59 58.27
N TYR G 39 9.62 4.20 57.01
CA TYR G 39 8.81 3.06 56.61
C TYR G 39 9.58 2.17 55.65
N ALA G 40 9.55 0.86 55.89
CA ALA G 40 10.27 -0.09 55.06
C ALA G 40 9.33 -1.22 54.65
N GLU G 41 9.31 -1.52 53.37
CA GLU G 41 8.41 -2.52 52.80
C GLU G 41 9.22 -3.54 52.02
N MET G 42 8.74 -4.78 52.03
CA MET G 42 9.35 -5.80 51.19
C MET G 42 8.26 -6.78 50.73
N ASN G 43 8.08 -6.86 49.42
CA ASN G 43 7.01 -7.65 48.82
C ASN G 43 5.67 -7.35 49.46
N GLY G 44 5.46 -6.10 49.86
CA GLY G 44 4.21 -5.69 50.48
C GLY G 44 4.11 -5.97 51.96
N GLU G 45 4.93 -6.85 52.50
CA GLU G 45 4.96 -7.03 53.95
C GLU G 45 5.71 -5.87 54.59
N ASP G 46 5.26 -5.46 55.77
CA ASP G 46 5.88 -4.35 56.48
C ASP G 46 7.11 -4.84 57.23
N ILE G 47 8.27 -4.32 56.88
CA ILE G 47 9.50 -4.71 57.57
C ILE G 47 10.13 -3.48 58.21
N THR G 48 9.31 -2.53 58.64
CA THR G 48 9.83 -1.33 59.27
C THR G 48 10.60 -1.67 60.53
N GLU G 49 10.23 -2.75 61.22
CA GLU G 49 10.95 -3.11 62.42
C GLU G 49 12.33 -3.68 62.14
N SER G 50 12.69 -3.89 60.89
CA SER G 50 13.97 -4.51 60.54
C SER G 50 15.05 -3.50 60.21
N VAL G 51 14.71 -2.22 60.14
CA VAL G 51 15.68 -1.22 59.73
C VAL G 51 16.76 -1.13 60.78
N GLN G 52 18.01 -1.12 60.34
CA GLN G 52 19.13 -0.88 61.23
C GLN G 52 19.55 0.58 61.13
N ILE G 53 20.04 1.13 62.22
CA ILE G 53 20.50 2.51 62.27
C ILE G 53 21.90 2.56 62.86
N LYS G 54 22.85 3.05 62.08
CA LYS G 54 24.23 3.23 62.54
C LYS G 54 24.49 4.69 62.85
N GLY G 55 25.02 4.95 64.03
CA GLY G 55 25.27 6.29 64.51
C GLY G 55 24.52 6.58 65.79
N SER G 56 24.92 7.67 66.44
CA SER G 56 24.24 8.12 67.65
C SER G 56 24.33 9.63 67.74
N VAL G 57 23.33 10.22 68.40
CA VAL G 57 23.23 11.66 68.55
C VAL G 57 23.46 11.98 70.01
N ASP G 58 24.58 12.62 70.30
CA ASP G 58 24.91 13.04 71.66
C ASP G 58 24.39 14.45 71.82
N VAL G 59 23.18 14.59 72.38
CA VAL G 59 22.58 15.90 72.47
C VAL G 59 23.31 16.79 73.46
N ASN G 60 24.09 16.21 74.36
CA ASN G 60 24.81 16.97 75.37
C ASN G 60 26.23 17.33 74.95
N THR G 61 26.58 17.13 73.68
CA THR G 61 27.88 17.51 73.15
C THR G 61 27.70 18.11 71.77
N PRO G 62 27.95 19.41 71.62
CA PRO G 62 27.75 20.03 70.30
C PRO G 62 28.60 19.37 69.23
N GLY G 63 28.08 19.38 68.00
CA GLY G 63 28.80 18.82 66.88
C GLY G 63 27.83 18.34 65.81
N ILE G 64 28.37 17.52 64.90
CA ILE G 64 27.63 16.94 63.80
C ILE G 64 27.52 15.44 64.01
N TYR G 65 26.29 14.93 63.96
CA TYR G 65 26.02 13.51 64.15
C TYR G 65 25.28 12.99 62.94
N ASN G 66 25.83 11.95 62.31
CA ASN G 66 25.22 11.30 61.16
C ASN G 66 24.62 9.97 61.55
N LEU G 67 23.37 9.73 61.16
CA LEU G 67 22.69 8.47 61.37
C LEU G 67 22.40 7.85 60.02
N VAL G 68 22.71 6.57 59.88
CA VAL G 68 22.51 5.84 58.63
C VAL G 68 21.40 4.81 58.85
N TYR G 69 20.35 4.91 58.05
CA TYR G 69 19.22 4.00 58.11
C TYR G 69 19.32 3.01 56.96
N ALA G 70 19.08 1.74 57.26
CA ALA G 70 19.18 0.73 56.21
C ALA G 70 18.27 -0.45 56.51
N ALA G 71 17.75 -1.03 55.45
CA ALA G 71 16.97 -2.25 55.54
C ALA G 71 17.51 -3.22 54.51
N TYR G 72 17.44 -4.51 54.82
CA TYR G 72 18.15 -5.50 54.05
C TYR G 72 17.24 -6.54 53.45
N ASN G 73 17.64 -7.01 52.27
CA ASN G 73 16.97 -8.03 51.50
C ASN G 73 17.24 -9.41 52.10
N GLU G 74 16.68 -10.43 51.47
CA GLU G 74 17.04 -11.79 51.87
C GLU G 74 18.36 -12.22 51.25
N ASP G 75 18.68 -11.68 50.08
CA ASP G 75 19.97 -11.89 49.45
C ASP G 75 20.99 -10.84 49.89
N GLY G 76 20.73 -10.16 51.00
CA GLY G 76 21.66 -9.18 51.53
C GLY G 76 21.65 -7.84 50.84
N PHE G 77 20.76 -7.61 49.89
CA PHE G 77 20.72 -6.32 49.19
C PHE G 77 20.06 -5.27 50.08
N ALA G 78 20.55 -4.04 49.97
CA ALA G 78 20.15 -3.00 50.90
C ALA G 78 19.67 -1.76 50.16
N LYS G 79 18.77 -1.03 50.80
CA LYS G 79 18.50 0.35 50.47
C LYS G 79 18.72 1.18 51.72
N THR G 80 19.21 2.41 51.54
CA THR G 80 19.63 3.21 52.68
C THR G 80 19.31 4.67 52.45
N PHE G 81 19.23 5.42 53.55
CA PHE G 81 19.16 6.88 53.50
C PHE G 81 19.85 7.44 54.73
N THR G 82 20.29 8.69 54.63
CA THR G 82 21.02 9.36 55.70
C THR G 82 20.21 10.47 56.33
N ARG G 83 20.35 10.64 57.63
CA ARG G 83 19.79 11.77 58.36
C ARG G 83 20.89 12.37 59.21
N THR G 84 21.08 13.68 59.09
CA THR G 84 22.16 14.40 59.77
C THR G 84 21.58 15.31 60.84
N VAL G 85 22.07 15.17 62.07
CA VAL G 85 21.58 15.93 63.20
C VAL G 85 22.69 16.82 63.72
N TYR G 86 22.39 18.11 63.87
CA TYR G 86 23.35 19.11 64.33
C TYR G 86 22.97 19.64 65.70
N VAL G 87 23.97 19.95 66.52
CA VAL G 87 23.77 20.35 67.90
C VAL G 87 24.40 21.73 68.12
N ALA G 88 23.65 22.63 68.76
CA ALA G 88 24.10 23.99 69.00
C ALA G 88 24.96 24.06 70.26
N ASP G 89 25.31 25.28 70.67
CA ASP G 89 26.20 25.48 71.80
C ASP G 89 25.52 25.98 73.06
N ASN G 90 24.23 26.34 72.97
CA ASN G 90 23.38 26.78 74.08
C ASN G 90 23.54 28.26 74.36
N THR G 91 24.74 28.80 74.14
CA THR G 91 25.02 30.20 74.44
C THR G 91 24.23 31.14 73.55
N ALA G 92 23.82 32.27 74.11
CA ALA G 92 23.03 33.25 73.36
C ALA G 92 23.87 33.91 72.27
N SER G 93 23.17 34.44 71.27
CA SER G 93 23.76 35.10 70.11
C SER G 93 22.62 35.63 69.23
N PRO G 94 22.79 36.77 68.57
CA PRO G 94 21.77 37.20 67.61
C PRO G 94 21.64 36.26 66.41
N LEU G 95 22.65 35.42 66.19
CA LEU G 95 22.59 34.37 65.17
C LEU G 95 21.94 33.15 65.80
N LYS G 96 20.80 32.74 65.26
CA LYS G 96 20.04 31.61 65.75
C LYS G 96 20.16 30.43 64.80
N SER G 97 20.24 29.22 65.34
CA SER G 97 20.33 27.99 64.54
C SER G 97 18.95 27.41 64.25
N GLY G 98 18.75 26.81 63.07
CA GLY G 98 19.82 26.62 62.10
C GLY G 98 19.51 26.48 60.63
N ILE G 99 18.34 25.98 60.25
CA ILE G 99 18.09 25.72 58.82
C ILE G 99 17.70 27.03 58.15
N TYR G 100 18.59 27.54 57.32
CA TYR G 100 18.38 28.80 56.64
C TYR G 100 18.00 28.56 55.19
N THR G 101 17.24 29.51 54.63
CA THR G 101 16.82 29.47 53.24
C THR G 101 17.43 30.66 52.51
N VAL G 102 18.07 30.39 51.37
CA VAL G 102 18.63 31.47 50.57
C VAL G 102 17.51 32.38 50.10
N ALA G 103 17.62 33.66 50.41
CA ALA G 103 16.50 34.59 50.26
C ALA G 103 16.27 35.04 48.81
N GLU G 104 15.80 36.27 48.63
CA GLU G 104 15.34 36.73 47.32
C GLU G 104 16.51 37.17 46.44
N GLY G 105 17.41 37.98 46.97
CA GLY G 105 18.43 38.59 46.14
C GLY G 105 19.80 37.94 46.21
N SER G 106 19.95 36.76 45.64
CA SER G 106 21.24 36.09 45.55
C SER G 106 21.56 35.79 44.10
N LYS G 107 22.77 36.14 43.70
CA LYS G 107 23.13 36.19 42.29
C LYS G 107 24.62 35.92 42.14
N ARG G 108 25.03 35.65 40.90
CA ARG G 108 26.44 35.65 40.55
C ARG G 108 26.99 37.07 40.60
N THR G 109 28.24 37.22 40.20
CA THR G 109 28.83 38.56 40.10
C THR G 109 29.96 38.56 39.08
N ALA G 110 30.66 37.44 38.96
CA ALA G 110 31.72 37.32 37.96
C ALA G 110 31.80 35.89 37.46
N PRO G 111 31.95 35.71 36.13
CA PRO G 111 31.87 36.77 35.11
C PRO G 111 30.44 37.14 34.69
N SER G 112 29.49 36.22 34.84
CA SER G 112 28.09 36.50 34.53
C SER G 112 27.37 37.04 35.76
N VAL G 113 26.04 37.12 35.71
CA VAL G 113 25.20 37.17 36.91
C VAL G 113 23.93 36.38 36.64
N VAL G 114 23.56 35.51 37.56
CA VAL G 114 22.36 34.69 37.43
C VAL G 114 21.67 34.62 38.78
N ALA G 115 20.35 34.75 38.78
CA ALA G 115 19.58 34.77 40.01
C ALA G 115 19.27 33.35 40.47
N PHE G 116 19.44 33.10 41.78
CA PHE G 116 19.00 31.86 42.37
C PHE G 116 18.42 32.13 43.75
N SER G 117 17.52 31.25 44.19
CA SER G 117 16.83 31.40 45.46
C SER G 117 16.13 30.10 45.81
N GLY G 118 15.74 29.98 47.07
CA GLY G 118 14.95 28.87 47.55
C GLY G 118 15.74 27.73 48.16
N TYR G 119 17.05 27.78 48.10
CA TYR G 119 17.88 26.68 48.57
C TYR G 119 18.13 26.79 50.06
N GLU G 120 18.21 25.64 50.73
CA GLU G 120 18.38 25.61 52.17
C GLU G 120 19.84 25.31 52.52
N ILE G 121 20.32 25.93 53.60
CA ILE G 121 21.64 25.63 54.14
C ILE G 121 21.53 25.53 55.65
N VAL G 122 22.64 25.19 56.30
CA VAL G 122 22.66 24.84 57.72
C VAL G 122 23.71 25.69 58.42
N ILE G 123 23.33 26.30 59.55
CA ILE G 123 24.22 27.16 60.34
C ILE G 123 23.95 26.91 61.82
N PHE G 124 24.95 26.43 62.55
CA PHE G 124 24.83 26.25 63.98
C PHE G 124 26.16 26.63 64.64
N GLN G 125 26.09 26.93 65.92
CA GLN G 125 27.28 27.36 66.66
C GLN G 125 27.85 26.21 67.49
N MET G 126 29.14 25.97 67.34
CA MET G 126 29.85 24.95 68.10
C MET G 126 30.65 25.53 69.24
N GLU G 127 30.81 26.84 69.28
CA GLU G 127 31.53 27.60 70.29
C GLU G 127 30.88 28.97 70.37
N PRO G 128 30.87 29.61 71.55
CA PRO G 128 29.98 30.77 71.74
C PRO G 128 30.17 31.84 70.69
N GLY G 129 31.30 31.81 70.01
CA GLY G 129 31.56 32.77 68.95
C GLY G 129 31.58 32.16 67.56
N ILE G 130 31.94 30.89 67.47
CA ILE G 130 32.22 30.24 66.20
C ILE G 130 31.01 29.45 65.74
N PHE G 131 30.66 29.58 64.46
CA PHE G 131 29.52 28.91 63.87
C PHE G 131 29.94 28.03 62.71
N TYR G 132 29.29 26.88 62.55
CA TYR G 132 29.55 25.99 61.43
C TYR G 132 28.55 26.28 60.32
N ILE G 133 29.06 26.36 59.08
CA ILE G 133 28.24 26.68 57.92
C ILE G 133 28.43 25.57 56.89
N SER G 134 27.32 25.05 56.39
CA SER G 134 27.40 23.90 55.49
C SER G 134 27.70 24.30 54.05
N ASP G 135 27.44 25.55 53.68
CA ASP G 135 27.70 25.97 52.29
C ASP G 135 27.75 27.50 52.27
N PHE G 136 28.96 28.05 52.18
CA PHE G 136 29.10 29.48 52.00
C PHE G 136 28.53 29.97 50.68
N LEU G 137 28.28 29.06 49.73
CA LEU G 137 27.83 29.45 48.40
C LEU G 137 26.32 29.35 48.25
N GLY G 138 25.59 29.14 49.33
CA GLY G 138 24.15 29.09 49.23
C GLY G 138 23.63 28.05 48.27
N GLY G 139 24.44 27.04 47.96
CA GLY G 139 24.01 25.98 47.07
C GLY G 139 24.12 26.32 45.60
N TRP G 140 25.14 27.09 45.21
CA TRP G 140 25.29 27.41 43.80
C TRP G 140 25.76 26.20 43.01
N TYR G 141 26.48 25.29 43.64
CA TYR G 141 26.86 24.02 43.04
C TYR G 141 26.17 22.84 43.68
N ASP G 142 26.02 22.86 45.00
CA ASP G 142 25.43 21.75 45.74
C ASP G 142 24.07 21.35 45.17
N GLN G 143 23.10 22.26 45.25
CA GLN G 143 21.73 21.95 44.88
C GLN G 143 21.21 22.86 43.77
N ARG G 144 22.06 23.69 43.17
CA ARG G 144 21.65 24.46 42.01
C ARG G 144 21.77 23.62 40.75
N ALA G 145 22.98 23.20 40.43
CA ALA G 145 23.22 22.27 39.35
C ALA G 145 23.27 20.82 39.83
N GLY G 146 23.04 20.59 41.12
CA GLY G 146 22.96 19.25 41.62
C GLY G 146 24.28 18.52 41.68
N TYR G 147 25.38 19.25 41.84
CA TYR G 147 26.70 18.62 41.86
C TYR G 147 26.93 17.79 43.10
N GLY G 148 26.12 17.93 44.15
CA GLY G 148 26.28 17.13 45.33
C GLY G 148 26.85 17.90 46.51
N PRO G 149 26.84 17.30 47.70
CA PRO G 149 27.38 18.00 48.87
C PRO G 149 28.87 18.23 48.78
N ASP G 150 29.60 17.36 48.09
CA ASP G 150 31.04 17.56 47.94
C ASP G 150 31.34 18.92 47.38
N TYR G 151 30.46 19.42 46.51
CA TYR G 151 30.62 20.76 45.95
C TYR G 151 29.86 21.80 46.73
N ALA G 152 29.89 21.70 48.06
CA ALA G 152 29.42 22.74 48.97
C ALA G 152 30.62 23.25 49.75
N MET G 153 30.62 24.54 50.06
CA MET G 153 31.79 25.17 50.66
C MET G 153 31.62 25.24 52.17
N VAL G 154 32.09 24.21 52.86
CA VAL G 154 31.96 24.13 54.31
C VAL G 154 32.97 25.09 54.94
N GLY G 155 32.86 25.31 56.24
CA GLY G 155 33.81 26.14 56.94
C GLY G 155 33.25 26.62 58.27
N LYS G 156 34.03 27.48 58.92
CA LYS G 156 33.63 28.08 60.19
C LYS G 156 33.75 29.60 60.10
N PHE G 157 32.99 30.29 60.96
CA PHE G 157 33.10 31.74 61.07
C PHE G 157 32.76 32.16 62.49
N GLU G 158 33.34 33.29 62.93
CA GLU G 158 33.27 33.75 64.32
C GLU G 158 32.58 35.12 64.39
N LEU G 159 31.35 35.15 64.91
CA LEU G 159 30.53 36.35 64.91
C LEU G 159 31.15 37.44 65.76
N ASN G 160 31.38 38.61 65.15
CA ASN G 160 31.94 39.77 65.82
C ASN G 160 30.84 40.62 66.46
N ASP G 161 31.26 41.52 67.35
CA ASP G 161 30.30 42.40 68.00
C ASP G 161 29.87 43.54 67.10
N ASP G 162 30.71 43.92 66.13
CA ASP G 162 30.25 44.71 65.00
C ASP G 162 29.14 44.01 64.23
N ASN G 163 28.89 42.73 64.52
CA ASN G 163 28.00 41.84 63.79
C ASN G 163 28.43 41.61 62.36
N THR G 164 29.65 42.03 62.01
CA THR G 164 30.31 41.46 60.85
C THR G 164 30.73 40.04 61.16
N ILE G 165 31.09 39.29 60.13
CA ILE G 165 31.45 37.90 60.31
C ILE G 165 32.83 37.66 59.70
N THR G 166 33.72 37.09 60.51
CA THR G 166 35.08 36.83 60.09
C THR G 166 35.24 35.35 59.81
N PRO G 167 35.67 34.96 58.61
CA PRO G 167 35.74 33.54 58.26
C PRO G 167 36.95 32.88 58.90
N LEU G 168 36.73 31.72 59.50
CA LEU G 168 37.81 30.96 60.11
C LEU G 168 38.43 29.98 59.12
N GLU G 169 37.59 29.27 58.38
CA GLU G 169 38.05 28.16 57.55
C GLU G 169 37.00 27.95 56.46
N SER G 170 37.45 27.43 55.31
CA SER G 170 36.54 27.08 54.23
C SER G 170 37.20 26.05 53.34
N TYR G 171 36.39 25.13 52.81
CA TYR G 171 36.92 24.02 52.03
C TYR G 171 35.83 23.43 51.15
N VAL G 172 36.14 23.25 49.87
CA VAL G 172 35.26 22.57 48.92
C VAL G 172 35.94 21.27 48.52
N ALA G 173 35.34 20.15 48.94
CA ALA G 173 35.89 18.87 48.57
C ALA G 173 35.62 18.59 47.09
N GLY G 174 36.63 18.05 46.41
CA GLY G 174 36.48 17.68 45.03
C GLY G 174 36.99 18.69 44.03
N TRP G 175 37.40 19.87 44.48
CA TRP G 175 38.00 20.84 43.60
C TRP G 175 39.32 21.39 44.11
N GLY G 176 39.66 21.16 45.37
CA GLY G 176 40.86 21.72 45.96
C GLY G 176 40.69 21.79 47.46
N ASP G 177 40.06 22.84 48.02
CA ASP G 177 39.73 24.13 47.40
C ASP G 177 39.13 25.00 48.48
N SER G 178 39.45 26.30 48.46
CA SER G 178 38.90 27.24 49.42
C SER G 178 38.63 28.56 48.70
N MET G 179 37.93 29.46 49.39
CA MET G 179 37.56 30.73 48.80
C MET G 179 38.78 31.65 48.67
N ASP G 180 38.60 32.72 47.90
CA ASP G 180 39.63 33.74 47.73
C ASP G 180 39.54 34.78 48.85
N GLN G 181 38.45 35.56 48.86
CA GLN G 181 38.26 36.61 49.84
C GLN G 181 36.83 36.61 50.34
N MET G 182 36.61 37.33 51.44
CA MET G 182 35.27 37.48 52.02
C MET G 182 35.03 38.95 52.34
N THR G 183 33.93 39.49 51.81
CA THR G 183 33.63 40.91 51.92
C THR G 183 32.13 41.10 52.05
N ASN G 184 31.74 42.28 52.55
CA ASN G 184 30.33 42.70 52.64
C ASN G 184 29.53 41.74 53.52
N THR G 185 30.04 41.44 54.70
CA THR G 185 29.42 40.48 55.60
C THR G 185 28.97 41.18 56.88
N LEU G 186 27.69 41.04 57.22
CA LEU G 186 27.16 41.53 58.47
C LEU G 186 25.77 40.96 58.70
N LEU G 187 25.31 41.05 59.94
CA LEU G 187 24.06 40.44 60.37
C LEU G 187 23.13 41.51 60.93
N ASP G 188 21.89 41.52 60.43
CA ASP G 188 20.86 42.41 60.96
C ASP G 188 20.09 41.67 62.05
N PRO G 189 20.39 41.93 63.33
CA PRO G 189 19.80 41.12 64.41
C PRO G 189 18.32 41.38 64.61
N ALA G 190 17.58 41.53 63.53
CA ALA G 190 16.14 41.73 63.62
C ALA G 190 15.45 41.40 62.31
N THR G 191 16.21 40.89 61.34
CA THR G 191 15.62 40.58 60.05
C THR G 191 14.86 39.24 60.03
N GLY G 192 15.46 38.11 60.46
CA GLY G 192 16.85 37.96 60.84
C GLY G 192 17.63 37.28 59.74
N THR G 193 18.43 38.06 59.01
CA THR G 193 19.18 37.59 57.86
C THR G 193 20.66 37.88 58.05
N LEU G 194 21.49 37.12 57.34
CA LEU G 194 22.92 37.39 57.26
C LEU G 194 23.32 37.54 55.81
N LYS G 195 24.11 38.57 55.53
CA LYS G 195 24.60 38.87 54.19
C LYS G 195 26.05 38.45 54.07
N TRP G 196 26.43 37.97 52.89
CA TRP G 196 27.84 37.87 52.57
C TRP G 196 28.00 37.80 51.07
N THR G 197 29.14 38.30 50.60
CA THR G 197 29.62 38.06 49.25
C THR G 197 30.95 37.36 49.38
N VAL G 198 31.14 36.29 48.62
CA VAL G 198 32.34 35.47 48.71
C VAL G 198 32.90 35.31 47.30
N ALA G 199 34.22 35.35 47.19
CA ALA G 199 34.92 35.27 45.91
C ALA G 199 35.61 33.91 45.78
N TYR G 200 35.42 33.26 44.64
CA TYR G 200 35.87 31.90 44.43
C TYR G 200 36.82 31.83 43.23
N ALA G 201 37.23 30.60 42.92
CA ALA G 201 38.26 30.21 41.95
C ALA G 201 38.71 31.30 40.98
N GLY G 202 39.36 32.34 41.49
CA GLY G 202 40.08 33.26 40.64
C GLY G 202 39.23 34.30 39.96
N GLN G 203 38.07 33.92 39.42
CA GLN G 203 37.25 34.88 38.70
C GLN G 203 35.76 34.64 38.95
N LEU G 204 35.40 34.20 40.15
CA LEU G 204 34.02 33.98 40.55
C LEU G 204 33.72 34.72 41.84
N SER G 205 32.45 35.07 42.03
CA SER G 205 31.97 35.62 43.29
C SER G 205 30.45 35.72 43.24
N PHE G 206 29.83 35.62 44.41
CA PHE G 206 28.38 35.61 44.55
C PHE G 206 27.98 36.63 45.59
N ASP G 207 26.68 36.90 45.69
CA ASP G 207 26.16 37.92 46.60
C ASP G 207 24.93 37.40 47.34
N ILE G 208 25.11 36.36 48.14
CA ILE G 208 23.95 35.65 48.67
C ILE G 208 23.55 36.19 50.03
N ILE G 209 22.38 35.76 50.49
CA ILE G 209 21.83 36.20 51.77
C ILE G 209 20.82 35.15 52.21
N VAL G 210 20.76 34.90 53.52
CA VAL G 210 20.01 33.76 54.04
C VAL G 210 19.03 34.21 55.12
N LYS G 211 17.94 33.46 55.22
CA LYS G 211 16.87 33.72 56.18
C LYS G 211 16.17 32.41 56.49
N GLN G 212 15.64 32.30 57.71
CA GLN G 212 14.89 31.13 58.11
C GLN G 212 13.48 31.10 57.52
N GLY H 1 30.34 3.41 -2.00
CA GLY H 1 29.09 2.73 -2.31
C GLY H 1 27.93 3.01 -1.37
N GLY H 2 26.71 2.70 -1.83
CA GLY H 2 25.46 2.96 -1.14
C GLY H 2 25.33 2.57 0.31
N GLY H 3 24.48 1.59 0.62
CA GLY H 3 23.94 1.34 1.95
C GLY H 3 24.73 1.71 3.19
N GLY H 4 24.05 2.04 4.28
CA GLY H 4 24.76 2.36 5.50
C GLY H 4 24.25 1.56 6.69
N GLY H 5 25.05 1.48 7.74
CA GLY H 5 24.62 0.71 8.90
C GLY H 5 24.74 1.44 10.21
N GLY H 6 23.99 1.00 11.21
CA GLY H 6 24.08 1.58 12.53
C GLY H 6 25.30 1.11 13.29
N GLY H 7 25.42 1.63 14.51
CA GLY H 7 26.29 1.06 15.51
C GLY H 7 25.45 0.37 16.56
N GLY H 8 26.06 0.07 17.69
CA GLY H 8 25.39 -0.67 18.72
C GLY H 8 25.21 0.15 19.98
N GLY H 9 24.42 -0.38 20.88
CA GLY H 9 24.37 0.14 22.21
C GLY H 9 25.47 -0.45 23.07
N GLY H 10 25.88 0.33 24.07
CA GLY H 10 26.95 -0.08 24.96
C GLY H 10 27.41 1.12 25.77
N GLY I 1 -31.43 -0.17 -3.05
CA GLY I 1 -30.48 -0.35 -4.12
C GLY I 1 -29.54 0.82 -4.26
N GLY I 2 -28.89 0.96 -5.40
CA GLY I 2 -27.93 2.03 -5.65
C GLY I 2 -28.45 3.04 -6.64
N GLY I 3 -27.88 4.27 -6.65
CA GLY I 3 -28.53 5.35 -7.33
C GLY I 3 -28.15 5.54 -8.81
N GLY I 4 -29.09 6.14 -9.55
CA GLY I 4 -28.84 6.63 -10.88
C GLY I 4 -29.09 8.14 -10.96
N GLY I 5 -28.69 8.77 -12.04
CA GLY I 5 -28.79 10.21 -12.18
C GLY I 5 -29.61 10.61 -13.39
N GLY I 6 -30.21 11.79 -13.34
CA GLY I 6 -30.92 12.30 -14.48
C GLY I 6 -29.98 12.62 -15.62
N GLY I 7 -30.55 12.93 -16.77
CA GLY I 7 -29.80 13.45 -17.88
C GLY I 7 -29.82 14.96 -17.88
N GLY I 8 -29.36 15.52 -19.00
CA GLY I 8 -29.44 16.95 -19.20
C GLY I 8 -30.00 17.23 -20.58
N GLY I 9 -30.67 18.35 -20.71
CA GLY I 9 -31.17 18.77 -21.99
C GLY I 9 -31.66 20.20 -21.99
#